data_7FS5
#
_entry.id   7FS5
#
_cell.length_a   209.747
_cell.length_b   113.236
_cell.length_c   189.399
_cell.angle_alpha   90.000
_cell.angle_beta   90.620
_cell.angle_gamma   90.000
#
_symmetry.space_group_name_H-M   'C 1 2 1'
#
loop_
_entity.id
_entity.type
_entity.pdbx_description
1 polymer 'Pyruvate kinase PKLR'
2 non-polymer 1,6-di-O-phosphono-beta-D-fructofuranose
3 non-polymer 'OXALATE ION'
4 non-polymer 'MAGNESIUM ION'
5 non-polymer 'POTASSIUM ION'
6 non-polymer (10aP)-6-{[4-(3,4-dihydroxybenzene-1-sulfonyl)phenyl]methyl}-2,3,8,9-tetrahydroxy-5lambda~6~-dibenzo[c,e][1,2]thiazine-5,5(6H)-dione
7 water water
#
_entity_poly.entity_id   1
_entity_poly.type   'polypeptide(L)'
_entity_poly.pdbx_seq_one_letter_code
;GSMEGPAGYLRRADVAQLTQELGTAFFQQQQLPAAMADTFLEHLCLLDIDSEPVAARSTSIIATIGPASRSVERLKEMIK
AGMNIARLNFSHGSHEYHAESIANVREAVESFAGSPLSYRPVAIALDTKGPGSGPGLSEQDVRDLRFGVEHGVDIVFASF
VRKASDVAAVRAALGPEGHGIKIISKIENHEGVKRFDEILEVSDGIMVARGDLGIEIPAEKVFLAQKMMIGRCNLAGKPV
VCATQMLESMITKPRPTRAETSDVANAVLDGADCIMLSGETAKGNFPVEAVKMQHAIAREAEAAVYHRQLFEELRRAAPL
SRDPTEVTAIGAVEAAFKCCAAAIIVLTTTGRSAQLLSRYRPRAAVIAVTRSAQAARQVHLCRGVFPLLYREPPEAIWAD
DVDRRVQFGIESGKLRGFLRVGDLVIVVTGWRPGSGYTNIMRVLSIS
;
_entity_poly.pdbx_strand_id   A,B,C,D,E,F,G,H
#
# COMPACT_ATOMS: atom_id res chain seq x y z
N ALA A 25 12.15 -24.44 -22.25
CA ALA A 25 13.03 -23.74 -23.18
C ALA A 25 12.41 -23.64 -24.56
N PHE A 26 11.74 -24.71 -25.00
CA PHE A 26 11.07 -24.77 -26.29
C PHE A 26 10.00 -23.70 -26.38
N PHE A 27 9.21 -23.54 -25.30
CA PHE A 27 8.10 -22.60 -25.28
C PHE A 27 8.51 -21.13 -25.04
N GLN A 28 9.81 -20.85 -24.87
CA GLN A 28 10.26 -19.47 -24.74
C GLN A 28 10.71 -18.92 -26.14
N GLN A 29 11.21 -19.80 -27.03
CA GLN A 29 11.67 -19.48 -28.38
C GLN A 29 10.53 -19.29 -29.39
N GLN A 30 10.88 -18.83 -30.61
CA GLN A 30 10.02 -18.58 -31.78
C GLN A 30 8.68 -17.89 -31.45
N GLN A 31 8.72 -16.92 -30.52
CA GLN A 31 7.55 -16.15 -30.08
C GLN A 31 6.38 -17.01 -29.65
N LEU A 32 6.66 -18.19 -29.05
CA LEU A 32 5.58 -19.09 -28.62
C LEU A 32 4.69 -18.50 -27.52
N PRO A 33 5.17 -17.71 -26.54
CA PRO A 33 4.22 -17.07 -25.60
C PRO A 33 3.24 -16.14 -26.35
N ALA A 34 3.72 -15.37 -27.34
CA ALA A 34 2.85 -14.50 -28.13
C ALA A 34 1.91 -15.31 -29.04
N ALA A 35 2.35 -16.50 -29.49
CA ALA A 35 1.57 -17.40 -30.33
C ALA A 35 0.34 -17.93 -29.61
N MET A 36 0.47 -18.18 -28.28
CA MET A 36 -0.64 -18.70 -27.48
C MET A 36 -1.62 -17.65 -26.99
N ALA A 37 -1.39 -16.35 -27.30
CA ALA A 37 -2.29 -15.29 -26.84
C ALA A 37 -3.70 -15.42 -27.36
N ASP A 38 -4.67 -14.96 -26.57
CA ASP A 38 -6.08 -15.05 -26.90
C ASP A 38 -6.59 -13.91 -27.78
N THR A 39 -5.85 -12.79 -27.87
CA THR A 39 -6.23 -11.68 -28.74
C THR A 39 -5.00 -11.20 -29.52
N PHE A 40 -5.20 -10.46 -30.63
CA PHE A 40 -4.09 -9.90 -31.38
C PHE A 40 -3.37 -8.83 -30.53
N LEU A 41 -4.13 -8.04 -29.74
CA LEU A 41 -3.54 -7.04 -28.84
C LEU A 41 -2.60 -7.72 -27.84
N GLU A 42 -3.05 -8.83 -27.21
CA GLU A 42 -2.23 -9.59 -26.27
C GLU A 42 -1.02 -10.23 -26.94
N HIS A 43 -1.20 -10.66 -28.20
CA HIS A 43 -0.13 -11.22 -29.03
C HIS A 43 0.97 -10.18 -29.21
N LEU A 44 0.60 -8.92 -29.52
CA LEU A 44 1.59 -7.84 -29.65
C LEU A 44 2.32 -7.59 -28.33
N CYS A 45 1.57 -7.53 -27.23
CA CYS A 45 2.11 -7.29 -25.88
C CYS A 45 3.11 -8.35 -25.46
N LEU A 46 2.98 -9.58 -25.97
CA LEU A 46 3.87 -10.69 -25.60
C LEU A 46 5.08 -10.87 -26.53
N LEU A 47 5.23 -10.05 -27.58
CA LEU A 47 6.39 -10.17 -28.46
C LEU A 47 7.67 -9.88 -27.68
N ASP A 48 8.69 -10.71 -27.88
CA ASP A 48 9.91 -10.64 -27.09
C ASP A 48 11.15 -10.60 -27.96
N ILE A 49 11.97 -9.55 -27.81
CA ILE A 49 13.23 -9.41 -28.54
C ILE A 49 14.25 -10.51 -28.19
N ASP A 50 14.10 -11.14 -27.01
CA ASP A 50 14.96 -12.24 -26.58
C ASP A 50 14.46 -13.63 -27.03
N SER A 51 13.28 -13.72 -27.61
CA SER A 51 12.73 -14.99 -28.07
C SER A 51 13.30 -15.24 -29.47
N GLU A 52 14.30 -16.13 -29.57
CA GLU A 52 15.00 -16.39 -30.82
C GLU A 52 14.24 -17.24 -31.83
N PRO A 53 14.33 -16.88 -33.13
CA PRO A 53 13.66 -17.70 -34.14
C PRO A 53 14.32 -19.08 -34.26
N VAL A 54 13.50 -20.13 -34.45
CA VAL A 54 14.05 -21.47 -34.59
C VAL A 54 13.72 -22.06 -35.98
N ALA A 55 12.51 -21.78 -36.50
CA ALA A 55 12.11 -22.23 -37.82
C ALA A 55 12.98 -21.63 -38.95
N ALA A 56 13.03 -22.35 -40.09
CA ALA A 56 13.78 -21.89 -41.25
C ALA A 56 13.03 -20.70 -41.89
N ARG A 57 13.78 -19.78 -42.51
CA ARG A 57 13.20 -18.61 -43.13
C ARG A 57 12.32 -19.03 -44.31
N SER A 58 11.03 -18.72 -44.20
CA SER A 58 9.91 -19.03 -45.11
C SER A 58 9.68 -18.08 -46.29
N THR A 59 9.99 -16.80 -46.13
CA THR A 59 9.73 -15.82 -47.19
C THR A 59 10.94 -15.80 -48.13
N SER A 60 10.74 -16.14 -49.41
CA SER A 60 11.85 -16.14 -50.37
C SER A 60 12.39 -14.76 -50.68
N ILE A 61 13.70 -14.71 -50.97
CA ILE A 61 14.36 -13.48 -51.33
C ILE A 61 14.66 -13.49 -52.82
N ILE A 62 14.22 -12.44 -53.52
CA ILE A 62 14.49 -12.26 -54.94
C ILE A 62 15.58 -11.19 -55.01
N ALA A 63 16.72 -11.50 -55.64
CA ALA A 63 17.79 -10.53 -55.77
C ALA A 63 17.99 -10.18 -57.24
N THR A 64 18.02 -8.90 -57.56
CA THR A 64 18.23 -8.45 -58.94
C THR A 64 19.72 -8.58 -59.31
N ILE A 65 20.01 -9.23 -60.43
CA ILE A 65 21.38 -9.41 -60.88
C ILE A 65 21.82 -8.19 -61.71
N GLY A 66 23.01 -7.70 -61.41
CA GLY A 66 23.60 -6.58 -62.12
C GLY A 66 25.11 -6.54 -61.92
N PRO A 67 25.75 -5.41 -62.30
CA PRO A 67 27.22 -5.30 -62.13
C PRO A 67 27.77 -5.69 -60.75
N ALA A 68 27.02 -5.38 -59.67
CA ALA A 68 27.46 -5.69 -58.30
C ALA A 68 27.27 -7.15 -57.88
N SER A 69 26.52 -7.93 -58.63
CA SER A 69 26.19 -9.30 -58.24
C SER A 69 26.29 -10.30 -59.38
N ARG A 70 27.08 -10.00 -60.41
CA ARG A 70 27.17 -10.86 -61.59
C ARG A 70 28.24 -11.93 -61.54
N SER A 71 29.36 -11.69 -60.85
CA SER A 71 30.42 -12.68 -60.81
C SER A 71 29.99 -13.97 -60.12
N VAL A 72 30.54 -15.10 -60.57
CA VAL A 72 30.25 -16.41 -60.01
C VAL A 72 30.59 -16.46 -58.51
N GLU A 73 31.70 -15.85 -58.11
CA GLU A 73 32.11 -15.84 -56.71
C GLU A 73 31.15 -15.03 -55.84
N ARG A 74 30.65 -13.90 -56.35
CA ARG A 74 29.70 -13.05 -55.65
C ARG A 74 28.34 -13.76 -55.54
N LEU A 75 27.92 -14.45 -56.62
CA LEU A 75 26.68 -15.23 -56.66
C LEU A 75 26.69 -16.40 -55.68
N LYS A 76 27.86 -17.02 -55.43
CA LYS A 76 27.98 -18.11 -54.46
C LYS A 76 27.74 -17.56 -53.05
N GLU A 77 28.26 -16.35 -52.77
CA GLU A 77 28.06 -15.72 -51.47
C GLU A 77 26.60 -15.32 -51.28
N MET A 78 25.91 -14.90 -52.36
CA MET A 78 24.50 -14.53 -52.30
CA MET A 78 24.51 -14.53 -52.29
C MET A 78 23.61 -15.74 -52.10
N ILE A 79 23.99 -16.89 -52.66
CA ILE A 79 23.23 -18.13 -52.48
C ILE A 79 23.34 -18.56 -51.02
N LYS A 80 24.56 -18.48 -50.43
CA LYS A 80 24.78 -18.81 -49.03
C LYS A 80 24.06 -17.83 -48.08
N ALA A 81 23.95 -16.55 -48.48
CA ALA A 81 23.24 -15.55 -47.68
C ALA A 81 21.70 -15.73 -47.70
N GLY A 82 21.18 -16.46 -48.68
CA GLY A 82 19.75 -16.74 -48.76
C GLY A 82 19.01 -16.40 -50.03
N MET A 83 19.69 -15.98 -51.12
CA MET A 83 19.01 -15.66 -52.37
C MET A 83 18.35 -16.92 -52.93
N ASN A 84 17.03 -16.85 -53.21
CA ASN A 84 16.29 -17.99 -53.73
C ASN A 84 15.91 -17.81 -55.19
N ILE A 85 15.73 -16.54 -55.64
CA ILE A 85 15.33 -16.24 -57.00
C ILE A 85 16.23 -15.13 -57.53
N ALA A 86 16.82 -15.34 -58.71
CA ALA A 86 17.66 -14.33 -59.37
C ALA A 86 16.82 -13.60 -60.39
N ARG A 87 16.72 -12.29 -60.26
CA ARG A 87 15.91 -11.49 -61.19
C ARG A 87 16.78 -10.84 -62.26
N LEU A 88 16.43 -11.05 -63.53
CA LEU A 88 17.12 -10.40 -64.65
C LEU A 88 16.23 -9.28 -65.12
N ASN A 89 16.70 -8.04 -65.02
CA ASN A 89 15.90 -6.90 -65.43
C ASN A 89 16.15 -6.59 -66.90
N PHE A 90 15.21 -6.98 -67.78
CA PHE A 90 15.36 -6.75 -69.21
C PHE A 90 15.11 -5.31 -69.67
N SER A 91 14.95 -4.37 -68.71
CA SER A 91 14.85 -2.96 -69.06
C SER A 91 16.24 -2.44 -69.50
N HIS A 92 17.34 -3.07 -69.03
CA HIS A 92 18.72 -2.71 -69.37
C HIS A 92 19.50 -3.97 -69.76
N GLY A 93 20.50 -3.80 -70.60
CA GLY A 93 21.35 -4.92 -71.00
C GLY A 93 20.87 -5.68 -72.22
N SER A 94 21.82 -6.23 -72.96
CA SER A 94 21.54 -6.98 -74.18
C SER A 94 21.24 -8.46 -73.86
N HIS A 95 20.80 -9.23 -74.87
CA HIS A 95 20.57 -10.65 -74.73
C HIS A 95 21.87 -11.38 -74.37
N GLU A 96 23.00 -10.94 -74.93
CA GLU A 96 24.32 -11.53 -74.64
C GLU A 96 24.67 -11.32 -73.16
N TYR A 97 24.38 -10.12 -72.62
CA TYR A 97 24.63 -9.77 -71.24
C TYR A 97 23.80 -10.66 -70.30
N HIS A 98 22.49 -10.79 -70.59
CA HIS A 98 21.60 -11.60 -69.76
C HIS A 98 21.89 -13.08 -69.85
N ALA A 99 22.34 -13.58 -71.01
CA ALA A 99 22.71 -14.99 -71.15
C ALA A 99 23.94 -15.31 -70.27
N GLU A 100 24.89 -14.36 -70.16
CA GLU A 100 26.07 -14.53 -69.33
C GLU A 100 25.68 -14.53 -67.85
N SER A 101 24.70 -13.68 -67.47
CA SER A 101 24.19 -13.62 -66.09
C SER A 101 23.57 -14.98 -65.72
N ILE A 102 22.75 -15.55 -66.63
CA ILE A 102 22.11 -16.86 -66.43
C ILE A 102 23.16 -17.95 -66.25
N ALA A 103 24.20 -17.95 -67.11
CA ALA A 103 25.28 -18.93 -67.03
C ALA A 103 26.04 -18.82 -65.71
N ASN A 104 26.30 -17.58 -65.25
CA ASN A 104 27.00 -17.35 -63.98
C ASN A 104 26.17 -17.81 -62.79
N VAL A 105 24.83 -17.59 -62.84
CA VAL A 105 23.92 -18.02 -61.78
C VAL A 105 23.94 -19.54 -61.72
N ARG A 106 23.73 -20.20 -62.88
CA ARG A 106 23.73 -21.66 -62.97
C ARG A 106 25.06 -22.29 -62.52
N GLU A 107 26.19 -21.65 -62.84
CA GLU A 107 27.50 -22.14 -62.42
C GLU A 107 27.64 -22.06 -60.90
N ALA A 108 27.22 -20.92 -60.32
CA ALA A 108 27.27 -20.75 -58.87
C ALA A 108 26.34 -21.74 -58.15
N VAL A 109 25.12 -21.95 -58.67
CA VAL A 109 24.14 -22.88 -58.10
C VAL A 109 24.68 -24.31 -58.13
N GLU A 110 25.21 -24.73 -59.29
CA GLU A 110 25.70 -26.09 -59.45
C GLU A 110 27.00 -26.38 -58.72
N SER A 111 27.72 -25.35 -58.26
CA SER A 111 28.94 -25.60 -57.47
C SER A 111 28.63 -26.28 -56.12
N PHE A 112 27.36 -26.29 -55.68
CA PHE A 112 26.93 -26.92 -54.43
C PHE A 112 26.21 -28.28 -54.63
N ALA A 113 26.08 -28.74 -55.90
CA ALA A 113 25.39 -29.99 -56.24
C ALA A 113 26.09 -31.28 -55.76
N GLY A 114 27.34 -31.17 -55.32
CA GLY A 114 28.10 -32.31 -54.82
C GLY A 114 27.54 -32.92 -53.54
N SER A 115 26.71 -32.17 -52.81
CA SER A 115 26.05 -32.69 -51.61
C SER A 115 24.55 -32.57 -51.82
N PRO A 116 23.93 -33.60 -52.39
CA PRO A 116 22.48 -33.53 -52.68
C PRO A 116 21.55 -33.31 -51.49
N LEU A 117 21.95 -33.76 -50.29
CA LEU A 117 21.10 -33.57 -49.09
C LEU A 117 21.10 -32.12 -48.58
N SER A 118 21.97 -31.22 -49.14
CA SER A 118 22.04 -29.82 -48.72
C SER A 118 21.91 -28.78 -49.89
N TYR A 119 21.99 -29.25 -51.16
CA TYR A 119 21.92 -28.41 -52.38
C TYR A 119 20.70 -27.50 -52.35
N ARG A 120 20.90 -26.23 -52.77
CA ARG A 120 19.83 -25.24 -52.82
C ARG A 120 19.44 -24.84 -54.24
N PRO A 121 18.23 -25.23 -54.70
CA PRO A 121 17.79 -24.75 -56.03
C PRO A 121 17.57 -23.23 -56.04
N VAL A 122 17.84 -22.55 -57.17
CA VAL A 122 17.65 -21.10 -57.29
C VAL A 122 16.89 -20.82 -58.59
N ALA A 123 15.74 -20.14 -58.51
CA ALA A 123 14.96 -19.84 -59.71
C ALA A 123 15.54 -18.67 -60.51
N ILE A 124 15.27 -18.64 -61.82
CA ILE A 124 15.69 -17.54 -62.68
C ILE A 124 14.43 -16.87 -63.20
N ALA A 125 14.27 -15.58 -62.89
CA ALA A 125 13.09 -14.83 -63.30
C ALA A 125 13.46 -13.72 -64.29
N LEU A 126 12.69 -13.62 -65.38
CA LEU A 126 12.90 -12.60 -66.40
C LEU A 126 11.89 -11.49 -66.16
N ASP A 127 12.37 -10.27 -65.90
CA ASP A 127 11.50 -9.12 -65.67
C ASP A 127 11.47 -8.33 -66.97
N THR A 128 10.30 -8.27 -67.63
CA THR A 128 10.16 -7.59 -68.92
C THR A 128 10.29 -6.07 -68.86
N LYS A 129 10.68 -5.46 -70.00
CA LYS A 129 10.82 -4.01 -70.15
C LYS A 129 9.47 -3.32 -70.04
N GLY A 130 8.44 -3.91 -70.61
CA GLY A 130 7.09 -3.37 -70.54
C GLY A 130 6.56 -2.83 -71.85
N PRO A 131 5.29 -2.39 -71.83
CA PRO A 131 4.67 -1.89 -73.07
C PRO A 131 5.06 -0.48 -73.49
N GLY A 132 5.56 0.33 -72.54
CA GLY A 132 5.92 1.70 -72.80
C GLY A 132 4.67 2.53 -73.11
N SER A 133 4.69 3.28 -74.21
CA SER A 133 3.53 4.08 -74.61
C SER A 133 2.43 3.27 -75.34
N GLY A 134 2.72 2.02 -75.70
CA GLY A 134 1.79 1.17 -76.43
C GLY A 134 0.64 0.62 -75.61
N GLY A 136 -0.52 -2.79 -76.37
CA GLY A 136 -0.37 -4.21 -76.10
C GLY A 136 1.05 -4.64 -75.81
N LEU A 137 1.37 -5.91 -76.15
CA LEU A 137 2.71 -6.46 -75.94
C LEU A 137 3.71 -5.86 -76.93
N SER A 138 4.77 -5.23 -76.43
CA SER A 138 5.78 -4.60 -77.29
C SER A 138 6.61 -5.63 -78.07
N GLU A 139 7.24 -5.20 -79.17
CA GLU A 139 8.05 -6.10 -79.99
C GLU A 139 9.31 -6.54 -79.24
N GLN A 140 9.86 -5.67 -78.36
CA GLN A 140 11.04 -6.05 -77.58
C GLN A 140 10.64 -7.13 -76.58
N ASP A 141 9.45 -7.01 -75.96
CA ASP A 141 8.95 -8.02 -75.02
C ASP A 141 8.75 -9.35 -75.71
N VAL A 142 8.27 -9.37 -76.97
CA VAL A 142 8.10 -10.64 -77.69
C VAL A 142 9.45 -11.33 -77.89
N ARG A 143 10.48 -10.56 -78.19
CA ARG A 143 11.83 -11.08 -78.38
C ARG A 143 12.47 -11.56 -77.08
N ASP A 144 12.28 -10.79 -76.00
CA ASP A 144 12.82 -11.12 -74.68
C ASP A 144 12.13 -12.36 -74.09
N LEU A 145 10.81 -12.48 -74.27
CA LEU A 145 10.08 -13.64 -73.81
C LEU A 145 10.51 -14.90 -74.53
N ARG A 146 10.78 -14.78 -75.85
CA ARG A 146 11.28 -15.90 -76.66
C ARG A 146 12.67 -16.31 -76.15
N PHE A 147 13.53 -15.32 -75.81
CA PHE A 147 14.86 -15.53 -75.23
C PHE A 147 14.73 -16.32 -73.93
N GLY A 148 13.76 -15.94 -73.09
CA GLY A 148 13.49 -16.61 -71.83
C GLY A 148 13.17 -18.07 -71.98
N VAL A 149 12.32 -18.41 -72.96
CA VAL A 149 11.96 -19.79 -73.25
C VAL A 149 13.18 -20.58 -73.72
N GLU A 150 13.97 -19.98 -74.62
CA GLU A 150 15.18 -20.60 -75.16
C GLU A 150 16.23 -20.82 -74.10
N HIS A 151 16.32 -19.92 -73.11
CA HIS A 151 17.30 -20.07 -72.04
C HIS A 151 16.76 -20.74 -70.77
N GLY A 152 15.55 -21.28 -70.82
CA GLY A 152 14.93 -22.00 -69.72
C GLY A 152 14.64 -21.25 -68.44
N VAL A 153 14.14 -19.99 -68.54
CA VAL A 153 13.79 -19.24 -67.33
C VAL A 153 12.59 -19.89 -66.65
N ASP A 154 12.47 -19.74 -65.34
CA ASP A 154 11.39 -20.37 -64.57
C ASP A 154 10.18 -19.47 -64.41
N ILE A 155 10.40 -18.17 -64.32
CA ILE A 155 9.37 -17.19 -64.05
C ILE A 155 9.51 -15.97 -64.94
N VAL A 156 8.39 -15.33 -65.23
CA VAL A 156 8.35 -14.06 -65.93
C VAL A 156 7.65 -13.06 -65.00
N PHE A 157 8.28 -11.92 -64.73
CA PHE A 157 7.67 -10.83 -64.00
C PHE A 157 7.22 -9.89 -65.11
N ALA A 158 5.94 -9.93 -65.48
CA ALA A 158 5.41 -9.12 -66.59
C ALA A 158 5.12 -7.69 -66.16
N SER A 159 5.88 -6.74 -66.71
CA SER A 159 5.72 -5.32 -66.37
C SER A 159 4.44 -4.69 -66.88
N PHE A 160 3.91 -3.74 -66.09
CA PHE A 160 2.72 -2.94 -66.36
C PHE A 160 1.51 -3.76 -66.85
N VAL A 161 1.10 -4.79 -66.09
CA VAL A 161 -0.08 -5.56 -66.45
C VAL A 161 -1.30 -4.71 -66.06
N ARG A 162 -2.17 -4.40 -67.03
CA ARG A 162 -3.34 -3.57 -66.79
C ARG A 162 -4.68 -4.30 -66.87
N LYS A 163 -4.70 -5.50 -67.50
CA LYS A 163 -5.91 -6.28 -67.72
C LYS A 163 -5.56 -7.76 -68.03
N ALA A 164 -6.56 -8.65 -68.01
CA ALA A 164 -6.37 -10.07 -68.29
C ALA A 164 -5.76 -10.34 -69.67
N SER A 165 -6.13 -9.55 -70.70
CA SER A 165 -5.59 -9.74 -72.05
C SER A 165 -4.07 -9.48 -72.14
N ASP A 166 -3.52 -8.67 -71.21
CA ASP A 166 -2.08 -8.46 -71.16
C ASP A 166 -1.39 -9.77 -70.74
N VAL A 167 -1.98 -10.52 -69.81
CA VAL A 167 -1.44 -11.80 -69.34
C VAL A 167 -1.55 -12.84 -70.46
N ALA A 168 -2.69 -12.86 -71.19
CA ALA A 168 -2.89 -13.78 -72.29
C ALA A 168 -1.85 -13.55 -73.40
N ALA A 169 -1.50 -12.28 -73.66
CA ALA A 169 -0.50 -11.94 -74.66
C ALA A 169 0.89 -12.42 -74.25
N VAL A 170 1.22 -12.31 -72.95
CA VAL A 170 2.51 -12.80 -72.46
C VAL A 170 2.56 -14.34 -72.57
N ARG A 171 1.45 -14.99 -72.20
CA ARG A 171 1.31 -16.44 -72.28
C ARG A 171 1.49 -16.94 -73.74
N ALA A 172 0.91 -16.21 -74.71
CA ALA A 172 1.02 -16.56 -76.12
C ALA A 172 2.46 -16.38 -76.62
N ALA A 173 3.14 -15.30 -76.20
CA ALA A 173 4.54 -15.04 -76.62
C ALA A 173 5.51 -16.09 -76.09
N LEU A 174 5.17 -16.75 -74.97
CA LEU A 174 6.00 -17.84 -74.42
C LEU A 174 5.88 -19.13 -75.29
N GLY A 175 4.76 -19.28 -75.98
CA GLY A 175 4.51 -20.38 -76.89
C GLY A 175 4.25 -21.71 -76.24
N PRO A 176 4.28 -22.78 -77.05
CA PRO A 176 4.04 -24.13 -76.50
C PRO A 176 5.23 -24.69 -75.70
N GLU A 177 6.45 -24.19 -75.94
CA GLU A 177 7.63 -24.64 -75.19
C GLU A 177 7.74 -23.95 -73.80
N GLY A 178 7.10 -22.80 -73.63
CA GLY A 178 7.10 -22.07 -72.37
C GLY A 178 5.83 -22.20 -71.55
N HIS A 179 5.08 -23.31 -71.78
CA HIS A 179 3.81 -23.60 -71.09
C HIS A 179 3.96 -23.72 -69.56
N GLY A 180 5.14 -24.14 -69.11
CA GLY A 180 5.48 -24.35 -67.71
C GLY A 180 6.08 -23.17 -66.95
N ILE A 181 6.37 -22.06 -67.65
CA ILE A 181 6.92 -20.88 -66.99
C ILE A 181 5.79 -20.16 -66.24
N LYS A 182 6.08 -19.72 -64.99
CA LYS A 182 5.10 -19.03 -64.17
C LYS A 182 5.05 -17.56 -64.54
N ILE A 183 3.84 -17.01 -64.66
CA ILE A 183 3.69 -15.60 -64.97
C ILE A 183 3.23 -14.83 -63.73
N ILE A 184 4.08 -13.93 -63.24
CA ILE A 184 3.80 -13.07 -62.12
C ILE A 184 3.52 -11.68 -62.69
N SER A 185 2.26 -11.23 -62.61
CA SER A 185 1.90 -9.93 -63.15
C SER A 185 2.31 -8.79 -62.21
N LYS A 186 3.02 -7.80 -62.75
CA LYS A 186 3.42 -6.65 -61.96
C LYS A 186 2.30 -5.60 -62.00
N ILE A 187 1.78 -5.22 -60.82
CA ILE A 187 0.74 -4.19 -60.75
C ILE A 187 1.47 -2.90 -60.47
N GLU A 188 1.50 -1.98 -61.46
CA GLU A 188 2.28 -0.76 -61.36
C GLU A 188 1.48 0.52 -61.58
N ASN A 189 0.15 0.44 -61.74
CA ASN A 189 -0.64 1.65 -62.00
C ASN A 189 -2.08 1.53 -61.51
N HIS A 190 -2.86 2.63 -61.61
CA HIS A 190 -4.24 2.64 -61.17
C HIS A 190 -5.11 1.58 -61.84
N GLU A 191 -4.98 1.41 -63.16
CA GLU A 191 -5.79 0.44 -63.88
C GLU A 191 -5.51 -0.99 -63.43
N GLY A 192 -4.25 -1.32 -63.20
CA GLY A 192 -3.87 -2.64 -62.69
C GLY A 192 -4.49 -2.93 -61.34
N VAL A 193 -4.59 -1.89 -60.47
CA VAL A 193 -5.21 -2.04 -59.15
C VAL A 193 -6.72 -2.26 -59.31
N LYS A 194 -7.37 -1.44 -60.16
CA LYS A 194 -8.81 -1.56 -60.37
C LYS A 194 -9.21 -2.87 -61.05
N ARG A 195 -8.38 -3.35 -61.97
CA ARG A 195 -8.66 -4.61 -62.64
C ARG A 195 -7.92 -5.81 -62.03
N PHE A 196 -7.48 -5.68 -60.75
CA PHE A 196 -6.73 -6.69 -60.01
C PHE A 196 -7.36 -8.08 -60.05
N ASP A 197 -8.65 -8.20 -59.76
CA ASP A 197 -9.30 -9.51 -59.72
C ASP A 197 -9.21 -10.28 -61.03
N GLU A 198 -9.44 -9.61 -62.17
CA GLU A 198 -9.35 -10.28 -63.47
C GLU A 198 -7.91 -10.64 -63.84
N ILE A 199 -6.94 -9.85 -63.36
CA ILE A 199 -5.52 -10.10 -63.61
C ILE A 199 -5.05 -11.30 -62.80
N LEU A 200 -5.39 -11.34 -61.51
CA LEU A 200 -4.99 -12.43 -60.63
C LEU A 200 -5.57 -13.76 -61.11
N GLU A 201 -6.85 -13.76 -61.54
CA GLU A 201 -7.53 -14.95 -62.03
C GLU A 201 -6.76 -15.69 -63.13
N VAL A 202 -6.11 -14.96 -64.04
CA VAL A 202 -5.36 -15.58 -65.13
C VAL A 202 -3.83 -15.61 -64.90
N SER A 203 -3.33 -15.05 -63.79
CA SER A 203 -1.89 -15.05 -63.50
C SER A 203 -1.53 -16.16 -62.53
N ASP A 204 -0.25 -16.53 -62.47
CA ASP A 204 0.22 -17.47 -61.45
C ASP A 204 0.44 -16.78 -60.09
N GLY A 205 0.67 -15.47 -60.12
CA GLY A 205 0.88 -14.66 -58.94
C GLY A 205 1.00 -13.19 -59.29
N ILE A 206 1.34 -12.37 -58.29
CA ILE A 206 1.39 -10.92 -58.43
C ILE A 206 2.65 -10.32 -57.84
N MET A 207 3.11 -9.21 -58.41
CA MET A 207 4.18 -8.43 -57.82
C MET A 207 3.62 -7.02 -57.55
N VAL A 208 3.74 -6.54 -56.30
CA VAL A 208 3.38 -5.18 -55.94
C VAL A 208 4.62 -4.37 -56.31
N ALA A 209 4.63 -3.80 -57.52
CA ALA A 209 5.75 -3.05 -58.05
C ALA A 209 5.61 -1.61 -57.59
N ARG A 210 6.04 -1.33 -56.35
CA ARG A 210 5.86 -0.06 -55.65
C ARG A 210 6.55 1.15 -56.26
N GLY A 211 7.65 0.97 -57.00
CA GLY A 211 8.36 2.07 -57.65
C GLY A 211 7.45 2.84 -58.60
N ASP A 212 6.96 2.17 -59.66
CA ASP A 212 6.06 2.83 -60.60
C ASP A 212 4.71 3.09 -59.98
N LEU A 213 4.21 2.18 -59.12
CA LEU A 213 2.91 2.36 -58.47
C LEU A 213 2.88 3.66 -57.64
N GLY A 214 3.98 3.97 -56.96
CA GLY A 214 4.14 5.17 -56.15
C GLY A 214 4.23 6.48 -56.91
N ILE A 215 4.39 6.39 -58.24
CA ILE A 215 4.44 7.53 -59.16
C ILE A 215 3.08 7.64 -59.89
N GLU A 216 2.44 6.49 -60.20
CA GLU A 216 1.16 6.40 -60.87
C GLU A 216 -0.02 6.76 -59.98
N ILE A 217 0.07 6.44 -58.68
CA ILE A 217 -0.95 6.79 -57.68
C ILE A 217 -0.28 7.63 -56.56
N PRO A 218 -1.03 8.38 -55.73
CA PRO A 218 -0.38 9.14 -54.64
C PRO A 218 0.47 8.22 -53.74
N ALA A 219 1.69 8.67 -53.39
CA ALA A 219 2.62 7.89 -52.58
C ALA A 219 2.01 7.39 -51.26
N GLU A 220 1.15 8.20 -50.65
CA GLU A 220 0.49 7.86 -49.39
C GLU A 220 -0.60 6.78 -49.53
N LYS A 221 -0.89 6.32 -50.74
CA LYS A 221 -1.89 5.28 -50.96
C LYS A 221 -1.29 3.91 -51.29
N VAL A 222 0.01 3.84 -51.62
CA VAL A 222 0.65 2.58 -52.00
C VAL A 222 0.47 1.47 -50.95
N PHE A 223 0.56 1.81 -49.64
CA PHE A 223 0.37 0.80 -48.60
C PHE A 223 -1.02 0.15 -48.64
N LEU A 224 -2.04 0.89 -49.05
CA LEU A 224 -3.40 0.35 -49.16
C LEU A 224 -3.45 -0.67 -50.31
N ALA A 225 -2.82 -0.35 -51.44
CA ALA A 225 -2.76 -1.23 -52.60
C ALA A 225 -1.93 -2.47 -52.25
N GLN A 226 -0.80 -2.31 -51.55
CA GLN A 226 0.03 -3.43 -51.16
C GLN A 226 -0.73 -4.38 -50.24
N LYS A 227 -1.36 -3.85 -49.18
CA LYS A 227 -2.06 -4.69 -48.22
C LYS A 227 -3.29 -5.35 -48.83
N MET A 228 -4.00 -4.65 -49.72
CA MET A 228 -5.16 -5.23 -50.39
C MET A 228 -4.73 -6.40 -51.32
N MET A 229 -3.69 -6.18 -52.15
CA MET A 229 -3.23 -7.19 -53.09
C MET A 229 -2.66 -8.39 -52.38
N ILE A 230 -1.92 -8.17 -51.28
CA ILE A 230 -1.38 -9.29 -50.51
C ILE A 230 -2.52 -10.11 -49.92
N GLY A 231 -3.52 -9.43 -49.35
CA GLY A 231 -4.69 -10.09 -48.79
C GLY A 231 -5.45 -10.93 -49.81
N ARG A 232 -5.71 -10.35 -51.00
CA ARG A 232 -6.41 -11.05 -52.07
C ARG A 232 -5.63 -12.24 -52.63
N CYS A 233 -4.29 -12.12 -52.71
CA CYS A 233 -3.45 -13.23 -53.17
C CYS A 233 -3.44 -14.34 -52.13
N ASN A 234 -3.39 -13.96 -50.83
CA ASN A 234 -3.42 -14.94 -49.74
C ASN A 234 -4.76 -15.70 -49.79
N LEU A 235 -5.85 -14.98 -50.03
CA LEU A 235 -7.19 -15.55 -50.16
CA LEU A 235 -7.19 -15.54 -50.16
C LEU A 235 -7.22 -16.53 -51.34
N ALA A 236 -6.67 -16.14 -52.49
CA ALA A 236 -6.63 -16.98 -53.68
C ALA A 236 -5.63 -18.15 -53.60
N GLY A 237 -4.68 -18.08 -52.68
CA GLY A 237 -3.64 -19.09 -52.56
C GLY A 237 -2.60 -18.97 -53.67
N LYS A 238 -2.36 -17.72 -54.16
CA LYS A 238 -1.38 -17.46 -55.21
C LYS A 238 -0.22 -16.61 -54.70
N PRO A 239 1.02 -16.91 -55.15
CA PRO A 239 2.17 -16.12 -54.66
C PRO A 239 2.08 -14.61 -54.87
N VAL A 240 2.59 -13.85 -53.89
CA VAL A 240 2.61 -12.39 -53.97
C VAL A 240 4.00 -11.92 -53.55
N VAL A 241 4.58 -11.01 -54.34
CA VAL A 241 5.90 -10.46 -54.12
C VAL A 241 5.78 -9.00 -53.71
N CYS A 242 6.51 -8.60 -52.65
CA CYS A 242 6.59 -7.19 -52.30
C CYS A 242 7.93 -6.70 -52.84
N ALA A 243 7.92 -5.58 -53.55
CA ALA A 243 9.12 -5.09 -54.22
C ALA A 243 9.33 -3.60 -54.12
N THR A 244 10.62 -3.17 -54.30
CA THR A 244 11.17 -1.83 -54.51
C THR A 244 11.38 -0.99 -53.26
N GLN A 245 12.64 -0.53 -53.12
CA GLN A 245 13.15 0.36 -52.06
C GLN A 245 13.01 -0.20 -50.66
N MET A 246 12.94 -1.55 -50.52
CA MET A 246 12.82 -2.16 -49.20
C MET A 246 13.99 -1.88 -48.31
N LEU A 247 15.21 -1.89 -48.87
CA LEU A 247 16.46 -1.59 -48.13
C LEU A 247 17.30 -0.56 -48.93
N GLU A 248 16.65 0.39 -49.60
CA GLU A 248 17.26 1.37 -50.50
C GLU A 248 18.58 1.99 -50.04
N SER A 249 18.66 2.49 -48.80
CA SER A 249 19.88 3.11 -48.28
C SER A 249 21.09 2.17 -48.28
N MET A 250 20.87 0.84 -48.31
CA MET A 250 21.94 -0.14 -48.36
C MET A 250 22.68 -0.17 -49.72
N ILE A 251 22.23 0.62 -50.70
CA ILE A 251 22.94 0.77 -51.98
C ILE A 251 24.32 1.43 -51.69
N THR A 252 24.38 2.39 -50.74
CA THR A 252 25.62 3.07 -50.38
C THR A 252 26.04 2.86 -48.91
N LYS A 253 25.10 2.50 -48.01
CA LYS A 253 25.43 2.33 -46.60
C LYS A 253 25.41 0.89 -46.14
N PRO A 254 26.30 0.51 -45.19
CA PRO A 254 26.34 -0.91 -44.75
C PRO A 254 25.15 -1.37 -43.89
N ARG A 255 24.41 -0.43 -43.32
CA ARG A 255 23.26 -0.73 -42.46
C ARG A 255 22.05 0.01 -43.00
N PRO A 256 20.85 -0.59 -42.91
CA PRO A 256 19.64 0.10 -43.40
C PRO A 256 19.05 1.08 -42.37
N THR A 257 18.06 1.86 -42.80
CA THR A 257 17.38 2.77 -41.87
C THR A 257 16.33 1.99 -41.02
N ARG A 258 15.80 2.63 -39.98
CA ARG A 258 14.75 2.03 -39.15
C ARG A 258 13.45 1.83 -39.93
N ALA A 259 13.17 2.70 -40.92
CA ALA A 259 11.99 2.57 -41.77
C ALA A 259 12.13 1.35 -42.70
N GLU A 260 13.35 1.08 -43.17
CA GLU A 260 13.61 -0.03 -44.09
C GLU A 260 13.45 -1.39 -43.44
N THR A 261 14.00 -1.58 -42.22
CA THR A 261 13.82 -2.86 -41.51
C THR A 261 12.33 -3.08 -41.17
N SER A 262 11.63 -2.01 -40.84
CA SER A 262 10.21 -2.00 -40.53
C SER A 262 9.41 -2.43 -41.78
N ASP A 263 9.75 -1.87 -42.95
CA ASP A 263 9.11 -2.21 -44.21
C ASP A 263 9.25 -3.70 -44.55
N VAL A 264 10.45 -4.26 -44.39
CA VAL A 264 10.67 -5.68 -44.66
C VAL A 264 9.83 -6.53 -43.72
N ALA A 265 9.86 -6.21 -42.42
CA ALA A 265 9.09 -6.95 -41.42
C ALA A 265 7.60 -6.87 -41.69
N ASN A 266 7.12 -5.67 -42.07
CA ASN A 266 5.71 -5.47 -42.32
C ASN A 266 5.24 -6.13 -43.62
N ALA A 267 6.11 -6.26 -44.64
CA ALA A 267 5.71 -6.98 -45.86
C ALA A 267 5.47 -8.46 -45.52
N VAL A 268 6.34 -9.03 -44.69
CA VAL A 268 6.21 -10.42 -44.26
C VAL A 268 4.94 -10.57 -43.41
N LEU A 269 4.73 -9.67 -42.43
CA LEU A 269 3.54 -9.71 -41.58
C LEU A 269 2.26 -9.52 -42.39
N ASP A 270 2.29 -8.71 -43.46
CA ASP A 270 1.14 -8.49 -44.36
C ASP A 270 0.72 -9.82 -45.00
N GLY A 271 1.70 -10.67 -45.32
CA GLY A 271 1.47 -11.98 -45.92
C GLY A 271 2.21 -12.21 -47.22
N ALA A 272 3.23 -11.39 -47.53
CA ALA A 272 3.99 -11.56 -48.78
C ALA A 272 4.73 -12.89 -48.80
N ASP A 273 4.67 -13.60 -49.93
CA ASP A 273 5.38 -14.87 -50.09
C ASP A 273 6.85 -14.61 -50.36
N CYS A 274 7.16 -13.52 -51.12
CA CYS A 274 8.51 -13.15 -51.51
C CYS A 274 8.75 -11.68 -51.23
N ILE A 275 10.01 -11.35 -50.93
CA ILE A 275 10.50 -9.98 -50.78
C ILE A 275 11.62 -9.80 -51.80
N MET A 276 11.80 -8.58 -52.29
CA MET A 276 12.75 -8.32 -53.36
C MET A 276 13.77 -7.23 -53.09
N LEU A 277 14.94 -7.35 -53.74
CA LEU A 277 16.00 -6.37 -53.73
C LEU A 277 16.25 -6.00 -55.19
N SER A 278 16.31 -4.69 -55.48
CA SER A 278 16.59 -4.23 -56.84
C SER A 278 18.00 -3.61 -56.93
N GLY A 279 18.13 -2.28 -56.81
CA GLY A 279 19.42 -1.61 -56.83
C GLY A 279 20.34 -2.08 -55.72
N GLU A 280 19.76 -2.49 -54.59
CA GLU A 280 20.51 -2.97 -53.44
C GLU A 280 21.46 -4.13 -53.80
N THR A 281 21.05 -4.99 -54.75
CA THR A 281 21.88 -6.12 -55.17
C THR A 281 22.44 -5.96 -56.60
N ALA A 282 21.71 -5.23 -57.47
CA ALA A 282 22.13 -5.02 -58.85
C ALA A 282 23.32 -4.05 -58.98
N LYS A 283 23.32 -2.94 -58.24
CA LYS A 283 24.38 -1.96 -58.38
C LYS A 283 25.01 -1.47 -57.08
N GLY A 284 24.42 -1.81 -55.94
CA GLY A 284 24.91 -1.33 -54.65
C GLY A 284 26.24 -1.86 -54.19
N ASN A 285 26.80 -1.23 -53.14
CA ASN A 285 28.08 -1.63 -52.58
C ASN A 285 27.99 -2.76 -51.58
N PHE A 286 26.76 -3.14 -51.15
CA PHE A 286 26.58 -4.20 -50.15
C PHE A 286 25.51 -5.23 -50.58
N PRO A 287 25.65 -5.88 -51.76
CA PRO A 287 24.61 -6.83 -52.18
C PRO A 287 24.43 -8.03 -51.25
N VAL A 288 25.53 -8.61 -50.77
CA VAL A 288 25.47 -9.77 -49.89
C VAL A 288 24.85 -9.39 -48.53
N GLU A 289 25.25 -8.24 -47.99
CA GLU A 289 24.74 -7.74 -46.72
C GLU A 289 23.23 -7.43 -46.82
N ALA A 290 22.76 -6.94 -47.98
CA ALA A 290 21.34 -6.67 -48.19
C ALA A 290 20.52 -7.98 -48.16
N VAL A 291 21.05 -9.06 -48.76
CA VAL A 291 20.41 -10.36 -48.72
C VAL A 291 20.38 -10.89 -47.27
N LYS A 292 21.50 -10.74 -46.53
CA LYS A 292 21.58 -11.20 -45.15
C LYS A 292 20.62 -10.44 -44.25
N MET A 293 20.44 -9.13 -44.50
CA MET A 293 19.54 -8.31 -43.72
C MET A 293 18.10 -8.73 -43.97
N GLN A 294 17.70 -8.97 -45.24
CA GLN A 294 16.34 -9.43 -45.53
C GLN A 294 16.08 -10.79 -44.89
N HIS A 295 17.10 -11.68 -44.90
CA HIS A 295 16.98 -13.00 -44.30
C HIS A 295 16.75 -12.88 -42.78
N ALA A 296 17.59 -12.06 -42.10
CA ALA A 296 17.51 -11.87 -40.66
C ALA A 296 16.17 -11.30 -40.23
N ILE A 297 15.65 -10.27 -40.95
CA ILE A 297 14.36 -9.67 -40.62
C ILE A 297 13.20 -10.64 -40.88
N ALA A 298 13.20 -11.32 -42.04
CA ALA A 298 12.13 -12.24 -42.38
C ALA A 298 11.93 -13.34 -41.34
N ARG A 299 13.02 -13.93 -40.82
CA ARG A 299 12.90 -14.99 -39.81
C ARG A 299 12.24 -14.45 -38.55
N GLU A 300 12.61 -13.22 -38.15
CA GLU A 300 12.05 -12.60 -36.96
C GLU A 300 10.56 -12.31 -37.16
N ALA A 301 10.19 -11.78 -38.35
CA ALA A 301 8.82 -11.42 -38.66
C ALA A 301 7.93 -12.62 -38.79
N GLU A 302 8.43 -13.73 -39.35
CA GLU A 302 7.67 -14.97 -39.50
C GLU A 302 7.28 -15.59 -38.14
N ALA A 303 8.16 -15.52 -37.15
CA ALA A 303 7.84 -16.02 -35.81
C ALA A 303 6.80 -15.12 -35.13
N ALA A 304 6.76 -13.79 -35.48
CA ALA A 304 5.81 -12.83 -34.94
C ALA A 304 4.41 -12.90 -35.58
N VAL A 305 4.20 -13.78 -36.59
CA VAL A 305 2.90 -13.99 -37.22
C VAL A 305 1.93 -14.58 -36.18
N TYR A 306 0.67 -14.13 -36.17
CA TYR A 306 -0.32 -14.63 -35.22
C TYR A 306 -1.08 -15.76 -35.91
N HIS A 307 -0.46 -16.97 -35.98
CA HIS A 307 -1.01 -18.14 -36.67
C HIS A 307 -2.41 -18.51 -36.23
N ARG A 308 -2.73 -18.35 -34.95
CA ARG A 308 -4.07 -18.68 -34.45
C ARG A 308 -5.19 -18.01 -35.23
N GLN A 309 -5.08 -16.69 -35.45
CA GLN A 309 -6.10 -15.99 -36.22
C GLN A 309 -5.92 -16.18 -37.73
N LEU A 310 -4.67 -16.10 -38.20
CA LEU A 310 -4.35 -16.25 -39.62
C LEU A 310 -4.87 -17.58 -40.19
N PHE A 311 -4.56 -18.70 -39.53
CA PHE A 311 -5.02 -20.01 -39.97
C PHE A 311 -6.54 -20.07 -39.96
N GLU A 312 -7.19 -19.65 -38.87
CA GLU A 312 -8.66 -19.68 -38.79
C GLU A 312 -9.33 -18.89 -39.90
N GLU A 313 -8.78 -17.72 -40.23
CA GLU A 313 -9.33 -16.90 -41.29
C GLU A 313 -9.05 -17.47 -42.66
N LEU A 314 -7.86 -18.04 -42.89
CA LEU A 314 -7.54 -18.63 -44.19
C LEU A 314 -8.37 -19.89 -44.43
N ARG A 315 -8.58 -20.69 -43.36
CA ARG A 315 -9.40 -21.89 -43.37
C ARG A 315 -10.85 -21.52 -43.71
N ARG A 316 -11.45 -20.55 -43.01
CA ARG A 316 -12.84 -20.13 -43.23
C ARG A 316 -13.06 -19.55 -44.64
N ALA A 317 -12.11 -18.74 -45.13
CA ALA A 317 -12.24 -18.11 -46.43
C ALA A 317 -11.95 -19.03 -47.64
N ALA A 318 -11.29 -20.18 -47.44
CA ALA A 318 -11.04 -21.10 -48.55
C ALA A 318 -12.35 -21.89 -48.79
N PRO A 319 -12.86 -21.95 -50.03
CA PRO A 319 -14.18 -22.57 -50.24
C PRO A 319 -14.17 -24.07 -50.06
N LEU A 320 -15.36 -24.66 -49.88
CA LEU A 320 -15.47 -26.12 -49.79
C LEU A 320 -15.03 -26.72 -51.14
N SER A 321 -14.38 -27.88 -51.11
CA SER A 321 -13.83 -28.46 -52.32
C SER A 321 -14.00 -29.94 -52.37
N ARG A 322 -14.12 -30.48 -53.58
CA ARG A 322 -14.15 -31.92 -53.77
CA ARG A 322 -14.17 -31.93 -53.78
C ARG A 322 -12.88 -32.45 -54.45
N ASP A 323 -11.83 -31.62 -54.54
CA ASP A 323 -10.51 -31.97 -55.08
C ASP A 323 -9.76 -32.63 -53.96
N PRO A 324 -9.35 -33.90 -54.09
CA PRO A 324 -8.65 -34.58 -52.99
C PRO A 324 -7.34 -33.94 -52.55
N THR A 325 -6.63 -33.21 -53.43
CA THR A 325 -5.38 -32.53 -53.04
C THR A 325 -5.74 -31.36 -52.10
N GLU A 326 -6.84 -30.58 -52.40
CA GLU A 326 -7.35 -29.46 -51.57
C GLU A 326 -7.85 -29.97 -50.22
N VAL A 327 -8.52 -31.12 -50.21
CA VAL A 327 -9.03 -31.74 -48.99
C VAL A 327 -7.88 -32.29 -48.13
N THR A 328 -6.88 -32.94 -48.75
CA THR A 328 -5.74 -33.49 -48.02
C THR A 328 -4.90 -32.35 -47.43
N ALA A 329 -4.73 -31.24 -48.17
CA ALA A 329 -3.91 -30.11 -47.72
C ALA A 329 -4.42 -29.51 -46.41
N ILE A 330 -5.74 -29.24 -46.31
CA ILE A 330 -6.35 -28.67 -45.11
C ILE A 330 -6.24 -29.69 -43.95
N GLY A 331 -6.46 -30.97 -44.22
CA GLY A 331 -6.34 -32.00 -43.19
C GLY A 331 -4.93 -32.07 -42.64
N ALA A 332 -3.91 -31.97 -43.52
CA ALA A 332 -2.51 -32.04 -43.13
C ALA A 332 -2.07 -30.82 -42.34
N VAL A 333 -2.51 -29.61 -42.74
CA VAL A 333 -2.17 -28.38 -42.01
C VAL A 333 -2.82 -28.39 -40.62
N GLU A 334 -4.05 -28.89 -40.52
CA GLU A 334 -4.73 -28.98 -39.24
C GLU A 334 -3.99 -29.98 -38.33
N ALA A 335 -3.59 -31.13 -38.90
CA ALA A 335 -2.86 -32.17 -38.16
C ALA A 335 -1.51 -31.63 -37.68
N ALA A 336 -0.84 -30.81 -38.51
CA ALA A 336 0.44 -30.22 -38.14
C ALA A 336 0.33 -29.30 -36.93
N PHE A 337 -0.69 -28.42 -36.89
CA PHE A 337 -0.88 -27.54 -35.75
C PHE A 337 -1.19 -28.35 -34.48
N LYS A 338 -2.00 -29.39 -34.58
CA LYS A 338 -2.37 -30.23 -33.43
C LYS A 338 -1.18 -30.85 -32.69
N CYS A 339 -0.16 -31.29 -33.44
CA CYS A 339 0.97 -31.96 -32.84
C CYS A 339 2.24 -31.15 -32.82
N CYS A 340 2.23 -29.85 -33.22
CA CYS A 340 3.45 -29.04 -33.29
C CYS A 340 4.43 -29.70 -34.24
N ALA A 341 3.93 -30.18 -35.39
CA ALA A 341 4.78 -30.88 -36.36
C ALA A 341 5.92 -30.01 -36.81
N ALA A 342 7.13 -30.57 -36.85
CA ALA A 342 8.29 -29.81 -37.29
C ALA A 342 8.25 -29.58 -38.79
N ALA A 343 7.57 -30.47 -39.56
CA ALA A 343 7.50 -30.33 -41.00
C ALA A 343 6.33 -31.11 -41.59
N ILE A 344 5.94 -30.74 -42.81
CA ILE A 344 4.99 -31.46 -43.63
C ILE A 344 5.84 -31.84 -44.85
N ILE A 345 6.09 -33.14 -45.05
CA ILE A 345 6.86 -33.60 -46.19
C ILE A 345 5.88 -33.96 -47.28
N VAL A 346 6.01 -33.35 -48.45
CA VAL A 346 5.09 -33.61 -49.56
C VAL A 346 5.82 -34.01 -50.82
N LEU A 347 5.25 -34.96 -51.56
CA LEU A 347 5.79 -35.41 -52.84
C LEU A 347 5.05 -34.63 -53.89
N THR A 348 5.78 -33.98 -54.80
CA THR A 348 5.11 -33.17 -55.81
C THR A 348 5.83 -33.20 -57.16
N THR A 349 5.07 -33.23 -58.27
CA THR A 349 5.66 -33.23 -59.60
C THR A 349 5.73 -31.79 -60.14
N THR A 350 4.61 -31.05 -60.03
CA THR A 350 4.51 -29.68 -60.51
C THR A 350 4.70 -28.62 -59.41
N GLY A 351 4.62 -29.03 -58.14
CA GLY A 351 4.67 -28.11 -57.03
C GLY A 351 3.29 -27.77 -56.46
N ARG A 352 2.21 -28.15 -57.16
CA ARG A 352 0.84 -27.85 -56.76
C ARG A 352 0.46 -28.36 -55.37
N SER A 353 0.81 -29.61 -55.01
CA SER A 353 0.50 -30.13 -53.67
C SER A 353 1.16 -29.31 -52.57
N ALA A 354 2.39 -28.83 -52.81
CA ALA A 354 3.11 -28.00 -51.82
C ALA A 354 2.45 -26.60 -51.75
N GLN A 355 2.04 -26.06 -52.90
CA GLN A 355 1.37 -24.76 -52.95
C GLN A 355 0.03 -24.79 -52.18
N LEU A 356 -0.75 -25.89 -52.27
CA LEU A 356 -2.00 -25.98 -51.55
C LEU A 356 -1.78 -26.13 -50.04
N LEU A 357 -0.62 -26.65 -49.60
CA LEU A 357 -0.33 -26.71 -48.16
C LEU A 357 0.07 -25.28 -47.68
N SER A 358 0.91 -24.59 -48.48
CA SER A 358 1.44 -23.25 -48.26
C SER A 358 0.34 -22.17 -48.07
N ARG A 359 -0.79 -22.33 -48.77
CA ARG A 359 -1.89 -21.35 -48.70
C ARG A 359 -2.53 -21.20 -47.30
N TYR A 360 -2.41 -22.24 -46.44
CA TYR A 360 -2.95 -22.15 -45.08
C TYR A 360 -1.94 -21.63 -44.06
N ARG A 361 -0.74 -21.23 -44.53
CA ARG A 361 0.33 -20.70 -43.71
C ARG A 361 0.65 -21.52 -42.48
N PRO A 362 0.98 -22.82 -42.66
CA PRO A 362 1.36 -23.62 -41.47
C PRO A 362 2.65 -23.07 -40.84
N ARG A 363 2.84 -23.28 -39.52
CA ARG A 363 4.12 -22.93 -38.90
C ARG A 363 5.17 -23.99 -39.35
N ALA A 364 4.73 -25.26 -39.52
CA ALA A 364 5.56 -26.37 -39.99
C ALA A 364 6.08 -26.08 -41.38
N ALA A 365 7.38 -26.33 -41.60
CA ALA A 365 8.02 -26.17 -42.90
C ALA A 365 7.39 -27.16 -43.89
N VAL A 366 7.15 -26.73 -45.12
CA VAL A 366 6.63 -27.64 -46.14
C VAL A 366 7.83 -28.12 -46.97
N ILE A 367 8.34 -29.34 -46.68
CA ILE A 367 9.48 -29.90 -47.38
C ILE A 367 8.96 -30.59 -48.64
N ALA A 368 9.20 -29.98 -49.81
CA ALA A 368 8.70 -30.54 -51.07
C ALA A 368 9.77 -31.38 -51.79
N VAL A 369 9.54 -32.69 -51.86
CA VAL A 369 10.45 -33.61 -52.56
C VAL A 369 9.97 -33.77 -54.00
N THR A 370 10.79 -33.34 -54.97
CA THR A 370 10.41 -33.42 -56.38
C THR A 370 11.59 -33.88 -57.24
N ARG A 371 11.29 -34.49 -58.39
CA ARG A 371 12.31 -34.89 -59.38
C ARG A 371 12.51 -33.77 -60.43
N SER A 372 11.50 -32.87 -60.59
CA SER A 372 11.51 -31.78 -61.53
C SER A 372 12.40 -30.64 -61.01
N ALA A 373 13.52 -30.37 -61.71
CA ALA A 373 14.40 -29.28 -61.34
C ALA A 373 13.70 -27.92 -61.48
N GLN A 374 12.82 -27.79 -62.48
CA GLN A 374 12.07 -26.55 -62.66
C GLN A 374 11.06 -26.32 -61.53
N ALA A 375 10.29 -27.36 -61.14
CA ALA A 375 9.34 -27.23 -60.04
C ALA A 375 10.08 -26.91 -58.74
N ALA A 376 11.28 -27.49 -58.54
CA ALA A 376 12.09 -27.21 -57.36
C ALA A 376 12.44 -25.70 -57.29
N ARG A 377 12.75 -25.10 -58.44
CA ARG A 377 13.07 -23.68 -58.51
C ARG A 377 11.82 -22.82 -58.34
N GLN A 378 10.72 -23.19 -59.00
CA GLN A 378 9.47 -22.42 -58.96
C GLN A 378 8.75 -22.40 -57.62
N VAL A 379 8.85 -23.45 -56.79
CA VAL A 379 8.15 -23.44 -55.50
C VAL A 379 8.74 -22.45 -54.48
N HIS A 380 9.84 -21.77 -54.83
CA HIS A 380 10.35 -20.69 -54.00
C HIS A 380 9.33 -19.52 -53.97
N LEU A 381 8.42 -19.44 -54.96
CA LEU A 381 7.39 -18.43 -54.99
C LEU A 381 6.38 -18.58 -53.83
N CYS A 382 6.23 -19.79 -53.27
CA CYS A 382 5.28 -20.09 -52.22
C CYS A 382 5.92 -20.08 -50.87
N ARG A 383 5.41 -19.24 -49.95
CA ARG A 383 5.98 -19.13 -48.62
C ARG A 383 6.00 -20.46 -47.87
N GLY A 384 7.14 -20.75 -47.25
CA GLY A 384 7.28 -21.93 -46.44
C GLY A 384 7.52 -23.23 -47.17
N VAL A 385 7.72 -23.17 -48.48
CA VAL A 385 8.03 -24.36 -49.26
C VAL A 385 9.56 -24.45 -49.45
N PHE A 386 10.14 -25.55 -48.94
CA PHE A 386 11.57 -25.84 -48.99
C PHE A 386 11.80 -26.98 -49.99
N PRO A 387 12.25 -26.64 -51.22
CA PRO A 387 12.42 -27.67 -52.24
C PRO A 387 13.65 -28.58 -52.10
N LEU A 388 13.44 -29.88 -52.31
CA LEU A 388 14.50 -30.89 -52.29
C LEU A 388 14.42 -31.59 -53.63
N LEU A 389 15.47 -31.44 -54.44
CA LEU A 389 15.51 -32.09 -55.74
C LEU A 389 15.99 -33.52 -55.55
N TYR A 390 15.13 -34.50 -55.90
CA TYR A 390 15.44 -35.92 -55.74
C TYR A 390 16.29 -36.45 -56.87
N ARG A 391 17.50 -36.90 -56.56
CA ARG A 391 18.39 -37.45 -57.58
C ARG A 391 18.89 -38.86 -57.24
N GLU A 392 18.19 -39.59 -56.37
CA GLU A 392 18.63 -40.92 -55.96
CA GLU A 392 18.59 -40.95 -55.95
C GLU A 392 18.11 -41.99 -56.95
N PRO A 393 18.80 -43.16 -57.05
CA PRO A 393 18.36 -44.19 -58.01
C PRO A 393 16.88 -44.62 -57.84
N PRO A 394 16.20 -44.90 -58.96
CA PRO A 394 14.79 -45.31 -58.87
C PRO A 394 14.59 -46.70 -58.28
N GLU A 395 13.41 -46.95 -57.69
CA GLU A 395 13.08 -48.27 -57.16
C GLU A 395 12.15 -48.92 -58.21
N ALA A 396 12.22 -50.27 -58.34
CA ALA A 396 11.39 -50.99 -59.30
C ALA A 396 9.92 -50.95 -58.91
N ILE A 397 9.62 -51.06 -57.61
CA ILE A 397 8.25 -51.00 -57.12
C ILE A 397 7.89 -49.54 -56.78
N TRP A 398 6.84 -48.97 -57.43
CA TRP A 398 6.39 -47.61 -57.20
C TRP A 398 6.22 -47.27 -55.71
N ALA A 399 5.53 -48.12 -54.94
CA ALA A 399 5.34 -47.90 -53.50
C ALA A 399 6.68 -47.79 -52.76
N ASP A 400 7.69 -48.60 -53.17
CA ASP A 400 9.04 -48.55 -52.57
C ASP A 400 9.76 -47.25 -52.92
N ASP A 401 9.55 -46.75 -54.12
CA ASP A 401 10.16 -45.52 -54.62
C ASP A 401 9.62 -44.33 -53.84
N VAL A 402 8.27 -44.31 -53.60
CA VAL A 402 7.55 -43.31 -52.84
C VAL A 402 8.12 -43.26 -51.42
N ASP A 403 8.24 -44.42 -50.76
CA ASP A 403 8.78 -44.51 -49.40
CA ASP A 403 8.77 -44.50 -49.41
C ASP A 403 10.21 -44.00 -49.31
N ARG A 404 11.00 -44.30 -50.34
CA ARG A 404 12.39 -43.87 -50.39
C ARG A 404 12.45 -42.35 -50.48
N ARG A 405 11.59 -41.75 -51.31
CA ARG A 405 11.50 -40.30 -51.43
C ARG A 405 11.07 -39.63 -50.10
N VAL A 406 10.18 -40.26 -49.32
CA VAL A 406 9.72 -39.80 -48.03
C VAL A 406 10.85 -39.86 -46.98
N GLN A 407 11.67 -40.91 -47.04
CA GLN A 407 12.82 -41.06 -46.16
C GLN A 407 13.92 -40.08 -46.53
N PHE A 408 14.05 -39.75 -47.83
CA PHE A 408 15.01 -38.76 -48.30
C PHE A 408 14.66 -37.39 -47.70
N GLY A 409 13.36 -37.04 -47.66
CA GLY A 409 12.90 -35.78 -47.08
C GLY A 409 13.22 -35.70 -45.59
N ILE A 410 13.04 -36.83 -44.86
CA ILE A 410 13.34 -36.94 -43.43
C ILE A 410 14.84 -36.82 -43.19
N GLU A 411 15.66 -37.50 -44.00
CA GLU A 411 17.11 -37.43 -43.88
C GLU A 411 17.66 -36.05 -44.20
N SER A 412 17.16 -35.37 -45.28
CA SER A 412 17.60 -34.00 -45.58
C SER A 412 17.16 -33.07 -44.44
N GLY A 413 15.96 -33.28 -43.90
CA GLY A 413 15.43 -32.48 -42.79
C GLY A 413 16.27 -32.63 -41.53
N LYS A 414 16.75 -33.84 -41.24
CA LYS A 414 17.61 -34.08 -40.09
C LYS A 414 18.97 -33.41 -40.30
N LEU A 415 19.57 -33.57 -41.50
CA LEU A 415 20.86 -32.96 -41.82
C LEU A 415 20.80 -31.44 -41.72
N ARG A 416 19.72 -30.83 -42.24
CA ARG A 416 19.59 -29.38 -42.24
C ARG A 416 19.08 -28.76 -40.94
N GLY A 417 18.75 -29.58 -39.94
CA GLY A 417 18.27 -29.07 -38.66
C GLY A 417 16.77 -28.82 -38.56
N PHE A 418 16.01 -29.15 -39.63
CA PHE A 418 14.55 -29.03 -39.62
C PHE A 418 13.94 -30.05 -38.65
N LEU A 419 14.54 -31.24 -38.55
CA LEU A 419 13.97 -32.34 -37.76
C LEU A 419 14.95 -32.94 -36.78
N ARG A 420 14.41 -33.40 -35.66
CA ARG A 420 15.13 -34.05 -34.58
C ARG A 420 14.38 -35.31 -34.17
N VAL A 421 15.08 -36.26 -33.56
CA VAL A 421 14.46 -37.49 -33.09
C VAL A 421 13.36 -37.16 -32.06
N GLY A 422 12.20 -37.78 -32.20
CA GLY A 422 11.07 -37.49 -31.33
C GLY A 422 10.07 -36.52 -31.93
N ASP A 423 10.46 -35.77 -32.98
CA ASP A 423 9.54 -34.85 -33.66
C ASP A 423 8.46 -35.62 -34.39
N LEU A 424 7.30 -35.00 -34.58
CA LEU A 424 6.25 -35.59 -35.40
C LEU A 424 6.27 -34.87 -36.74
N VAL A 425 6.08 -35.59 -37.83
CA VAL A 425 5.99 -35.02 -39.16
C VAL A 425 4.70 -35.51 -39.82
N ILE A 426 4.17 -34.69 -40.71
CA ILE A 426 3.01 -35.05 -41.49
C ILE A 426 3.52 -35.36 -42.88
N VAL A 427 3.14 -36.49 -43.46
CA VAL A 427 3.64 -36.86 -44.80
C VAL A 427 2.47 -36.89 -45.76
N VAL A 428 2.58 -36.15 -46.88
CA VAL A 428 1.55 -36.02 -47.89
C VAL A 428 2.00 -36.69 -49.22
N THR A 429 1.27 -37.72 -49.66
CA THR A 429 1.54 -38.48 -50.90
C THR A 429 0.21 -38.72 -51.69
N GLY A 430 0.30 -39.43 -52.83
CA GLY A 430 -0.85 -39.77 -53.68
C GLY A 430 -1.02 -41.27 -53.84
N TRP A 431 -2.15 -41.70 -54.44
CA TRP A 431 -2.46 -43.13 -54.59
C TRP A 431 -1.90 -43.78 -55.89
N ARG A 432 -1.46 -42.97 -56.85
CA ARG A 432 -0.91 -43.49 -58.11
C ARG A 432 0.12 -42.50 -58.69
N PRO A 433 1.00 -42.95 -59.62
CA PRO A 433 1.99 -42.02 -60.20
C PRO A 433 1.38 -40.90 -61.02
N GLY A 434 2.15 -39.85 -61.27
CA GLY A 434 1.68 -38.72 -62.04
C GLY A 434 1.07 -37.63 -61.18
N SER A 435 1.03 -36.41 -61.71
CA SER A 435 0.49 -35.27 -60.97
C SER A 435 -1.05 -35.26 -60.89
N GLY A 436 -1.57 -34.72 -59.80
CA GLY A 436 -2.99 -34.57 -59.57
C GLY A 436 -3.67 -35.64 -58.73
N TYR A 437 -2.90 -36.57 -58.15
CA TYR A 437 -3.49 -37.67 -57.38
C TYR A 437 -3.16 -37.67 -55.89
N THR A 438 -2.72 -36.53 -55.32
CA THR A 438 -2.44 -36.45 -53.86
C THR A 438 -3.74 -36.67 -53.10
N ASN A 439 -3.75 -37.60 -52.15
CA ASN A 439 -4.94 -37.90 -51.38
C ASN A 439 -4.63 -38.55 -50.03
N ILE A 440 -3.34 -38.63 -49.63
CA ILE A 440 -2.97 -39.31 -48.40
C ILE A 440 -2.18 -38.42 -47.45
N MET A 441 -2.53 -38.49 -46.16
CA MET A 441 -1.80 -37.80 -45.11
CA MET A 441 -1.85 -37.78 -45.07
C MET A 441 -1.49 -38.81 -43.99
N ARG A 442 -0.22 -38.86 -43.56
CA ARG A 442 0.21 -39.79 -42.53
C ARG A 442 0.95 -39.07 -41.40
N VAL A 443 0.79 -39.54 -40.17
CA VAL A 443 1.48 -38.97 -39.03
C VAL A 443 2.66 -39.90 -38.69
N LEU A 444 3.88 -39.38 -38.75
CA LEU A 444 5.08 -40.17 -38.53
C LEU A 444 5.94 -39.62 -37.40
N SER A 445 6.49 -40.50 -36.56
CA SER A 445 7.40 -40.08 -35.48
C SER A 445 8.82 -40.23 -35.98
N ILE A 446 9.64 -39.20 -35.79
CA ILE A 446 11.02 -39.22 -36.26
C ILE A 446 11.94 -40.08 -35.41
N SER A 447 12.58 -41.01 -36.16
CA SER A 447 13.63 -41.96 -35.88
C SER A 447 13.25 -42.96 -34.82
N ARG B 12 -21.29 -16.63 -49.61
CA ARG B 12 -21.62 -17.37 -50.83
C ARG B 12 -20.37 -17.82 -51.58
N ALA B 13 -19.31 -17.01 -51.61
CA ALA B 13 -18.08 -17.36 -52.33
C ALA B 13 -17.42 -18.67 -51.82
N ASP B 14 -17.58 -18.96 -50.52
CA ASP B 14 -17.04 -20.16 -49.88
C ASP B 14 -17.86 -21.44 -50.17
N VAL B 15 -19.08 -21.32 -50.72
CA VAL B 15 -19.91 -22.49 -51.03
C VAL B 15 -20.38 -22.52 -52.50
N ALA B 16 -20.09 -21.48 -53.31
CA ALA B 16 -20.59 -21.33 -54.68
C ALA B 16 -20.28 -22.51 -55.62
N GLN B 17 -19.00 -22.93 -55.71
CA GLN B 17 -18.61 -24.04 -56.57
C GLN B 17 -19.23 -25.35 -56.11
N LEU B 18 -19.19 -25.61 -54.80
CA LEU B 18 -19.81 -26.83 -54.27
C LEU B 18 -21.34 -26.84 -54.43
N THR B 19 -21.96 -25.64 -54.50
CA THR B 19 -23.41 -25.49 -54.70
C THR B 19 -23.76 -25.80 -56.17
N GLN B 20 -22.90 -25.37 -57.10
CA GLN B 20 -23.12 -25.66 -58.52
C GLN B 20 -22.96 -27.18 -58.75
N GLU B 21 -22.00 -27.81 -58.09
CA GLU B 21 -21.74 -29.23 -58.22
C GLU B 21 -22.78 -30.12 -57.56
N LEU B 22 -23.04 -29.91 -56.28
CA LEU B 22 -24.01 -30.74 -55.54
C LEU B 22 -25.47 -30.29 -55.71
N GLY B 23 -25.67 -29.06 -56.12
CA GLY B 23 -27.00 -28.51 -56.33
C GLY B 23 -27.53 -27.75 -55.14
N THR B 24 -28.48 -26.85 -55.39
CA THR B 24 -29.13 -26.06 -54.35
C THR B 24 -29.98 -26.95 -53.45
N ALA B 25 -30.57 -28.05 -53.98
CA ALA B 25 -31.38 -28.93 -53.15
C ALA B 25 -30.58 -29.54 -52.01
N PHE B 26 -29.31 -29.92 -52.27
CA PHE B 26 -28.43 -30.49 -51.25
C PHE B 26 -28.22 -29.49 -50.11
N PHE B 27 -28.00 -28.21 -50.46
CA PHE B 27 -27.72 -27.18 -49.49
C PHE B 27 -28.96 -26.61 -48.79
N GLN B 28 -30.18 -27.10 -49.12
CA GLN B 28 -31.37 -26.70 -48.39
C GLN B 28 -31.66 -27.70 -47.25
N GLN B 29 -31.25 -28.98 -47.40
CA GLN B 29 -31.49 -30.06 -46.45
C GLN B 29 -30.50 -30.00 -45.27
N GLN B 30 -30.74 -30.86 -44.25
CA GLN B 30 -29.94 -31.08 -43.04
C GLN B 30 -29.46 -29.78 -42.35
N GLN B 31 -30.32 -28.75 -42.34
CA GLN B 31 -30.03 -27.46 -41.75
C GLN B 31 -28.73 -26.83 -42.24
N LEU B 32 -28.38 -27.07 -43.52
CA LEU B 32 -27.14 -26.52 -44.08
C LEU B 32 -27.17 -24.99 -44.17
N PRO B 33 -28.29 -24.27 -44.43
CA PRO B 33 -28.24 -22.80 -44.38
C PRO B 33 -27.89 -22.31 -42.98
N ALA B 34 -28.43 -22.96 -41.93
CA ALA B 34 -28.12 -22.61 -40.55
C ALA B 34 -26.68 -22.98 -40.19
N ALA B 35 -26.15 -24.06 -40.79
CA ALA B 35 -24.78 -24.52 -40.59
C ALA B 35 -23.76 -23.50 -41.08
N MET B 36 -24.05 -22.80 -42.19
CA MET B 36 -23.13 -21.82 -42.75
C MET B 36 -23.20 -20.44 -42.10
N ALA B 37 -24.07 -20.24 -41.09
CA ALA B 37 -24.19 -18.93 -40.44
C ALA B 37 -22.93 -18.50 -39.74
N ASP B 38 -22.67 -17.19 -39.69
CA ASP B 38 -21.48 -16.65 -39.05
C ASP B 38 -21.62 -16.44 -37.56
N THR B 39 -22.85 -16.40 -37.02
CA THR B 39 -23.04 -16.28 -35.58
C THR B 39 -24.03 -17.34 -35.09
N PHE B 40 -24.03 -17.65 -33.78
CA PHE B 40 -24.99 -18.60 -33.23
C PHE B 40 -26.41 -18.02 -33.32
N LEU B 41 -26.57 -16.68 -33.13
CA LEU B 41 -27.85 -16.00 -33.25
C LEU B 41 -28.41 -16.20 -34.67
N GLU B 42 -27.56 -15.97 -35.69
CA GLU B 42 -27.96 -16.15 -37.09
C GLU B 42 -28.27 -17.63 -37.38
N HIS B 43 -27.51 -18.56 -36.75
CA HIS B 43 -27.72 -20.00 -36.86
C HIS B 43 -29.12 -20.36 -36.39
N LEU B 44 -29.54 -19.83 -35.22
CA LEU B 44 -30.89 -20.05 -34.69
C LEU B 44 -31.95 -19.50 -35.64
N CYS B 45 -31.75 -18.27 -36.15
CA CYS B 45 -32.66 -17.61 -37.08
C CYS B 45 -32.86 -18.39 -38.37
N LEU B 46 -31.86 -19.16 -38.79
CA LEU B 46 -31.94 -19.91 -40.04
C LEU B 46 -32.45 -21.35 -39.88
N LEU B 47 -32.79 -21.80 -38.63
CA LEU B 47 -33.32 -23.16 -38.46
C LEU B 47 -34.65 -23.28 -39.20
N ASP B 48 -34.83 -24.37 -39.97
CA ASP B 48 -35.99 -24.50 -40.85
C ASP B 48 -36.70 -25.81 -40.65
N ILE B 49 -37.99 -25.76 -40.31
CA ILE B 49 -38.79 -26.98 -40.15
C ILE B 49 -38.98 -27.75 -41.49
N ASP B 50 -38.77 -27.09 -42.63
CA ASP B 50 -38.84 -27.71 -43.95
C ASP B 50 -37.50 -28.29 -44.42
N SER B 51 -36.41 -28.07 -43.66
CA SER B 51 -35.10 -28.60 -44.01
C SER B 51 -35.03 -29.99 -43.42
N GLU B 52 -35.18 -31.02 -44.24
CA GLU B 52 -35.23 -32.40 -43.79
C GLU B 52 -33.89 -33.00 -43.43
N PRO B 53 -33.84 -33.81 -42.35
CA PRO B 53 -32.58 -34.48 -42.01
C PRO B 53 -32.21 -35.53 -43.07
N VAL B 54 -30.92 -35.65 -43.37
CA VAL B 54 -30.46 -36.61 -44.37
C VAL B 54 -29.57 -37.65 -43.72
N ALA B 55 -28.66 -37.22 -42.82
CA ALA B 55 -27.73 -38.10 -42.13
C ALA B 55 -28.44 -39.15 -41.27
N ALA B 56 -27.74 -40.29 -41.06
CA ALA B 56 -28.21 -41.37 -40.20
C ALA B 56 -28.14 -40.87 -38.76
N ARG B 57 -29.05 -41.34 -37.92
CA ARG B 57 -29.12 -40.90 -36.54
C ARG B 57 -27.90 -41.33 -35.78
N SER B 58 -27.18 -40.35 -35.23
CA SER B 58 -25.92 -40.58 -34.57
C SER B 58 -25.96 -40.70 -33.02
N THR B 59 -27.01 -40.22 -32.33
CA THR B 59 -27.10 -40.35 -30.87
C THR B 59 -27.72 -41.71 -30.59
N SER B 60 -27.03 -42.59 -29.87
CA SER B 60 -27.58 -43.91 -29.56
C SER B 60 -28.74 -43.88 -28.60
N ILE B 61 -29.62 -44.85 -28.77
CA ILE B 61 -30.78 -44.98 -27.90
C ILE B 61 -30.56 -46.19 -27.00
N ILE B 62 -30.68 -45.97 -25.69
CA ILE B 62 -30.60 -47.02 -24.70
C ILE B 62 -32.05 -47.30 -24.28
N ALA B 63 -32.52 -48.54 -24.41
CA ALA B 63 -33.88 -48.89 -24.01
C ALA B 63 -33.82 -49.86 -22.85
N THR B 64 -34.57 -49.58 -21.79
CA THR B 64 -34.60 -50.46 -20.63
C THR B 64 -35.50 -51.65 -20.93
N ILE B 65 -35.01 -52.87 -20.67
CA ILE B 65 -35.78 -54.08 -20.92
C ILE B 65 -36.64 -54.42 -19.71
N GLY B 66 -37.90 -54.74 -19.96
CA GLY B 66 -38.84 -55.13 -18.92
C GLY B 66 -40.03 -55.89 -19.50
N PRO B 67 -41.09 -56.06 -18.70
CA PRO B 67 -42.29 -56.77 -19.20
C PRO B 67 -42.82 -56.33 -20.56
N ALA B 68 -42.74 -55.01 -20.86
CA ALA B 68 -43.27 -54.49 -22.12
C ALA B 68 -42.34 -54.66 -23.33
N SER B 69 -41.09 -55.05 -23.11
CA SER B 69 -40.11 -55.13 -24.18
C SER B 69 -39.21 -56.38 -24.10
N ARG B 70 -39.70 -57.45 -23.45
CA ARG B 70 -38.92 -58.65 -23.22
C ARG B 70 -39.01 -59.74 -24.29
N SER B 71 -40.16 -59.86 -24.97
CA SER B 71 -40.32 -60.89 -25.98
C SER B 71 -39.39 -60.68 -27.18
N VAL B 72 -38.98 -61.78 -27.81
CA VAL B 72 -38.11 -61.76 -28.98
C VAL B 72 -38.74 -60.97 -30.13
N GLU B 73 -40.06 -61.11 -30.33
CA GLU B 73 -40.76 -60.41 -31.41
C GLU B 73 -40.79 -58.91 -31.15
N ARG B 74 -41.00 -58.49 -29.88
CA ARG B 74 -41.03 -57.09 -29.48
C ARG B 74 -39.63 -56.47 -29.62
N LEU B 75 -38.59 -57.23 -29.22
CA LEU B 75 -37.20 -56.82 -29.33
C LEU B 75 -36.76 -56.64 -30.77
N LYS B 76 -37.28 -57.44 -31.72
CA LYS B 76 -36.96 -57.29 -33.15
C LYS B 76 -37.53 -55.96 -33.65
N GLU B 77 -38.75 -55.60 -33.20
CA GLU B 77 -39.36 -54.33 -33.59
C GLU B 77 -38.59 -53.14 -32.99
N MET B 78 -38.07 -53.29 -31.76
CA MET B 78 -37.30 -52.24 -31.12
CA MET B 78 -37.29 -52.23 -31.13
C MET B 78 -35.93 -52.05 -31.78
N ILE B 79 -35.32 -53.14 -32.29
CA ILE B 79 -34.05 -53.06 -32.99
C ILE B 79 -34.30 -52.29 -34.30
N LYS B 80 -35.39 -52.62 -35.02
CA LYS B 80 -35.75 -51.93 -36.27
C LYS B 80 -36.10 -50.45 -36.04
N ALA B 81 -36.69 -50.11 -34.87
CA ALA B 81 -37.03 -48.72 -34.52
C ALA B 81 -35.80 -47.88 -34.17
N GLY B 82 -34.69 -48.53 -33.79
CA GLY B 82 -33.46 -47.82 -33.48
C GLY B 82 -32.75 -48.10 -32.17
N MET B 83 -33.23 -49.06 -31.35
CA MET B 83 -32.54 -49.40 -30.09
C MET B 83 -31.11 -49.91 -30.37
N ASN B 84 -30.12 -49.30 -29.73
CA ASN B 84 -28.73 -49.66 -29.92
C ASN B 84 -28.15 -50.35 -28.71
N ILE B 85 -28.67 -50.02 -27.50
CA ILE B 85 -28.19 -50.58 -26.24
C ILE B 85 -29.38 -51.03 -25.41
N ALA B 86 -29.37 -52.28 -24.95
CA ALA B 86 -30.43 -52.82 -24.11
C ALA B 86 -29.96 -52.71 -22.66
N ARG B 87 -30.74 -52.03 -21.81
CA ARG B 87 -30.38 -51.85 -20.41
C ARG B 87 -31.13 -52.82 -19.52
N LEU B 88 -30.39 -53.54 -18.67
CA LEU B 88 -31.00 -54.47 -17.71
C LEU B 88 -30.89 -53.80 -16.36
N ASN B 89 -32.02 -53.47 -15.76
CA ASN B 89 -32.04 -52.79 -14.47
C ASN B 89 -32.01 -53.82 -13.36
N PHE B 90 -30.84 -54.00 -12.73
CA PHE B 90 -30.69 -54.98 -11.66
C PHE B 90 -31.27 -54.52 -10.31
N SER B 91 -32.02 -53.41 -10.29
CA SER B 91 -32.73 -53.01 -9.08
C SER B 91 -33.95 -53.93 -8.86
N HIS B 92 -34.48 -54.55 -9.94
CA HIS B 92 -35.63 -55.45 -9.90
C HIS B 92 -35.30 -56.71 -10.71
N GLY B 93 -35.94 -57.82 -10.38
CA GLY B 93 -35.76 -59.08 -11.11
C GLY B 93 -34.61 -59.92 -10.65
N SER B 94 -34.76 -61.23 -10.79
CA SER B 94 -33.75 -62.20 -10.38
C SER B 94 -32.70 -62.42 -11.49
N HIS B 95 -31.62 -63.15 -11.17
CA HIS B 95 -30.59 -63.49 -12.14
C HIS B 95 -31.19 -64.33 -13.28
N GLU B 96 -32.13 -65.24 -12.95
CA GLU B 96 -32.81 -66.08 -13.94
C GLU B 96 -33.63 -65.21 -14.91
N TYR B 97 -34.30 -64.18 -14.39
CA TYR B 97 -35.10 -63.24 -15.18
C TYR B 97 -34.19 -62.46 -16.17
N HIS B 98 -33.08 -61.92 -15.65
CA HIS B 98 -32.15 -61.15 -16.48
C HIS B 98 -31.42 -62.00 -17.50
N ALA B 99 -31.13 -63.28 -17.17
CA ALA B 99 -30.48 -64.17 -18.13
C ALA B 99 -31.41 -64.47 -19.31
N GLU B 100 -32.71 -64.58 -19.04
CA GLU B 100 -33.70 -64.81 -20.10
C GLU B 100 -33.83 -63.56 -20.99
N SER B 101 -33.76 -62.36 -20.39
CA SER B 101 -33.81 -61.09 -21.13
C SER B 101 -32.60 -61.02 -22.08
N ILE B 102 -31.38 -61.36 -21.58
CA ILE B 102 -30.17 -61.39 -22.38
C ILE B 102 -30.30 -62.36 -23.56
N ALA B 103 -30.81 -63.58 -23.30
CA ALA B 103 -31.01 -64.59 -24.33
C ALA B 103 -32.01 -64.11 -25.39
N ASN B 104 -33.09 -63.44 -24.97
CA ASN B 104 -34.09 -62.91 -25.90
C ASN B 104 -33.53 -61.78 -26.75
N VAL B 105 -32.68 -60.92 -26.16
CA VAL B 105 -32.03 -59.82 -26.88
C VAL B 105 -31.12 -60.43 -27.94
N ARG B 106 -30.24 -61.36 -27.53
CA ARG B 106 -29.31 -62.04 -28.42
C ARG B 106 -30.00 -62.79 -29.56
N GLU B 107 -31.14 -63.42 -29.27
CA GLU B 107 -31.90 -64.13 -30.31
C GLU B 107 -32.47 -63.15 -31.32
N ALA B 108 -33.03 -62.02 -30.84
CA ALA B 108 -33.57 -60.98 -31.72
C ALA B 108 -32.45 -60.33 -32.58
N VAL B 109 -31.29 -60.06 -31.96
CA VAL B 109 -30.14 -59.45 -32.65
C VAL B 109 -29.60 -60.38 -33.73
N GLU B 110 -29.44 -61.68 -33.40
CA GLU B 110 -28.89 -62.65 -34.34
C GLU B 110 -29.85 -63.06 -35.44
N SER B 111 -31.15 -62.76 -35.32
CA SER B 111 -32.09 -63.04 -36.40
C SER B 111 -31.78 -62.19 -37.67
N PHE B 112 -30.94 -61.14 -37.56
CA PHE B 112 -30.57 -60.29 -38.70
C PHE B 112 -29.12 -60.58 -39.21
N ALA B 113 -28.40 -61.54 -38.60
CA ALA B 113 -27.00 -61.87 -38.95
C ALA B 113 -26.79 -62.48 -40.34
N GLY B 114 -27.88 -62.89 -40.99
CA GLY B 114 -27.82 -63.50 -42.32
C GLY B 114 -27.27 -62.59 -43.39
N SER B 115 -27.42 -61.28 -43.19
CA SER B 115 -26.88 -60.31 -44.12
C SER B 115 -25.86 -59.45 -43.38
N PRO B 116 -24.58 -59.84 -43.44
CA PRO B 116 -23.54 -59.09 -42.73
C PRO B 116 -23.41 -57.61 -43.11
N LEU B 117 -23.79 -57.28 -44.33
CA LEU B 117 -23.73 -55.90 -44.81
C LEU B 117 -24.81 -54.99 -44.17
N SER B 118 -25.80 -55.54 -43.47
CA SER B 118 -26.86 -54.74 -42.85
C SER B 118 -27.12 -55.05 -41.34
N TYR B 119 -26.49 -56.12 -40.81
CA TYR B 119 -26.60 -56.58 -39.42
C TYR B 119 -26.35 -55.44 -38.44
N ARG B 120 -27.19 -55.34 -37.40
CA ARG B 120 -27.05 -54.31 -36.39
C ARG B 120 -26.60 -54.83 -35.06
N PRO B 121 -25.34 -54.56 -34.64
CA PRO B 121 -24.93 -54.99 -33.29
C PRO B 121 -25.72 -54.21 -32.21
N VAL B 122 -26.04 -54.86 -31.08
CA VAL B 122 -26.79 -54.21 -30.00
C VAL B 122 -26.03 -54.51 -28.70
N ALA B 123 -25.63 -53.47 -27.96
CA ALA B 123 -24.89 -53.68 -26.71
C ALA B 123 -25.83 -54.09 -25.57
N ILE B 124 -25.29 -54.80 -24.57
CA ILE B 124 -26.05 -55.19 -23.40
C ILE B 124 -25.41 -54.53 -22.20
N ALA B 125 -26.17 -53.69 -21.50
CA ALA B 125 -25.66 -52.93 -20.36
C ALA B 125 -26.33 -53.37 -19.07
N LEU B 126 -25.54 -53.57 -18.02
CA LEU B 126 -26.06 -53.98 -16.71
C LEU B 126 -26.07 -52.76 -15.82
N ASP B 127 -27.24 -52.36 -15.34
CA ASP B 127 -27.37 -51.20 -14.46
C ASP B 127 -27.47 -51.75 -13.03
N THR B 128 -26.47 -51.47 -12.18
CA THR B 128 -26.43 -52.00 -10.82
C THR B 128 -27.48 -51.40 -9.87
N LYS B 129 -27.84 -52.16 -8.83
CA LYS B 129 -28.80 -51.74 -7.80
C LYS B 129 -28.25 -50.57 -6.99
N GLY B 130 -26.96 -50.59 -6.69
CA GLY B 130 -26.32 -49.51 -5.96
C GLY B 130 -25.91 -49.85 -4.55
N PRO B 131 -25.26 -48.90 -3.87
CA PRO B 131 -24.78 -49.16 -2.49
C PRO B 131 -25.83 -49.10 -1.40
N GLY B 132 -26.95 -48.40 -1.66
CA GLY B 132 -28.00 -48.23 -0.66
C GLY B 132 -27.49 -47.33 0.45
N SER B 133 -27.66 -47.78 1.71
CA SER B 133 -27.16 -46.98 2.84
C SER B 133 -25.67 -47.18 3.14
N GLY B 134 -25.04 -48.16 2.50
CA GLY B 134 -23.64 -48.50 2.71
C GLY B 134 -22.65 -47.52 2.12
N PRO B 135 -21.38 -47.61 2.55
CA PRO B 135 -20.35 -46.70 2.01
C PRO B 135 -19.67 -47.17 0.71
N GLY B 136 -19.42 -48.48 0.60
CA GLY B 136 -18.76 -49.05 -0.56
C GLY B 136 -19.64 -49.93 -1.42
N LEU B 137 -19.01 -50.88 -2.14
CA LEU B 137 -19.72 -51.79 -3.04
C LEU B 137 -20.54 -52.82 -2.26
N SER B 138 -21.85 -52.88 -2.51
CA SER B 138 -22.74 -53.81 -1.83
C SER B 138 -22.50 -55.27 -2.23
N GLU B 139 -22.93 -56.23 -1.38
CA GLU B 139 -22.76 -57.65 -1.68
C GLU B 139 -23.61 -58.08 -2.87
N GLN B 140 -24.80 -57.47 -3.04
CA GLN B 140 -25.64 -57.79 -4.20
C GLN B 140 -24.94 -57.32 -5.48
N ASP B 141 -24.33 -56.13 -5.45
CA ASP B 141 -23.59 -55.61 -6.60
C ASP B 141 -22.43 -56.52 -6.96
N VAL B 142 -21.71 -57.07 -5.98
CA VAL B 142 -20.61 -58.00 -6.27
C VAL B 142 -21.13 -59.24 -7.03
N ARG B 143 -22.29 -59.75 -6.62
CA ARG B 143 -22.89 -60.90 -7.26
C ARG B 143 -23.44 -60.60 -8.66
N ASP B 144 -24.07 -59.44 -8.83
CA ASP B 144 -24.64 -58.99 -10.10
C ASP B 144 -23.53 -58.68 -11.10
N LEU B 145 -22.42 -58.06 -10.65
CA LEU B 145 -21.29 -57.77 -11.52
C LEU B 145 -20.63 -59.06 -11.98
N ARG B 146 -20.55 -60.09 -11.11
CA ARG B 146 -20.02 -61.39 -11.50
C ARG B 146 -20.96 -62.09 -12.49
N PHE B 147 -22.27 -61.91 -12.34
CA PHE B 147 -23.27 -62.42 -13.29
C PHE B 147 -23.03 -61.76 -14.67
N GLY B 148 -22.79 -60.45 -14.67
CA GLY B 148 -22.52 -59.68 -15.89
C GLY B 148 -21.34 -60.21 -16.66
N VAL B 149 -20.23 -60.49 -15.96
CA VAL B 149 -19.03 -61.06 -16.58
C VAL B 149 -19.31 -62.45 -17.15
N GLU B 150 -20.00 -63.28 -16.38
CA GLU B 150 -20.36 -64.64 -16.81
C GLU B 150 -21.29 -64.64 -18.01
N HIS B 151 -22.18 -63.65 -18.11
CA HIS B 151 -23.11 -63.57 -19.22
C HIS B 151 -22.65 -62.65 -20.36
N GLY B 152 -21.40 -62.19 -20.32
CA GLY B 152 -20.80 -61.38 -21.37
C GLY B 152 -21.42 -60.01 -21.64
N VAL B 153 -21.77 -59.26 -20.57
CA VAL B 153 -22.31 -57.91 -20.78
C VAL B 153 -21.20 -56.99 -21.31
N ASP B 154 -21.59 -55.98 -22.08
CA ASP B 154 -20.61 -55.07 -22.67
C ASP B 154 -20.32 -53.86 -21.80
N ILE B 155 -21.32 -53.40 -21.07
CA ILE B 155 -21.25 -52.17 -20.28
C ILE B 155 -21.86 -52.36 -18.90
N VAL B 156 -21.34 -51.62 -17.93
CA VAL B 156 -21.92 -51.53 -16.61
C VAL B 156 -22.28 -50.05 -16.36
N PHE B 157 -23.54 -49.78 -15.98
CA PHE B 157 -23.97 -48.46 -15.54
C PHE B 157 -23.90 -48.57 -14.03
N ALA B 158 -22.83 -48.06 -13.41
CA ALA B 158 -22.61 -48.16 -11.97
C ALA B 158 -23.39 -47.12 -11.20
N SER B 159 -24.39 -47.55 -10.42
CA SER B 159 -25.22 -46.64 -9.63
C SER B 159 -24.51 -45.96 -8.48
N PHE B 160 -24.92 -44.71 -8.20
CA PHE B 160 -24.43 -43.86 -7.12
C PHE B 160 -22.90 -43.80 -6.97
N VAL B 161 -22.20 -43.45 -8.07
CA VAL B 161 -20.75 -43.27 -7.98
C VAL B 161 -20.50 -41.92 -7.32
N ARG B 162 -19.77 -41.91 -6.20
CA ARG B 162 -19.50 -40.70 -5.42
C ARG B 162 -18.04 -40.27 -5.40
N LYS B 163 -17.12 -41.13 -5.84
CA LYS B 163 -15.66 -40.88 -5.84
C LYS B 163 -14.94 -41.92 -6.72
N ALA B 164 -13.65 -41.67 -7.04
CA ALA B 164 -12.85 -42.58 -7.86
C ALA B 164 -12.75 -44.01 -7.29
N SER B 165 -12.68 -44.15 -5.95
CA SER B 165 -12.59 -45.47 -5.33
C SER B 165 -13.83 -46.33 -5.58
N ASP B 166 -14.99 -45.71 -5.83
CA ASP B 166 -16.21 -46.45 -6.15
C ASP B 166 -16.06 -47.15 -7.49
N VAL B 167 -15.44 -46.48 -8.47
CA VAL B 167 -15.26 -47.08 -9.79
C VAL B 167 -14.16 -48.16 -9.70
N ALA B 168 -13.09 -47.95 -8.89
CA ALA B 168 -12.06 -48.97 -8.70
C ALA B 168 -12.66 -50.24 -8.10
N ALA B 169 -13.62 -50.11 -7.17
CA ALA B 169 -14.30 -51.25 -6.56
C ALA B 169 -15.14 -52.00 -7.58
N VAL B 170 -15.80 -51.29 -8.50
CA VAL B 170 -16.60 -51.93 -9.56
C VAL B 170 -15.66 -52.67 -10.51
N ARG B 171 -14.53 -52.04 -10.87
CA ARG B 171 -13.54 -52.64 -11.75
CA ARG B 171 -13.53 -52.64 -11.75
C ARG B 171 -12.95 -53.92 -11.14
N ALA B 172 -12.69 -53.92 -9.81
CA ALA B 172 -12.18 -55.08 -9.09
C ALA B 172 -13.23 -56.22 -9.06
N ALA B 173 -14.50 -55.89 -8.81
CA ALA B 173 -15.56 -56.91 -8.79
C ALA B 173 -15.78 -57.58 -10.15
N LEU B 174 -15.44 -56.89 -11.25
CA LEU B 174 -15.54 -57.49 -12.58
C LEU B 174 -14.46 -58.57 -12.82
N GLY B 175 -13.38 -58.52 -12.03
CA GLY B 175 -12.31 -59.50 -12.10
C GLY B 175 -11.42 -59.39 -13.31
N PRO B 176 -10.54 -60.39 -13.48
CA PRO B 176 -9.62 -60.37 -14.62
C PRO B 176 -10.30 -60.61 -15.95
N GLU B 177 -11.41 -61.37 -15.96
CA GLU B 177 -12.14 -61.67 -17.19
C GLU B 177 -13.02 -60.52 -17.69
N GLY B 178 -13.32 -59.54 -16.85
CA GLY B 178 -14.16 -58.42 -17.23
C GLY B 178 -13.41 -57.12 -17.47
N HIS B 179 -12.12 -57.22 -17.86
CA HIS B 179 -11.30 -56.05 -18.12
C HIS B 179 -11.76 -55.23 -19.34
N GLY B 180 -12.42 -55.89 -20.29
CA GLY B 180 -12.92 -55.25 -21.50
C GLY B 180 -14.28 -54.59 -21.38
N ILE B 181 -14.99 -54.79 -20.25
CA ILE B 181 -16.30 -54.20 -20.02
C ILE B 181 -16.16 -52.70 -19.74
N LYS B 182 -17.00 -51.86 -20.37
CA LYS B 182 -16.95 -50.42 -20.14
C LYS B 182 -17.71 -50.04 -18.88
N ILE B 183 -17.15 -49.16 -18.07
CA ILE B 183 -17.82 -48.69 -16.86
C ILE B 183 -18.29 -47.25 -17.06
N ILE B 184 -19.62 -47.06 -17.05
CA ILE B 184 -20.26 -45.77 -17.14
C ILE B 184 -20.74 -45.42 -15.72
N SER B 185 -20.12 -44.44 -15.08
CA SER B 185 -20.48 -44.04 -13.74
C SER B 185 -21.73 -43.16 -13.73
N LYS B 186 -22.73 -43.54 -12.91
CA LYS B 186 -23.94 -42.77 -12.80
C LYS B 186 -23.75 -41.70 -11.73
N ILE B 187 -23.92 -40.41 -12.10
CA ILE B 187 -23.79 -39.31 -11.14
C ILE B 187 -25.20 -39.02 -10.67
N GLU B 188 -25.49 -39.34 -9.40
CA GLU B 188 -26.84 -39.23 -8.87
C GLU B 188 -26.97 -38.36 -7.62
N ASN B 189 -25.89 -37.71 -7.16
CA ASN B 189 -25.98 -36.90 -5.95
C ASN B 189 -24.97 -35.74 -5.91
N HIS B 190 -25.04 -34.89 -4.88
CA HIS B 190 -24.16 -33.75 -4.76
C HIS B 190 -22.68 -34.11 -4.75
N GLU B 191 -22.28 -35.14 -4.00
CA GLU B 191 -20.88 -35.55 -3.93
C GLU B 191 -20.34 -36.01 -5.29
N GLY B 192 -21.14 -36.75 -6.05
CA GLY B 192 -20.77 -37.18 -7.40
C GLY B 192 -20.52 -36.00 -8.33
N VAL B 193 -21.32 -34.92 -8.19
CA VAL B 193 -21.15 -33.71 -8.99
C VAL B 193 -19.88 -32.97 -8.57
N LYS B 194 -19.66 -32.81 -7.26
CA LYS B 194 -18.46 -32.14 -6.76
C LYS B 194 -17.18 -32.90 -7.05
N ARG B 195 -17.22 -34.24 -7.00
CA ARG B 195 -16.05 -35.06 -7.30
C ARG B 195 -16.04 -35.58 -8.74
N PHE B 196 -16.80 -34.92 -9.65
CA PHE B 196 -16.94 -35.29 -11.05
C PHE B 196 -15.62 -35.54 -11.76
N ASP B 197 -14.67 -34.60 -11.67
CA ASP B 197 -13.40 -34.72 -12.36
C ASP B 197 -12.62 -35.99 -12.02
N GLU B 198 -12.54 -36.35 -10.73
CA GLU B 198 -11.85 -37.57 -10.33
C GLU B 198 -12.59 -38.84 -10.76
N ILE B 199 -13.92 -38.78 -10.85
CA ILE B 199 -14.76 -39.91 -11.29
C ILE B 199 -14.60 -40.13 -12.79
N LEU B 200 -14.66 -39.04 -13.58
CA LEU B 200 -14.53 -39.14 -15.03
C LEU B 200 -13.17 -39.68 -15.42
N GLU B 201 -12.12 -39.21 -14.73
CA GLU B 201 -10.75 -39.64 -15.01
C GLU B 201 -10.57 -41.16 -15.01
N VAL B 202 -11.23 -41.87 -14.09
CA VAL B 202 -11.12 -43.32 -13.99
C VAL B 202 -12.28 -44.10 -14.63
N SER B 203 -13.30 -43.41 -15.15
CA SER B 203 -14.44 -44.09 -15.79
C SER B 203 -14.32 -44.08 -17.30
N ASP B 204 -15.05 -44.97 -17.97
CA ASP B 204 -15.10 -44.95 -19.44
C ASP B 204 -16.07 -43.86 -19.96
N GLY B 205 -17.03 -43.48 -19.13
CA GLY B 205 -18.03 -42.48 -19.44
C GLY B 205 -18.92 -42.20 -18.25
N ILE B 206 -19.93 -41.37 -18.47
CA ILE B 206 -20.81 -40.90 -17.41
C ILE B 206 -22.29 -41.01 -17.80
N MET B 207 -23.14 -41.21 -16.81
CA MET B 207 -24.57 -41.14 -17.01
C MET B 207 -25.09 -40.04 -16.08
N VAL B 208 -25.85 -39.08 -16.64
CA VAL B 208 -26.50 -38.04 -15.84
C VAL B 208 -27.81 -38.71 -15.41
N ALA B 209 -27.82 -39.30 -14.22
CA ALA B 209 -28.96 -40.04 -13.70
C ALA B 209 -29.86 -39.05 -12.99
N ARG B 210 -30.72 -38.39 -13.77
CA ARG B 210 -31.56 -37.28 -13.32
C ARG B 210 -32.64 -37.60 -12.29
N GLY B 211 -33.13 -38.83 -12.25
CA GLY B 211 -34.13 -39.22 -11.27
C GLY B 211 -33.67 -39.01 -9.83
N ASP B 212 -32.58 -39.71 -9.41
CA ASP B 212 -32.04 -39.52 -8.07
C ASP B 212 -31.39 -38.17 -7.94
N LEU B 213 -30.69 -37.68 -8.98
CA LEU B 213 -30.06 -36.36 -8.92
C LEU B 213 -31.05 -35.24 -8.58
N GLY B 214 -32.26 -35.31 -9.16
CA GLY B 214 -33.34 -34.36 -8.94
C GLY B 214 -33.96 -34.40 -7.56
N ILE B 215 -33.65 -35.44 -6.78
CA ILE B 215 -34.11 -35.61 -5.40
C ILE B 215 -32.96 -35.25 -4.44
N GLU B 216 -31.71 -35.53 -4.84
CA GLU B 216 -30.51 -35.27 -4.04
C GLU B 216 -30.11 -33.78 -4.05
N ILE B 217 -30.35 -33.09 -5.18
CA ILE B 217 -30.09 -31.65 -5.29
C ILE B 217 -31.42 -30.95 -5.68
N PRO B 218 -31.57 -29.62 -5.50
CA PRO B 218 -32.82 -28.95 -5.90
C PRO B 218 -33.16 -29.22 -7.36
N ALA B 219 -34.43 -29.52 -7.65
CA ALA B 219 -34.87 -29.86 -9.00
C ALA B 219 -34.49 -28.77 -10.04
N GLU B 220 -34.51 -27.50 -9.62
CA GLU B 220 -34.20 -26.38 -10.51
C GLU B 220 -32.70 -26.27 -10.84
N LYS B 221 -31.84 -27.13 -10.25
CA LYS B 221 -30.40 -27.10 -10.52
C LYS B 221 -29.94 -28.25 -11.39
N VAL B 222 -30.76 -29.28 -11.60
CA VAL B 222 -30.36 -30.46 -12.39
C VAL B 222 -29.84 -30.10 -13.78
N PHE B 223 -30.47 -29.12 -14.47
CA PHE B 223 -30.02 -28.72 -15.81
C PHE B 223 -28.60 -28.19 -15.80
N LEU B 224 -28.17 -27.54 -14.71
CA LEU B 224 -26.79 -27.02 -14.60
C LEU B 224 -25.80 -28.19 -14.52
N ALA B 225 -26.15 -29.22 -13.74
CA ALA B 225 -25.33 -30.40 -13.58
C ALA B 225 -25.28 -31.17 -14.89
N GLN B 226 -26.44 -31.33 -15.57
CA GLN B 226 -26.46 -32.03 -16.85
C GLN B 226 -25.58 -31.31 -17.89
N LYS B 227 -25.75 -30.00 -18.05
CA LYS B 227 -24.99 -29.25 -19.04
C LYS B 227 -23.49 -29.21 -18.73
N MET B 228 -23.13 -29.09 -17.45
CA MET B 228 -21.73 -29.10 -17.02
C MET B 228 -21.07 -30.46 -17.31
N MET B 229 -21.73 -31.57 -16.92
CA MET B 229 -21.19 -32.90 -17.11
C MET B 229 -21.08 -33.26 -18.57
N ILE B 230 -22.08 -32.87 -19.40
CA ILE B 230 -22.00 -33.15 -20.82
C ILE B 230 -20.83 -32.38 -21.43
N GLY B 231 -20.67 -31.12 -21.05
CA GLY B 231 -19.56 -30.30 -21.54
C GLY B 231 -18.20 -30.88 -21.17
N ARG B 232 -18.03 -31.29 -19.90
CA ARG B 232 -16.77 -31.86 -19.44
C ARG B 232 -16.47 -33.22 -20.10
N CYS B 233 -17.49 -34.05 -20.37
CA CYS B 233 -17.31 -35.31 -21.06
C CYS B 233 -16.95 -35.06 -22.51
N ASN B 234 -17.58 -34.06 -23.17
CA ASN B 234 -17.27 -33.69 -24.55
C ASN B 234 -15.81 -33.21 -24.61
N LEU B 235 -15.39 -32.41 -23.65
CA LEU B 235 -14.01 -31.93 -23.59
C LEU B 235 -13.03 -33.11 -23.41
N ALA B 236 -13.35 -34.08 -22.53
CA ALA B 236 -12.52 -35.25 -22.30
C ALA B 236 -12.59 -36.30 -23.42
N GLY B 237 -13.61 -36.21 -24.27
CA GLY B 237 -13.81 -37.17 -25.34
C GLY B 237 -14.31 -38.51 -24.83
N LYS B 238 -15.11 -38.49 -23.73
CA LYS B 238 -15.68 -39.70 -23.16
C LYS B 238 -17.21 -39.71 -23.28
N PRO B 239 -17.82 -40.89 -23.51
CA PRO B 239 -19.28 -40.93 -23.68
C PRO B 239 -20.09 -40.39 -22.51
N VAL B 240 -21.20 -39.70 -22.81
CA VAL B 240 -22.08 -39.19 -21.78
C VAL B 240 -23.53 -39.53 -22.17
N VAL B 241 -24.27 -40.07 -21.22
CA VAL B 241 -25.64 -40.50 -21.39
C VAL B 241 -26.57 -39.56 -20.65
N CYS B 242 -27.65 -39.13 -21.31
CA CYS B 242 -28.68 -38.37 -20.62
C CYS B 242 -29.80 -39.34 -20.31
N ALA B 243 -30.27 -39.37 -19.08
CA ALA B 243 -31.28 -40.35 -18.69
C ALA B 243 -32.39 -39.79 -17.80
N THR B 244 -33.54 -40.51 -17.79
CA THR B 244 -34.72 -40.44 -16.92
C THR B 244 -35.76 -39.39 -17.29
N GLN B 245 -36.99 -39.86 -17.48
CA GLN B 245 -38.20 -39.07 -17.75
C GLN B 245 -38.14 -38.28 -19.04
N MET B 246 -37.30 -38.68 -19.98
CA MET B 246 -37.19 -37.98 -21.24
C MET B 246 -38.50 -37.96 -22.03
N LEU B 247 -39.23 -39.09 -22.06
CA LEU B 247 -40.52 -39.17 -22.73
C LEU B 247 -41.55 -39.84 -21.78
N GLU B 248 -41.47 -39.54 -20.47
CA GLU B 248 -42.27 -40.12 -19.41
C GLU B 248 -43.76 -40.33 -19.74
N SER B 249 -44.45 -39.32 -20.29
CA SER B 249 -45.87 -39.45 -20.59
C SER B 249 -46.19 -40.55 -21.63
N MET B 250 -45.18 -40.96 -22.42
CA MET B 250 -45.36 -42.04 -23.40
C MET B 250 -45.52 -43.43 -22.74
N ILE B 251 -45.43 -43.52 -21.38
CA ILE B 251 -45.71 -44.75 -20.67
C ILE B 251 -47.20 -45.11 -20.88
N THR B 252 -48.11 -44.10 -20.91
CA THR B 252 -49.53 -44.33 -21.11
C THR B 252 -50.10 -43.65 -22.36
N LYS B 253 -49.41 -42.61 -22.89
CA LYS B 253 -49.93 -41.91 -24.05
C LYS B 253 -49.15 -42.17 -25.34
N PRO B 254 -49.82 -42.22 -26.51
CA PRO B 254 -49.10 -42.49 -27.76
C PRO B 254 -48.20 -41.35 -28.26
N ARG B 255 -48.41 -40.12 -27.76
CA ARG B 255 -47.63 -38.94 -28.12
C ARG B 255 -47.06 -38.29 -26.85
N PRO B 256 -45.81 -37.78 -26.91
CA PRO B 256 -45.23 -37.13 -25.72
C PRO B 256 -45.67 -35.67 -25.54
N THR B 257 -45.34 -35.05 -24.39
CA THR B 257 -45.64 -33.63 -24.17
C THR B 257 -44.64 -32.73 -24.93
N ARG B 258 -44.91 -31.42 -25.00
CA ARG B 258 -44.02 -30.46 -25.63
C ARG B 258 -42.71 -30.30 -24.86
N ALA B 259 -42.77 -30.48 -23.53
CA ALA B 259 -41.57 -30.42 -22.69
C ALA B 259 -40.67 -31.64 -22.93
N GLU B 260 -41.26 -32.81 -23.19
CA GLU B 260 -40.53 -34.05 -23.42
C GLU B 260 -39.78 -34.05 -24.72
N THR B 261 -40.42 -33.63 -25.82
CA THR B 261 -39.70 -33.56 -27.10
C THR B 261 -38.55 -32.54 -27.02
N SER B 262 -38.79 -31.44 -26.31
CA SER B 262 -37.83 -30.39 -26.08
C SER B 262 -36.62 -30.93 -25.29
N ASP B 263 -36.88 -31.71 -24.24
CA ASP B 263 -35.86 -32.30 -23.40
C ASP B 263 -34.94 -33.23 -24.22
N VAL B 264 -35.52 -34.09 -25.08
CA VAL B 264 -34.75 -34.97 -25.94
C VAL B 264 -33.87 -34.16 -26.88
N ALA B 265 -34.46 -33.17 -27.55
CA ALA B 265 -33.72 -32.34 -28.49
C ALA B 265 -32.60 -31.58 -27.82
N ASN B 266 -32.86 -31.07 -26.61
CA ASN B 266 -31.88 -30.30 -25.87
C ASN B 266 -30.78 -31.17 -25.31
N ALA B 267 -31.04 -32.45 -24.97
CA ALA B 267 -29.96 -33.34 -24.51
C ALA B 267 -28.97 -33.56 -25.66
N VAL B 268 -29.49 -33.74 -26.89
CA VAL B 268 -28.66 -33.92 -28.07
C VAL B 268 -27.87 -32.64 -28.34
N LEU B 269 -28.56 -31.48 -28.32
CA LEU B 269 -27.90 -30.20 -28.55
C LEU B 269 -26.85 -29.87 -27.48
N ASP B 270 -27.07 -30.30 -26.22
CA ASP B 270 -26.11 -30.13 -25.13
C ASP B 270 -24.80 -30.87 -25.45
N GLY B 271 -24.89 -32.02 -26.14
CA GLY B 271 -23.76 -32.84 -26.56
C GLY B 271 -23.80 -34.28 -26.08
N ALA B 272 -24.97 -34.77 -25.63
CA ALA B 272 -25.07 -36.15 -25.14
C ALA B 272 -24.80 -37.17 -26.24
N ASP B 273 -23.99 -38.19 -25.94
CA ASP B 273 -23.70 -39.26 -26.91
C ASP B 273 -24.87 -40.24 -27.00
N CYS B 274 -25.53 -40.49 -25.87
CA CYS B 274 -26.65 -41.42 -25.77
C CYS B 274 -27.80 -40.77 -25.05
N ILE B 275 -29.01 -41.19 -25.40
CA ILE B 275 -30.25 -40.81 -24.72
C ILE B 275 -30.91 -42.13 -24.26
N MET B 276 -31.66 -42.07 -23.17
CA MET B 276 -32.21 -43.28 -22.58
C MET B 276 -33.71 -43.26 -22.36
N LEU B 277 -34.31 -44.44 -22.38
CA LEU B 277 -35.71 -44.67 -22.06
C LEU B 277 -35.71 -45.68 -20.90
N SER B 278 -36.51 -45.41 -19.86
CA SER B 278 -36.62 -46.30 -18.70
C SER B 278 -38.03 -46.97 -18.67
N GLY B 279 -38.98 -46.42 -17.91
CA GLY B 279 -40.34 -46.94 -17.86
C GLY B 279 -41.02 -46.93 -19.21
N GLU B 280 -40.66 -45.95 -20.07
CA GLU B 280 -41.22 -45.83 -21.42
C GLU B 280 -41.12 -47.13 -22.22
N THR B 281 -40.03 -47.85 -22.04
CA THR B 281 -39.81 -49.12 -22.77
C THR B 281 -39.93 -50.35 -21.84
N ALA B 282 -39.58 -50.23 -20.56
CA ALA B 282 -39.64 -51.34 -19.64
C ALA B 282 -41.08 -51.76 -19.29
N LYS B 283 -41.98 -50.80 -19.04
CA LYS B 283 -43.33 -51.13 -18.63
C LYS B 283 -44.45 -50.42 -19.41
N GLY B 284 -44.11 -49.44 -20.23
CA GLY B 284 -45.12 -48.64 -20.92
C GLY B 284 -45.91 -49.31 -22.01
N ASN B 285 -47.02 -48.70 -22.41
CA ASN B 285 -47.86 -49.24 -23.46
C ASN B 285 -47.34 -48.95 -24.87
N PHE B 286 -46.32 -48.09 -25.02
CA PHE B 286 -45.82 -47.74 -26.34
C PHE B 286 -44.29 -47.84 -26.41
N PRO B 287 -43.66 -49.01 -26.09
CA PRO B 287 -42.19 -49.06 -26.11
C PRO B 287 -41.57 -48.80 -27.48
N VAL B 288 -42.15 -49.37 -28.54
CA VAL B 288 -41.61 -49.20 -29.89
C VAL B 288 -41.78 -47.74 -30.36
N GLU B 289 -42.94 -47.14 -30.07
CA GLU B 289 -43.23 -45.75 -30.44
C GLU B 289 -42.31 -44.78 -29.69
N ALA B 290 -41.94 -45.10 -28.43
CA ALA B 290 -41.02 -44.28 -27.64
C ALA B 290 -39.61 -44.28 -28.28
N VAL B 291 -39.15 -45.45 -28.77
CA VAL B 291 -37.87 -45.58 -29.45
C VAL B 291 -37.93 -44.78 -30.77
N LYS B 292 -39.04 -44.89 -31.53
CA LYS B 292 -39.21 -44.15 -32.79
C LYS B 292 -39.23 -42.64 -32.56
N MET B 293 -39.83 -42.19 -31.46
CA MET B 293 -39.90 -40.77 -31.14
C MET B 293 -38.51 -40.25 -30.79
N GLN B 294 -37.73 -40.98 -29.98
CA GLN B 294 -36.36 -40.55 -29.68
C GLN B 294 -35.51 -40.51 -30.94
N HIS B 295 -35.70 -41.49 -31.85
CA HIS B 295 -34.97 -41.54 -33.12
C HIS B 295 -35.30 -40.31 -33.98
N ALA B 296 -36.61 -40.01 -34.14
CA ALA B 296 -37.07 -38.87 -34.93
C ALA B 296 -36.54 -37.54 -34.39
N ILE B 297 -36.59 -37.32 -33.06
CA ILE B 297 -36.12 -36.08 -32.46
C ILE B 297 -34.59 -35.96 -32.57
N ALA B 298 -33.84 -37.05 -32.26
CA ALA B 298 -32.38 -37.02 -32.34
C ALA B 298 -31.87 -36.65 -33.70
N ARG B 299 -32.50 -37.20 -34.77
CA ARG B 299 -32.12 -36.87 -36.17
C ARG B 299 -32.30 -35.38 -36.46
N GLU B 300 -33.38 -34.79 -35.99
CA GLU B 300 -33.66 -33.38 -36.20
C GLU B 300 -32.67 -32.52 -35.40
N ALA B 301 -32.38 -32.89 -34.15
CA ALA B 301 -31.50 -32.11 -33.27
C ALA B 301 -30.06 -32.20 -33.71
N GLU B 302 -29.63 -33.35 -34.26
CA GLU B 302 -28.25 -33.50 -34.73
C GLU B 302 -27.94 -32.59 -35.89
N ALA B 303 -28.90 -32.41 -36.80
CA ALA B 303 -28.72 -31.51 -37.93
C ALA B 303 -28.70 -30.04 -37.46
N ALA B 304 -29.37 -29.72 -36.35
CA ALA B 304 -29.44 -28.37 -35.78
C ALA B 304 -28.20 -27.99 -34.94
N VAL B 305 -27.23 -28.89 -34.79
CA VAL B 305 -25.99 -28.61 -34.08
C VAL B 305 -25.19 -27.55 -34.86
N TYR B 306 -24.57 -26.57 -34.17
CA TYR B 306 -23.80 -25.53 -34.85
C TYR B 306 -22.34 -26.01 -34.90
N HIS B 307 -22.05 -26.95 -35.83
CA HIS B 307 -20.73 -27.57 -36.00
C HIS B 307 -19.59 -26.60 -36.10
N ARG B 308 -19.79 -25.47 -36.81
CA ARG B 308 -18.75 -24.47 -36.98
C ARG B 308 -18.14 -24.01 -35.66
N GLN B 309 -18.95 -23.64 -34.66
CA GLN B 309 -18.42 -23.21 -33.38
C GLN B 309 -18.02 -24.40 -32.53
N LEU B 310 -18.83 -25.45 -32.52
CA LEU B 310 -18.53 -26.65 -31.73
C LEU B 310 -17.13 -27.23 -32.08
N PHE B 311 -16.81 -27.37 -33.38
CA PHE B 311 -15.52 -27.88 -33.84
C PHE B 311 -14.37 -26.92 -33.46
N GLU B 312 -14.53 -25.61 -33.71
CA GLU B 312 -13.53 -24.60 -33.33
C GLU B 312 -13.25 -24.63 -31.82
N GLU B 313 -14.29 -24.77 -31.00
CA GLU B 313 -14.15 -24.81 -29.56
C GLU B 313 -13.55 -26.10 -29.04
N LEU B 314 -13.88 -27.26 -29.65
CA LEU B 314 -13.27 -28.54 -29.28
C LEU B 314 -11.77 -28.47 -29.61
N ARG B 315 -11.40 -27.84 -30.73
CA ARG B 315 -10.03 -27.62 -31.13
C ARG B 315 -9.28 -26.71 -30.17
N ARG B 316 -9.80 -25.50 -29.91
CA ARG B 316 -9.18 -24.52 -29.02
C ARG B 316 -8.98 -25.07 -27.61
N ALA B 317 -9.98 -25.78 -27.07
CA ALA B 317 -9.92 -26.27 -25.69
C ALA B 317 -9.05 -27.50 -25.52
N ALA B 318 -8.95 -28.34 -26.56
CA ALA B 318 -8.20 -29.57 -26.48
C ALA B 318 -6.73 -29.25 -26.54
N PRO B 319 -5.95 -29.89 -25.65
CA PRO B 319 -4.51 -29.65 -25.66
C PRO B 319 -3.83 -30.28 -26.88
N LEU B 320 -2.61 -29.82 -27.17
CA LEU B 320 -1.82 -30.38 -28.26
C LEU B 320 -1.58 -31.86 -28.00
N SER B 321 -1.55 -32.66 -29.08
CA SER B 321 -1.34 -34.09 -28.90
C SER B 321 -0.22 -34.62 -29.72
N ARG B 322 0.52 -35.56 -29.16
CA ARG B 322 1.59 -36.22 -29.89
C ARG B 322 1.20 -37.68 -30.21
N ASP B 323 -0.08 -38.06 -29.98
CA ASP B 323 -0.58 -39.39 -30.26
C ASP B 323 -1.02 -39.39 -31.71
N PRO B 324 -0.44 -40.24 -32.57
CA PRO B 324 -0.82 -40.23 -33.99
C PRO B 324 -2.29 -40.53 -34.28
N THR B 325 -2.98 -41.30 -33.43
CA THR B 325 -4.40 -41.60 -33.63
C THR B 325 -5.21 -40.31 -33.45
N GLU B 326 -4.87 -39.53 -32.41
CA GLU B 326 -5.49 -38.26 -32.11
C GLU B 326 -5.24 -37.24 -33.24
N VAL B 327 -3.99 -37.13 -33.71
CA VAL B 327 -3.60 -36.22 -34.77
C VAL B 327 -4.27 -36.61 -36.08
N THR B 328 -4.37 -37.92 -36.39
CA THR B 328 -5.05 -38.37 -37.61
C THR B 328 -6.54 -38.08 -37.54
N ALA B 329 -7.16 -38.28 -36.36
CA ALA B 329 -8.57 -38.04 -36.16
C ALA B 329 -8.98 -36.60 -36.46
N ILE B 330 -8.21 -35.59 -35.97
CA ILE B 330 -8.53 -34.19 -36.24
C ILE B 330 -8.30 -33.84 -37.71
N GLY B 331 -7.27 -34.42 -38.33
CA GLY B 331 -7.03 -34.21 -39.74
C GLY B 331 -8.16 -34.75 -40.59
N ALA B 332 -8.68 -35.94 -40.22
CA ALA B 332 -9.77 -36.59 -40.96
C ALA B 332 -11.08 -35.85 -40.81
N VAL B 333 -11.39 -35.35 -39.60
CA VAL B 333 -12.62 -34.60 -39.35
C VAL B 333 -12.56 -33.27 -40.12
N GLU B 334 -11.39 -32.60 -40.14
CA GLU B 334 -11.21 -31.35 -40.89
C GLU B 334 -11.41 -31.61 -42.38
N ALA B 335 -10.84 -32.71 -42.91
CA ALA B 335 -10.97 -33.08 -44.30
C ALA B 335 -12.43 -33.38 -44.66
N ALA B 336 -13.15 -34.05 -43.76
CA ALA B 336 -14.56 -34.37 -43.98
C ALA B 336 -15.42 -33.10 -44.09
N PHE B 337 -15.15 -32.07 -43.25
CA PHE B 337 -15.90 -30.82 -43.31
C PHE B 337 -15.64 -30.08 -44.62
N LYS B 338 -14.38 -30.10 -45.08
CA LYS B 338 -13.96 -29.44 -46.32
C LYS B 338 -14.71 -29.90 -47.56
N CYS B 339 -14.98 -31.21 -47.65
CA CYS B 339 -15.60 -31.76 -48.85
C CYS B 339 -17.03 -32.21 -48.65
N CYS B 340 -17.64 -32.00 -47.46
CA CYS B 340 -18.97 -32.52 -47.15
C CYS B 340 -19.01 -34.02 -47.33
N ALA B 341 -17.97 -34.71 -46.79
CA ALA B 341 -17.85 -36.15 -46.91
C ALA B 341 -19.08 -36.84 -46.33
N ALA B 342 -19.55 -37.86 -47.03
CA ALA B 342 -20.71 -38.61 -46.59
C ALA B 342 -20.34 -39.47 -45.36
N ALA B 343 -19.08 -39.94 -45.27
CA ALA B 343 -18.67 -40.79 -44.16
C ALA B 343 -17.13 -40.76 -43.95
N ILE B 344 -16.71 -41.18 -42.75
CA ILE B 344 -15.34 -41.44 -42.41
C ILE B 344 -15.31 -42.94 -42.10
N ILE B 345 -14.58 -43.74 -42.88
CA ILE B 345 -14.49 -45.18 -42.64
C ILE B 345 -13.22 -45.43 -41.84
N VAL B 346 -13.34 -46.06 -40.68
CA VAL B 346 -12.16 -46.29 -39.83
C VAL B 346 -12.04 -47.77 -39.46
N LEU B 347 -10.81 -48.29 -39.44
CA LEU B 347 -10.55 -49.67 -39.00
C LEU B 347 -10.19 -49.56 -37.53
N THR B 348 -10.85 -50.38 -36.70
CA THR B 348 -10.60 -50.31 -35.26
C THR B 348 -10.68 -51.67 -34.61
N THR B 349 -9.77 -51.89 -33.65
CA THR B 349 -9.73 -53.13 -32.92
C THR B 349 -10.57 -53.02 -31.66
N THR B 350 -10.31 -51.97 -30.86
CA THR B 350 -10.98 -51.72 -29.58
C THR B 350 -12.10 -50.68 -29.65
N GLY B 351 -12.19 -49.94 -30.75
CA GLY B 351 -13.14 -48.85 -30.92
C GLY B 351 -12.50 -47.48 -30.69
N ARG B 352 -11.26 -47.42 -30.15
CA ARG B 352 -10.57 -46.19 -29.81
C ARG B 352 -10.39 -45.22 -30.99
N SER B 353 -9.99 -45.68 -32.17
CA SER B 353 -9.83 -44.79 -33.32
C SER B 353 -11.15 -44.14 -33.72
N ALA B 354 -12.25 -44.89 -33.63
CA ALA B 354 -13.57 -44.36 -33.95
C ALA B 354 -13.99 -43.33 -32.84
N GLN B 355 -13.68 -43.62 -31.58
CA GLN B 355 -13.98 -42.72 -30.46
C GLN B 355 -13.24 -41.39 -30.61
N LEU B 356 -11.98 -41.42 -31.08
CA LEU B 356 -11.23 -40.18 -31.27
C LEU B 356 -11.74 -39.35 -32.44
N LEU B 357 -12.40 -39.99 -33.43
CA LEU B 357 -13.02 -39.24 -34.53
C LEU B 357 -14.31 -38.58 -33.99
N SER B 358 -15.11 -39.38 -33.25
CA SER B 358 -16.36 -39.02 -32.62
C SER B 358 -16.25 -37.78 -31.67
N ARG B 359 -15.11 -37.62 -30.95
CA ARG B 359 -14.92 -36.50 -30.03
C ARG B 359 -14.91 -35.12 -30.70
N TYR B 360 -14.60 -35.06 -32.02
CA TYR B 360 -14.63 -33.79 -32.75
C TYR B 360 -15.97 -33.49 -33.38
N ARG B 361 -16.99 -34.33 -33.14
CA ARG B 361 -18.34 -34.19 -33.59
C ARG B 361 -18.46 -33.92 -35.09
N PRO B 362 -17.93 -34.81 -35.95
CA PRO B 362 -18.09 -34.59 -37.39
C PRO B 362 -19.56 -34.75 -37.79
N ARG B 363 -19.94 -34.08 -38.85
CA ARG B 363 -21.28 -34.27 -39.40
C ARG B 363 -21.29 -35.63 -40.17
N ALA B 364 -20.16 -36.00 -40.83
CA ALA B 364 -19.99 -37.27 -41.54
C ALA B 364 -20.11 -38.44 -40.55
N ALA B 365 -20.83 -39.49 -40.96
CA ALA B 365 -20.99 -40.70 -40.18
C ALA B 365 -19.63 -41.39 -40.03
N VAL B 366 -19.33 -41.94 -38.84
CA VAL B 366 -18.08 -42.65 -38.62
C VAL B 366 -18.40 -44.14 -38.75
N ILE B 367 -18.08 -44.74 -39.90
CA ILE B 367 -18.33 -46.16 -40.14
C ILE B 367 -17.13 -46.95 -39.59
N ALA B 368 -17.32 -47.65 -38.48
CA ALA B 368 -16.21 -48.38 -37.84
C ALA B 368 -16.20 -49.85 -38.21
N VAL B 369 -15.16 -50.30 -38.96
CA VAL B 369 -15.03 -51.71 -39.37
C VAL B 369 -14.16 -52.44 -38.36
N THR B 370 -14.73 -53.43 -37.71
CA THR B 370 -14.02 -54.17 -36.68
C THR B 370 -14.29 -55.67 -36.77
N ARG B 371 -13.34 -56.49 -36.30
CA ARG B 371 -13.51 -57.94 -36.20
C ARG B 371 -14.05 -58.32 -34.80
N SER B 372 -13.88 -57.43 -33.78
CA SER B 372 -14.36 -57.65 -32.43
C SER B 372 -15.86 -57.37 -32.31
N ALA B 373 -16.64 -58.42 -32.00
CA ALA B 373 -18.08 -58.28 -31.81
C ALA B 373 -18.38 -57.40 -30.58
N GLN B 374 -17.55 -57.49 -29.53
CA GLN B 374 -17.74 -56.67 -28.34
C GLN B 374 -17.48 -55.20 -28.63
N ALA B 375 -16.39 -54.87 -29.35
CA ALA B 375 -16.10 -53.48 -29.72
C ALA B 375 -17.21 -52.92 -30.61
N ALA B 376 -17.77 -53.75 -31.49
CA ALA B 376 -18.88 -53.35 -32.36
C ALA B 376 -20.09 -52.94 -31.52
N ARG B 377 -20.35 -53.65 -30.42
CA ARG B 377 -21.47 -53.31 -29.54
C ARG B 377 -21.15 -52.07 -28.70
N GLN B 378 -19.94 -52.01 -28.15
CA GLN B 378 -19.54 -50.92 -27.27
C GLN B 378 -19.40 -49.55 -27.94
N VAL B 379 -19.05 -49.49 -29.25
CA VAL B 379 -18.89 -48.18 -29.91
C VAL B 379 -20.22 -47.43 -30.07
N HIS B 380 -21.38 -48.06 -29.72
CA HIS B 380 -22.66 -47.36 -29.71
C HIS B 380 -22.65 -46.25 -28.62
N LEU B 381 -21.74 -46.32 -27.63
CA LEU B 381 -21.62 -45.29 -26.61
C LEU B 381 -21.11 -43.95 -27.20
N CYS B 382 -20.44 -43.98 -28.36
CA CYS B 382 -19.85 -42.80 -28.98
C CYS B 382 -20.71 -42.30 -30.08
N ARG B 383 -21.11 -41.00 -29.98
CA ARG B 383 -21.98 -40.40 -30.98
C ARG B 383 -21.42 -40.48 -32.38
N GLY B 384 -22.25 -40.92 -33.32
CA GLY B 384 -21.88 -40.94 -34.72
C GLY B 384 -21.08 -42.12 -35.18
N VAL B 385 -20.88 -43.11 -34.32
CA VAL B 385 -20.15 -44.31 -34.71
C VAL B 385 -21.14 -45.41 -35.11
N PHE B 386 -21.03 -45.89 -36.37
CA PHE B 386 -21.86 -46.93 -36.95
C PHE B 386 -21.01 -48.20 -37.12
N PRO B 387 -21.17 -49.16 -36.21
CA PRO B 387 -20.32 -50.37 -36.26
C PRO B 387 -20.65 -51.41 -37.33
N LEU B 388 -19.61 -51.92 -37.99
CA LEU B 388 -19.73 -52.97 -38.99
C LEU B 388 -18.86 -54.13 -38.53
N LEU B 389 -19.49 -55.26 -38.27
CA LEU B 389 -18.77 -56.45 -37.84
C LEU B 389 -18.25 -57.23 -39.08
N TYR B 390 -16.92 -57.31 -39.24
CA TYR B 390 -16.23 -58.00 -40.34
C TYR B 390 -16.01 -59.46 -39.91
N ARG B 391 -16.64 -60.41 -40.62
CA ARG B 391 -16.58 -61.81 -40.25
C ARG B 391 -15.56 -62.65 -41.07
N GLU B 392 -15.02 -62.11 -42.17
CA GLU B 392 -14.07 -62.83 -43.01
C GLU B 392 -12.71 -63.12 -42.35
N PRO B 393 -12.15 -64.30 -42.65
CA PRO B 393 -10.83 -64.63 -42.09
C PRO B 393 -9.71 -63.81 -42.72
N PRO B 394 -8.58 -63.62 -42.01
CA PRO B 394 -7.50 -62.78 -42.55
C PRO B 394 -6.89 -63.23 -43.87
N GLU B 395 -6.55 -62.25 -44.72
CA GLU B 395 -5.84 -62.48 -45.99
C GLU B 395 -4.37 -62.79 -45.66
N ALA B 396 -3.64 -63.40 -46.60
CA ALA B 396 -2.22 -63.73 -46.37
C ALA B 396 -1.39 -62.44 -46.24
N ILE B 397 -1.62 -61.47 -47.11
CA ILE B 397 -0.92 -60.20 -47.07
C ILE B 397 -1.75 -59.18 -46.27
N TRP B 398 -1.18 -58.65 -45.17
CA TRP B 398 -1.85 -57.69 -44.29
C TRP B 398 -2.43 -56.48 -45.03
N ALA B 399 -1.66 -55.87 -45.96
CA ALA B 399 -2.13 -54.73 -46.75
C ALA B 399 -3.40 -55.05 -47.55
N ASP B 400 -3.53 -56.30 -48.04
CA ASP B 400 -4.73 -56.72 -48.77
C ASP B 400 -5.91 -56.91 -47.82
N ASP B 401 -5.65 -57.41 -46.60
CA ASP B 401 -6.67 -57.62 -45.60
C ASP B 401 -7.28 -56.27 -45.21
N VAL B 402 -6.41 -55.24 -45.03
CA VAL B 402 -6.78 -53.87 -44.70
C VAL B 402 -7.68 -53.31 -45.81
N ASP B 403 -7.26 -53.45 -47.08
CA ASP B 403 -8.03 -52.99 -48.24
C ASP B 403 -9.38 -53.67 -48.37
N ARG B 404 -9.46 -54.96 -48.04
CA ARG B 404 -10.73 -55.67 -48.08
C ARG B 404 -11.70 -55.14 -47.04
N ARG B 405 -11.19 -54.79 -45.85
CA ARG B 405 -12.04 -54.23 -44.80
C ARG B 405 -12.54 -52.83 -45.18
N VAL B 406 -11.69 -52.02 -45.84
CA VAL B 406 -12.08 -50.70 -46.31
C VAL B 406 -13.17 -50.83 -47.37
N GLN B 407 -12.98 -51.76 -48.34
CA GLN B 407 -13.96 -52.03 -49.39
C GLN B 407 -15.26 -52.57 -48.84
N PHE B 408 -15.21 -53.36 -47.76
CA PHE B 408 -16.38 -53.88 -47.05
C PHE B 408 -17.17 -52.69 -46.48
N GLY B 409 -16.47 -51.70 -45.91
CA GLY B 409 -17.08 -50.50 -45.36
C GLY B 409 -17.77 -49.69 -46.43
N ILE B 410 -17.12 -49.56 -47.62
CA ILE B 410 -17.65 -48.84 -48.77
C ILE B 410 -18.87 -49.56 -49.36
N GLU B 411 -18.77 -50.88 -49.55
CA GLU B 411 -19.87 -51.64 -50.10
C GLU B 411 -21.06 -51.68 -49.19
N SER B 412 -20.81 -51.85 -47.88
CA SER B 412 -21.89 -51.80 -46.90
C SER B 412 -22.49 -50.39 -46.86
N GLY B 413 -21.66 -49.37 -46.92
CA GLY B 413 -22.08 -47.98 -46.93
C GLY B 413 -22.94 -47.64 -48.14
N LYS B 414 -22.64 -48.22 -49.31
CA LYS B 414 -23.41 -47.99 -50.53
C LYS B 414 -24.76 -48.68 -50.45
N LEU B 415 -24.76 -49.97 -50.06
CA LEU B 415 -25.98 -50.74 -49.88
C LEU B 415 -26.83 -50.14 -48.76
N ARG B 416 -26.23 -49.57 -47.71
CA ARG B 416 -26.99 -48.99 -46.61
C ARG B 416 -27.44 -47.53 -46.83
N GLY B 417 -27.16 -46.96 -47.98
CA GLY B 417 -27.57 -45.59 -48.28
C GLY B 417 -26.68 -44.49 -47.73
N PHE B 418 -25.65 -44.85 -46.94
CA PHE B 418 -24.70 -43.87 -46.42
C PHE B 418 -23.87 -43.25 -47.55
N LEU B 419 -23.55 -44.05 -48.57
CA LEU B 419 -22.71 -43.64 -49.68
C LEU B 419 -23.37 -43.86 -51.02
N ARG B 420 -23.07 -42.94 -51.92
CA ARG B 420 -23.53 -42.92 -53.31
C ARG B 420 -22.31 -42.73 -54.24
N VAL B 421 -22.45 -43.10 -55.52
CA VAL B 421 -21.40 -42.86 -56.49
C VAL B 421 -21.18 -41.33 -56.64
N GLY B 422 -19.93 -40.90 -56.63
CA GLY B 422 -19.60 -39.48 -56.69
C GLY B 422 -19.28 -38.89 -55.32
N ASP B 423 -19.69 -39.57 -54.23
CA ASP B 423 -19.41 -39.09 -52.87
C ASP B 423 -17.91 -39.15 -52.56
N LEU B 424 -17.46 -38.29 -51.66
CA LEU B 424 -16.11 -38.37 -51.14
C LEU B 424 -16.21 -38.99 -49.75
N VAL B 425 -15.29 -39.89 -49.44
CA VAL B 425 -15.21 -40.52 -48.12
C VAL B 425 -13.76 -40.37 -47.62
N ILE B 426 -13.62 -40.27 -46.31
CA ILE B 426 -12.33 -40.18 -45.68
C ILE B 426 -12.06 -41.56 -45.09
N VAL B 427 -10.88 -42.15 -45.34
CA VAL B 427 -10.57 -43.47 -44.81
C VAL B 427 -9.42 -43.39 -43.81
N VAL B 428 -9.62 -43.93 -42.61
CA VAL B 428 -8.65 -43.88 -41.52
C VAL B 428 -8.14 -45.31 -41.18
N THR B 429 -6.82 -45.54 -41.37
CA THR B 429 -6.17 -46.85 -41.12
C THR B 429 -4.82 -46.64 -40.35
N GLY B 430 -4.09 -47.73 -40.06
CA GLY B 430 -2.81 -47.68 -39.37
C GLY B 430 -1.67 -48.28 -40.19
N TRP B 431 -0.43 -48.14 -39.69
CA TRP B 431 0.75 -48.60 -40.41
C TRP B 431 1.17 -50.05 -40.11
N ARG B 432 0.60 -50.66 -39.06
CA ARG B 432 0.92 -52.05 -38.69
C ARG B 432 -0.25 -52.71 -37.95
N PRO B 433 -0.30 -54.06 -37.89
CA PRO B 433 -1.43 -54.72 -37.19
C PRO B 433 -1.45 -54.42 -35.70
N GLY B 434 -2.57 -54.68 -35.07
CA GLY B 434 -2.76 -54.43 -33.66
C GLY B 434 -3.28 -53.03 -33.35
N SER B 435 -3.84 -52.89 -32.15
CA SER B 435 -4.41 -51.66 -31.63
C SER B 435 -3.36 -50.59 -31.34
N GLY B 436 -3.71 -49.32 -31.56
CA GLY B 436 -2.86 -48.19 -31.21
C GLY B 436 -1.95 -47.61 -32.29
N TYR B 437 -2.09 -48.07 -33.54
CA TYR B 437 -1.20 -47.61 -34.60
C TYR B 437 -1.86 -46.85 -35.74
N THR B 438 -3.08 -46.31 -35.53
CA THR B 438 -3.75 -45.51 -36.57
C THR B 438 -2.93 -44.24 -36.84
N ASN B 439 -2.63 -43.95 -38.10
CA ASN B 439 -1.83 -42.78 -38.47
C ASN B 439 -2.04 -42.36 -39.91
N ILE B 440 -3.02 -42.95 -40.63
CA ILE B 440 -3.22 -42.63 -42.04
C ILE B 440 -4.64 -42.15 -42.33
N MET B 441 -4.74 -41.11 -43.16
CA MET B 441 -6.01 -40.58 -43.62
CA MET B 441 -6.00 -40.52 -43.62
C MET B 441 -5.95 -40.45 -45.15
N ARG B 442 -6.96 -40.99 -45.85
CA ARG B 442 -7.00 -40.94 -47.32
C ARG B 442 -8.33 -40.38 -47.81
N VAL B 443 -8.31 -39.60 -48.89
CA VAL B 443 -9.51 -39.05 -49.48
C VAL B 443 -9.84 -39.94 -50.68
N LEU B 444 -11.00 -40.59 -50.66
CA LEU B 444 -11.40 -41.49 -51.75
CA LEU B 444 -11.39 -41.50 -51.73
C LEU B 444 -12.71 -41.08 -52.39
N SER B 445 -12.80 -41.20 -53.72
CA SER B 445 -14.00 -40.86 -54.46
C SER B 445 -14.76 -42.17 -54.70
N ILE B 446 -16.06 -42.20 -54.39
CA ILE B 446 -16.85 -43.41 -54.56
C ILE B 446 -17.22 -43.66 -56.03
N SER B 447 -16.81 -44.81 -56.58
CA SER B 447 -17.11 -45.15 -57.97
C SER B 447 -18.21 -46.23 -58.08
N GLU C 21 -30.85 8.78 -45.59
CA GLU C 21 -30.47 9.58 -44.43
C GLU C 21 -28.99 10.01 -44.51
N LEU C 22 -28.09 9.09 -44.92
CA LEU C 22 -26.65 9.40 -45.09
C LEU C 22 -26.22 9.23 -46.56
N GLY C 23 -26.81 8.25 -47.24
CA GLY C 23 -26.51 7.97 -48.64
C GLY C 23 -25.43 6.94 -48.86
N THR C 24 -25.41 6.35 -50.07
CA THR C 24 -24.41 5.36 -50.48
C THR C 24 -23.02 5.98 -50.61
N ALA C 25 -22.94 7.28 -50.97
CA ALA C 25 -21.67 7.99 -51.10
C ALA C 25 -20.91 8.00 -49.79
N PHE C 26 -21.63 8.20 -48.66
CA PHE C 26 -21.05 8.22 -47.33
C PHE C 26 -20.37 6.87 -47.03
N PHE C 27 -21.04 5.77 -47.38
CA PHE C 27 -20.52 4.44 -47.09
C PHE C 27 -19.45 3.95 -48.08
N GLN C 28 -19.06 4.74 -49.07
CA GLN C 28 -17.96 4.38 -49.96
C GLN C 28 -16.63 5.01 -49.49
N GLN C 29 -16.70 6.16 -48.80
CA GLN C 29 -15.56 6.92 -48.26
C GLN C 29 -15.02 6.31 -46.96
N GLN C 30 -13.86 6.84 -46.48
CA GLN C 30 -13.14 6.51 -45.26
C GLN C 30 -13.04 4.98 -44.98
N GLN C 31 -12.82 4.19 -46.04
CA GLN C 31 -12.70 2.73 -45.98
C GLN C 31 -13.86 2.06 -45.25
N LEU C 32 -15.08 2.61 -45.37
CA LEU C 32 -16.24 2.04 -44.70
C LEU C 32 -16.59 0.62 -45.21
N PRO C 33 -16.45 0.25 -46.50
CA PRO C 33 -16.65 -1.17 -46.88
C PRO C 33 -15.68 -2.10 -46.14
N ALA C 34 -14.39 -1.71 -46.01
CA ALA C 34 -13.40 -2.51 -45.26
C ALA C 34 -13.70 -2.51 -43.75
N ALA C 35 -14.27 -1.42 -43.22
CA ALA C 35 -14.67 -1.31 -41.83
C ALA C 35 -15.75 -2.30 -41.44
N MET C 36 -16.69 -2.58 -42.37
CA MET C 36 -17.79 -3.52 -42.10
C MET C 36 -17.43 -4.98 -42.26
N ALA C 37 -16.20 -5.31 -42.70
CA ALA C 37 -15.80 -6.70 -42.91
C ALA C 37 -15.86 -7.55 -41.66
N ASP C 38 -16.18 -8.83 -41.82
CA ASP C 38 -16.30 -9.75 -40.68
C ASP C 38 -14.99 -10.39 -40.26
N THR C 39 -13.95 -10.33 -41.11
CA THR C 39 -12.63 -10.85 -40.72
C THR C 39 -11.56 -9.82 -41.07
N PHE C 40 -10.37 -9.93 -40.45
CA PHE C 40 -9.27 -9.03 -40.77
C PHE C 40 -8.77 -9.30 -42.21
N LEU C 41 -8.77 -10.57 -42.65
CA LEU C 41 -8.40 -10.94 -44.02
C LEU C 41 -9.34 -10.23 -45.02
N GLU C 42 -10.67 -10.29 -44.78
CA GLU C 42 -11.66 -9.62 -45.63
C GLU C 42 -11.49 -8.10 -45.57
N HIS C 43 -11.14 -7.56 -44.40
CA HIS C 43 -10.88 -6.13 -44.20
C HIS C 43 -9.74 -5.69 -45.11
N LEU C 44 -8.64 -6.48 -45.17
CA LEU C 44 -7.51 -6.15 -46.03
C LEU C 44 -7.93 -6.18 -47.50
N CYS C 45 -8.68 -7.23 -47.91
CA CYS C 45 -9.16 -7.41 -49.27
C CYS C 45 -10.03 -6.27 -49.74
N LEU C 46 -10.74 -5.59 -48.81
CA LEU C 46 -11.66 -4.50 -49.15
C LEU C 46 -11.03 -3.11 -49.11
N LEU C 47 -9.73 -2.99 -48.79
CA LEU C 47 -9.08 -1.67 -48.75
C LEU C 47 -9.09 -1.09 -50.17
N ASP C 48 -9.48 0.19 -50.30
CA ASP C 48 -9.66 0.79 -51.60
C ASP C 48 -8.90 2.09 -51.73
N ILE C 49 -7.99 2.16 -52.72
CA ILE C 49 -7.22 3.38 -52.98
C ILE C 49 -8.11 4.57 -53.42
N ASP C 50 -9.34 4.28 -53.92
CA ASP C 50 -10.28 5.32 -54.33
C ASP C 50 -11.20 5.76 -53.18
N SER C 51 -11.16 5.10 -52.02
CA SER C 51 -12.00 5.46 -50.88
C SER C 51 -11.26 6.58 -50.13
N GLU C 52 -11.72 7.83 -50.29
CA GLU C 52 -11.04 8.98 -49.73
C GLU C 52 -11.27 9.19 -48.24
N PRO C 53 -10.19 9.57 -47.50
CA PRO C 53 -10.36 9.85 -46.07
C PRO C 53 -11.24 11.10 -45.87
N VAL C 54 -12.09 11.07 -44.84
CA VAL C 54 -12.96 12.21 -44.58
C VAL C 54 -12.66 12.82 -43.24
N ALA C 55 -12.42 11.99 -42.22
CA ALA C 55 -12.11 12.46 -40.88
C ALA C 55 -10.80 13.26 -40.82
N ALA C 56 -10.70 14.15 -39.81
CA ALA C 56 -9.48 14.92 -39.56
C ALA C 56 -8.36 13.95 -39.10
N ARG C 57 -7.11 14.28 -39.44
CA ARG C 57 -5.96 13.46 -39.07
C ARG C 57 -5.82 13.41 -37.56
N SER C 58 -5.86 12.21 -36.98
CA SER C 58 -5.85 11.99 -35.55
C SER C 58 -4.49 11.64 -34.90
N THR C 59 -3.48 11.21 -35.68
CA THR C 59 -2.15 10.90 -35.12
C THR C 59 -1.36 12.19 -35.13
N SER C 60 -0.92 12.67 -33.98
CA SER C 60 -0.16 13.93 -33.91
C SER C 60 1.22 13.82 -34.53
N ILE C 61 1.69 14.93 -35.09
CA ILE C 61 3.00 15.00 -35.69
C ILE C 61 3.91 15.82 -34.77
N ILE C 62 5.06 15.23 -34.40
CA ILE C 62 6.08 15.90 -33.60
C ILE C 62 7.18 16.29 -34.58
N ALA C 63 7.54 17.58 -34.66
CA ALA C 63 8.61 18.00 -35.56
C ALA C 63 9.77 18.54 -34.73
N THR C 64 10.98 18.08 -34.99
CA THR C 64 12.16 18.57 -34.28
C THR C 64 12.57 19.93 -34.82
N ILE C 65 12.76 20.91 -33.94
CA ILE C 65 13.15 22.27 -34.32
C ILE C 65 14.66 22.37 -34.43
N GLY C 66 15.13 22.94 -35.51
CA GLY C 66 16.55 23.15 -35.75
C GLY C 66 16.79 24.23 -36.78
N PRO C 67 18.02 24.33 -37.32
CA PRO C 67 18.31 25.38 -38.32
C PRO C 67 17.32 25.48 -39.49
N ALA C 68 16.80 24.33 -39.96
CA ALA C 68 15.87 24.30 -41.09
C ALA C 68 14.43 24.65 -40.74
N SER C 69 14.09 24.77 -39.47
CA SER C 69 12.71 25.01 -39.05
C SER C 69 12.58 25.98 -37.88
N ARG C 70 13.56 26.85 -37.69
CA ARG C 70 13.58 27.77 -36.56
C ARG C 70 12.93 29.14 -36.75
N SER C 71 12.94 29.65 -37.99
CA SER C 71 12.35 30.97 -38.24
C SER C 71 10.84 30.97 -38.05
N VAL C 72 10.28 32.11 -37.62
CA VAL C 72 8.85 32.28 -37.39
C VAL C 72 8.06 32.00 -38.67
N GLU C 73 8.59 32.41 -39.83
CA GLU C 73 7.90 32.19 -41.09
C GLU C 73 7.86 30.71 -41.48
N ARG C 74 8.95 30.00 -41.24
CA ARG C 74 9.05 28.57 -41.51
C ARG C 74 8.13 27.79 -40.56
N LEU C 75 8.07 28.21 -39.27
CA LEU C 75 7.23 27.60 -38.25
C LEU C 75 5.74 27.78 -38.54
N LYS C 76 5.35 28.92 -39.16
CA LYS C 76 3.95 29.15 -39.57
C LYS C 76 3.58 28.15 -40.66
N GLU C 77 4.49 27.89 -41.61
CA GLU C 77 4.23 26.93 -42.68
C GLU C 77 4.12 25.50 -42.12
N MET C 78 4.93 25.18 -41.09
CA MET C 78 4.89 23.87 -40.46
CA MET C 78 4.89 23.87 -40.46
C MET C 78 3.63 23.66 -39.63
N ILE C 79 3.10 24.74 -39.03
CA ILE C 79 1.86 24.66 -38.26
C ILE C 79 0.73 24.40 -39.26
N LYS C 80 0.72 25.08 -40.42
CA LYS C 80 -0.29 24.89 -41.46
C LYS C 80 -0.21 23.50 -42.06
N ALA C 81 0.99 22.93 -42.17
CA ALA C 81 1.17 21.60 -42.71
C ALA C 81 0.71 20.48 -41.73
N GLY C 82 0.57 20.80 -40.44
CA GLY C 82 0.10 19.84 -39.47
C GLY C 82 0.94 19.57 -38.23
N MET C 83 2.05 20.29 -38.00
CA MET C 83 2.86 20.10 -36.80
C MET C 83 2.04 20.41 -35.55
N ASN C 84 1.94 19.44 -34.61
CA ASN C 84 1.17 19.61 -33.36
C ASN C 84 2.07 19.77 -32.14
N ILE C 85 3.31 19.21 -32.21
CA ILE C 85 4.26 19.26 -31.11
C ILE C 85 5.62 19.64 -31.67
N ALA C 86 6.26 20.64 -31.05
CA ALA C 86 7.60 21.07 -31.44
C ALA C 86 8.59 20.41 -30.47
N ARG C 87 9.56 19.70 -31.01
CA ARG C 87 10.56 19.05 -30.18
C ARG C 87 11.85 19.83 -30.14
N LEU C 88 12.35 20.14 -28.92
CA LEU C 88 13.65 20.82 -28.75
C LEU C 88 14.65 19.77 -28.30
N ASN C 89 15.65 19.49 -29.11
CA ASN C 89 16.64 18.49 -28.80
C ASN C 89 17.77 19.10 -27.99
N PHE C 90 17.77 18.88 -26.66
CA PHE C 90 18.80 19.46 -25.80
C PHE C 90 20.15 18.73 -25.86
N SER C 91 20.33 17.80 -26.82
CA SER C 91 21.63 17.19 -27.05
C SER C 91 22.58 18.21 -27.70
N HIS C 92 22.04 19.24 -28.40
CA HIS C 92 22.82 20.29 -29.06
C HIS C 92 22.18 21.66 -28.75
N GLY C 93 22.98 22.71 -28.79
CA GLY C 93 22.46 24.06 -28.59
C GLY C 93 22.43 24.51 -27.15
N SER C 94 22.58 25.81 -26.94
CA SER C 94 22.60 26.41 -25.62
C SER C 94 21.18 26.73 -25.13
N HIS C 95 21.06 27.11 -23.86
CA HIS C 95 19.79 27.55 -23.30
C HIS C 95 19.25 28.76 -24.03
N GLU C 96 20.14 29.69 -24.43
CA GLU C 96 19.78 30.90 -25.17
C GLU C 96 19.21 30.54 -26.54
N TYR C 97 19.80 29.53 -27.21
CA TYR C 97 19.34 29.06 -28.52
C TYR C 97 17.94 28.44 -28.39
N HIS C 98 17.73 27.55 -27.40
CA HIS C 98 16.44 26.91 -27.19
C HIS C 98 15.35 27.88 -26.74
N ALA C 99 15.72 28.90 -25.95
CA ALA C 99 14.73 29.91 -25.53
C ALA C 99 14.22 30.70 -26.74
N GLU C 100 15.10 30.97 -27.72
CA GLU C 100 14.72 31.66 -28.94
C GLU C 100 13.82 30.78 -29.79
N SER C 101 14.09 29.45 -29.84
CA SER C 101 13.25 28.50 -30.57
C SER C 101 11.83 28.49 -29.96
N ILE C 102 11.72 28.45 -28.61
CA ILE C 102 10.44 28.50 -27.91
C ILE C 102 9.67 29.80 -28.22
N ALA C 103 10.37 30.94 -28.16
CA ALA C 103 9.76 32.23 -28.48
C ALA C 103 9.25 32.26 -29.92
N ASN C 104 10.02 31.72 -30.87
CA ASN C 104 9.63 31.67 -32.29
C ASN C 104 8.44 30.76 -32.50
N VAL C 105 8.37 29.62 -31.78
CA VAL C 105 7.23 28.70 -31.88
C VAL C 105 5.99 29.42 -31.37
N ARG C 106 6.06 30.00 -30.16
CA ARG C 106 4.95 30.72 -29.55
C ARG C 106 4.46 31.89 -30.40
N GLU C 107 5.40 32.62 -31.05
CA GLU C 107 5.02 33.73 -31.94
C GLU C 107 4.30 33.20 -33.17
N ALA C 108 4.79 32.13 -33.78
CA ALA C 108 4.14 31.53 -34.94
C ALA C 108 2.74 31.00 -34.59
N VAL C 109 2.58 30.34 -33.41
CA VAL C 109 1.31 29.80 -32.95
C VAL C 109 0.30 30.93 -32.72
N GLU C 110 0.74 32.02 -32.03
CA GLU C 110 -0.15 33.13 -31.72
C GLU C 110 -0.49 34.03 -32.92
N SER C 111 0.24 33.91 -34.04
CA SER C 111 -0.11 34.67 -35.23
C SER C 111 -1.47 34.24 -35.84
N PHE C 112 -2.00 33.08 -35.43
CA PHE C 112 -3.29 32.58 -35.90
C PHE C 112 -4.39 32.76 -34.84
N ALA C 113 -4.11 33.42 -33.69
CA ALA C 113 -5.10 33.61 -32.62
C ALA C 113 -6.32 34.49 -33.00
N GLY C 114 -6.25 35.18 -34.14
CA GLY C 114 -7.38 35.99 -34.61
C GLY C 114 -8.40 35.16 -35.39
N SER C 115 -7.91 34.21 -36.22
CA SER C 115 -8.77 33.32 -37.02
C SER C 115 -9.07 31.98 -36.31
N PRO C 116 -10.33 31.78 -35.85
CA PRO C 116 -10.67 30.54 -35.12
C PRO C 116 -10.54 29.26 -35.94
N LEU C 117 -10.72 29.37 -37.25
CA LEU C 117 -10.61 28.25 -38.19
C LEU C 117 -9.16 27.75 -38.31
N SER C 118 -8.16 28.63 -38.07
CA SER C 118 -6.75 28.26 -38.17
C SER C 118 -5.96 28.20 -36.84
N TYR C 119 -6.47 28.84 -35.75
CA TYR C 119 -5.74 28.79 -34.47
C TYR C 119 -5.76 27.37 -33.90
N ARG C 120 -4.58 26.85 -33.55
CA ARG C 120 -4.44 25.55 -32.94
C ARG C 120 -3.34 25.55 -31.88
N PRO C 121 -3.60 24.93 -30.72
CA PRO C 121 -2.53 24.82 -29.71
C PRO C 121 -1.38 23.97 -30.24
N VAL C 122 -0.11 24.32 -29.90
CA VAL C 122 1.07 23.57 -30.34
C VAL C 122 1.90 23.27 -29.10
N ALA C 123 2.12 21.99 -28.76
CA ALA C 123 2.86 21.67 -27.54
C ALA C 123 4.37 21.86 -27.73
N ILE C 124 5.08 22.14 -26.65
CA ILE C 124 6.54 22.26 -26.68
C ILE C 124 7.12 21.13 -25.82
N ALA C 125 7.91 20.29 -26.43
CA ALA C 125 8.52 19.16 -25.76
C ALA C 125 10.05 19.33 -25.67
N LEU C 126 10.61 19.08 -24.48
CA LEU C 126 12.06 19.16 -24.26
C LEU C 126 12.60 17.74 -24.28
N ASP C 127 13.51 17.44 -25.19
CA ASP C 127 14.12 16.12 -25.28
C ASP C 127 15.49 16.24 -24.60
N THR C 128 15.69 15.53 -23.48
CA THR C 128 16.92 15.60 -22.71
C THR C 128 18.14 14.96 -23.40
N LYS C 129 19.35 15.42 -23.03
CA LYS C 129 20.62 14.90 -23.54
C LYS C 129 20.84 13.47 -23.08
N GLY C 130 20.49 13.16 -21.84
CA GLY C 130 20.60 11.82 -21.33
C GLY C 130 21.67 11.65 -20.27
N PRO C 131 21.75 10.43 -19.69
CA PRO C 131 22.74 10.18 -18.62
C PRO C 131 24.17 10.00 -19.13
N GLY C 134 26.95 7.63 -17.47
CA GLY C 134 26.91 8.08 -16.09
C GLY C 134 25.85 7.39 -15.25
N PRO C 135 26.05 7.40 -13.91
CA PRO C 135 25.09 6.75 -13.00
C PRO C 135 23.67 7.38 -13.01
N GLY C 136 23.32 8.25 -12.04
CA GLY C 136 21.99 8.87 -11.97
C GLY C 136 21.70 9.91 -13.03
N LEU C 137 20.83 10.88 -12.72
CA LEU C 137 20.49 11.96 -13.64
C LEU C 137 21.70 12.89 -13.80
N SER C 138 22.11 13.18 -15.04
CA SER C 138 23.28 14.03 -15.26
C SER C 138 23.07 15.49 -14.81
N GLU C 139 24.17 16.23 -14.57
CA GLU C 139 24.11 17.64 -14.13
C GLU C 139 23.45 18.48 -15.22
N GLN C 140 23.79 18.21 -16.48
CA GLN C 140 23.22 18.97 -17.59
C GLN C 140 21.72 18.74 -17.65
N ASP C 141 21.25 17.49 -17.46
CA ASP C 141 19.82 17.20 -17.45
C ASP C 141 19.10 17.92 -16.33
N VAL C 142 19.71 18.04 -15.12
CA VAL C 142 19.08 18.78 -14.03
C VAL C 142 18.88 20.26 -14.43
N ARG C 143 19.87 20.83 -15.11
CA ARG C 143 19.82 22.21 -15.53
C ARG C 143 18.83 22.43 -16.66
N ASP C 144 18.78 21.51 -17.63
CA ASP C 144 17.88 21.57 -18.77
C ASP C 144 16.42 21.37 -18.33
N LEU C 145 16.16 20.43 -17.40
CA LEU C 145 14.83 20.21 -16.87
C LEU C 145 14.34 21.44 -16.09
N ARG C 146 15.24 22.11 -15.34
CA ARG C 146 14.91 23.34 -14.63
C ARG C 146 14.55 24.45 -15.66
N PHE C 147 15.32 24.52 -16.76
CA PHE C 147 15.07 25.45 -17.86
C PHE C 147 13.66 25.22 -18.44
N GLY C 148 13.30 23.94 -18.62
CA GLY C 148 12.00 23.53 -19.13
C GLY C 148 10.85 24.03 -18.28
N VAL C 149 10.97 23.90 -16.95
CA VAL C 149 9.97 24.38 -16.01
C VAL C 149 9.88 25.91 -16.07
N GLU C 150 11.02 26.59 -16.09
CA GLU C 150 11.06 28.05 -16.16
C GLU C 150 10.48 28.58 -17.45
N HIS C 151 10.66 27.86 -18.55
CA HIS C 151 10.11 28.29 -19.84
C HIS C 151 8.74 27.68 -20.19
N GLY C 152 8.11 26.99 -19.25
CA GLY C 152 6.77 26.41 -19.39
C GLY C 152 6.59 25.35 -20.46
N VAL C 153 7.56 24.41 -20.59
CA VAL C 153 7.40 23.32 -21.55
C VAL C 153 6.25 22.41 -21.11
N ASP C 154 5.65 21.74 -22.07
CA ASP C 154 4.50 20.89 -21.80
C ASP C 154 4.88 19.45 -21.50
N ILE C 155 5.92 18.97 -22.18
CA ILE C 155 6.35 17.58 -22.17
C ILE C 155 7.86 17.46 -22.07
N VAL C 156 8.33 16.37 -21.49
CA VAL C 156 9.72 16.02 -21.47
C VAL C 156 9.84 14.64 -22.14
N PHE C 157 10.72 14.49 -23.12
CA PHE C 157 11.05 13.21 -23.72
C PHE C 157 12.36 12.84 -22.99
N ALA C 158 12.29 11.98 -21.97
CA ALA C 158 13.46 11.63 -21.15
C ALA C 158 14.31 10.57 -21.83
N SER C 159 15.54 10.94 -22.21
CA SER C 159 16.44 10.02 -22.90
C SER C 159 16.99 8.90 -22.04
N PHE C 160 17.19 7.73 -22.68
CA PHE C 160 17.75 6.52 -22.10
C PHE C 160 17.14 6.11 -20.76
N VAL C 161 15.80 5.97 -20.70
CA VAL C 161 15.17 5.51 -19.47
C VAL C 161 15.37 4.00 -19.42
N ARG C 162 15.94 3.49 -18.31
CA ARG C 162 16.24 2.06 -18.18
C ARG C 162 15.48 1.37 -17.07
N LYS C 163 14.90 2.14 -16.13
CA LYS C 163 14.21 1.62 -14.97
C LYS C 163 13.30 2.71 -14.37
N ALA C 164 12.39 2.31 -13.46
CA ALA C 164 11.46 3.23 -12.81
C ALA C 164 12.16 4.38 -12.07
N SER C 165 13.31 4.11 -11.41
CA SER C 165 14.06 5.14 -10.67
C SER C 165 14.59 6.26 -11.57
N ASP C 166 14.81 5.97 -12.86
CA ASP C 166 15.21 7.01 -13.82
C ASP C 166 14.07 8.01 -14.01
N VAL C 167 12.81 7.53 -14.07
CA VAL C 167 11.63 8.37 -14.21
C VAL C 167 11.43 9.17 -12.94
N ALA C 168 11.61 8.54 -11.75
CA ALA C 168 11.46 9.24 -10.48
C ALA C 168 12.46 10.41 -10.38
N ALA C 169 13.70 10.21 -10.90
CA ALA C 169 14.72 11.23 -10.86
C ALA C 169 14.36 12.41 -11.77
N VAL C 170 13.79 12.14 -12.95
CA VAL C 170 13.34 13.19 -13.86
C VAL C 170 12.17 13.94 -13.22
N ARG C 171 11.24 13.22 -12.62
CA ARG C 171 10.09 13.79 -11.93
C ARG C 171 10.53 14.72 -10.78
N ALA C 172 11.53 14.30 -9.99
CA ALA C 172 12.10 15.11 -8.90
C ALA C 172 12.78 16.38 -9.46
N ALA C 173 13.44 16.28 -10.64
CA ALA C 173 14.08 17.46 -11.26
C ALA C 173 13.05 18.47 -11.80
N LEU C 174 11.80 18.03 -12.05
CA LEU C 174 10.74 18.96 -12.44
C LEU C 174 10.27 19.84 -11.23
N GLY C 175 10.98 19.70 -10.12
CA GLY C 175 11.00 20.56 -8.95
C GLY C 175 9.65 20.77 -8.39
N PRO C 176 9.47 21.95 -7.78
CA PRO C 176 8.14 22.22 -7.19
C PRO C 176 7.10 22.73 -8.20
N GLU C 177 7.53 23.44 -9.25
CA GLU C 177 6.62 24.06 -10.18
C GLU C 177 6.27 23.26 -11.42
N GLY C 178 6.93 22.14 -11.69
CA GLY C 178 6.69 21.40 -12.92
C GLY C 178 6.01 20.05 -12.84
N HIS C 179 5.24 19.78 -11.78
CA HIS C 179 4.53 18.50 -11.66
C HIS C 179 3.51 18.24 -12.77
N GLY C 180 2.99 19.28 -13.40
CA GLY C 180 2.02 19.14 -14.47
C GLY C 180 2.63 18.74 -15.81
N ILE C 181 3.96 18.77 -15.95
CA ILE C 181 4.63 18.42 -17.19
C ILE C 181 4.56 16.90 -17.41
N LYS C 182 4.24 16.47 -18.64
CA LYS C 182 4.15 15.06 -18.95
C LYS C 182 5.54 14.48 -19.20
N ILE C 183 5.82 13.29 -18.68
CA ILE C 183 7.09 12.64 -18.91
C ILE C 183 6.88 11.46 -19.82
N ILE C 184 7.46 11.53 -21.02
CA ILE C 184 7.46 10.48 -22.00
C ILE C 184 8.85 9.82 -21.96
N SER C 185 8.93 8.58 -21.45
CA SER C 185 10.21 7.89 -21.33
C SER C 185 10.66 7.33 -22.67
N LYS C 186 11.89 7.62 -23.08
CA LYS C 186 12.43 7.11 -24.32
C LYS C 186 13.06 5.76 -24.04
N ILE C 187 12.62 4.71 -24.76
CA ILE C 187 13.18 3.38 -24.60
C ILE C 187 14.19 3.25 -25.71
N GLU C 188 15.48 3.22 -25.36
CA GLU C 188 16.58 3.23 -26.33
C GLU C 188 17.55 2.08 -26.20
N ASN C 189 17.32 1.12 -25.29
CA ASN C 189 18.28 0.02 -25.12
C ASN C 189 17.64 -1.27 -24.60
N HIS C 190 18.41 -2.36 -24.51
CA HIS C 190 17.91 -3.66 -24.05
C HIS C 190 17.28 -3.61 -22.69
N GLU C 191 17.93 -2.94 -21.73
CA GLU C 191 17.39 -2.85 -20.36
C GLU C 191 16.04 -2.13 -20.31
N GLY C 192 15.89 -1.05 -21.07
CA GLY C 192 14.63 -0.31 -21.16
C GLY C 192 13.51 -1.19 -21.70
N VAL C 193 13.81 -2.07 -22.67
CA VAL C 193 12.82 -3.00 -23.22
C VAL C 193 12.45 -4.05 -22.17
N LYS C 194 13.45 -4.64 -21.49
CA LYS C 194 13.18 -5.65 -20.47
C LYS C 194 12.46 -5.08 -19.23
N ARG C 195 12.77 -3.85 -18.85
CA ARG C 195 12.11 -3.22 -17.71
C ARG C 195 10.95 -2.31 -18.13
N PHE C 196 10.41 -2.50 -19.35
CA PHE C 196 9.31 -1.72 -19.91
C PHE C 196 8.12 -1.54 -18.98
N ASP C 197 7.59 -2.62 -18.40
CA ASP C 197 6.41 -2.54 -17.57
C ASP C 197 6.57 -1.61 -16.38
N GLU C 198 7.72 -1.70 -15.68
CA GLU C 198 7.95 -0.83 -14.53
C GLU C 198 8.15 0.63 -14.94
N ILE C 199 8.69 0.87 -16.15
CA ILE C 199 8.92 2.21 -16.68
C ILE C 199 7.56 2.84 -17.06
N LEU C 200 6.72 2.11 -17.80
CA LEU C 200 5.41 2.59 -18.25
C LEU C 200 4.53 2.92 -17.05
N GLU C 201 4.55 2.08 -16.01
CA GLU C 201 3.74 2.28 -14.80
C GLU C 201 3.93 3.66 -14.17
N VAL C 202 5.16 4.18 -14.17
CA VAL C 202 5.46 5.47 -13.56
C VAL C 202 5.60 6.63 -14.58
N SER C 203 5.51 6.36 -15.88
CA SER C 203 5.62 7.39 -16.92
C SER C 203 4.23 7.80 -17.42
N ASP C 204 4.15 8.98 -18.05
CA ASP C 204 2.91 9.40 -18.70
C ASP C 204 2.73 8.73 -20.07
N GLY C 205 3.82 8.33 -20.69
CA GLY C 205 3.83 7.69 -21.98
C GLY C 205 5.22 7.25 -22.36
N ILE C 206 5.38 6.75 -23.59
CA ILE C 206 6.62 6.16 -24.08
C ILE C 206 6.99 6.63 -25.47
N MET C 207 8.30 6.71 -25.74
CA MET C 207 8.78 6.97 -27.07
C MET C 207 9.64 5.78 -27.49
N VAL C 208 9.32 5.16 -28.66
CA VAL C 208 10.13 4.10 -29.22
C VAL C 208 11.23 4.83 -29.97
N ALA C 209 12.37 5.04 -29.30
CA ALA C 209 13.50 5.80 -29.84
C ALA C 209 14.36 4.85 -30.65
N ARG C 210 13.95 4.59 -31.90
CA ARG C 210 14.55 3.61 -32.79
C ARG C 210 15.99 3.83 -33.21
N GLY C 211 16.47 5.06 -33.22
CA GLY C 211 17.87 5.35 -33.57
C GLY C 211 18.85 4.63 -32.65
N ASP C 212 18.84 4.95 -31.34
CA ASP C 212 19.72 4.29 -30.40
C ASP C 212 19.31 2.84 -30.19
N LEU C 213 17.99 2.55 -30.18
CA LEU C 213 17.52 1.18 -29.99
C LEU C 213 18.07 0.22 -31.07
N GLY C 214 18.15 0.70 -32.32
CA GLY C 214 18.68 -0.05 -33.45
C GLY C 214 20.18 -0.27 -33.44
N ILE C 215 20.90 0.41 -32.52
CA ILE C 215 22.35 0.25 -32.30
C ILE C 215 22.57 -0.62 -31.04
N GLU C 216 21.70 -0.49 -30.03
CA GLU C 216 21.77 -1.22 -28.77
C GLU C 216 21.31 -2.66 -28.88
N ILE C 217 20.32 -2.92 -29.75
CA ILE C 217 19.84 -4.27 -30.02
C ILE C 217 20.00 -4.55 -31.55
N PRO C 218 19.99 -5.81 -32.00
CA PRO C 218 20.10 -6.08 -33.44
C PRO C 218 19.03 -5.33 -34.24
N ALA C 219 19.42 -4.74 -35.37
CA ALA C 219 18.53 -3.95 -36.19
C ALA C 219 17.26 -4.71 -36.61
N GLU C 220 17.39 -6.02 -36.84
CA GLU C 220 16.26 -6.86 -37.25
C GLU C 220 15.25 -7.14 -36.13
N LYS C 221 15.52 -6.69 -34.89
CA LYS C 221 14.61 -6.90 -33.78
C LYS C 221 13.83 -5.66 -33.38
N VAL C 222 14.21 -4.46 -33.89
CA VAL C 222 13.55 -3.21 -33.50
C VAL C 222 12.04 -3.23 -33.72
N PHE C 223 11.56 -3.83 -34.84
CA PHE C 223 10.12 -3.90 -35.11
C PHE C 223 9.35 -4.66 -34.03
N LEU C 224 9.97 -5.68 -33.41
CA LEU C 224 9.33 -6.45 -32.34
C LEU C 224 9.17 -5.58 -31.11
N ALA C 225 10.21 -4.79 -30.78
CA ALA C 225 10.18 -3.89 -29.64
C ALA C 225 9.15 -2.78 -29.88
N GLN C 226 9.11 -2.23 -31.10
CA GLN C 226 8.15 -1.19 -31.42
C GLN C 226 6.71 -1.70 -31.28
N LYS C 227 6.41 -2.85 -31.89
CA LYS C 227 5.06 -3.39 -31.86
C LYS C 227 4.64 -3.80 -30.48
N MET C 228 5.58 -4.37 -29.68
CA MET C 228 5.29 -4.76 -28.29
C MET C 228 4.95 -3.53 -27.43
N MET C 229 5.79 -2.49 -27.50
CA MET C 229 5.60 -1.28 -26.70
C MET C 229 4.35 -0.53 -27.08
N ILE C 230 4.04 -0.47 -28.38
CA ILE C 230 2.79 0.18 -28.83
C ILE C 230 1.59 -0.59 -28.29
N GLY C 231 1.63 -1.92 -28.39
CA GLY C 231 0.55 -2.76 -27.88
C GLY C 231 0.31 -2.56 -26.39
N ARG C 232 1.40 -2.57 -25.60
CA ARG C 232 1.33 -2.39 -24.16
C ARG C 232 0.85 -1.01 -23.76
N CYS C 233 1.24 0.04 -24.49
CA CYS C 233 0.78 1.39 -24.23
C CYS C 233 -0.69 1.52 -24.58
N ASN C 234 -1.13 0.89 -25.69
CA ASN C 234 -2.55 0.90 -26.09
C ASN C 234 -3.37 0.22 -25.01
N LEU C 235 -2.90 -0.92 -24.49
CA LEU C 235 -3.58 -1.65 -23.43
C LEU C 235 -3.66 -0.79 -22.17
N ALA C 236 -2.56 -0.12 -21.80
CA ALA C 236 -2.52 0.76 -20.60
C ALA C 236 -3.28 2.11 -20.79
N GLY C 237 -3.58 2.48 -22.02
CA GLY C 237 -4.24 3.75 -22.32
C GLY C 237 -3.30 4.93 -22.18
N LYS C 238 -2.00 4.73 -22.44
CA LYS C 238 -0.99 5.79 -22.32
C LYS C 238 -0.39 6.14 -23.68
N PRO C 239 -0.12 7.43 -23.93
CA PRO C 239 0.45 7.79 -25.24
C PRO C 239 1.76 7.10 -25.62
N VAL C 240 1.89 6.78 -26.93
CA VAL C 240 3.11 6.15 -27.42
C VAL C 240 3.50 6.85 -28.70
N VAL C 241 4.79 7.20 -28.81
CA VAL C 241 5.36 7.90 -29.95
C VAL C 241 6.25 6.96 -30.75
N CYS C 242 6.10 6.93 -32.08
CA CYS C 242 7.04 6.21 -32.91
C CYS C 242 8.02 7.25 -33.48
N ALA C 243 9.33 6.99 -33.38
CA ALA C 243 10.32 7.99 -33.78
C ALA C 243 11.49 7.41 -34.56
N THR C 244 12.17 8.27 -35.32
CA THR C 244 13.48 8.17 -35.99
C THR C 244 13.48 7.47 -37.32
N GLN C 245 14.01 8.19 -38.32
CA GLN C 245 14.20 7.77 -39.70
C GLN C 245 12.91 7.40 -40.42
N MET C 246 11.76 7.90 -39.97
CA MET C 246 10.50 7.59 -40.61
C MET C 246 10.44 8.05 -42.06
N LEU C 247 10.98 9.25 -42.36
CA LEU C 247 11.04 9.79 -43.72
C LEU C 247 12.47 10.30 -43.99
N GLU C 248 13.51 9.57 -43.48
CA GLU C 248 14.91 9.93 -43.55
C GLU C 248 15.41 10.50 -44.88
N SER C 249 15.09 9.82 -46.02
CA SER C 249 15.53 10.29 -47.33
C SER C 249 15.03 11.70 -47.67
N MET C 250 13.94 12.17 -47.02
CA MET C 250 13.42 13.52 -47.23
C MET C 250 14.35 14.63 -46.66
N ILE C 251 15.45 14.27 -45.99
CA ILE C 251 16.44 15.24 -45.54
C ILE C 251 17.09 15.91 -46.80
N THR C 252 17.31 15.14 -47.87
CA THR C 252 17.90 15.64 -49.11
C THR C 252 16.98 15.50 -50.35
N LYS C 253 15.98 14.60 -50.31
CA LYS C 253 15.10 14.39 -51.47
C LYS C 253 13.67 14.91 -51.24
N PRO C 254 13.00 15.45 -52.29
CA PRO C 254 11.64 15.99 -52.09
C PRO C 254 10.54 14.95 -51.86
N ARG C 255 10.81 13.69 -52.21
CA ARG C 255 9.86 12.58 -52.07
C ARG C 255 10.52 11.46 -51.26
N PRO C 256 9.73 10.77 -50.42
CA PRO C 256 10.31 9.67 -49.62
C PRO C 256 10.37 8.35 -50.39
N THR C 257 11.05 7.34 -49.80
CA THR C 257 11.09 6.02 -50.43
C THR C 257 9.76 5.25 -50.16
N ARG C 258 9.54 4.13 -50.83
CA ARG C 258 8.37 3.30 -50.60
C ARG C 258 8.39 2.68 -49.21
N ALA C 259 9.59 2.41 -48.66
CA ALA C 259 9.74 1.86 -47.32
C ALA C 259 9.38 2.89 -46.26
N GLU C 260 9.69 4.15 -46.51
CA GLU C 260 9.40 5.25 -45.59
C GLU C 260 7.92 5.53 -45.45
N THR C 261 7.18 5.62 -46.57
CA THR C 261 5.74 5.83 -46.49
C THR C 261 5.07 4.63 -45.80
N SER C 262 5.55 3.43 -46.06
CA SER C 262 5.08 2.20 -45.47
C SER C 262 5.31 2.22 -43.94
N ASP C 263 6.50 2.68 -43.51
CA ASP C 263 6.85 2.77 -42.09
C ASP C 263 5.91 3.71 -41.34
N VAL C 264 5.60 4.89 -41.92
CA VAL C 264 4.67 5.83 -41.31
C VAL C 264 3.28 5.20 -41.19
N ALA C 265 2.80 4.57 -42.27
CA ALA C 265 1.48 3.95 -42.28
C ALA C 265 1.39 2.81 -41.28
N ASN C 266 2.47 2.02 -41.18
CA ASN C 266 2.50 0.89 -40.27
C ASN C 266 2.63 1.33 -38.83
N ALA C 267 3.28 2.48 -38.52
CA ALA C 267 3.34 2.96 -37.13
C ALA C 267 1.93 3.33 -36.67
N VAL C 268 1.14 3.96 -37.55
CA VAL C 268 -0.25 4.33 -37.27
C VAL C 268 -1.09 3.05 -37.08
N LEU C 269 -0.98 2.10 -38.02
CA LEU C 269 -1.70 0.83 -37.93
C LEU C 269 -1.30 -0.01 -36.70
N ASP C 270 -0.03 0.08 -36.25
CA ASP C 270 0.44 -0.57 -35.02
C ASP C 270 -0.34 -0.05 -33.81
N GLY C 271 -0.65 1.25 -33.81
CA GLY C 271 -1.39 1.91 -32.74
C GLY C 271 -0.71 3.12 -32.14
N ALA C 272 0.32 3.67 -32.82
CA ALA C 272 1.04 4.84 -32.29
C ALA C 272 0.14 6.07 -32.21
N ASP C 273 0.21 6.79 -31.08
CA ASP C 273 -0.56 8.02 -30.90
C ASP C 273 0.08 9.17 -31.65
N CYS C 274 1.44 9.21 -31.68
CA CYS C 274 2.22 10.26 -32.32
C CYS C 274 3.27 9.64 -33.20
N ILE C 275 3.61 10.37 -34.25
CA ILE C 275 4.70 10.05 -35.17
C ILE C 275 5.66 11.25 -35.15
N MET C 276 6.95 11.01 -35.36
CA MET C 276 7.94 12.06 -35.23
C MET C 276 8.84 12.23 -36.44
N LEU C 277 9.36 13.45 -36.59
CA LEU C 277 10.36 13.82 -37.58
C LEU C 277 11.56 14.40 -36.80
N SER C 278 12.77 13.96 -37.14
CA SER C 278 13.98 14.46 -36.47
C SER C 278 14.82 15.31 -37.45
N GLY C 279 15.84 14.72 -38.11
CA GLY C 279 16.65 15.42 -39.09
C GLY C 279 15.81 15.95 -40.25
N GLU C 280 14.70 15.28 -40.57
CA GLU C 280 13.79 15.69 -41.65
C GLU C 280 13.32 17.14 -41.49
N THR C 281 13.04 17.59 -40.26
CA THR C 281 12.58 18.95 -40.03
C THR C 281 13.66 19.83 -39.34
N ALA C 282 14.58 19.22 -38.58
CA ALA C 282 15.63 19.98 -37.90
C ALA C 282 16.70 20.52 -38.85
N LYS C 283 17.15 19.71 -39.82
CA LYS C 283 18.26 20.11 -40.69
C LYS C 283 18.06 19.86 -42.18
N GLY C 284 17.06 19.10 -42.57
CA GLY C 284 16.85 18.78 -43.97
C GLY C 284 16.40 19.94 -44.84
N ASN C 285 16.38 19.71 -46.16
CA ASN C 285 15.99 20.70 -47.17
C ASN C 285 14.49 20.77 -47.41
N PHE C 286 13.70 19.80 -46.87
CA PHE C 286 12.26 19.79 -47.10
C PHE C 286 11.46 19.61 -45.79
N PRO C 287 11.66 20.48 -44.75
CA PRO C 287 10.93 20.27 -43.49
C PRO C 287 9.42 20.33 -43.61
N VAL C 288 8.88 21.30 -44.37
CA VAL C 288 7.44 21.46 -44.54
C VAL C 288 6.85 20.30 -45.32
N GLU C 289 7.54 19.85 -46.37
CA GLU C 289 7.09 18.73 -47.19
C GLU C 289 7.07 17.43 -46.40
N ALA C 290 8.04 17.25 -45.46
CA ALA C 290 8.10 16.08 -44.59
C ALA C 290 6.87 16.05 -43.66
N VAL C 291 6.46 17.22 -43.13
CA VAL C 291 5.28 17.30 -42.28
C VAL C 291 4.03 16.97 -43.09
N LYS C 292 3.95 17.50 -44.33
CA LYS C 292 2.80 17.25 -45.21
C LYS C 292 2.68 15.78 -45.56
N MET C 293 3.81 15.11 -45.79
CA MET C 293 3.83 13.70 -46.13
C MET C 293 3.34 12.86 -44.95
N GLN C 294 3.80 13.15 -43.73
CA GLN C 294 3.32 12.42 -42.55
C GLN C 294 1.81 12.64 -42.35
N HIS C 295 1.34 13.88 -42.59
CA HIS C 295 -0.09 14.20 -42.47
C HIS C 295 -0.92 13.37 -43.48
N ALA C 296 -0.49 13.36 -44.75
CA ALA C 296 -1.19 12.64 -45.82
C ALA C 296 -1.25 11.12 -45.55
N ILE C 297 -0.12 10.51 -45.13
CA ILE C 297 -0.10 9.08 -44.83
C ILE C 297 -0.94 8.72 -43.60
N ALA C 298 -0.79 9.50 -42.50
CA ALA C 298 -1.57 9.23 -41.30
C ALA C 298 -3.08 9.21 -41.53
N ARG C 299 -3.63 10.16 -42.31
CA ARG C 299 -5.08 10.18 -42.61
C ARG C 299 -5.51 8.90 -43.33
N GLU C 300 -4.71 8.45 -44.27
CA GLU C 300 -5.00 7.24 -45.02
C GLU C 300 -4.94 6.01 -44.13
N ALA C 301 -3.91 5.93 -43.25
CA ALA C 301 -3.74 4.79 -42.37
C ALA C 301 -4.80 4.73 -41.30
N GLU C 302 -5.26 5.89 -40.80
CA GLU C 302 -6.29 5.92 -39.77
C GLU C 302 -7.63 5.37 -40.27
N ALA C 303 -7.97 5.63 -41.53
CA ALA C 303 -9.20 5.11 -42.11
C ALA C 303 -9.08 3.58 -42.34
N ALA C 304 -7.86 3.07 -42.56
CA ALA C 304 -7.60 1.64 -42.77
C ALA C 304 -7.54 0.82 -41.48
N VAL C 305 -7.67 1.46 -40.29
CA VAL C 305 -7.70 0.76 -39.02
C VAL C 305 -8.95 -0.15 -38.97
N TYR C 306 -8.82 -1.37 -38.43
CA TYR C 306 -9.95 -2.29 -38.33
C TYR C 306 -10.57 -2.11 -36.94
N HIS C 307 -11.33 -1.02 -36.76
CA HIS C 307 -11.99 -0.65 -35.49
C HIS C 307 -12.80 -1.75 -34.87
N ARG C 308 -13.48 -2.58 -35.67
CA ARG C 308 -14.32 -3.66 -35.16
C ARG C 308 -13.55 -4.58 -34.21
N GLN C 309 -12.37 -5.07 -34.65
CA GLN C 309 -11.58 -5.95 -33.81
C GLN C 309 -10.80 -5.17 -32.76
N LEU C 310 -10.24 -4.02 -33.12
CA LEU C 310 -9.51 -3.17 -32.18
C LEU C 310 -10.36 -2.82 -30.94
N PHE C 311 -11.60 -2.37 -31.15
CA PHE C 311 -12.50 -2.01 -30.05
C PHE C 311 -12.86 -3.23 -29.20
N GLU C 312 -13.21 -4.35 -29.85
CA GLU C 312 -13.55 -5.60 -29.17
C GLU C 312 -12.38 -6.08 -28.29
N GLU C 313 -11.16 -5.99 -28.81
CA GLU C 313 -9.97 -6.42 -28.08
C GLU C 313 -9.58 -5.46 -26.97
N LEU C 314 -9.70 -4.13 -27.16
CA LEU C 314 -9.42 -3.15 -26.11
C LEU C 314 -10.41 -3.34 -24.98
N ARG C 315 -11.68 -3.57 -25.33
CA ARG C 315 -12.79 -3.86 -24.44
C ARG C 315 -12.53 -5.15 -23.62
N ARG C 316 -12.25 -6.28 -24.28
CA ARG C 316 -12.01 -7.56 -23.62
C ARG C 316 -10.76 -7.57 -22.72
N ALA C 317 -9.69 -6.90 -23.15
CA ALA C 317 -8.45 -6.87 -22.39
C ALA C 317 -8.49 -5.89 -21.22
N ALA C 318 -9.29 -4.83 -21.32
CA ALA C 318 -9.35 -3.83 -20.26
C ALA C 318 -10.19 -4.38 -19.14
N PRO C 319 -9.68 -4.25 -17.89
CA PRO C 319 -10.42 -4.80 -16.77
C PRO C 319 -11.69 -4.01 -16.45
N LEU C 320 -12.60 -4.62 -15.69
CA LEU C 320 -13.81 -3.95 -15.24
C LEU C 320 -13.41 -2.71 -14.43
N SER C 321 -14.20 -1.63 -14.55
CA SER C 321 -13.87 -0.43 -13.83
C SER C 321 -15.05 0.10 -13.07
N ARG C 322 -14.79 0.63 -11.90
CA ARG C 322 -15.81 1.31 -11.13
C ARG C 322 -15.55 2.85 -11.12
N ASP C 323 -14.68 3.34 -11.99
CA ASP C 323 -14.38 4.76 -12.12
C ASP C 323 -15.41 5.31 -13.12
N PRO C 324 -16.26 6.25 -12.69
CA PRO C 324 -17.30 6.75 -13.62
C PRO C 324 -16.77 7.38 -14.90
N THR C 325 -15.54 7.95 -14.91
CA THR C 325 -14.98 8.54 -16.12
C THR C 325 -14.71 7.43 -17.14
N GLU C 326 -14.12 6.31 -16.66
CA GLU C 326 -13.80 5.16 -17.51
CA GLU C 326 -13.81 5.17 -17.52
C GLU C 326 -15.10 4.51 -18.05
N VAL C 327 -16.10 4.33 -17.18
CA VAL C 327 -17.39 3.76 -17.56
C VAL C 327 -18.11 4.65 -18.58
N THR C 328 -18.09 5.99 -18.38
CA THR C 328 -18.71 6.93 -19.31
C THR C 328 -18.01 6.90 -20.66
N ALA C 329 -16.66 6.83 -20.65
CA ALA C 329 -15.88 6.80 -21.87
C ALA C 329 -16.24 5.62 -22.77
N ILE C 330 -16.33 4.39 -22.22
CA ILE C 330 -16.68 3.22 -23.05
C ILE C 330 -18.14 3.31 -23.54
N GLY C 331 -19.05 3.83 -22.72
CA GLY C 331 -20.43 4.04 -23.14
C GLY C 331 -20.52 5.02 -24.30
N ALA C 332 -19.73 6.11 -24.25
CA ALA C 332 -19.72 7.15 -25.29
C ALA C 332 -19.11 6.66 -26.59
N VAL C 333 -18.04 5.90 -26.52
CA VAL C 333 -17.39 5.32 -27.69
C VAL C 333 -18.33 4.29 -28.35
N GLU C 334 -19.04 3.49 -27.56
CA GLU C 334 -20.01 2.52 -28.07
CA GLU C 334 -20.01 2.52 -28.07
C GLU C 334 -21.14 3.27 -28.80
N ALA C 335 -21.67 4.34 -28.17
CA ALA C 335 -22.72 5.16 -28.73
C ALA C 335 -22.27 5.83 -30.04
N ALA C 336 -21.01 6.29 -30.10
CA ALA C 336 -20.49 6.91 -31.31
C ALA C 336 -20.43 5.93 -32.49
N PHE C 337 -20.02 4.67 -32.25
CA PHE C 337 -19.98 3.64 -33.30
C PHE C 337 -21.40 3.30 -33.79
N LYS C 338 -22.37 3.24 -32.88
CA LYS C 338 -23.75 2.91 -33.20
C LYS C 338 -24.41 3.91 -34.18
N CYS C 339 -24.11 5.20 -34.05
CA CYS C 339 -24.74 6.21 -34.90
C CYS C 339 -23.81 6.85 -35.91
N CYS C 340 -22.53 6.38 -36.02
CA CYS C 340 -21.53 7.01 -36.89
C CYS C 340 -21.39 8.50 -36.54
N ALA C 341 -21.29 8.81 -35.23
CA ALA C 341 -21.23 10.17 -34.73
C ALA C 341 -20.05 10.90 -35.35
N ALA C 342 -20.27 12.14 -35.74
CA ALA C 342 -19.20 12.93 -36.34
C ALA C 342 -18.14 13.27 -35.28
N ALA C 343 -18.53 13.41 -34.00
CA ALA C 343 -17.58 13.75 -32.94
C ALA C 343 -18.10 13.36 -31.57
N ILE C 344 -17.18 13.32 -30.59
CA ILE C 344 -17.48 13.18 -29.18
C ILE C 344 -16.95 14.47 -28.58
N ILE C 345 -17.80 15.31 -28.02
CA ILE C 345 -17.36 16.55 -27.39
C ILE C 345 -17.23 16.30 -25.91
N VAL C 346 -16.03 16.50 -25.35
CA VAL C 346 -15.80 16.26 -23.94
C VAL C 346 -15.27 17.51 -23.23
N LEU C 347 -15.77 17.78 -22.04
CA LEU C 347 -15.29 18.86 -21.20
C LEU C 347 -14.22 18.25 -20.30
N THR C 348 -13.02 18.82 -20.32
CA THR C 348 -11.91 18.30 -19.54
C THR C 348 -11.02 19.41 -18.95
N THR C 349 -10.63 19.30 -17.68
CA THR C 349 -9.76 20.28 -17.05
C THR C 349 -8.32 19.84 -17.18
N THR C 350 -8.04 18.55 -16.93
CA THR C 350 -6.68 18.03 -17.02
C THR C 350 -6.40 17.32 -18.34
N GLY C 351 -7.44 16.97 -19.11
CA GLY C 351 -7.28 16.19 -20.33
C GLY C 351 -7.59 14.71 -20.12
N ARG C 352 -7.78 14.28 -18.85
CA ARG C 352 -8.01 12.87 -18.49
C ARG C 352 -9.26 12.28 -19.13
N SER C 353 -10.40 12.98 -19.10
CA SER C 353 -11.63 12.47 -19.73
C SER C 353 -11.44 12.25 -21.23
N ALA C 354 -10.68 13.13 -21.91
CA ALA C 354 -10.42 12.96 -23.35
C ALA C 354 -9.49 11.78 -23.58
N GLN C 355 -8.48 11.60 -22.70
CA GLN C 355 -7.54 10.48 -22.79
C GLN C 355 -8.26 9.13 -22.62
N LEU C 356 -9.22 9.06 -21.71
CA LEU C 356 -9.99 7.81 -21.51
C LEU C 356 -10.93 7.51 -22.69
N LEU C 357 -11.34 8.53 -23.47
CA LEU C 357 -12.14 8.27 -24.67
C LEU C 357 -11.20 7.75 -25.77
N SER C 358 -10.03 8.41 -25.90
CA SER C 358 -8.96 8.11 -26.86
C SER C 358 -8.45 6.67 -26.77
N ARG C 359 -8.40 6.09 -25.56
CA ARG C 359 -7.90 4.72 -25.38
C ARG C 359 -8.75 3.64 -26.08
N TYR C 360 -10.05 3.93 -26.36
CA TYR C 360 -10.90 2.98 -27.07
C TYR C 360 -10.87 3.14 -28.58
N ARG C 361 -10.02 4.06 -29.09
CA ARG C 361 -9.79 4.34 -30.48
C ARG C 361 -11.08 4.56 -31.28
N PRO C 362 -11.92 5.53 -30.88
CA PRO C 362 -13.12 5.80 -31.67
C PRO C 362 -12.75 6.35 -33.04
N ARG C 363 -13.60 6.13 -34.01
CA ARG C 363 -13.46 6.73 -35.32
C ARG C 363 -13.89 8.22 -35.15
N ALA C 364 -14.92 8.52 -34.35
CA ALA C 364 -15.37 9.90 -34.13
C ALA C 364 -14.23 10.72 -33.49
N ALA C 365 -14.02 11.96 -33.96
CA ALA C 365 -13.07 12.89 -33.41
C ALA C 365 -13.43 13.20 -31.96
N VAL C 366 -12.43 13.29 -31.07
CA VAL C 366 -12.70 13.64 -29.67
C VAL C 366 -12.37 15.12 -29.51
N ILE C 367 -13.39 15.98 -29.52
CA ILE C 367 -13.23 17.42 -29.39
C ILE C 367 -13.17 17.75 -27.91
N ALA C 368 -11.98 18.11 -27.41
CA ALA C 368 -11.82 18.39 -25.98
C ALA C 368 -11.86 19.90 -25.70
N VAL C 369 -12.86 20.33 -24.94
CA VAL C 369 -12.99 21.73 -24.57
C VAL C 369 -12.41 21.90 -23.18
N THR C 370 -11.40 22.77 -23.09
CA THR C 370 -10.72 23.00 -21.83
C THR C 370 -10.38 24.48 -21.61
N ARG C 371 -10.29 24.89 -20.34
CA ARG C 371 -9.85 26.25 -19.96
C ARG C 371 -8.32 26.27 -19.71
N SER C 372 -7.69 25.09 -19.50
CA SER C 372 -6.26 24.93 -19.26
C SER C 372 -5.50 24.96 -20.58
N ALA C 373 -4.68 25.99 -20.80
CA ALA C 373 -3.86 26.09 -22.01
C ALA C 373 -2.85 24.96 -22.08
N GLN C 374 -2.32 24.53 -20.94
CA GLN C 374 -1.36 23.42 -20.89
C GLN C 374 -2.01 22.08 -21.22
N ALA C 375 -3.21 21.80 -20.66
CA ALA C 375 -3.92 20.55 -21.00
C ALA C 375 -4.27 20.55 -22.49
N ALA C 376 -4.60 21.73 -23.06
CA ALA C 376 -4.89 21.86 -24.49
C ALA C 376 -3.70 21.47 -25.38
N ARG C 377 -2.50 21.83 -24.97
CA ARG C 377 -1.28 21.48 -25.72
C ARG C 377 -0.91 19.99 -25.49
N GLN C 378 -1.00 19.55 -24.23
CA GLN C 378 -0.65 18.19 -23.85
C GLN C 378 -1.53 17.10 -24.42
N VAL C 379 -2.84 17.38 -24.67
CA VAL C 379 -3.73 16.33 -25.22
C VAL C 379 -3.41 15.95 -26.66
N HIS C 380 -2.46 16.65 -27.32
CA HIS C 380 -1.98 16.24 -28.65
C HIS C 380 -1.25 14.87 -28.54
N LEU C 381 -0.81 14.46 -27.33
CA LEU C 381 -0.18 13.16 -27.14
C LEU C 381 -1.16 12.01 -27.36
N CYS C 382 -2.47 12.24 -27.20
CA CYS C 382 -3.51 11.22 -27.33
C CYS C 382 -4.16 11.25 -28.68
N ARG C 383 -4.10 10.10 -29.38
CA ARG C 383 -4.66 10.01 -30.73
C ARG C 383 -6.13 10.38 -30.78
N GLY C 384 -6.48 11.23 -31.74
CA GLY C 384 -7.86 11.62 -31.99
C GLY C 384 -8.40 12.69 -31.10
N VAL C 385 -7.57 13.30 -30.25
CA VAL C 385 -8.03 14.39 -29.39
C VAL C 385 -7.73 15.72 -30.06
N PHE C 386 -8.78 16.53 -30.29
CA PHE C 386 -8.68 17.85 -30.95
C PHE C 386 -9.01 18.87 -29.90
N PRO C 387 -7.98 19.52 -29.31
CA PRO C 387 -8.24 20.45 -28.21
C PRO C 387 -8.74 21.81 -28.68
N LEU C 388 -9.59 22.40 -27.85
CA LEU C 388 -10.17 23.72 -28.05
C LEU C 388 -9.97 24.46 -26.75
N LEU C 389 -9.24 25.56 -26.80
CA LEU C 389 -9.00 26.36 -25.63
C LEU C 389 -10.11 27.38 -25.47
N TYR C 390 -10.77 27.32 -24.34
CA TYR C 390 -11.92 28.17 -24.06
C TYR C 390 -11.50 29.25 -23.10
N ARG C 391 -11.78 30.52 -23.43
CA ARG C 391 -11.34 31.64 -22.59
C ARG C 391 -12.45 32.61 -22.19
N GLU C 392 -13.72 32.28 -22.43
CA GLU C 392 -14.80 33.16 -22.05
C GLU C 392 -14.89 33.24 -20.54
N PRO C 393 -15.34 34.37 -19.99
CA PRO C 393 -15.49 34.44 -18.53
C PRO C 393 -16.59 33.50 -18.00
N PRO C 394 -16.31 32.78 -16.89
CA PRO C 394 -17.31 31.87 -16.30
C PRO C 394 -18.68 32.49 -16.07
N GLU C 395 -19.75 31.71 -16.34
CA GLU C 395 -21.12 32.12 -16.08
C GLU C 395 -21.40 31.96 -14.58
N ALA C 396 -22.39 32.68 -14.05
CA ALA C 396 -22.71 32.58 -12.62
C ALA C 396 -23.31 31.21 -12.30
N ILE C 397 -24.16 30.68 -13.20
CA ILE C 397 -24.77 29.37 -13.02
C ILE C 397 -23.92 28.33 -13.75
N TRP C 398 -23.39 27.35 -12.98
CA TRP C 398 -22.50 26.34 -13.52
C TRP C 398 -23.07 25.58 -14.72
N ALA C 399 -24.34 25.15 -14.65
CA ALA C 399 -24.99 24.43 -15.75
C ALA C 399 -24.99 25.25 -17.03
N ASP C 400 -25.11 26.58 -16.93
CA ASP C 400 -25.07 27.47 -18.11
C ASP C 400 -23.66 27.57 -18.69
N ASP C 401 -22.64 27.59 -17.82
CA ASP C 401 -21.25 27.65 -18.21
C ASP C 401 -20.85 26.36 -18.96
N VAL C 402 -21.37 25.19 -18.49
CA VAL C 402 -21.18 23.90 -19.11
C VAL C 402 -21.80 23.92 -20.50
N ASP C 403 -23.06 24.39 -20.64
CA ASP C 403 -23.76 24.46 -21.93
C ASP C 403 -23.05 25.40 -22.91
N ARG C 404 -22.49 26.50 -22.42
CA ARG C 404 -21.76 27.44 -23.27
C ARG C 404 -20.49 26.75 -23.83
N ARG C 405 -19.81 25.91 -23.02
CA ARG C 405 -18.64 25.20 -23.51
C ARG C 405 -18.99 24.12 -24.49
N VAL C 406 -20.11 23.42 -24.28
CA VAL C 406 -20.60 22.41 -25.21
C VAL C 406 -20.93 23.08 -26.57
N GLN C 407 -21.67 24.21 -26.55
CA GLN C 407 -21.96 24.94 -27.79
C GLN C 407 -20.71 25.51 -28.46
N PHE C 408 -19.69 25.85 -27.68
CA PHE C 408 -18.39 26.29 -28.22
C PHE C 408 -17.75 25.17 -29.05
N GLY C 409 -17.79 23.94 -28.54
CA GLY C 409 -17.27 22.79 -29.29
C GLY C 409 -18.10 22.50 -30.53
N ILE C 410 -19.42 22.67 -30.47
CA ILE C 410 -20.28 22.43 -31.64
C ILE C 410 -20.02 23.49 -32.72
N GLU C 411 -19.93 24.74 -32.32
CA GLU C 411 -19.72 25.82 -33.26
C GLU C 411 -18.32 25.74 -33.85
N SER C 412 -17.28 25.35 -33.06
CA SER C 412 -15.94 25.18 -33.64
C SER C 412 -15.94 24.01 -34.62
N GLY C 413 -16.63 22.92 -34.28
CA GLY C 413 -16.72 21.77 -35.15
C GLY C 413 -17.41 22.09 -36.46
N LYS C 414 -18.49 22.88 -36.40
CA LYS C 414 -19.20 23.33 -37.62
C LYS C 414 -18.24 24.17 -38.48
N LEU C 415 -17.52 25.11 -37.87
CA LEU C 415 -16.60 25.97 -38.59
C LEU C 415 -15.42 25.19 -39.23
N ARG C 416 -14.90 24.16 -38.53
CA ARG C 416 -13.77 23.39 -39.01
C ARG C 416 -14.08 22.22 -39.91
N GLY C 417 -15.35 21.87 -40.11
CA GLY C 417 -15.71 20.76 -41.00
C GLY C 417 -16.06 19.44 -40.32
N PHE C 418 -15.90 19.35 -38.98
CA PHE C 418 -16.24 18.12 -38.26
C PHE C 418 -17.78 17.87 -38.28
N LEU C 419 -18.59 18.94 -38.08
CA LEU C 419 -20.04 18.82 -37.91
C LEU C 419 -20.87 19.67 -38.84
N ARG C 420 -22.10 19.23 -39.09
CA ARG C 420 -23.12 19.93 -39.88
C ARG C 420 -24.46 19.77 -39.16
N VAL C 421 -25.43 20.64 -39.44
CA VAL C 421 -26.79 20.54 -38.89
C VAL C 421 -27.39 19.18 -39.30
N GLY C 422 -28.01 18.49 -38.35
CA GLY C 422 -28.54 17.15 -38.58
C GLY C 422 -27.61 16.03 -38.11
N ASP C 423 -26.32 16.34 -37.90
CA ASP C 423 -25.37 15.33 -37.39
C ASP C 423 -25.68 14.92 -35.96
N LEU C 424 -25.25 13.72 -35.56
CA LEU C 424 -25.35 13.30 -34.17
C LEU C 424 -23.95 13.43 -33.56
N VAL C 425 -23.91 13.96 -32.33
CA VAL C 425 -22.68 14.07 -31.56
C VAL C 425 -22.92 13.48 -30.19
N ILE C 426 -21.86 12.95 -29.60
CA ILE C 426 -21.93 12.41 -28.26
C ILE C 426 -21.28 13.44 -27.37
N VAL C 427 -21.93 13.82 -26.27
CA VAL C 427 -21.38 14.85 -25.41
C VAL C 427 -21.09 14.24 -24.06
N VAL C 428 -19.84 14.40 -23.57
CA VAL C 428 -19.38 13.86 -22.30
C VAL C 428 -19.08 14.96 -21.29
N THR C 429 -19.80 14.96 -20.15
CA THR C 429 -19.65 15.95 -19.06
C THR C 429 -19.68 15.24 -17.67
N GLY C 430 -19.64 16.00 -16.60
CA GLY C 430 -19.71 15.50 -15.25
C GLY C 430 -20.81 16.19 -14.48
N TRP C 431 -21.10 15.70 -13.29
CA TRP C 431 -22.23 16.17 -12.47
C TRP C 431 -21.93 17.38 -11.57
N ARG C 432 -20.65 17.74 -11.38
CA ARG C 432 -20.27 18.89 -10.57
C ARG C 432 -18.94 19.48 -11.08
N PRO C 433 -18.60 20.74 -10.72
CA PRO C 433 -17.33 21.33 -11.20
C PRO C 433 -16.10 20.65 -10.63
N GLY C 434 -15.00 20.83 -11.32
CA GLY C 434 -13.73 20.26 -10.92
C GLY C 434 -13.47 18.97 -11.64
N SER C 435 -12.21 18.66 -11.77
CA SER C 435 -11.71 17.46 -12.35
C SER C 435 -12.16 16.18 -11.56
N GLY C 436 -12.35 15.06 -12.27
CA GLY C 436 -12.65 13.77 -11.67
C GLY C 436 -14.09 13.38 -11.50
N TYR C 437 -15.03 14.17 -12.00
CA TYR C 437 -16.45 13.89 -11.84
C TYR C 437 -17.19 13.59 -13.12
N THR C 438 -16.48 13.26 -14.22
CA THR C 438 -17.16 12.92 -15.47
C THR C 438 -18.06 11.65 -15.27
N ASN C 439 -19.36 11.74 -15.63
CA ASN C 439 -20.26 10.60 -15.47
C ASN C 439 -21.48 10.66 -16.40
N ILE C 440 -21.50 11.59 -17.36
CA ILE C 440 -22.68 11.76 -18.23
C ILE C 440 -22.30 11.70 -19.69
N MET C 441 -23.12 10.96 -20.46
CA MET C 441 -23.00 10.85 -21.88
C MET C 441 -24.39 11.17 -22.46
N ARG C 442 -24.43 12.19 -23.33
CA ARG C 442 -25.67 12.59 -23.96
C ARG C 442 -25.55 12.42 -25.46
N VAL C 443 -26.65 12.08 -26.14
CA VAL C 443 -26.70 11.99 -27.59
C VAL C 443 -27.42 13.25 -28.06
N LEU C 444 -26.72 14.10 -28.80
CA LEU C 444 -27.28 15.37 -29.25
C LEU C 444 -27.35 15.45 -30.76
N SER C 445 -28.44 16.01 -31.26
CA SER C 445 -28.59 16.23 -32.69
CA SER C 445 -28.59 16.23 -32.69
C SER C 445 -28.21 17.69 -32.93
N ILE C 446 -27.32 17.95 -33.88
CA ILE C 446 -26.82 19.28 -34.16
C ILE C 446 -27.88 20.16 -34.81
N SER C 447 -28.20 21.28 -34.18
CA SER C 447 -29.15 22.27 -34.71
C SER C 447 -28.45 23.59 -35.14
N GLY D 23 -14.84 -8.15 -3.74
CA GLY D 23 -14.66 -9.34 -2.92
C GLY D 23 -14.71 -10.63 -3.70
N THR D 24 -14.04 -11.66 -3.20
CA THR D 24 -14.00 -12.98 -3.84
C THR D 24 -15.37 -13.68 -3.82
N ALA D 25 -16.16 -13.43 -2.75
CA ALA D 25 -17.48 -14.01 -2.61
C ALA D 25 -18.39 -13.60 -3.76
N PHE D 26 -18.30 -12.34 -4.20
CA PHE D 26 -19.09 -11.80 -5.31
C PHE D 26 -18.82 -12.60 -6.58
N PHE D 27 -17.54 -12.89 -6.85
CA PHE D 27 -17.14 -13.59 -8.06
C PHE D 27 -17.36 -15.12 -8.04
N GLN D 28 -17.88 -15.67 -6.93
CA GLN D 28 -18.21 -17.10 -6.88
C GLN D 28 -19.72 -17.32 -7.24
N GLN D 29 -20.58 -16.33 -6.92
CA GLN D 29 -22.03 -16.34 -7.16
C GLN D 29 -22.39 -16.04 -8.62
N GLN D 30 -23.70 -16.19 -8.96
CA GLN D 30 -24.34 -15.92 -10.24
C GLN D 30 -23.57 -16.43 -11.46
N GLN D 31 -22.94 -17.60 -11.33
CA GLN D 31 -22.16 -18.26 -12.37
C GLN D 31 -21.09 -17.35 -12.96
N LEU D 32 -20.47 -16.48 -12.14
CA LEU D 32 -19.44 -15.55 -12.62
C LEU D 32 -18.16 -16.27 -13.13
N PRO D 33 -17.71 -17.40 -12.54
CA PRO D 33 -16.58 -18.13 -13.17
C PRO D 33 -16.94 -18.58 -14.61
N ALA D 34 -18.16 -19.09 -14.82
CA ALA D 34 -18.61 -19.53 -16.15
C ALA D 34 -18.80 -18.32 -17.10
N ALA D 35 -19.17 -17.15 -16.54
CA ALA D 35 -19.37 -15.93 -17.29
C ALA D 35 -18.08 -15.43 -17.93
N MET D 36 -16.95 -15.59 -17.22
CA MET D 36 -15.65 -15.15 -17.70
C MET D 36 -14.96 -16.12 -18.66
N ALA D 37 -15.57 -17.27 -18.97
CA ALA D 37 -14.95 -18.25 -19.87
C ALA D 37 -14.73 -17.72 -21.29
N ASP D 38 -13.70 -18.22 -21.94
CA ASP D 38 -13.33 -17.78 -23.28
C ASP D 38 -14.05 -18.53 -24.41
N THR D 39 -14.66 -19.68 -24.13
CA THR D 39 -15.45 -20.40 -25.11
C THR D 39 -16.78 -20.82 -24.48
N PHE D 40 -17.80 -21.15 -25.29
CA PHE D 40 -19.07 -21.63 -24.79
C PHE D 40 -18.88 -23.02 -24.15
N LEU D 41 -18.01 -23.88 -24.72
CA LEU D 41 -17.68 -25.18 -24.15
C LEU D 41 -17.10 -25.01 -22.74
N GLU D 42 -16.15 -24.09 -22.56
CA GLU D 42 -15.56 -23.82 -21.25
C GLU D 42 -16.59 -23.23 -20.29
N HIS D 43 -17.51 -22.40 -20.82
CA HIS D 43 -18.62 -21.82 -20.06
C HIS D 43 -19.48 -22.95 -19.46
N LEU D 44 -19.82 -23.97 -20.27
CA LEU D 44 -20.60 -25.11 -19.79
C LEU D 44 -19.84 -25.87 -18.71
N CYS D 45 -18.54 -26.13 -18.93
CA CYS D 45 -17.68 -26.85 -18.00
C CYS D 45 -17.57 -26.16 -16.64
N LEU D 46 -17.74 -24.82 -16.60
CA LEU D 46 -17.62 -24.05 -15.36
C LEU D 46 -18.94 -23.83 -14.62
N LEU D 47 -20.09 -24.32 -15.17
CA LEU D 47 -21.37 -24.14 -14.49
C LEU D 47 -21.34 -24.88 -13.13
N ASP D 48 -21.80 -24.19 -12.09
CA ASP D 48 -21.71 -24.70 -10.74
C ASP D 48 -23.05 -24.70 -10.03
N ILE D 49 -23.52 -25.87 -9.59
CA ILE D 49 -24.78 -25.97 -8.86
C ILE D 49 -24.74 -25.26 -7.48
N ASP D 50 -23.53 -25.01 -6.95
CA ASP D 50 -23.34 -24.29 -5.68
C ASP D 50 -23.22 -22.77 -5.89
N SER D 51 -23.19 -22.29 -7.14
CA SER D 51 -23.09 -20.86 -7.42
C SER D 51 -24.52 -20.33 -7.42
N GLU D 52 -24.90 -19.64 -6.33
CA GLU D 52 -26.25 -19.16 -6.17
C GLU D 52 -26.61 -17.93 -6.98
N PRO D 53 -27.85 -17.89 -7.54
CA PRO D 53 -28.26 -16.71 -8.30
C PRO D 53 -28.40 -15.49 -7.39
N VAL D 54 -28.03 -14.32 -7.91
CA VAL D 54 -28.09 -13.08 -7.13
C VAL D 54 -29.05 -12.11 -7.76
N ALA D 55 -29.04 -12.00 -9.09
CA ALA D 55 -29.91 -11.09 -9.82
C ALA D 55 -31.41 -11.42 -9.62
N ALA D 56 -32.27 -10.43 -9.81
CA ALA D 56 -33.70 -10.63 -9.74
C ALA D 56 -34.12 -11.42 -11.00
N ARG D 57 -35.18 -12.23 -10.89
CA ARG D 57 -35.65 -13.07 -12.00
C ARG D 57 -36.19 -12.18 -13.08
N SER D 58 -35.62 -12.30 -14.28
CA SER D 58 -35.91 -11.41 -15.37
C SER D 58 -36.89 -11.95 -16.44
N THR D 59 -37.14 -13.27 -16.52
CA THR D 59 -38.10 -13.81 -17.46
C THR D 59 -39.47 -13.75 -16.81
N SER D 60 -40.43 -13.06 -17.41
CA SER D 60 -41.79 -12.94 -16.87
CA SER D 60 -41.78 -12.94 -16.87
C SER D 60 -42.57 -14.24 -16.88
N ILE D 61 -43.44 -14.42 -15.89
CA ILE D 61 -44.28 -15.58 -15.81
C ILE D 61 -45.72 -15.17 -16.15
N ILE D 62 -46.31 -15.86 -17.10
CA ILE D 62 -47.71 -15.66 -17.47
C ILE D 62 -48.48 -16.84 -16.83
N ALA D 63 -49.49 -16.57 -16.01
CA ALA D 63 -50.29 -17.63 -15.39
C ALA D 63 -51.70 -17.55 -15.94
N THR D 64 -52.23 -18.65 -16.44
CA THR D 64 -53.61 -18.69 -16.93
C THR D 64 -54.58 -18.76 -15.74
N ILE D 65 -55.62 -17.91 -15.74
CA ILE D 65 -56.60 -17.83 -14.66
C ILE D 65 -57.73 -18.84 -14.87
N GLY D 66 -58.21 -19.45 -13.79
CA GLY D 66 -59.30 -20.41 -13.90
C GLY D 66 -59.85 -20.75 -12.54
N PRO D 67 -60.62 -21.86 -12.44
CA PRO D 67 -61.14 -22.26 -11.12
C PRO D 67 -60.11 -22.34 -9.98
N ALA D 68 -58.88 -22.80 -10.30
CA ALA D 68 -57.79 -22.96 -9.32
C ALA D 68 -57.09 -21.68 -8.97
N SER D 69 -57.33 -20.57 -9.72
CA SER D 69 -56.61 -19.34 -9.46
C SER D 69 -57.49 -18.11 -9.49
N ARG D 70 -58.80 -18.23 -9.21
CA ARG D 70 -59.69 -17.06 -9.25
C ARG D 70 -59.89 -16.43 -7.90
N SER D 71 -59.69 -17.16 -6.82
CA SER D 71 -59.85 -16.64 -5.48
C SER D 71 -58.92 -15.43 -5.26
N VAL D 72 -59.46 -14.30 -4.77
CA VAL D 72 -58.66 -13.12 -4.49
C VAL D 72 -57.47 -13.44 -3.58
N GLU D 73 -57.67 -14.31 -2.58
CA GLU D 73 -56.64 -14.71 -1.63
C GLU D 73 -55.56 -15.55 -2.27
N ARG D 74 -55.96 -16.45 -3.15
CA ARG D 74 -55.01 -17.26 -3.89
C ARG D 74 -54.23 -16.35 -4.91
N LEU D 75 -54.91 -15.42 -5.58
CA LEU D 75 -54.24 -14.49 -6.53
C LEU D 75 -53.15 -13.66 -5.85
N LYS D 76 -53.37 -13.28 -4.58
CA LYS D 76 -52.38 -12.57 -3.78
C LYS D 76 -51.15 -13.43 -3.60
N GLU D 77 -51.35 -14.73 -3.34
CA GLU D 77 -50.23 -15.66 -3.17
C GLU D 77 -49.47 -15.85 -4.48
N MET D 78 -50.18 -15.86 -5.62
CA MET D 78 -49.55 -16.02 -6.93
CA MET D 78 -49.55 -16.02 -6.93
C MET D 78 -48.74 -14.78 -7.34
N ILE D 79 -49.20 -13.58 -6.93
CA ILE D 79 -48.49 -12.35 -7.20
C ILE D 79 -47.18 -12.37 -6.39
N LYS D 80 -47.24 -12.78 -5.13
CA LYS D 80 -46.05 -12.91 -4.28
C LYS D 80 -45.08 -14.00 -4.79
N ALA D 81 -45.59 -15.08 -5.40
CA ALA D 81 -44.75 -16.16 -5.96
C ALA D 81 -44.04 -15.73 -7.26
N GLY D 82 -44.55 -14.69 -7.92
CA GLY D 82 -43.91 -14.20 -9.13
C GLY D 82 -44.75 -14.05 -10.39
N MET D 83 -46.08 -14.25 -10.34
CA MET D 83 -46.93 -14.07 -11.53
C MET D 83 -46.88 -12.58 -11.97
N ASN D 84 -46.54 -12.35 -13.23
CA ASN D 84 -46.45 -11.00 -13.77
C ASN D 84 -47.57 -10.67 -14.72
N ILE D 85 -48.09 -11.68 -15.41
CA ILE D 85 -49.16 -11.50 -16.39
C ILE D 85 -50.25 -12.55 -16.15
N ALA D 86 -51.50 -12.11 -16.03
CA ALA D 86 -52.64 -13.02 -15.85
C ALA D 86 -53.29 -13.23 -17.23
N ARG D 87 -53.36 -14.47 -17.68
CA ARG D 87 -53.93 -14.80 -18.97
C ARG D 87 -55.38 -15.27 -18.85
N LEU D 88 -56.27 -14.65 -19.64
CA LEU D 88 -57.68 -15.05 -19.68
C LEU D 88 -57.87 -15.80 -20.96
N ASN D 89 -58.19 -17.09 -20.87
CA ASN D 89 -58.32 -17.93 -22.07
C ASN D 89 -59.75 -17.86 -22.54
N PHE D 90 -60.03 -17.09 -23.60
CA PHE D 90 -61.41 -16.94 -24.10
C PHE D 90 -61.91 -18.14 -24.91
N SER D 91 -61.15 -19.26 -24.93
CA SER D 91 -61.64 -20.50 -25.53
C SER D 91 -62.70 -21.15 -24.62
N HIS D 92 -62.68 -20.85 -23.30
CA HIS D 92 -63.62 -21.36 -22.29
C HIS D 92 -64.16 -20.20 -21.45
N GLY D 93 -65.40 -20.31 -21.01
CA GLY D 93 -66.01 -19.31 -20.14
C GLY D 93 -66.70 -18.19 -20.88
N SER D 94 -67.72 -17.62 -20.24
CA SER D 94 -68.50 -16.50 -20.77
C SER D 94 -67.83 -15.15 -20.45
N HIS D 95 -68.38 -14.06 -21.01
CA HIS D 95 -67.91 -12.70 -20.73
C HIS D 95 -68.09 -12.37 -19.26
N GLU D 96 -69.18 -12.83 -18.64
CA GLU D 96 -69.46 -12.60 -17.22
C GLU D 96 -68.39 -13.26 -16.35
N TYR D 97 -67.97 -14.46 -16.73
CA TYR D 97 -66.96 -15.22 -16.03
C TYR D 97 -65.61 -14.48 -16.16
N HIS D 98 -65.22 -14.05 -17.35
CA HIS D 98 -63.95 -13.34 -17.54
C HIS D 98 -63.92 -11.98 -16.89
N ALA D 99 -65.07 -11.29 -16.81
CA ALA D 99 -65.13 -9.99 -16.11
C ALA D 99 -64.88 -10.16 -14.62
N GLU D 100 -65.38 -11.27 -14.03
CA GLU D 100 -65.15 -11.61 -12.62
C GLU D 100 -63.68 -11.91 -12.38
N SER D 101 -63.03 -12.62 -13.32
CA SER D 101 -61.58 -12.95 -13.28
C SER D 101 -60.78 -11.65 -13.22
N ILE D 102 -61.09 -10.70 -14.12
CA ILE D 102 -60.43 -9.41 -14.19
C ILE D 102 -60.59 -8.66 -12.89
N ALA D 103 -61.81 -8.62 -12.35
CA ALA D 103 -62.07 -7.92 -11.09
C ALA D 103 -61.31 -8.54 -9.94
N ASN D 104 -61.21 -9.88 -9.89
CA ASN D 104 -60.49 -10.54 -8.80
C ASN D 104 -59.01 -10.28 -8.92
N VAL D 105 -58.46 -10.31 -10.16
CA VAL D 105 -57.05 -10.02 -10.38
C VAL D 105 -56.75 -8.59 -9.91
N ARG D 106 -57.54 -7.61 -10.39
CA ARG D 106 -57.36 -6.21 -10.02
C ARG D 106 -57.47 -5.97 -8.53
N GLU D 107 -58.41 -6.64 -7.86
CA GLU D 107 -58.54 -6.51 -6.41
C GLU D 107 -57.30 -7.05 -5.69
N ALA D 108 -56.79 -8.23 -6.11
CA ALA D 108 -55.58 -8.79 -5.51
C ALA D 108 -54.35 -7.89 -5.78
N VAL D 109 -54.19 -7.38 -7.00
CA VAL D 109 -53.07 -6.51 -7.38
C VAL D 109 -53.11 -5.21 -6.58
N GLU D 110 -54.28 -4.58 -6.48
CA GLU D 110 -54.43 -3.30 -5.78
C GLU D 110 -54.38 -3.41 -4.26
N SER D 111 -54.50 -4.63 -3.70
CA SER D 111 -54.36 -4.79 -2.25
C SER D 111 -52.94 -4.47 -1.79
N PHE D 112 -51.96 -4.42 -2.69
CA PHE D 112 -50.58 -4.08 -2.35
C PHE D 112 -50.22 -2.62 -2.72
N ALA D 113 -51.16 -1.82 -3.25
CA ALA D 113 -50.89 -0.43 -3.64
C ALA D 113 -50.60 0.53 -2.47
N GLY D 114 -50.91 0.13 -1.24
CA GLY D 114 -50.67 0.95 -0.06
C GLY D 114 -49.20 1.15 0.25
N SER D 115 -48.32 0.32 -0.31
CA SER D 115 -46.88 0.47 -0.18
C SER D 115 -46.30 0.64 -1.60
N PRO D 116 -46.24 1.88 -2.10
CA PRO D 116 -45.77 2.10 -3.48
C PRO D 116 -44.37 1.62 -3.79
N LEU D 117 -43.48 1.52 -2.78
CA LEU D 117 -42.11 1.03 -2.99
C LEU D 117 -42.02 -0.48 -3.25
N SER D 118 -43.10 -1.22 -3.00
CA SER D 118 -43.08 -2.67 -3.22
C SER D 118 -44.22 -3.19 -4.12
N TYR D 119 -45.17 -2.31 -4.51
CA TYR D 119 -46.28 -2.64 -5.38
C TYR D 119 -45.79 -3.22 -6.70
N ARG D 120 -46.38 -4.35 -7.13
CA ARG D 120 -45.99 -4.98 -8.38
C ARG D 120 -47.12 -4.91 -9.35
N PRO D 121 -46.92 -4.22 -10.48
CA PRO D 121 -47.95 -4.22 -11.51
C PRO D 121 -48.10 -5.63 -12.09
N VAL D 122 -49.34 -5.97 -12.53
CA VAL D 122 -49.60 -7.27 -13.14
C VAL D 122 -50.42 -7.00 -14.37
N ALA D 123 -49.96 -7.47 -15.55
CA ALA D 123 -50.70 -7.24 -16.78
C ALA D 123 -51.86 -8.21 -16.94
N ILE D 124 -52.88 -7.82 -17.70
CA ILE D 124 -54.01 -8.69 -18.00
C ILE D 124 -54.01 -8.94 -19.50
N ALA D 125 -53.87 -10.20 -19.91
CA ALA D 125 -53.82 -10.58 -21.31
C ALA D 125 -55.06 -11.39 -21.72
N LEU D 126 -55.67 -11.05 -22.87
CA LEU D 126 -56.82 -11.77 -23.40
C LEU D 126 -56.32 -12.68 -24.49
N ASP D 127 -56.53 -13.99 -24.35
CA ASP D 127 -56.11 -14.96 -25.34
C ASP D 127 -57.38 -15.34 -26.12
N THR D 128 -57.42 -15.02 -27.42
CA THR D 128 -58.61 -15.26 -28.24
C THR D 128 -58.88 -16.75 -28.55
N LYS D 129 -60.15 -17.07 -28.85
CA LYS D 129 -60.58 -18.42 -29.21
C LYS D 129 -59.99 -18.85 -30.55
N GLY D 130 -59.93 -17.93 -31.50
CA GLY D 130 -59.34 -18.21 -32.80
C GLY D 130 -60.34 -18.28 -33.93
N PRO D 131 -59.81 -18.45 -35.16
CA PRO D 131 -60.69 -18.48 -36.33
C PRO D 131 -61.46 -19.77 -36.55
N GLY D 132 -60.96 -20.87 -36.01
CA GLY D 132 -61.55 -22.19 -36.18
C GLY D 132 -61.41 -22.62 -37.63
N SER D 133 -62.53 -23.02 -38.26
CA SER D 133 -62.55 -23.44 -39.67
C SER D 133 -62.60 -22.25 -40.67
N GLY D 134 -62.80 -21.03 -40.17
CA GLY D 134 -62.88 -19.85 -41.01
C GLY D 134 -61.56 -19.32 -41.51
N PRO D 135 -61.61 -18.41 -42.50
CA PRO D 135 -60.36 -17.86 -43.04
C PRO D 135 -59.81 -16.61 -42.32
N GLY D 136 -60.71 -15.73 -41.90
CA GLY D 136 -60.36 -14.49 -41.22
C GLY D 136 -60.78 -14.42 -39.76
N LEU D 137 -61.00 -13.20 -39.25
CA LEU D 137 -61.38 -12.99 -37.86
C LEU D 137 -62.81 -13.44 -37.61
N SER D 138 -63.00 -14.37 -36.65
CA SER D 138 -64.32 -14.89 -36.33
C SER D 138 -65.21 -13.86 -35.64
N GLU D 139 -66.54 -14.05 -35.67
CA GLU D 139 -67.46 -13.12 -35.05
C GLU D 139 -67.36 -13.15 -33.54
N GLN D 140 -67.02 -14.31 -32.94
CA GLN D 140 -66.82 -14.40 -31.50
C GLN D 140 -65.58 -13.60 -31.12
N ASP D 141 -64.51 -13.69 -31.92
CA ASP D 141 -63.29 -12.92 -31.65
C ASP D 141 -63.56 -11.43 -31.72
N VAL D 142 -64.43 -10.96 -32.65
CA VAL D 142 -64.77 -9.54 -32.72
C VAL D 142 -65.45 -9.09 -31.43
N ARG D 143 -66.34 -9.91 -30.88
CA ARG D 143 -67.03 -9.61 -29.63
C ARG D 143 -66.11 -9.67 -28.41
N ASP D 144 -65.22 -10.67 -28.35
CA ASP D 144 -64.26 -10.83 -27.26
C ASP D 144 -63.22 -9.71 -27.26
N LEU D 145 -62.75 -9.31 -28.44
CA LEU D 145 -61.81 -8.21 -28.56
C LEU D 145 -62.44 -6.90 -28.11
N ARG D 146 -63.73 -6.67 -28.43
CA ARG D 146 -64.41 -5.45 -27.95
CA ARG D 146 -64.41 -5.45 -27.97
C ARG D 146 -64.57 -5.50 -26.45
N PHE D 147 -64.85 -6.70 -25.87
CA PHE D 147 -64.93 -6.89 -24.43
C PHE D 147 -63.57 -6.51 -23.79
N GLY D 148 -62.47 -6.94 -24.40
CA GLY D 148 -61.14 -6.63 -23.91
C GLY D 148 -60.85 -5.14 -23.83
N VAL D 149 -61.24 -4.38 -24.89
CA VAL D 149 -61.07 -2.93 -24.91
C VAL D 149 -61.93 -2.29 -23.82
N GLU D 150 -63.21 -2.73 -23.69
CA GLU D 150 -64.11 -2.19 -22.68
C GLU D 150 -63.64 -2.46 -21.27
N HIS D 151 -62.98 -3.61 -21.05
CA HIS D 151 -62.48 -3.95 -19.71
C HIS D 151 -61.00 -3.59 -19.47
N GLY D 152 -60.39 -2.87 -20.40
CA GLY D 152 -59.03 -2.37 -20.26
C GLY D 152 -57.91 -3.39 -20.22
N VAL D 153 -58.00 -4.46 -21.05
CA VAL D 153 -56.91 -5.44 -21.09
C VAL D 153 -55.64 -4.79 -21.67
N ASP D 154 -54.46 -5.31 -21.28
CA ASP D 154 -53.20 -4.72 -21.72
C ASP D 154 -52.66 -5.36 -22.99
N ILE D 155 -52.92 -6.67 -23.13
CA ILE D 155 -52.37 -7.48 -24.18
C ILE D 155 -53.41 -8.39 -24.78
N VAL D 156 -53.26 -8.70 -26.06
CA VAL D 156 -54.05 -9.69 -26.73
C VAL D 156 -53.09 -10.76 -27.26
N PHE D 157 -53.34 -12.03 -26.94
CA PHE D 157 -52.60 -13.15 -27.50
C PHE D 157 -53.55 -13.62 -28.60
N ALA D 158 -53.27 -13.24 -29.87
CA ALA D 158 -54.13 -13.56 -31.01
C ALA D 158 -53.89 -14.98 -31.52
N SER D 159 -54.89 -15.86 -31.38
CA SER D 159 -54.76 -17.24 -31.80
C SER D 159 -54.72 -17.44 -33.31
N PHE D 160 -53.94 -18.45 -33.73
CA PHE D 160 -53.77 -18.89 -35.11
C PHE D 160 -53.49 -17.76 -36.11
N VAL D 161 -52.46 -16.95 -35.83
CA VAL D 161 -52.07 -15.91 -36.79
C VAL D 161 -51.30 -16.59 -37.93
N ARG D 162 -51.76 -16.41 -39.17
CA ARG D 162 -51.15 -17.04 -40.36
C ARG D 162 -50.52 -16.05 -41.34
N LYS D 163 -50.84 -14.78 -41.22
CA LYS D 163 -50.33 -13.76 -42.14
C LYS D 163 -50.52 -12.37 -41.52
N ALA D 164 -49.87 -11.34 -42.10
CA ALA D 164 -49.96 -9.98 -41.62
C ALA D 164 -51.39 -9.44 -41.56
N SER D 165 -52.25 -9.81 -42.53
CA SER D 165 -53.65 -9.35 -42.54
C SER D 165 -54.45 -9.85 -41.34
N ASP D 166 -54.06 -10.98 -40.74
CA ASP D 166 -54.71 -11.47 -39.54
C ASP D 166 -54.46 -10.50 -38.37
N VAL D 167 -53.24 -9.94 -38.27
CA VAL D 167 -52.86 -8.98 -37.25
C VAL D 167 -53.60 -7.65 -37.50
N ALA D 168 -53.71 -7.23 -38.77
CA ALA D 168 -54.44 -5.99 -39.10
C ALA D 168 -55.92 -6.12 -38.71
N ALA D 169 -56.52 -7.31 -38.91
CA ALA D 169 -57.93 -7.52 -38.56
C ALA D 169 -58.12 -7.47 -37.05
N VAL D 170 -57.15 -8.00 -36.26
CA VAL D 170 -57.23 -7.92 -34.80
C VAL D 170 -57.13 -6.47 -34.36
N ARG D 171 -56.21 -5.73 -34.96
CA ARG D 171 -56.00 -4.32 -34.68
C ARG D 171 -57.26 -3.49 -34.99
N ALA D 172 -57.94 -3.79 -36.10
CA ALA D 172 -59.18 -3.11 -36.50
C ALA D 172 -60.30 -3.40 -35.51
N ALA D 173 -60.44 -4.67 -35.06
CA ALA D 173 -61.46 -5.06 -34.09
C ALA D 173 -61.27 -4.38 -32.72
N LEU D 174 -60.03 -4.01 -32.38
CA LEU D 174 -59.77 -3.30 -31.12
C LEU D 174 -60.27 -1.82 -31.19
N GLY D 175 -60.42 -1.28 -32.40
CA GLY D 175 -60.95 0.06 -32.62
C GLY D 175 -60.01 1.19 -32.22
N PRO D 176 -60.54 2.42 -32.22
CA PRO D 176 -59.71 3.57 -31.86
C PRO D 176 -59.32 3.62 -30.38
N GLU D 177 -60.16 3.08 -29.50
CA GLU D 177 -59.87 3.06 -28.07
C GLU D 177 -58.83 2.01 -27.64
N GLY D 178 -58.57 1.03 -28.48
CA GLY D 178 -57.62 -0.03 -28.16
C GLY D 178 -56.30 0.07 -28.88
N HIS D 179 -55.89 1.31 -29.29
CA HIS D 179 -54.62 1.51 -30.01
CA HIS D 179 -54.61 1.51 -29.99
C HIS D 179 -53.39 1.18 -29.14
N GLY D 180 -53.52 1.33 -27.82
CA GLY D 180 -52.45 1.07 -26.89
C GLY D 180 -52.27 -0.38 -26.45
N ILE D 181 -53.21 -1.26 -26.82
CA ILE D 181 -53.13 -2.68 -26.44
C ILE D 181 -52.05 -3.38 -27.29
N LYS D 182 -51.20 -4.19 -26.67
CA LYS D 182 -50.15 -4.92 -27.40
C LYS D 182 -50.73 -6.17 -28.04
N ILE D 183 -50.35 -6.45 -29.28
CA ILE D 183 -50.79 -7.66 -29.95
C ILE D 183 -49.63 -8.64 -30.07
N ILE D 184 -49.77 -9.79 -29.40
CA ILE D 184 -48.81 -10.88 -29.43
C ILE D 184 -49.42 -11.97 -30.32
N SER D 185 -48.86 -12.18 -31.51
CA SER D 185 -49.37 -13.18 -32.44
C SER D 185 -48.96 -14.58 -32.04
N LYS D 186 -49.93 -15.49 -31.94
CA LYS D 186 -49.62 -16.87 -31.62
C LYS D 186 -49.33 -17.63 -32.90
N ILE D 187 -48.14 -18.25 -32.99
CA ILE D 187 -47.78 -19.03 -34.16
C ILE D 187 -48.14 -20.47 -33.81
N GLU D 188 -49.16 -21.04 -34.46
CA GLU D 188 -49.66 -22.34 -34.12
C GLU D 188 -49.69 -23.33 -35.29
N ASN D 189 -49.20 -22.96 -36.47
CA ASN D 189 -49.28 -23.87 -37.63
C ASN D 189 -48.17 -23.64 -38.65
N HIS D 190 -48.09 -24.49 -39.69
CA HIS D 190 -47.06 -24.38 -40.71
C HIS D 190 -47.03 -23.03 -41.41
N GLU D 191 -48.18 -22.51 -41.82
CA GLU D 191 -48.26 -21.23 -42.51
C GLU D 191 -47.74 -20.07 -41.65
N GLY D 192 -48.06 -20.07 -40.35
CA GLY D 192 -47.58 -19.05 -39.43
C GLY D 192 -46.07 -19.07 -39.32
N VAL D 193 -45.45 -20.27 -39.35
CA VAL D 193 -44.00 -20.42 -39.30
C VAL D 193 -43.37 -19.90 -40.61
N LYS D 194 -43.96 -20.30 -41.77
CA LYS D 194 -43.45 -19.85 -43.08
C LYS D 194 -43.64 -18.34 -43.32
N ARG D 195 -44.71 -17.77 -42.83
CA ARG D 195 -44.96 -16.34 -42.95
C ARG D 195 -44.54 -15.55 -41.70
N PHE D 196 -43.66 -16.12 -40.84
CA PHE D 196 -43.19 -15.54 -39.59
C PHE D 196 -42.69 -14.10 -39.73
N ASP D 197 -41.81 -13.84 -40.70
CA ASP D 197 -41.24 -12.49 -40.85
C ASP D 197 -42.29 -11.41 -41.08
N GLU D 198 -43.27 -11.66 -41.95
CA GLU D 198 -44.31 -10.65 -42.20
C GLU D 198 -45.24 -10.48 -40.99
N ILE D 199 -45.45 -11.55 -40.19
CA ILE D 199 -46.28 -11.50 -39.00
C ILE D 199 -45.57 -10.70 -37.90
N LEU D 200 -44.28 -10.99 -37.65
CA LEU D 200 -43.49 -10.30 -36.63
C LEU D 200 -43.41 -8.81 -36.91
N GLU D 201 -43.20 -8.45 -38.19
CA GLU D 201 -43.09 -7.05 -38.61
C GLU D 201 -44.26 -6.17 -38.17
N VAL D 202 -45.48 -6.71 -38.22
CA VAL D 202 -46.68 -5.95 -37.82
C VAL D 202 -47.19 -6.26 -36.41
N SER D 203 -46.58 -7.22 -35.70
CA SER D 203 -47.01 -7.57 -34.34
C SER D 203 -46.12 -6.88 -33.31
N ASP D 204 -46.58 -6.80 -32.07
CA ASP D 204 -45.76 -6.32 -30.97
C ASP D 204 -44.81 -7.42 -30.45
N GLY D 205 -45.19 -8.66 -30.62
CA GLY D 205 -44.40 -9.81 -30.21
C GLY D 205 -45.03 -11.11 -30.67
N ILE D 206 -44.47 -12.24 -30.22
CA ILE D 206 -44.89 -13.56 -30.66
C ILE D 206 -45.06 -14.53 -29.51
N MET D 207 -45.98 -15.48 -29.67
CA MET D 207 -46.12 -16.58 -28.75
C MET D 207 -45.86 -17.87 -29.53
N VAL D 208 -44.94 -18.73 -29.06
CA VAL D 208 -44.71 -20.03 -29.64
C VAL D 208 -45.74 -20.94 -28.95
N ALA D 209 -46.90 -21.09 -29.60
CA ALA D 209 -48.02 -21.83 -29.06
C ALA D 209 -47.84 -23.30 -29.42
N ARG D 210 -47.05 -24.00 -28.62
CA ARG D 210 -46.59 -25.37 -28.87
C ARG D 210 -47.66 -26.45 -28.89
N GLY D 211 -48.77 -26.26 -28.20
CA GLY D 211 -49.87 -27.24 -28.20
C GLY D 211 -50.40 -27.49 -29.61
N ASP D 212 -50.96 -26.44 -30.27
CA ASP D 212 -51.44 -26.61 -31.63
C ASP D 212 -50.32 -26.80 -32.62
N LEU D 213 -49.18 -26.12 -32.42
CA LEU D 213 -48.04 -26.25 -33.32
C LEU D 213 -47.56 -27.69 -33.42
N GLY D 214 -47.53 -28.39 -32.27
CA GLY D 214 -47.14 -29.79 -32.18
C GLY D 214 -48.10 -30.79 -32.79
N ILE D 215 -49.30 -30.34 -33.18
CA ILE D 215 -50.33 -31.14 -33.87
C ILE D 215 -50.35 -30.76 -35.36
N GLU D 216 -50.07 -29.48 -35.69
CA GLU D 216 -50.05 -28.96 -37.05
C GLU D 216 -48.81 -29.36 -37.81
N ILE D 217 -47.67 -29.46 -37.12
CA ILE D 217 -46.39 -29.88 -37.70
C ILE D 217 -45.90 -31.12 -36.91
N PRO D 218 -44.96 -31.94 -37.45
CA PRO D 218 -44.47 -33.10 -36.68
C PRO D 218 -43.92 -32.67 -35.32
N ALA D 219 -44.27 -33.40 -34.26
CA ALA D 219 -43.87 -33.09 -32.89
C ALA D 219 -42.36 -32.91 -32.74
N GLU D 220 -41.56 -33.70 -33.49
CA GLU D 220 -40.10 -33.64 -33.44
C GLU D 220 -39.51 -32.41 -34.11
N LYS D 221 -40.32 -31.56 -34.76
CA LYS D 221 -39.83 -30.34 -35.37
C LYS D 221 -40.16 -29.07 -34.55
N VAL D 222 -41.04 -29.15 -33.54
CA VAL D 222 -41.43 -27.97 -32.76
C VAL D 222 -40.24 -27.23 -32.15
N PHE D 223 -39.23 -27.95 -31.63
CA PHE D 223 -38.06 -27.29 -31.04
C PHE D 223 -37.31 -26.40 -32.04
N LEU D 224 -37.29 -26.77 -33.34
CA LEU D 224 -36.64 -25.98 -34.37
C LEU D 224 -37.42 -24.69 -34.57
N ALA D 225 -38.76 -24.76 -34.59
CA ALA D 225 -39.61 -23.59 -34.76
C ALA D 225 -39.50 -22.70 -33.53
N GLN D 226 -39.47 -23.28 -32.31
CA GLN D 226 -39.34 -22.50 -31.09
C GLN D 226 -38.00 -21.74 -31.08
N LYS D 227 -36.88 -22.43 -31.36
CA LYS D 227 -35.57 -21.81 -31.32
C LYS D 227 -35.39 -20.77 -32.41
N MET D 228 -35.95 -21.02 -33.62
CA MET D 228 -35.89 -20.07 -34.71
C MET D 228 -36.66 -18.79 -34.37
N MET D 229 -37.90 -18.93 -33.89
CA MET D 229 -38.76 -17.79 -33.57
C MET D 229 -38.18 -16.97 -32.43
N ILE D 230 -37.63 -17.64 -31.40
CA ILE D 230 -37.02 -16.92 -30.28
C ILE D 230 -35.81 -16.12 -30.79
N GLY D 231 -34.99 -16.73 -31.63
CA GLY D 231 -33.83 -16.06 -32.22
C GLY D 231 -34.22 -14.84 -33.03
N ARG D 232 -35.24 -14.99 -33.90
CA ARG D 232 -35.72 -13.88 -34.74
C ARG D 232 -36.35 -12.74 -33.94
N CYS D 233 -37.07 -13.08 -32.87
CA CYS D 233 -37.63 -12.06 -31.97
C CYS D 233 -36.54 -11.36 -31.20
N ASN D 234 -35.50 -12.09 -30.75
CA ASN D 234 -34.37 -11.48 -30.05
C ASN D 234 -33.66 -10.52 -31.00
N LEU D 235 -33.45 -10.93 -32.25
CA LEU D 235 -32.82 -10.09 -33.27
C LEU D 235 -33.65 -8.81 -33.51
N ALA D 236 -34.99 -8.95 -33.61
CA ALA D 236 -35.89 -7.81 -33.81
C ALA D 236 -36.10 -6.94 -32.57
N GLY D 237 -35.75 -7.45 -31.38
CA GLY D 237 -35.97 -6.75 -30.13
C GLY D 237 -37.44 -6.73 -29.72
N LYS D 238 -38.20 -7.78 -30.11
CA LYS D 238 -39.61 -7.87 -29.78
C LYS D 238 -39.89 -9.04 -28.84
N PRO D 239 -40.83 -8.88 -27.90
CA PRO D 239 -41.08 -9.96 -26.92
C PRO D 239 -41.47 -11.32 -27.52
N VAL D 240 -40.98 -12.40 -26.92
CA VAL D 240 -41.33 -13.74 -27.35
C VAL D 240 -41.70 -14.58 -26.13
N VAL D 241 -42.84 -15.28 -26.22
CA VAL D 241 -43.37 -16.10 -25.15
C VAL D 241 -43.23 -17.58 -25.51
N CYS D 242 -42.73 -18.39 -24.57
CA CYS D 242 -42.72 -19.83 -24.78
C CYS D 242 -43.93 -20.38 -23.98
N ALA D 243 -44.74 -21.21 -24.62
CA ALA D 243 -45.96 -21.68 -23.96
C ALA D 243 -46.24 -23.17 -24.16
N THR D 244 -47.06 -23.73 -23.27
CA THR D 244 -47.76 -25.03 -23.26
C THR D 244 -46.96 -26.21 -22.80
N GLN D 245 -47.51 -26.87 -21.77
CA GLN D 245 -47.03 -28.09 -21.13
C GLN D 245 -45.65 -27.97 -20.52
N MET D 246 -45.22 -26.74 -20.16
CA MET D 246 -43.91 -26.53 -19.57
C MET D 246 -43.73 -27.28 -18.25
N LEU D 247 -44.77 -27.29 -17.39
CA LEU D 247 -44.75 -28.02 -16.12
C LEU D 247 -46.02 -28.87 -15.98
N GLU D 248 -46.53 -29.43 -17.09
CA GLU D 248 -47.78 -30.19 -17.17
C GLU D 248 -48.08 -31.14 -16.02
N SER D 249 -47.10 -31.99 -15.62
CA SER D 249 -47.33 -32.94 -14.53
C SER D 249 -47.65 -32.27 -13.20
N MET D 250 -47.33 -30.95 -13.03
CA MET D 250 -47.69 -30.22 -11.80
C MET D 250 -49.17 -29.86 -11.70
N ILE D 251 -49.98 -30.28 -12.68
CA ILE D 251 -51.43 -30.15 -12.60
C ILE D 251 -51.93 -31.11 -11.47
N THR D 252 -51.32 -32.31 -11.34
CA THR D 252 -51.71 -33.28 -10.33
C THR D 252 -50.60 -33.61 -9.33
N LYS D 253 -49.32 -33.42 -9.70
CA LYS D 253 -48.22 -33.79 -8.81
C LYS D 253 -47.51 -32.59 -8.18
N PRO D 254 -46.98 -32.70 -6.95
CA PRO D 254 -46.34 -31.52 -6.32
C PRO D 254 -44.98 -31.14 -6.91
N ARG D 255 -44.35 -32.05 -7.67
CA ARG D 255 -43.04 -31.83 -8.27
C ARG D 255 -43.13 -32.14 -9.77
N PRO D 256 -42.40 -31.37 -10.59
CA PRO D 256 -42.41 -31.65 -12.03
C PRO D 256 -41.43 -32.77 -12.44
N THR D 257 -41.49 -33.21 -13.70
CA THR D 257 -40.57 -34.20 -14.22
C THR D 257 -39.22 -33.56 -14.58
N ARG D 258 -38.20 -34.38 -14.85
CA ARG D 258 -36.87 -33.88 -15.23
C ARG D 258 -36.92 -33.20 -16.59
N ALA D 259 -37.80 -33.65 -17.50
CA ALA D 259 -37.98 -33.05 -18.81
C ALA D 259 -38.64 -31.67 -18.70
N GLU D 260 -39.56 -31.49 -17.74
CA GLU D 260 -40.26 -30.23 -17.51
C GLU D 260 -39.36 -29.13 -16.99
N THR D 261 -38.53 -29.43 -15.96
CA THR D 261 -37.58 -28.41 -15.46
C THR D 261 -36.57 -28.05 -16.55
N SER D 262 -36.14 -29.03 -17.33
CA SER D 262 -35.22 -28.86 -18.44
C SER D 262 -35.83 -27.97 -19.53
N ASP D 263 -37.12 -28.18 -19.86
CA ASP D 263 -37.83 -27.40 -20.84
C ASP D 263 -37.90 -25.91 -20.41
N VAL D 264 -38.22 -25.63 -19.13
CA VAL D 264 -38.29 -24.27 -18.63
C VAL D 264 -36.91 -23.61 -18.73
N ALA D 265 -35.85 -24.32 -18.29
CA ALA D 265 -34.51 -23.79 -18.32
C ALA D 265 -34.04 -23.52 -19.74
N ASN D 266 -34.39 -24.42 -20.66
CA ASN D 266 -33.98 -24.28 -22.03
C ASN D 266 -34.77 -23.19 -22.77
N ALA D 267 -36.03 -22.92 -22.40
CA ALA D 267 -36.78 -21.80 -23.01
C ALA D 267 -36.09 -20.47 -22.63
N VAL D 268 -35.68 -20.33 -21.36
CA VAL D 268 -34.96 -19.17 -20.87
C VAL D 268 -33.60 -19.05 -21.58
N LEU D 269 -32.82 -20.15 -21.66
CA LEU D 269 -31.54 -20.13 -22.32
C LEU D 269 -31.67 -19.81 -23.83
N ASP D 270 -32.77 -20.26 -24.47
CA ASP D 270 -33.04 -19.97 -25.88
C ASP D 270 -33.14 -18.46 -26.11
N GLY D 271 -33.71 -17.74 -25.13
CA GLY D 271 -33.89 -16.30 -25.18
C GLY D 271 -35.32 -15.84 -24.99
N ALA D 272 -36.22 -16.73 -24.49
CA ALA D 272 -37.63 -16.33 -24.31
C ALA D 272 -37.75 -15.20 -23.28
N ASP D 273 -38.57 -14.20 -23.58
CA ASP D 273 -38.82 -13.11 -22.66
C ASP D 273 -39.78 -13.54 -21.58
N CYS D 274 -40.78 -14.37 -21.94
CA CYS D 274 -41.82 -14.85 -21.04
C CYS D 274 -41.94 -16.36 -21.15
N ILE D 275 -42.35 -16.95 -20.05
CA ILE D 275 -42.68 -18.37 -19.95
C ILE D 275 -44.13 -18.43 -19.42
N MET D 276 -44.88 -19.46 -19.81
CA MET D 276 -46.28 -19.54 -19.49
C MET D 276 -46.71 -20.82 -18.79
N LEU D 277 -47.77 -20.70 -17.97
CA LEU D 277 -48.43 -21.79 -17.31
C LEU D 277 -49.89 -21.77 -17.78
N SER D 278 -50.44 -22.92 -18.18
CA SER D 278 -51.82 -23.01 -18.64
C SER D 278 -52.67 -23.81 -17.62
N GLY D 279 -52.90 -25.12 -17.84
CA GLY D 279 -53.61 -25.95 -16.87
C GLY D 279 -52.99 -25.94 -15.49
N GLU D 280 -51.65 -25.78 -15.41
CA GLU D 280 -50.93 -25.71 -14.14
C GLU D 280 -51.46 -24.68 -13.22
N THR D 281 -51.84 -23.48 -13.72
CA THR D 281 -52.44 -22.47 -12.84
C THR D 281 -53.95 -22.38 -12.98
N ALA D 282 -54.49 -22.72 -14.16
CA ALA D 282 -55.92 -22.60 -14.42
C ALA D 282 -56.77 -23.61 -13.68
N LYS D 283 -56.37 -24.89 -13.68
CA LYS D 283 -57.20 -25.93 -13.08
C LYS D 283 -56.49 -26.89 -12.16
N GLY D 284 -55.17 -26.88 -12.14
CA GLY D 284 -54.42 -27.85 -11.36
C GLY D 284 -54.50 -27.67 -9.86
N ASN D 285 -53.89 -28.61 -9.12
CA ASN D 285 -53.90 -28.55 -7.67
C ASN D 285 -52.72 -27.78 -7.07
N PHE D 286 -51.72 -27.39 -7.91
CA PHE D 286 -50.55 -26.70 -7.40
C PHE D 286 -50.28 -25.37 -8.14
N PRO D 287 -51.27 -24.45 -8.26
CA PRO D 287 -51.00 -23.22 -9.03
C PRO D 287 -49.89 -22.35 -8.47
N VAL D 288 -49.85 -22.13 -7.15
CA VAL D 288 -48.82 -21.30 -6.54
C VAL D 288 -47.46 -21.97 -6.65
N GLU D 289 -47.39 -23.28 -6.42
CA GLU D 289 -46.13 -24.02 -6.51
C GLU D 289 -45.61 -24.03 -7.94
N ALA D 290 -46.49 -24.07 -8.95
CA ALA D 290 -46.09 -24.05 -10.35
C ALA D 290 -45.42 -22.70 -10.69
N VAL D 291 -45.98 -21.60 -10.16
CA VAL D 291 -45.41 -20.27 -10.36
C VAL D 291 -44.02 -20.21 -9.68
N LYS D 292 -43.92 -20.76 -8.44
CA LYS D 292 -42.65 -20.78 -7.69
C LYS D 292 -41.60 -21.60 -8.39
N MET D 293 -41.99 -22.72 -9.01
CA MET D 293 -41.08 -23.58 -9.74
C MET D 293 -40.53 -22.85 -10.97
N GLN D 294 -41.39 -22.20 -11.76
CA GLN D 294 -40.92 -21.45 -12.92
C GLN D 294 -39.99 -20.31 -12.49
N HIS D 295 -40.30 -19.64 -11.37
CA HIS D 295 -39.47 -18.58 -10.83
C HIS D 295 -38.07 -19.10 -10.46
N ALA D 296 -38.01 -20.22 -9.70
CA ALA D 296 -36.78 -20.82 -9.26
C ALA D 296 -35.91 -21.25 -10.45
N ILE D 297 -36.49 -21.92 -11.46
CA ILE D 297 -35.72 -22.36 -12.64
C ILE D 297 -35.24 -21.17 -13.46
N ALA D 298 -36.11 -20.18 -13.72
CA ALA D 298 -35.73 -19.02 -14.52
C ALA D 298 -34.52 -18.28 -13.96
N ARG D 299 -34.45 -18.04 -12.65
CA ARG D 299 -33.29 -17.36 -12.03
C ARG D 299 -32.02 -18.15 -12.25
N GLU D 300 -32.09 -19.50 -12.13
CA GLU D 300 -30.92 -20.33 -12.32
C GLU D 300 -30.46 -20.29 -13.76
N ALA D 301 -31.41 -20.34 -14.71
CA ALA D 301 -31.10 -20.36 -16.12
C ALA D 301 -30.57 -19.02 -16.61
N GLU D 302 -31.06 -17.91 -16.05
CA GLU D 302 -30.60 -16.56 -16.42
C GLU D 302 -29.15 -16.32 -16.04
N ALA D 303 -28.70 -16.85 -14.90
CA ALA D 303 -27.31 -16.72 -14.49
C ALA D 303 -26.40 -17.58 -15.37
N ALA D 304 -26.94 -18.70 -15.94
CA ALA D 304 -26.21 -19.60 -16.83
C ALA D 304 -26.10 -19.08 -18.29
N VAL D 305 -26.71 -17.93 -18.61
CA VAL D 305 -26.62 -17.30 -19.93
C VAL D 305 -25.16 -16.86 -20.17
N TYR D 306 -24.63 -17.06 -21.38
CA TYR D 306 -23.27 -16.69 -21.70
C TYR D 306 -23.30 -15.26 -22.31
N HIS D 307 -23.47 -14.24 -21.45
CA HIS D 307 -23.60 -12.84 -21.86
C HIS D 307 -22.51 -12.35 -22.80
N ARG D 308 -21.26 -12.82 -22.61
CA ARG D 308 -20.13 -12.42 -23.45
C ARG D 308 -20.43 -12.60 -24.94
N GLN D 309 -20.89 -13.80 -25.35
CA GLN D 309 -21.20 -14.03 -26.74
C GLN D 309 -22.57 -13.44 -27.13
N LEU D 310 -23.56 -13.61 -26.27
CA LEU D 310 -24.91 -13.10 -26.52
C LEU D 310 -24.92 -11.58 -26.81
N PHE D 311 -24.25 -10.76 -25.98
CA PHE D 311 -24.16 -9.31 -26.19
C PHE D 311 -23.44 -8.98 -27.47
N GLU D 312 -22.29 -9.63 -27.74
CA GLU D 312 -21.53 -9.39 -28.98
C GLU D 312 -22.36 -9.67 -30.21
N GLU D 313 -23.10 -10.78 -30.19
CA GLU D 313 -23.94 -11.15 -31.32
C GLU D 313 -25.16 -10.26 -31.49
N LEU D 314 -25.80 -9.83 -30.38
CA LEU D 314 -26.94 -8.91 -30.46
C LEU D 314 -26.49 -7.56 -30.99
N ARG D 315 -25.31 -7.12 -30.54
CA ARG D 315 -24.64 -5.88 -30.96
C ARG D 315 -24.30 -5.90 -32.45
N ARG D 316 -23.64 -6.96 -32.94
CA ARG D 316 -23.26 -7.08 -34.34
C ARG D 316 -24.47 -7.18 -35.26
N ALA D 317 -25.52 -7.86 -34.82
CA ALA D 317 -26.72 -8.03 -35.64
C ALA D 317 -27.62 -6.80 -35.65
N ALA D 318 -27.54 -5.95 -34.64
CA ALA D 318 -28.37 -4.76 -34.57
C ALA D 318 -27.85 -3.74 -35.56
N PRO D 319 -28.75 -3.15 -36.37
CA PRO D 319 -28.29 -2.17 -37.38
C PRO D 319 -27.86 -0.85 -36.75
N LEU D 320 -27.09 -0.06 -37.51
CA LEU D 320 -26.72 1.28 -37.06
C LEU D 320 -27.99 2.12 -36.91
N SER D 321 -28.02 3.03 -35.94
CA SER D 321 -29.21 3.82 -35.71
C SER D 321 -28.89 5.27 -35.50
N ARG D 322 -29.78 6.17 -35.95
CA ARG D 322 -29.67 7.59 -35.65
C ARG D 322 -30.74 8.06 -34.66
N ASP D 323 -31.42 7.12 -33.99
CA ASP D 323 -32.41 7.40 -32.99
C ASP D 323 -31.67 7.52 -31.66
N PRO D 324 -31.74 8.67 -30.99
CA PRO D 324 -31.02 8.83 -29.72
C PRO D 324 -31.39 7.84 -28.61
N THR D 325 -32.63 7.33 -28.58
CA THR D 325 -33.02 6.36 -27.55
C THR D 325 -32.25 5.04 -27.80
N GLU D 326 -32.15 4.61 -29.05
CA GLU D 326 -31.45 3.43 -29.46
C GLU D 326 -29.93 3.55 -29.16
N VAL D 327 -29.34 4.69 -29.52
CA VAL D 327 -27.94 4.99 -29.28
C VAL D 327 -27.62 5.06 -27.77
N THR D 328 -28.48 5.68 -26.97
CA THR D 328 -28.30 5.77 -25.53
C THR D 328 -28.42 4.36 -24.90
N ALA D 329 -29.35 3.52 -25.41
CA ALA D 329 -29.56 2.17 -24.88
C ALA D 329 -28.31 1.30 -25.00
N ILE D 330 -27.65 1.28 -26.17
CA ILE D 330 -26.45 0.46 -26.33
C ILE D 330 -25.28 1.02 -25.53
N GLY D 331 -25.18 2.35 -25.42
CA GLY D 331 -24.15 2.97 -24.60
C GLY D 331 -24.32 2.61 -23.13
N ALA D 332 -25.58 2.61 -22.65
CA ALA D 332 -25.92 2.31 -21.25
C ALA D 332 -25.69 0.84 -20.92
N VAL D 333 -26.01 -0.08 -21.84
CA VAL D 333 -25.79 -1.52 -21.64
C VAL D 333 -24.29 -1.80 -21.59
N GLU D 334 -23.52 -1.17 -22.47
CA GLU D 334 -22.06 -1.32 -22.50
CA GLU D 334 -22.07 -1.32 -22.49
C GLU D 334 -21.46 -0.82 -21.18
N ALA D 335 -21.91 0.37 -20.71
CA ALA D 335 -21.48 0.97 -19.46
C ALA D 335 -21.82 0.07 -18.27
N ALA D 336 -23.01 -0.54 -18.28
CA ALA D 336 -23.43 -1.43 -17.22
C ALA D 336 -22.52 -2.67 -17.11
N PHE D 337 -22.13 -3.27 -18.23
CA PHE D 337 -21.23 -4.43 -18.22
C PHE D 337 -19.82 -4.03 -17.71
N LYS D 338 -19.35 -2.85 -18.07
CA LYS D 338 -18.03 -2.36 -17.67
C LYS D 338 -17.86 -2.25 -16.17
N CYS D 339 -18.90 -1.82 -15.47
CA CYS D 339 -18.80 -1.59 -14.02
C CYS D 339 -19.56 -2.59 -13.19
N CYS D 340 -20.15 -3.66 -13.79
CA CYS D 340 -20.98 -4.64 -13.04
C CYS D 340 -22.11 -3.88 -12.35
N ALA D 341 -22.76 -2.91 -13.07
CA ALA D 341 -23.86 -2.13 -12.50
C ALA D 341 -24.97 -3.07 -11.98
N ALA D 342 -25.51 -2.79 -10.80
CA ALA D 342 -26.59 -3.59 -10.25
C ALA D 342 -27.87 -3.40 -11.08
N ALA D 343 -28.07 -2.18 -11.61
CA ALA D 343 -29.27 -1.87 -12.35
C ALA D 343 -29.06 -0.71 -13.36
N ILE D 344 -29.98 -0.62 -14.32
CA ILE D 344 -30.11 0.49 -15.23
C ILE D 344 -31.49 1.05 -14.88
N ILE D 345 -31.56 2.28 -14.31
CA ILE D 345 -32.83 2.88 -13.98
C ILE D 345 -33.23 3.75 -15.15
N VAL D 346 -34.39 3.48 -15.77
CA VAL D 346 -34.84 4.24 -16.92
C VAL D 346 -36.20 4.86 -16.68
N LEU D 347 -36.38 6.11 -17.11
CA LEU D 347 -37.67 6.79 -17.02
C LEU D 347 -38.34 6.53 -18.37
N THR D 348 -39.60 6.04 -18.35
CA THR D 348 -40.28 5.72 -19.59
C THR D 348 -41.76 6.04 -19.52
N THR D 349 -42.34 6.56 -20.62
CA THR D 349 -43.78 6.88 -20.65
C THR D 349 -44.55 5.73 -21.29
N THR D 350 -44.02 5.19 -22.39
CA THR D 350 -44.69 4.13 -23.14
C THR D 350 -44.05 2.73 -22.88
N GLY D 351 -42.86 2.69 -22.27
CA GLY D 351 -42.07 1.49 -22.09
C GLY D 351 -40.98 1.32 -23.13
N ARG D 352 -40.98 2.12 -24.20
CA ARG D 352 -40.03 1.98 -25.31
C ARG D 352 -38.57 2.08 -24.90
N SER D 353 -38.19 3.05 -24.07
CA SER D 353 -36.78 3.20 -23.63
C SER D 353 -36.31 1.96 -22.89
N ALA D 354 -37.20 1.35 -22.07
CA ALA D 354 -36.86 0.14 -21.32
C ALA D 354 -36.74 -1.05 -22.28
N GLN D 355 -37.62 -1.12 -23.29
CA GLN D 355 -37.58 -2.18 -24.28
C GLN D 355 -36.29 -2.16 -25.08
N LEU D 356 -35.80 -0.96 -25.45
CA LEU D 356 -34.55 -0.86 -26.20
C LEU D 356 -33.33 -1.22 -25.34
N LEU D 357 -33.40 -1.08 -24.02
CA LEU D 357 -32.30 -1.52 -23.15
C LEU D 357 -32.32 -3.07 -23.07
N SER D 358 -33.53 -3.63 -22.89
CA SER D 358 -33.86 -5.05 -22.76
C SER D 358 -33.38 -5.89 -23.95
N ARG D 359 -33.42 -5.33 -25.17
CA ARG D 359 -33.03 -6.06 -26.37
C ARG D 359 -31.55 -6.44 -26.40
N TYR D 360 -30.70 -5.75 -25.62
CA TYR D 360 -29.27 -6.09 -25.57
C TYR D 360 -28.95 -7.09 -24.46
N ARG D 361 -29.99 -7.59 -23.73
CA ARG D 361 -29.86 -8.56 -22.67
C ARG D 361 -28.78 -8.22 -21.65
N PRO D 362 -28.89 -7.04 -21.01
CA PRO D 362 -27.93 -6.73 -19.94
C PRO D 362 -28.11 -7.70 -18.76
N ARG D 363 -27.02 -7.94 -18.00
CA ARG D 363 -27.10 -8.71 -16.79
C ARG D 363 -27.79 -7.81 -15.73
N ALA D 364 -27.51 -6.47 -15.74
CA ALA D 364 -28.10 -5.47 -14.84
C ALA D 364 -29.60 -5.44 -15.06
N ALA D 365 -30.38 -5.40 -13.97
CA ALA D 365 -31.83 -5.29 -14.03
C ALA D 365 -32.19 -3.93 -14.66
N VAL D 366 -33.24 -3.88 -15.48
CA VAL D 366 -33.70 -2.62 -16.05
C VAL D 366 -34.91 -2.17 -15.21
N ILE D 367 -34.69 -1.25 -14.28
CA ILE D 367 -35.74 -0.73 -13.44
C ILE D 367 -36.44 0.39 -14.18
N ALA D 368 -37.69 0.16 -14.62
CA ALA D 368 -38.41 1.15 -15.39
C ALA D 368 -39.39 1.93 -14.54
N VAL D 369 -39.17 3.23 -14.38
CA VAL D 369 -40.07 4.09 -13.60
C VAL D 369 -41.01 4.79 -14.55
N THR D 370 -42.30 4.57 -14.38
CA THR D 370 -43.30 5.17 -15.24
C THR D 370 -44.52 5.65 -14.44
N ARG D 371 -45.23 6.63 -14.99
CA ARG D 371 -46.50 7.11 -14.46
C ARG D 371 -47.70 6.41 -15.14
N SER D 372 -47.49 5.78 -16.28
CA SER D 372 -48.53 5.05 -17.00
C SER D 372 -48.70 3.67 -16.38
N ALA D 373 -49.88 3.41 -15.79
CA ALA D 373 -50.17 2.12 -15.20
C ALA D 373 -50.20 1.04 -16.29
N GLN D 374 -50.68 1.36 -17.48
CA GLN D 374 -50.71 0.41 -18.59
C GLN D 374 -49.30 0.04 -19.09
N ALA D 375 -48.43 1.04 -19.28
CA ALA D 375 -47.04 0.75 -19.66
C ALA D 375 -46.32 -0.08 -18.59
N ALA D 376 -46.61 0.20 -17.32
CA ALA D 376 -46.03 -0.57 -16.21
C ALA D 376 -46.41 -2.07 -16.32
N ARG D 377 -47.66 -2.34 -16.69
CA ARG D 377 -48.11 -3.71 -16.88
C ARG D 377 -47.51 -4.33 -18.15
N GLN D 378 -47.54 -3.61 -19.26
CA GLN D 378 -47.06 -4.11 -20.55
C GLN D 378 -45.57 -4.40 -20.63
N VAL D 379 -44.71 -3.66 -19.88
CA VAL D 379 -43.26 -3.90 -19.97
C VAL D 379 -42.83 -5.26 -19.38
N HIS D 380 -43.72 -5.99 -18.71
CA HIS D 380 -43.43 -7.35 -18.26
C HIS D 380 -43.19 -8.29 -19.47
N LEU D 381 -43.62 -7.89 -20.68
CA LEU D 381 -43.34 -8.67 -21.89
C LEU D 381 -41.86 -8.68 -22.23
N CYS D 382 -41.07 -7.67 -21.77
CA CYS D 382 -39.65 -7.53 -22.08
C CYS D 382 -38.78 -8.07 -20.98
N ARG D 383 -37.92 -9.03 -21.31
CA ARG D 383 -37.05 -9.64 -20.29
C ARG D 383 -36.18 -8.63 -19.57
N GLY D 384 -36.13 -8.77 -18.26
CA GLY D 384 -35.28 -7.95 -17.43
C GLY D 384 -35.80 -6.57 -17.14
N VAL D 385 -37.05 -6.26 -17.51
CA VAL D 385 -37.65 -4.98 -17.18
C VAL D 385 -38.51 -5.15 -15.94
N PHE D 386 -38.19 -4.39 -14.89
CA PHE D 386 -38.86 -4.41 -13.61
C PHE D 386 -39.61 -3.11 -13.48
N PRO D 387 -40.93 -3.14 -13.75
CA PRO D 387 -41.71 -1.91 -13.70
C PRO D 387 -42.08 -1.36 -12.31
N LEU D 388 -41.96 -0.04 -12.18
CA LEU D 388 -42.31 0.65 -10.95
C LEU D 388 -43.31 1.73 -11.31
N LEU D 389 -44.49 1.70 -10.70
CA LEU D 389 -45.50 2.70 -10.98
C LEU D 389 -45.36 3.89 -10.03
N TYR D 390 -45.03 5.05 -10.60
CA TYR D 390 -44.87 6.28 -9.88
C TYR D 390 -46.23 6.95 -9.80
N ARG D 391 -46.69 7.32 -8.61
CA ARG D 391 -48.06 7.87 -8.47
C ARG D 391 -48.14 9.34 -8.16
N GLU D 392 -47.05 9.97 -7.73
CA GLU D 392 -47.01 11.40 -7.39
C GLU D 392 -47.26 12.31 -8.58
N PRO D 393 -48.02 13.40 -8.36
CA PRO D 393 -48.27 14.33 -9.47
C PRO D 393 -46.99 15.12 -9.79
N PRO D 394 -46.87 15.66 -11.01
CA PRO D 394 -45.63 16.38 -11.37
C PRO D 394 -45.20 17.52 -10.47
N GLU D 395 -43.91 17.62 -10.22
CA GLU D 395 -43.26 18.71 -9.49
C GLU D 395 -43.30 19.96 -10.42
N ALA D 396 -43.20 21.15 -9.83
CA ALA D 396 -43.19 22.39 -10.61
C ALA D 396 -41.93 22.44 -11.50
N ILE D 397 -40.77 22.07 -10.96
CA ILE D 397 -39.53 22.06 -11.72
C ILE D 397 -39.31 20.66 -12.28
N TRP D 398 -39.28 20.55 -13.63
CA TRP D 398 -39.16 19.27 -14.32
C TRP D 398 -37.91 18.49 -13.90
N ALA D 399 -36.75 19.14 -13.78
CA ALA D 399 -35.51 18.49 -13.31
C ALA D 399 -35.67 17.83 -11.95
N ASP D 400 -36.48 18.43 -11.04
CA ASP D 400 -36.75 17.84 -9.72
C ASP D 400 -37.67 16.64 -9.83
N ASP D 401 -38.65 16.69 -10.73
CA ASP D 401 -39.60 15.62 -10.98
C ASP D 401 -38.86 14.39 -11.53
N VAL D 402 -37.88 14.62 -12.38
CA VAL D 402 -37.04 13.59 -12.95
C VAL D 402 -36.24 12.93 -11.82
N ASP D 403 -35.57 13.74 -10.96
CA ASP D 403 -34.78 13.27 -9.82
C ASP D 403 -35.59 12.53 -8.79
N ARG D 404 -36.83 12.95 -8.55
CA ARG D 404 -37.71 12.27 -7.60
C ARG D 404 -38.06 10.86 -8.10
N ARG D 405 -38.27 10.72 -9.43
CA ARG D 405 -38.57 9.44 -10.02
C ARG D 405 -37.36 8.53 -9.97
N VAL D 406 -36.15 9.06 -10.22
CA VAL D 406 -34.91 8.29 -10.13
C VAL D 406 -34.71 7.79 -8.69
N GLN D 407 -34.94 8.67 -7.69
CA GLN D 407 -34.82 8.31 -6.27
C GLN D 407 -35.87 7.27 -5.86
N PHE D 408 -37.05 7.34 -6.44
CA PHE D 408 -38.09 6.36 -6.21
C PHE D 408 -37.62 4.97 -6.75
N GLY D 409 -36.95 4.95 -7.91
CA GLY D 409 -36.36 3.76 -8.49
C GLY D 409 -35.29 3.18 -7.59
N ILE D 410 -34.43 4.04 -7.03
CA ILE D 410 -33.37 3.62 -6.11
C ILE D 410 -33.96 3.10 -4.79
N GLU D 411 -34.91 3.81 -4.20
CA GLU D 411 -35.54 3.37 -2.95
C GLU D 411 -36.30 2.06 -3.11
N SER D 412 -37.04 1.89 -4.23
CA SER D 412 -37.73 0.63 -4.49
C SER D 412 -36.72 -0.49 -4.67
N GLY D 413 -35.65 -0.22 -5.42
CA GLY D 413 -34.59 -1.19 -5.68
C GLY D 413 -33.89 -1.62 -4.40
N LYS D 414 -33.69 -0.69 -3.44
CA LYS D 414 -33.07 -1.02 -2.15
C LYS D 414 -34.02 -1.91 -1.32
N LEU D 415 -35.29 -1.53 -1.24
CA LEU D 415 -36.29 -2.29 -0.49
C LEU D 415 -36.47 -3.70 -1.03
N ARG D 416 -36.45 -3.86 -2.36
CA ARG D 416 -36.63 -5.15 -2.99
C ARG D 416 -35.38 -6.01 -3.11
N GLY D 417 -34.22 -5.48 -2.72
CA GLY D 417 -32.98 -6.25 -2.77
C GLY D 417 -32.20 -6.14 -4.07
N PHE D 418 -32.67 -5.32 -5.02
CA PHE D 418 -31.92 -5.11 -6.27
C PHE D 418 -30.65 -4.29 -6.04
N LEU D 419 -30.67 -3.37 -5.07
CA LEU D 419 -29.58 -2.44 -4.86
C LEU D 419 -29.14 -2.38 -3.43
N ARG D 420 -27.87 -2.07 -3.26
CA ARG D 420 -27.26 -1.85 -1.94
C ARG D 420 -26.38 -0.62 -2.06
N VAL D 421 -26.07 0.02 -0.91
CA VAL D 421 -25.13 1.13 -0.85
C VAL D 421 -23.76 0.68 -1.40
N GLY D 422 -23.16 1.49 -2.26
CA GLY D 422 -21.91 1.13 -2.88
C GLY D 422 -22.06 0.58 -4.29
N ASP D 423 -23.26 0.14 -4.66
CA ASP D 423 -23.51 -0.34 -6.03
C ASP D 423 -23.39 0.82 -7.04
N LEU D 424 -23.01 0.49 -8.26
CA LEU D 424 -23.03 1.47 -9.35
C LEU D 424 -24.32 1.20 -10.12
N VAL D 425 -24.93 2.24 -10.61
CA VAL D 425 -26.15 2.17 -11.38
C VAL D 425 -26.04 3.13 -12.59
N ILE D 426 -26.64 2.74 -13.72
CA ILE D 426 -26.68 3.56 -14.92
C ILE D 426 -28.08 4.18 -14.93
N VAL D 427 -28.17 5.51 -15.07
CA VAL D 427 -29.46 6.19 -15.08
C VAL D 427 -29.73 6.73 -16.49
N VAL D 428 -30.86 6.32 -17.11
CA VAL D 428 -31.26 6.70 -18.47
C VAL D 428 -32.48 7.60 -18.43
N THR D 429 -32.31 8.85 -18.89
CA THR D 429 -33.35 9.88 -18.90
C THR D 429 -33.35 10.62 -20.28
N GLY D 430 -34.17 11.65 -20.42
CA GLY D 430 -34.27 12.45 -21.63
C GLY D 430 -34.06 13.94 -21.39
N TRP D 431 -33.96 14.70 -22.47
CA TRP D 431 -33.69 16.14 -22.37
C TRP D 431 -34.93 17.03 -22.20
N ARG D 432 -36.13 16.49 -22.43
CA ARG D 432 -37.39 17.23 -22.28
C ARG D 432 -38.55 16.28 -21.93
N PRO D 433 -39.66 16.83 -21.37
CA PRO D 433 -40.82 15.97 -21.05
C PRO D 433 -41.46 15.32 -22.28
N GLY D 434 -42.23 14.26 -22.05
CA GLY D 434 -42.89 13.55 -23.13
C GLY D 434 -42.07 12.42 -23.69
N SER D 435 -42.75 11.51 -24.36
CA SER D 435 -42.19 10.32 -24.95
CA SER D 435 -42.18 10.30 -24.98
C SER D 435 -41.28 10.62 -26.15
N GLY D 436 -40.25 9.79 -26.34
CA GLY D 436 -39.38 9.88 -27.50
C GLY D 436 -38.13 10.69 -27.39
N TYR D 437 -37.81 11.25 -26.23
CA TYR D 437 -36.64 12.12 -26.07
C TYR D 437 -35.51 11.60 -25.17
N THR D 438 -35.44 10.27 -24.92
CA THR D 438 -34.35 9.70 -24.12
C THR D 438 -33.03 9.91 -24.86
N ASN D 439 -32.06 10.47 -24.19
CA ASN D 439 -30.75 10.73 -24.81
C ASN D 439 -29.63 10.85 -23.79
N ILE D 440 -29.89 10.61 -22.49
CA ILE D 440 -28.88 10.80 -21.46
C ILE D 440 -28.63 9.49 -20.69
N MET D 441 -27.35 9.19 -20.43
CA MET D 441 -26.89 8.06 -19.67
C MET D 441 -25.95 8.66 -18.58
N ARG D 442 -26.21 8.34 -17.31
CA ARG D 442 -25.50 8.85 -16.14
C ARG D 442 -24.96 7.71 -15.20
N VAL D 443 -23.67 7.75 -14.80
CA VAL D 443 -23.11 6.76 -13.88
C VAL D 443 -23.29 7.25 -12.45
N LEU D 444 -24.04 6.54 -11.64
CA LEU D 444 -24.37 6.96 -10.29
C LEU D 444 -24.01 5.90 -9.26
N SER D 445 -23.47 6.35 -8.14
CA SER D 445 -23.09 5.49 -7.03
C SER D 445 -24.23 5.51 -6.04
N ILE D 446 -24.66 4.34 -5.58
CA ILE D 446 -25.75 4.27 -4.61
C ILE D 446 -25.30 4.66 -3.20
N SER D 447 -25.93 5.69 -2.64
CA SER D 447 -25.62 6.15 -1.28
C SER D 447 -26.79 5.81 -0.31
N ALA E 25 -15.82 7.92 31.52
CA ALA E 25 -14.75 7.48 32.41
C ALA E 25 -14.02 8.63 33.14
N PHE E 26 -13.56 8.28 34.35
CA PHE E 26 -12.81 9.18 35.22
C PHE E 26 -11.53 9.64 34.52
N PHE E 27 -10.84 8.70 33.86
CA PHE E 27 -9.56 8.99 33.21
C PHE E 27 -9.69 9.68 31.85
N GLN E 28 -10.92 9.97 31.37
CA GLN E 28 -11.09 10.74 30.15
C GLN E 28 -11.32 12.24 30.44
N GLN E 29 -11.88 12.56 31.62
CA GLN E 29 -12.15 13.92 32.11
C GLN E 29 -10.90 14.63 32.64
N GLN E 30 -11.02 15.94 32.95
CA GLN E 30 -10.02 16.85 33.51
C GLN E 30 -8.62 16.72 32.89
N GLN E 31 -8.56 16.51 31.56
CA GLN E 31 -7.33 16.37 30.79
C GLN E 31 -6.38 15.32 31.37
N LEU E 32 -6.94 14.22 31.93
CA LEU E 32 -6.11 13.17 32.52
C LEU E 32 -5.25 12.45 31.47
N PRO E 33 -5.68 12.19 30.22
CA PRO E 33 -4.74 11.59 29.24
C PRO E 33 -3.52 12.51 29.01
N ALA E 34 -3.73 13.84 28.92
CA ALA E 34 -2.63 14.80 28.77
C ALA E 34 -1.76 14.87 30.04
N ALA E 35 -2.36 14.66 31.22
CA ALA E 35 -1.68 14.67 32.50
C ALA E 35 -0.67 13.53 32.61
N MET E 36 -1.00 12.37 32.04
CA MET E 36 -0.11 11.19 32.10
C MET E 36 0.99 11.17 31.04
N ALA E 37 1.07 12.19 30.16
CA ALA E 37 2.09 12.23 29.11
C ALA E 37 3.50 12.30 29.68
N ASP E 38 4.46 11.73 28.94
CA ASP E 38 5.85 11.69 29.37
C ASP E 38 6.65 12.92 28.98
N THR E 39 6.15 13.73 28.03
CA THR E 39 6.82 14.97 27.67
C THR E 39 5.80 16.13 27.63
N PHE E 40 6.26 17.37 27.70
CA PHE E 40 5.40 18.53 27.59
C PHE E 40 4.81 18.61 26.16
N LEU E 41 5.61 18.26 25.14
CA LEU E 41 5.14 18.21 23.75
C LEU E 41 3.97 17.22 23.63
N GLU E 42 4.12 15.99 24.18
CA GLU E 42 3.07 14.97 24.17
CA GLU E 42 3.05 15.01 24.13
C GLU E 42 1.85 15.45 24.95
N HIS E 43 2.10 16.16 26.07
CA HIS E 43 1.03 16.72 26.91
C HIS E 43 0.16 17.68 26.07
N LEU E 44 0.79 18.57 25.28
CA LEU E 44 0.07 19.50 24.42
C LEU E 44 -0.74 18.72 23.37
N CYS E 45 -0.11 17.71 22.72
CA CYS E 45 -0.76 16.90 21.70
C CYS E 45 -1.99 16.16 22.23
N LEU E 46 -2.03 15.86 23.53
CA LEU E 46 -3.17 15.12 24.13
C LEU E 46 -4.27 16.00 24.71
N LEU E 47 -4.15 17.35 24.64
CA LEU E 47 -5.20 18.24 25.15
C LEU E 47 -6.48 18.02 24.35
N ASP E 48 -7.61 17.89 25.04
CA ASP E 48 -8.87 17.52 24.39
C ASP E 48 -10.00 18.48 24.75
N ILE E 49 -10.61 19.10 23.74
CA ILE E 49 -11.74 20.01 23.98
C ILE E 49 -12.99 19.29 24.53
N ASP E 50 -13.07 17.97 24.36
CA ASP E 50 -14.17 17.16 24.88
C ASP E 50 -13.90 16.65 26.30
N SER E 51 -12.70 16.87 26.86
CA SER E 51 -12.36 16.42 28.20
C SER E 51 -12.83 17.50 29.16
N GLU E 52 -13.95 17.27 29.84
CA GLU E 52 -14.57 18.27 30.71
C GLU E 52 -13.90 18.44 32.07
N PRO E 53 -13.77 19.71 32.51
CA PRO E 53 -13.17 19.94 33.84
C PRO E 53 -14.08 19.39 34.94
N VAL E 54 -13.48 18.81 35.98
CA VAL E 54 -14.27 18.27 37.09
C VAL E 54 -13.94 19.00 38.39
N ALA E 55 -12.66 19.35 38.60
CA ALA E 55 -12.22 20.09 39.77
C ALA E 55 -12.83 21.49 39.87
N ALA E 56 -12.92 22.02 41.10
CA ALA E 56 -13.43 23.36 41.33
C ALA E 56 -12.40 24.37 40.83
N ARG E 57 -12.85 25.54 40.37
CA ARG E 57 -11.97 26.58 39.86
C ARG E 57 -11.08 27.12 40.97
N SER E 58 -9.77 27.00 40.80
CA SER E 58 -8.79 27.33 41.81
C SER E 58 -8.11 28.71 41.67
N THR E 59 -8.16 29.38 40.53
CA THR E 59 -7.57 30.72 40.37
C THR E 59 -8.64 31.72 40.78
N SER E 60 -8.36 32.54 41.79
CA SER E 60 -9.35 33.52 42.26
C SER E 60 -9.59 34.65 41.29
N ILE E 61 -10.81 35.18 41.30
CA ILE E 61 -11.18 36.29 40.45
C ILE E 61 -11.32 37.54 41.32
N ILE E 62 -10.62 38.60 40.94
CA ILE E 62 -10.71 39.89 41.59
C ILE E 62 -11.57 40.76 40.67
N ALA E 63 -12.66 41.33 41.16
CA ALA E 63 -13.51 42.19 40.35
C ALA E 63 -13.49 43.60 40.90
N THR E 64 -13.26 44.59 40.04
CA THR E 64 -13.23 45.98 40.47
C THR E 64 -14.65 46.51 40.61
N ILE E 65 -14.96 47.12 41.76
CA ILE E 65 -16.29 47.66 42.02
C ILE E 65 -16.41 49.10 41.51
N GLY E 66 -17.48 49.38 40.81
CA GLY E 66 -17.75 50.70 40.26
C GLY E 66 -19.21 50.88 39.91
N PRO E 67 -19.56 51.93 39.14
CA PRO E 67 -20.98 52.15 38.77
C PRO E 67 -21.73 50.94 38.25
N ALA E 68 -21.05 50.09 37.45
CA ALA E 68 -21.66 48.92 36.84
C ALA E 68 -21.83 47.71 37.78
N SER E 69 -21.20 47.73 38.94
CA SER E 69 -21.20 46.57 39.84
C SER E 69 -21.39 46.93 41.31
N ARG E 70 -21.99 48.08 41.58
CA ARG E 70 -22.14 48.60 42.93
C ARG E 70 -23.39 48.18 43.69
N SER E 71 -24.51 47.93 43.00
CA SER E 71 -25.75 47.54 43.67
C SER E 71 -25.65 46.19 44.36
N VAL E 72 -26.37 46.01 45.47
CA VAL E 72 -26.39 44.78 46.24
C VAL E 72 -26.88 43.60 45.38
N GLU E 73 -27.89 43.83 44.53
CA GLU E 73 -28.43 42.79 43.68
C GLU E 73 -27.41 42.35 42.63
N ARG E 74 -26.67 43.31 42.04
CA ARG E 74 -25.64 43.04 41.04
C ARG E 74 -24.47 42.29 41.70
N LEU E 75 -24.07 42.70 42.92
CA LEU E 75 -23.01 42.06 43.68
C LEU E 75 -23.34 40.61 44.06
N LYS E 76 -24.63 40.29 44.32
CA LYS E 76 -25.05 38.91 44.61
C LYS E 76 -24.86 38.04 43.39
N GLU E 77 -25.17 38.59 42.19
CA GLU E 77 -24.98 37.86 40.94
C GLU E 77 -23.48 37.65 40.66
N MET E 78 -22.63 38.62 41.01
CA MET E 78 -21.19 38.51 40.81
CA MET E 78 -21.19 38.51 40.81
C MET E 78 -20.57 37.50 41.77
N ILE E 79 -21.11 37.38 43.00
CA ILE E 79 -20.62 36.40 43.96
C ILE E 79 -20.97 35.00 43.42
N LYS E 80 -22.19 34.81 42.91
CA LYS E 80 -22.62 33.54 42.34
C LYS E 80 -21.82 33.17 41.08
N ALA E 81 -21.45 34.17 40.27
CA ALA E 81 -20.66 33.95 39.06
C ALA E 81 -19.19 33.57 39.39
N GLY E 82 -18.70 33.87 40.58
CA GLY E 82 -17.35 33.48 41.00
C GLY E 82 -16.42 34.53 41.56
N MET E 83 -16.89 35.79 41.77
CA MET E 83 -16.03 36.84 42.33
C MET E 83 -15.58 36.45 43.74
N ASN E 84 -14.25 36.45 43.99
CA ASN E 84 -13.69 36.09 45.29
C ASN E 84 -13.14 37.28 46.05
N ILE E 85 -12.68 38.30 45.31
CA ILE E 85 -12.09 39.49 45.90
C ILE E 85 -12.70 40.73 45.24
N ALA E 86 -13.22 41.67 46.04
CA ALA E 86 -13.78 42.91 45.51
C ALA E 86 -12.72 43.99 45.61
N ARG E 87 -12.37 44.60 44.49
CA ARG E 87 -11.34 45.64 44.48
C ARG E 87 -11.95 47.04 44.47
N LEU E 88 -11.48 47.90 45.38
CA LEU E 88 -11.93 49.29 45.41
C LEU E 88 -10.80 50.12 44.87
N ASN E 89 -11.01 50.76 43.73
CA ASN E 89 -9.96 51.56 43.09
C ASN E 89 -10.01 52.97 43.62
N PHE E 90 -9.09 53.31 44.53
CA PHE E 90 -9.06 54.63 45.13
C PHE E 90 -8.49 55.73 44.21
N SER E 91 -8.26 55.42 42.93
CA SER E 91 -7.87 56.44 41.96
C SER E 91 -9.08 57.33 41.62
N HIS E 92 -10.32 56.82 41.77
CA HIS E 92 -11.57 57.54 41.52
C HIS E 92 -12.52 57.34 42.71
N GLY E 93 -13.39 58.33 42.94
CA GLY E 93 -14.39 58.26 44.01
C GLY E 93 -13.93 58.75 45.36
N SER E 94 -14.87 59.25 46.15
CA SER E 94 -14.62 59.77 47.48
C SER E 94 -14.66 58.65 48.55
N HIS E 95 -14.27 58.98 49.79
CA HIS E 95 -14.34 58.03 50.90
C HIS E 95 -15.77 57.61 51.16
N GLU E 96 -16.73 58.54 51.04
CA GLU E 96 -18.15 58.24 51.24
C GLU E 96 -18.65 57.25 50.18
N TYR E 97 -18.19 57.40 48.94
CA TYR E 97 -18.53 56.51 47.84
C TYR E 97 -17.99 55.10 48.10
N HIS E 98 -16.70 54.98 48.48
CA HIS E 98 -16.08 53.70 48.76
C HIS E 98 -16.65 53.01 49.98
N ALA E 99 -17.06 53.78 51.01
CA ALA E 99 -17.67 53.19 52.20
C ALA E 99 -19.03 52.54 51.85
N GLU E 100 -19.77 53.17 50.93
CA GLU E 100 -21.04 52.63 50.49
C GLU E 100 -20.83 51.35 49.65
N SER E 101 -19.77 51.32 48.84
CA SER E 101 -19.41 50.14 48.06
C SER E 101 -19.09 48.98 49.01
N ILE E 102 -18.28 49.22 50.06
CA ILE E 102 -17.93 48.22 51.06
C ILE E 102 -19.18 47.67 51.75
N ALA E 103 -20.11 48.57 52.15
CA ALA E 103 -21.36 48.18 52.80
C ALA E 103 -22.20 47.31 51.88
N ASN E 104 -22.28 47.67 50.59
CA ASN E 104 -23.04 46.90 49.61
C ASN E 104 -22.43 45.52 49.35
N VAL E 105 -21.08 45.45 49.33
CA VAL E 105 -20.37 44.17 49.15
C VAL E 105 -20.66 43.29 50.35
N ARG E 106 -20.48 43.82 51.57
CA ARG E 106 -20.73 43.08 52.81
C ARG E 106 -22.18 42.61 52.93
N GLU E 107 -23.14 43.43 52.49
CA GLU E 107 -24.54 43.04 52.54
C GLU E 107 -24.80 41.89 51.59
N ALA E 108 -24.24 41.97 50.36
CA ALA E 108 -24.40 40.89 49.38
C ALA E 108 -23.74 39.59 49.86
N VAL E 109 -22.53 39.68 50.44
CA VAL E 109 -21.78 38.52 50.95
C VAL E 109 -22.53 37.86 52.11
N GLU E 110 -23.01 38.67 53.06
CA GLU E 110 -23.71 38.15 54.23
C GLU E 110 -25.11 37.64 53.96
N SER E 111 -25.70 37.96 52.79
CA SER E 111 -27.01 37.41 52.44
C SER E 111 -26.96 35.87 52.26
N PHE E 112 -25.75 35.28 52.13
CA PHE E 112 -25.58 33.84 51.97
C PHE E 112 -25.07 33.16 53.28
N ALA E 113 -24.89 33.92 54.39
CA ALA E 113 -24.40 33.38 55.66
C ALA E 113 -25.36 32.43 56.40
N GLY E 114 -26.63 32.41 55.97
CA GLY E 114 -27.65 31.55 56.56
C GLY E 114 -27.39 30.07 56.36
N SER E 115 -26.58 29.72 55.36
CA SER E 115 -26.20 28.33 55.10
C SER E 115 -24.68 28.25 55.21
N PRO E 116 -24.16 27.99 56.43
CA PRO E 116 -22.69 27.94 56.62
C PRO E 116 -21.93 26.93 55.76
N LEU E 117 -22.57 25.84 55.32
CA LEU E 117 -21.94 24.83 54.47
C LEU E 117 -21.70 25.30 53.03
N SER E 118 -22.32 26.41 52.62
CA SER E 118 -22.17 26.93 51.26
C SER E 118 -21.71 28.40 51.20
N TYR E 119 -21.63 29.09 52.35
CA TYR E 119 -21.22 30.50 52.44
C TYR E 119 -19.83 30.70 51.84
N ARG E 120 -19.70 31.71 50.98
CA ARG E 120 -18.42 32.00 50.35
C ARG E 120 -17.86 33.32 50.85
N PRO E 121 -16.73 33.26 51.57
CA PRO E 121 -16.08 34.50 51.99
C PRO E 121 -15.59 35.30 50.78
N VAL E 122 -15.67 36.63 50.84
CA VAL E 122 -15.22 37.50 49.76
C VAL E 122 -14.30 38.55 50.38
N ALA E 123 -13.06 38.63 49.91
CA ALA E 123 -12.12 39.59 50.45
C ALA E 123 -12.41 41.01 49.92
N ILE E 124 -12.00 42.03 50.66
CA ILE E 124 -12.11 43.42 50.23
C ILE E 124 -10.70 43.96 50.10
N ALA E 125 -10.33 44.41 48.90
CA ALA E 125 -9.00 44.93 48.63
C ALA E 125 -9.05 46.42 48.28
N LEU E 126 -8.14 47.21 48.86
CA LEU E 126 -8.05 48.63 48.59
C LEU E 126 -6.88 48.86 47.65
N ASP E 127 -7.13 49.42 46.48
CA ASP E 127 -6.08 49.70 45.51
C ASP E 127 -5.77 51.20 45.60
N THR E 128 -4.56 51.54 46.04
CA THR E 128 -4.18 52.95 46.24
C THR E 128 -4.01 53.76 44.93
N LYS E 129 -4.18 55.09 45.02
CA LYS E 129 -4.02 56.01 43.89
C LYS E 129 -2.56 56.04 43.41
N GLY E 130 -1.62 56.00 44.35
CA GLY E 130 -0.20 56.00 44.03
C GLY E 130 0.52 57.28 44.35
N PRO E 131 1.85 57.29 44.13
CA PRO E 131 2.65 58.49 44.45
C PRO E 131 2.51 59.66 43.48
N GLY E 136 7.94 59.41 47.51
CA GLY E 136 7.46 58.56 48.59
C GLY E 136 5.95 58.43 48.63
N LEU E 137 5.41 58.04 49.80
CA LEU E 137 3.97 57.86 50.00
C LEU E 137 3.23 59.19 49.99
N SER E 138 2.25 59.33 49.07
CA SER E 138 1.49 60.57 48.95
C SER E 138 0.55 60.81 50.15
N GLU E 139 0.12 62.07 50.36
CA GLU E 139 -0.77 62.42 51.46
C GLU E 139 -2.15 61.81 51.28
N GLN E 140 -2.62 61.68 50.03
CA GLN E 140 -3.90 61.04 49.76
C GLN E 140 -3.82 59.56 50.13
N ASP E 141 -2.70 58.89 49.78
CA ASP E 141 -2.51 57.48 50.12
C ASP E 141 -2.50 57.28 51.62
N VAL E 142 -1.90 58.19 52.41
CA VAL E 142 -1.90 58.06 53.86
C VAL E 142 -3.34 58.09 54.40
N ARG E 143 -4.17 58.97 53.84
CA ARG E 143 -5.57 59.08 54.25
C ARG E 143 -6.41 57.89 53.82
N ASP E 144 -6.19 57.39 52.59
CA ASP E 144 -6.91 56.25 52.03
C ASP E 144 -6.54 54.96 52.77
N LEU E 145 -5.25 54.78 53.10
CA LEU E 145 -4.80 53.61 53.85
C LEU E 145 -5.40 53.60 55.24
N ARG E 146 -5.52 54.79 55.87
CA ARG E 146 -6.14 54.91 57.18
C ARG E 146 -7.62 54.53 57.09
N PHE E 147 -8.30 54.97 56.02
CA PHE E 147 -9.69 54.64 55.73
C PHE E 147 -9.85 53.11 55.63
N GLY E 148 -8.91 52.46 54.94
CA GLY E 148 -8.89 51.01 54.77
C GLY E 148 -8.85 50.27 56.09
N VAL E 149 -7.99 50.72 57.01
CA VAL E 149 -7.87 50.12 58.34
C VAL E 149 -9.16 50.31 59.13
N GLU E 150 -9.73 51.53 59.08
CA GLU E 150 -10.97 51.85 59.78
C GLU E 150 -12.15 51.06 59.25
N HIS E 151 -12.16 50.77 57.95
CA HIS E 151 -13.24 50.01 57.34
C HIS E 151 -12.97 48.49 57.21
N GLY E 152 -11.88 48.01 57.82
CA GLY E 152 -11.54 46.59 57.88
C GLY E 152 -11.23 45.89 56.58
N VAL E 153 -10.48 46.55 55.68
CA VAL E 153 -10.09 45.91 54.42
C VAL E 153 -9.11 44.76 54.70
N ASP E 154 -9.11 43.74 53.83
CA ASP E 154 -8.25 42.57 54.02
C ASP E 154 -6.91 42.69 53.32
N ILE E 155 -6.89 43.38 52.19
CA ILE E 155 -5.72 43.49 51.33
C ILE E 155 -5.54 44.91 50.83
N VAL E 156 -4.28 45.28 50.59
CA VAL E 156 -3.94 46.54 49.97
C VAL E 156 -3.15 46.21 48.71
N PHE E 157 -3.57 46.75 47.56
CA PHE E 157 -2.82 46.66 46.32
C PHE E 157 -2.10 48.00 46.25
N ALA E 158 -0.81 48.02 46.63
CA ALA E 158 -0.02 49.26 46.69
C ALA E 158 0.51 49.67 45.33
N SER E 159 0.03 50.81 44.81
CA SER E 159 0.42 51.28 43.49
C SER E 159 1.85 51.79 43.40
N PHE E 160 2.48 51.57 42.22
CA PHE E 160 3.82 52.00 41.86
C PHE E 160 4.90 51.70 42.90
N VAL E 161 5.00 50.44 43.34
CA VAL E 161 6.05 50.05 44.29
C VAL E 161 7.37 49.94 43.48
N ARG E 162 8.38 50.72 43.87
CA ARG E 162 9.67 50.75 43.18
C ARG E 162 10.83 50.17 43.97
N LYS E 163 10.67 49.99 45.28
CA LYS E 163 11.72 49.50 46.18
C LYS E 163 11.11 49.02 47.51
N ALA E 164 11.89 48.29 48.33
CA ALA E 164 11.44 47.78 49.62
C ALA E 164 10.92 48.88 50.57
N SER E 165 11.54 50.07 50.56
CA SER E 165 11.12 51.18 51.42
C SER E 165 9.70 51.69 51.09
N ASP E 166 9.23 51.47 49.86
CA ASP E 166 7.87 51.83 49.49
C ASP E 166 6.88 50.93 50.23
N VAL E 167 7.20 49.63 50.38
CA VAL E 167 6.38 48.66 51.10
C VAL E 167 6.38 49.02 52.58
N ALA E 168 7.55 49.38 53.13
CA ALA E 168 7.65 49.76 54.54
C ALA E 168 6.80 50.99 54.85
N ALA E 169 6.74 51.96 53.91
CA ALA E 169 5.94 53.17 54.07
C ALA E 169 4.45 52.85 54.07
N VAL E 170 4.01 51.91 53.24
CA VAL E 170 2.60 51.49 53.21
C VAL E 170 2.27 50.78 54.53
N ARG E 171 3.17 49.91 54.99
CA ARG E 171 3.02 49.17 56.23
C ARG E 171 2.91 50.13 57.44
N ALA E 172 3.71 51.21 57.45
CA ALA E 172 3.69 52.21 58.50
C ALA E 172 2.37 53.00 58.48
N ALA E 173 1.89 53.40 57.29
CA ALA E 173 0.63 54.12 57.15
C ALA E 173 -0.59 53.31 57.61
N LEU E 174 -0.51 51.98 57.55
CA LEU E 174 -1.58 51.11 58.05
C LEU E 174 -1.66 51.13 59.60
N GLY E 175 -0.58 51.53 60.26
CA GLY E 175 -0.51 51.65 61.71
C GLY E 175 -0.49 50.33 62.45
N PRO E 176 -0.60 50.43 63.79
CA PRO E 176 -0.60 49.21 64.60
C PRO E 176 -1.85 48.35 64.44
N GLU E 177 -2.99 48.98 64.10
CA GLU E 177 -4.25 48.27 63.92
C GLU E 177 -4.36 47.50 62.59
N GLY E 178 -3.52 47.84 61.61
CA GLY E 178 -3.57 47.19 60.30
C GLY E 178 -2.43 46.21 60.05
N HIS E 179 -1.91 45.60 61.11
CA HIS E 179 -0.82 44.62 61.02
C HIS E 179 -1.23 43.32 60.30
N GLY E 180 -2.51 42.98 60.34
CA GLY E 180 -3.03 41.77 59.71
C GLY E 180 -3.39 41.91 58.24
N ILE E 181 -3.39 43.14 57.71
CA ILE E 181 -3.73 43.39 56.30
C ILE E 181 -2.58 42.92 55.39
N LYS E 182 -2.89 42.23 54.29
CA LYS E 182 -1.89 41.76 53.35
C LYS E 182 -1.51 42.87 52.39
N ILE E 183 -0.21 43.02 52.11
CA ILE E 183 0.24 44.02 51.16
C ILE E 183 0.71 43.34 49.88
N ILE E 184 0.00 43.63 48.78
CA ILE E 184 0.33 43.13 47.44
C ILE E 184 0.93 44.31 46.67
N SER E 185 2.23 44.25 46.39
CA SER E 185 2.90 45.34 45.70
C SER E 185 2.62 45.30 44.19
N LYS E 186 2.19 46.43 43.63
CA LYS E 186 1.95 46.53 42.20
C LYS E 186 3.22 46.92 41.50
N ILE E 187 3.67 46.09 40.54
CA ILE E 187 4.88 46.41 39.77
C ILE E 187 4.39 47.06 38.49
N GLU E 188 4.65 48.35 38.33
CA GLU E 188 4.12 49.12 37.21
C GLU E 188 5.17 49.86 36.40
N ASN E 189 6.48 49.70 36.71
CA ASN E 189 7.51 50.43 35.96
C ASN E 189 8.85 49.68 35.93
N HIS E 190 9.82 50.21 35.16
CA HIS E 190 11.14 49.59 35.02
C HIS E 190 11.85 49.34 36.33
N GLU E 191 11.86 50.34 37.23
CA GLU E 191 12.52 50.20 38.53
C GLU E 191 11.93 49.09 39.38
N GLY E 192 10.60 48.98 39.38
CA GLY E 192 9.92 47.91 40.12
C GLY E 192 10.31 46.54 39.63
N VAL E 193 10.51 46.40 38.30
CA VAL E 193 10.91 45.13 37.70
C VAL E 193 12.36 44.83 38.10
N LYS E 194 13.25 45.82 37.98
CA LYS E 194 14.66 45.63 38.34
C LYS E 194 14.88 45.37 39.82
N ARG E 195 14.10 46.01 40.69
CA ARG E 195 14.19 45.78 42.13
C ARG E 195 13.16 44.78 42.66
N PHE E 196 12.63 43.91 41.78
CA PHE E 196 11.62 42.90 42.10
C PHE E 196 11.95 42.04 43.32
N ASP E 197 13.16 41.47 43.37
CA ASP E 197 13.53 40.58 44.46
C ASP E 197 13.42 41.23 45.84
N GLU E 198 13.91 42.48 45.97
CA GLU E 198 13.85 43.16 47.26
C GLU E 198 12.41 43.54 47.63
N ILE E 199 11.55 43.80 46.62
CA ILE E 199 10.14 44.14 46.83
C ILE E 199 9.36 42.90 47.28
N LEU E 200 9.56 41.77 46.60
CA LEU E 200 8.88 40.52 46.93
C LEU E 200 9.24 40.05 48.34
N GLU E 201 10.52 40.17 48.72
CA GLU E 201 11.01 39.75 50.04
C GLU E 201 10.22 40.37 51.20
N VAL E 202 9.83 41.66 51.08
CA VAL E 202 9.08 42.35 52.13
C VAL E 202 7.57 42.43 51.88
N SER E 203 7.07 41.95 50.73
CA SER E 203 5.65 42.00 50.42
C SER E 203 4.97 40.65 50.70
N ASP E 204 3.64 40.66 50.84
CA ASP E 204 2.90 39.39 50.96
C ASP E 204 2.68 38.74 49.57
N GLY E 205 2.71 39.54 48.52
CA GLY E 205 2.53 39.10 47.16
C GLY E 205 2.74 40.23 46.16
N ILE E 206 2.47 39.95 44.89
CA ILE E 206 2.72 40.90 43.79
C ILE E 206 1.54 40.99 42.82
N MET E 207 1.36 42.17 42.23
CA MET E 207 0.39 42.35 41.16
C MET E 207 1.17 42.81 39.92
N VAL E 208 0.98 42.12 38.79
CA VAL E 208 1.59 42.52 37.54
C VAL E 208 0.57 43.52 36.97
N ALA E 209 0.78 44.81 37.23
CA ALA E 209 -0.11 45.89 36.83
C ALA E 209 0.27 46.30 35.41
N ARG E 210 -0.25 45.54 34.43
CA ARG E 210 0.10 45.66 33.02
C ARG E 210 -0.28 46.97 32.34
N GLY E 211 -1.29 47.68 32.82
CA GLY E 211 -1.69 48.96 32.23
C GLY E 211 -0.56 49.98 32.24
N ASP E 212 -0.09 50.36 33.43
CA ASP E 212 1.03 51.31 33.54
C ASP E 212 2.32 50.67 33.09
N LEU E 213 2.54 49.38 33.38
CA LEU E 213 3.76 48.69 32.96
C LEU E 213 3.95 48.75 31.44
N GLY E 214 2.86 48.61 30.68
CA GLY E 214 2.87 48.67 29.23
C GLY E 214 3.11 50.04 28.63
N ILE E 215 3.08 51.08 29.45
CA ILE E 215 3.36 52.47 29.06
C ILE E 215 4.78 52.85 29.56
N GLU E 216 5.22 52.29 30.70
CA GLU E 216 6.51 52.55 31.31
C GLU E 216 7.64 51.81 30.61
N ILE E 217 7.37 50.60 30.13
CA ILE E 217 8.33 49.79 29.37
C ILE E 217 7.72 49.50 27.98
N PRO E 218 8.52 49.11 26.95
CA PRO E 218 7.91 48.81 25.63
C PRO E 218 6.82 47.75 25.75
N ALA E 219 5.68 47.97 25.07
CA ALA E 219 4.53 47.08 25.12
C ALA E 219 4.88 45.62 24.81
N GLU E 220 5.82 45.41 23.89
CA GLU E 220 6.25 44.08 23.49
C GLU E 220 7.09 43.36 24.55
N LYS E 221 7.44 44.01 25.66
CA LYS E 221 8.23 43.37 26.72
C LYS E 221 7.40 42.98 27.94
N VAL E 222 6.17 43.46 28.06
CA VAL E 222 5.33 43.18 29.24
C VAL E 222 5.18 41.69 29.53
N PHE E 223 5.02 40.84 28.48
CA PHE E 223 4.87 39.40 28.70
C PHE E 223 6.11 38.78 29.38
N LEU E 224 7.31 39.34 29.13
CA LEU E 224 8.54 38.82 29.76
C LEU E 224 8.51 39.14 31.24
N ALA E 225 8.08 40.37 31.59
CA ALA E 225 7.97 40.81 32.97
C ALA E 225 6.88 40.01 33.69
N GLN E 226 5.73 39.77 33.02
CA GLN E 226 4.66 38.99 33.62
C GLN E 226 5.13 37.57 33.93
N LYS E 227 5.73 36.89 32.94
CA LYS E 227 6.16 35.51 33.12
C LYS E 227 7.29 35.37 34.12
N MET E 228 8.21 36.35 34.16
CA MET E 228 9.31 36.35 35.13
C MET E 228 8.78 36.50 36.56
N MET E 229 7.89 37.49 36.77
CA MET E 229 7.34 37.77 38.10
C MET E 229 6.49 36.63 38.60
N ILE E 230 5.68 36.03 37.70
CA ILE E 230 4.87 34.88 38.11
C ILE E 230 5.76 33.71 38.51
N GLY E 231 6.81 33.45 37.73
CA GLY E 231 7.75 32.39 38.05
C GLY E 231 8.44 32.58 39.38
N ARG E 232 8.93 33.80 39.64
CA ARG E 232 9.61 34.11 40.89
C ARG E 232 8.68 34.05 42.11
N CYS E 233 7.40 34.45 41.94
CA CYS E 233 6.42 34.35 43.03
C CYS E 233 6.08 32.91 43.27
N ASN E 234 5.95 32.09 42.21
CA ASN E 234 5.67 30.66 42.36
C ASN E 234 6.83 29.98 43.11
N LEU E 235 8.07 30.36 42.78
CA LEU E 235 9.25 29.83 43.43
C LEU E 235 9.24 30.23 44.92
N ALA E 236 8.90 31.50 45.22
CA ALA E 236 8.84 31.99 46.61
C ALA E 236 7.64 31.48 47.40
N GLY E 237 6.61 30.94 46.71
CA GLY E 237 5.38 30.49 47.34
C GLY E 237 4.52 31.66 47.80
N LYS E 238 4.60 32.82 47.11
CA LYS E 238 3.82 34.01 47.44
C LYS E 238 2.81 34.34 46.35
N PRO E 239 1.60 34.80 46.72
CA PRO E 239 0.58 35.08 45.70
C PRO E 239 0.97 36.08 44.61
N VAL E 240 0.52 35.80 43.38
CA VAL E 240 0.77 36.70 42.26
C VAL E 240 -0.53 36.90 41.49
N VAL E 241 -0.84 38.17 41.18
CA VAL E 241 -2.06 38.56 40.48
C VAL E 241 -1.71 39.03 39.08
N CYS E 242 -2.44 38.54 38.07
CA CYS E 242 -2.29 39.08 36.72
C CYS E 242 -3.45 40.06 36.53
N ALA E 243 -3.15 41.27 36.04
CA ALA E 243 -4.17 42.28 35.92
C ALA E 243 -4.11 43.10 34.63
N THR E 244 -5.27 43.73 34.27
CA THR E 244 -5.52 44.77 33.29
C THR E 244 -5.70 44.31 31.87
N GLN E 245 -6.87 44.70 31.30
CA GLN E 245 -7.29 44.47 29.93
C GLN E 245 -7.40 42.99 29.55
N MET E 246 -7.61 42.11 30.55
CA MET E 246 -7.74 40.68 30.29
C MET E 246 -8.93 40.35 29.42
N LEU E 247 -10.07 41.04 29.63
CA LEU E 247 -11.29 40.87 28.85
C LEU E 247 -11.80 42.25 28.41
N SER E 249 -12.55 44.21 25.71
CA SER E 249 -13.68 44.32 24.79
C SER E 249 -15.03 44.02 25.44
N MET E 250 -15.06 43.24 26.54
CA MET E 250 -16.31 42.96 27.25
C MET E 250 -16.89 44.19 27.99
N ILE E 251 -16.19 45.34 27.96
CA ILE E 251 -16.70 46.59 28.51
C ILE E 251 -17.94 47.01 27.65
N THR E 252 -17.91 46.78 26.32
CA THR E 252 -19.05 47.10 25.46
C THR E 252 -19.66 45.87 24.76
N LYS E 253 -18.92 44.76 24.62
CA LYS E 253 -19.42 43.59 23.91
C LYS E 253 -19.74 42.40 24.80
N PRO E 254 -20.78 41.62 24.49
CA PRO E 254 -21.16 40.50 25.38
C PRO E 254 -20.19 39.31 25.37
N ARG E 255 -19.34 39.21 24.33
CA ARG E 255 -18.37 38.13 24.18
C ARG E 255 -16.97 38.73 23.99
N PRO E 256 -15.95 38.07 24.55
CA PRO E 256 -14.58 38.62 24.40
C PRO E 256 -13.92 38.22 23.08
N THR E 257 -12.76 38.81 22.78
CA THR E 257 -12.02 38.45 21.57
C THR E 257 -11.25 37.13 21.81
N ARG E 258 -10.72 36.54 20.73
CA ARG E 258 -9.92 35.31 20.83
C ARG E 258 -8.60 35.59 21.57
N ALA E 259 -8.07 36.80 21.47
CA ALA E 259 -6.84 37.18 22.18
C ALA E 259 -7.09 37.29 23.69
N GLU E 260 -8.28 37.76 24.08
CA GLU E 260 -8.67 37.92 25.48
C GLU E 260 -8.84 36.62 26.22
N THR E 261 -9.54 35.65 25.62
CA THR E 261 -9.68 34.33 26.24
C THR E 261 -8.31 33.64 26.37
N SER E 262 -7.47 33.83 25.36
CA SER E 262 -6.12 33.28 25.32
C SER E 262 -5.27 33.90 26.45
N ASP E 263 -5.38 35.21 26.65
CA ASP E 263 -4.66 35.92 27.71
C ASP E 263 -5.05 35.38 29.11
N VAL E 264 -6.34 35.16 29.36
CA VAL E 264 -6.80 34.62 30.65
C VAL E 264 -6.24 33.21 30.84
N ALA E 265 -6.36 32.36 29.82
CA ALA E 265 -5.86 30.98 29.90
C ALA E 265 -4.36 30.94 30.11
N ASN E 266 -3.63 31.82 29.45
CA ASN E 266 -2.19 31.86 29.55
C ASN E 266 -1.73 32.44 30.89
N ALA E 267 -2.49 33.36 31.52
CA ALA E 267 -2.11 33.86 32.85
C ALA E 267 -2.19 32.70 33.86
N VAL E 268 -3.23 31.86 33.75
CA VAL E 268 -3.41 30.69 34.62
C VAL E 268 -2.30 29.68 34.35
N LEU E 269 -2.03 29.37 33.07
CA LEU E 269 -0.95 28.45 32.70
C LEU E 269 0.43 28.95 33.13
N ASP E 270 0.67 30.27 33.11
CA ASP E 270 1.92 30.89 33.59
C ASP E 270 2.14 30.57 35.07
N GLY E 271 1.06 30.52 35.85
CA GLY E 271 1.10 30.23 37.27
C GLY E 271 0.47 31.28 38.16
N ALA E 272 -0.33 32.21 37.60
CA ALA E 272 -0.96 33.26 38.40
C ALA E 272 -1.94 32.68 39.41
N ASP E 273 -1.88 33.18 40.66
CA ASP E 273 -2.80 32.74 41.69
C ASP E 273 -4.16 33.40 41.50
N CYS E 274 -4.18 34.67 41.05
CA CYS E 274 -5.38 35.46 40.84
C CYS E 274 -5.37 36.11 39.49
N ILE E 275 -6.56 36.29 38.93
CA ILE E 275 -6.79 37.04 37.70
C ILE E 275 -7.75 38.19 38.05
N MET E 276 -7.65 39.30 37.32
CA MET E 276 -8.42 40.49 37.67
C MET E 276 -9.23 41.08 36.54
N LEU E 277 -10.33 41.76 36.90
CA LEU E 277 -11.18 42.52 35.99
C LEU E 277 -11.20 43.96 36.51
N SER E 278 -10.97 44.94 35.63
CA SER E 278 -10.96 46.35 36.02
C SER E 278 -12.17 47.10 35.42
N GLY E 279 -12.02 47.76 34.27
CA GLY E 279 -13.11 48.42 33.59
C GLY E 279 -14.25 47.48 33.23
N GLU E 280 -13.93 46.19 33.00
CA GLU E 280 -14.91 45.17 32.65
C GLU E 280 -16.02 45.04 33.71
N THR E 281 -15.66 45.22 34.99
CA THR E 281 -16.66 45.14 36.06
C THR E 281 -17.00 46.51 36.65
N ALA E 282 -16.04 47.43 36.65
CA ALA E 282 -16.26 48.74 37.24
C ALA E 282 -17.20 49.60 36.42
N LYS E 283 -17.02 49.66 35.08
CA LYS E 283 -17.84 50.51 34.25
C LYS E 283 -18.48 49.86 33.03
N GLY E 284 -18.14 48.62 32.74
CA GLY E 284 -18.66 47.92 31.58
C GLY E 284 -20.13 47.53 31.61
N ASN E 285 -20.67 47.18 30.45
CA ASN E 285 -22.06 46.78 30.34
C ASN E 285 -22.32 45.31 30.67
N PHE E 286 -21.25 44.49 30.82
CA PHE E 286 -21.40 43.06 31.09
C PHE E 286 -20.52 42.59 32.27
N PRO E 287 -20.64 43.20 33.47
CA PRO E 287 -19.78 42.78 34.58
C PRO E 287 -19.94 41.34 35.01
N VAL E 288 -21.17 40.83 35.09
CA VAL E 288 -21.42 39.45 35.52
C VAL E 288 -20.92 38.47 34.49
N GLU E 289 -21.13 38.78 33.19
CA GLU E 289 -20.68 37.93 32.09
C GLU E 289 -19.14 37.86 32.06
N ALA E 290 -18.45 38.97 32.40
CA ALA E 290 -16.99 39.01 32.45
C ALA E 290 -16.46 38.08 33.56
N VAL E 291 -17.12 38.05 34.73
CA VAL E 291 -16.75 37.15 35.82
C VAL E 291 -17.00 35.69 35.41
N LYS E 292 -18.13 35.41 34.75
CA LYS E 292 -18.45 34.06 34.27
C LYS E 292 -17.45 33.56 33.25
N MET E 293 -16.99 34.46 32.37
CA MET E 293 -16.03 34.13 31.35
C MET E 293 -14.69 33.79 31.97
N GLN E 294 -14.22 34.58 32.96
CA GLN E 294 -12.97 34.29 33.64
C GLN E 294 -13.06 32.96 34.38
N HIS E 295 -14.21 32.67 34.99
CA HIS E 295 -14.43 31.43 35.71
C HIS E 295 -14.34 30.23 34.75
N ALA E 296 -15.07 30.30 33.63
CA ALA E 296 -15.10 29.24 32.62
C ALA E 296 -13.71 28.95 32.04
N ILE E 297 -12.95 30.01 31.68
CA ILE E 297 -11.60 29.83 31.14
C ILE E 297 -10.64 29.26 32.18
N ALA E 298 -10.64 29.81 33.40
CA ALA E 298 -9.72 29.35 34.44
C ALA E 298 -9.86 27.85 34.74
N ARG E 299 -11.10 27.31 34.82
CA ARG E 299 -11.30 25.89 35.08
C ARG E 299 -10.68 25.06 33.95
N GLU E 300 -10.85 25.50 32.69
CA GLU E 300 -10.30 24.78 31.56
C GLU E 300 -8.76 24.83 31.57
N ALA E 301 -8.19 26.00 31.88
CA ALA E 301 -6.75 26.17 31.90
C ALA E 301 -6.08 25.42 33.04
N GLU E 302 -6.74 25.33 34.21
CA GLU E 302 -6.21 24.61 35.36
C GLU E 302 -6.09 23.12 35.10
N ALA E 303 -7.05 22.53 34.38
CA ALA E 303 -6.98 21.11 34.03
C ALA E 303 -5.87 20.85 32.99
N ALA E 304 -5.54 21.86 32.15
CA ALA E 304 -4.48 21.78 31.13
C ALA E 304 -3.06 21.97 31.69
N VAL E 305 -2.92 22.23 33.00
CA VAL E 305 -1.61 22.39 33.61
C VAL E 305 -0.88 21.03 33.57
N TYR E 306 0.44 21.03 33.31
CA TYR E 306 1.21 19.79 33.25
C TYR E 306 1.81 19.56 34.64
N HIS E 307 0.99 19.06 35.58
CA HIS E 307 1.37 18.86 36.98
C HIS E 307 2.62 18.04 37.17
N ARG E 308 2.83 17.02 36.34
CA ARG E 308 4.02 16.16 36.45
C ARG E 308 5.34 16.94 36.45
N GLN E 309 5.50 17.87 35.48
CA GLN E 309 6.72 18.67 35.46
C GLN E 309 6.66 19.83 36.46
N LEU E 310 5.51 20.51 36.56
CA LEU E 310 5.33 21.62 37.48
C LEU E 310 5.65 21.21 38.95
N PHE E 311 5.11 20.08 39.43
CA PHE E 311 5.37 19.61 40.79
C PHE E 311 6.83 19.27 40.97
N GLU E 312 7.42 18.55 40.00
CA GLU E 312 8.82 18.19 40.08
C GLU E 312 9.71 19.40 40.15
N GLU E 313 9.44 20.41 39.35
CA GLU E 313 10.24 21.63 39.37
C GLU E 313 10.02 22.48 40.64
N LEU E 314 8.78 22.55 41.15
CA LEU E 314 8.50 23.31 42.37
C LEU E 314 9.11 22.64 43.57
N ARG E 315 8.96 21.31 43.65
CA ARG E 315 9.47 20.46 44.71
C ARG E 315 11.02 20.52 44.71
N ARG E 316 11.63 20.47 43.53
CA ARG E 316 13.08 20.52 43.31
C ARG E 316 13.67 21.85 43.77
N ALA E 317 12.99 22.95 43.48
CA ALA E 317 13.47 24.30 43.79
C ALA E 317 13.15 24.79 45.21
N ALA E 318 12.17 24.18 45.90
CA ALA E 318 11.83 24.54 47.28
C ALA E 318 12.96 24.01 48.15
N PRO E 319 13.52 24.82 49.07
CA PRO E 319 14.66 24.34 49.87
C PRO E 319 14.30 23.31 50.91
N LEU E 320 15.29 22.53 51.36
CA LEU E 320 15.09 21.58 52.43
C LEU E 320 14.67 22.35 53.72
N SER E 321 13.81 21.75 54.52
CA SER E 321 13.28 22.43 55.68
C SER E 321 13.17 21.52 56.87
N ARG E 322 13.35 22.07 58.06
CA ARG E 322 13.09 21.38 59.32
C ARG E 322 11.80 21.89 60.01
N ASP E 323 10.96 22.67 59.30
CA ASP E 323 9.69 23.18 59.79
C ASP E 323 8.67 22.11 59.52
N PRO E 324 8.03 21.57 60.57
CA PRO E 324 7.08 20.48 60.35
C PRO E 324 5.89 20.82 59.45
N THR E 325 5.48 22.09 59.35
CA THR E 325 4.37 22.47 58.47
C THR E 325 4.81 22.31 57.01
N GLU E 326 6.04 22.76 56.70
CA GLU E 326 6.64 22.65 55.37
C GLU E 326 6.78 21.17 54.97
N VAL E 327 7.33 20.34 55.89
CA VAL E 327 7.53 18.91 55.69
C VAL E 327 6.21 18.17 55.50
N THR E 328 5.19 18.49 56.31
CA THR E 328 3.87 17.87 56.19
C THR E 328 3.20 18.27 54.88
N ALA E 329 3.34 19.56 54.45
CA ALA E 329 2.74 20.05 53.22
C ALA E 329 3.21 19.28 51.97
N ILE E 330 4.53 19.06 51.82
CA ILE E 330 5.02 18.33 50.66
C ILE E 330 4.62 16.84 50.73
N GLY E 331 4.61 16.26 51.93
CA GLY E 331 4.17 14.88 52.09
C GLY E 331 2.71 14.71 51.72
N ALA E 332 1.85 15.67 52.10
CA ALA E 332 0.42 15.64 51.79
C ALA E 332 0.15 15.82 50.30
N VAL E 333 0.88 16.74 49.63
CA VAL E 333 0.72 16.96 48.19
C VAL E 333 1.15 15.71 47.41
N GLU E 334 2.24 15.06 47.85
CA GLU E 334 2.72 13.84 47.22
C GLU E 334 1.68 12.73 47.39
N ALA E 335 1.13 12.58 48.59
CA ALA E 335 0.12 11.58 48.89
C ALA E 335 -1.16 11.82 48.05
N ALA E 336 -1.54 13.09 47.86
CA ALA E 336 -2.71 13.45 47.07
C ALA E 336 -2.55 13.03 45.60
N PHE E 337 -1.35 13.24 45.01
CA PHE E 337 -1.09 12.84 43.62
C PHE E 337 -1.12 11.33 43.45
N LYS E 338 -0.61 10.60 44.44
CA LYS E 338 -0.56 9.13 44.41
C LYS E 338 -1.93 8.48 44.34
N CYS E 339 -2.92 9.05 45.04
CA CYS E 339 -4.25 8.43 45.06
C CYS E 339 -5.30 9.19 44.29
N CYS E 340 -4.94 10.28 43.58
CA CYS E 340 -5.90 11.13 42.88
C CYS E 340 -6.92 11.67 43.88
N ALA E 341 -6.44 12.13 45.04
CA ALA E 341 -7.30 12.65 46.11
C ALA E 341 -8.17 13.78 45.60
N ALA E 342 -9.46 13.76 45.97
CA ALA E 342 -10.37 14.80 45.55
C ALA E 342 -10.05 16.12 46.26
N ALA E 343 -9.49 16.06 47.50
CA ALA E 343 -9.18 17.26 48.26
C ALA E 343 -8.14 17.00 49.35
N ILE E 344 -7.53 18.09 49.85
CA ILE E 344 -6.66 18.08 50.99
C ILE E 344 -7.40 19.01 51.96
N ILE E 345 -7.88 18.49 53.09
CA ILE E 345 -8.58 19.30 54.08
C ILE E 345 -7.57 19.73 55.12
N VAL E 346 -7.37 21.02 55.29
CA VAL E 346 -6.39 21.52 56.25
C VAL E 346 -7.04 22.47 57.27
N LEU E 347 -6.64 22.36 58.53
CA LEU E 347 -7.08 23.26 59.57
C LEU E 347 -6.02 24.36 59.64
N THR E 348 -6.45 25.63 59.57
CA THR E 348 -5.51 26.74 59.60
C THR E 348 -6.05 27.93 60.37
N THR E 349 -5.18 28.63 61.10
CA THR E 349 -5.57 29.80 61.88
C THR E 349 -5.28 31.06 61.08
N THR E 350 -4.08 31.16 60.52
CA THR E 350 -3.63 32.32 59.77
C THR E 350 -3.70 32.14 58.23
N GLY E 351 -3.87 30.90 57.78
CA GLY E 351 -3.87 30.54 56.37
C GLY E 351 -2.54 29.95 55.93
N ARG E 352 -1.48 30.02 56.78
CA ARG E 352 -0.15 29.55 56.44
C ARG E 352 -0.07 28.07 56.02
N SER E 353 -0.71 27.15 56.75
CA SER E 353 -0.68 25.73 56.39
C SER E 353 -1.30 25.49 55.01
N ALA E 354 -2.36 26.24 54.68
CA ALA E 354 -3.01 26.11 53.37
C ALA E 354 -2.10 26.71 52.27
N GLN E 355 -1.42 27.83 52.56
CA GLN E 355 -0.50 28.47 51.64
C GLN E 355 0.69 27.55 51.33
N LEU E 356 1.21 26.81 52.34
CA LEU E 356 2.32 25.89 52.10
C LEU E 356 1.89 24.68 51.25
N LEU E 357 0.61 24.29 51.29
CA LEU E 357 0.11 23.20 50.44
C LEU E 357 -0.03 23.74 49.00
N SER E 358 -0.61 24.95 48.87
CA SER E 358 -0.86 25.65 47.62
CA SER E 358 -0.86 25.62 47.61
C SER E 358 0.40 25.89 46.77
N ARG E 359 1.55 26.14 47.41
CA ARG E 359 2.80 26.42 46.69
C ARG E 359 3.30 25.24 45.84
N TYR E 360 2.86 24.01 46.15
CA TYR E 360 3.22 22.83 45.38
C TYR E 360 2.24 22.54 44.25
N ARG E 361 1.23 23.40 44.04
CA ARG E 361 0.22 23.29 43.01
C ARG E 361 -0.41 21.89 42.90
N PRO E 362 -1.01 21.39 44.00
CA PRO E 362 -1.70 20.11 43.90
C PRO E 362 -2.92 20.23 42.96
N ARG E 363 -3.29 19.13 42.33
CA ARG E 363 -4.49 19.07 41.52
C ARG E 363 -5.69 19.06 42.50
N ALA E 364 -5.56 18.36 43.66
CA ALA E 364 -6.56 18.28 44.72
C ALA E 364 -6.83 19.67 45.27
N ALA E 365 -8.10 20.00 45.47
CA ALA E 365 -8.52 21.25 46.07
C ALA E 365 -8.01 21.31 47.52
N VAL E 366 -7.53 22.47 47.97
CA VAL E 366 -7.10 22.63 49.36
C VAL E 366 -8.26 23.28 50.12
N ILE E 367 -9.04 22.46 50.84
CA ILE E 367 -10.17 22.96 51.62
C ILE E 367 -9.65 23.43 52.98
N ALA E 368 -9.59 24.76 53.19
CA ALA E 368 -9.05 25.32 54.41
C ALA E 368 -10.15 25.67 55.41
N VAL E 369 -10.19 24.96 56.54
CA VAL E 369 -11.19 25.23 57.58
C VAL E 369 -10.57 26.15 58.61
N THR E 370 -11.14 27.33 58.77
CA THR E 370 -10.63 28.33 59.71
C THR E 370 -11.77 29.01 60.48
N ARG E 371 -11.46 29.47 61.71
CA ARG E 371 -12.38 30.27 62.53
C ARG E 371 -12.18 31.76 62.27
N SER E 372 -11.00 32.17 61.73
CA SER E 372 -10.67 33.56 61.43
C SER E 372 -11.37 34.00 60.16
N ALA E 373 -12.32 34.94 60.26
CA ALA E 373 -13.04 35.46 59.10
C ALA E 373 -12.10 36.18 58.15
N GLN E 374 -11.12 36.90 58.69
CA GLN E 374 -10.17 37.61 57.86
C GLN E 374 -9.25 36.64 57.10
N ALA E 375 -8.71 35.58 57.77
CA ALA E 375 -7.87 34.58 57.10
C ALA E 375 -8.68 33.88 56.00
N ALA E 376 -9.98 33.63 56.25
CA ALA E 376 -10.85 33.00 55.25
C ALA E 376 -10.95 33.87 53.99
N ARG E 377 -11.03 35.19 54.15
CA ARG E 377 -11.07 36.10 53.02
C ARG E 377 -9.71 36.21 52.33
N GLN E 378 -8.64 36.33 53.10
CA GLN E 378 -7.28 36.50 52.58
C GLN E 378 -6.71 35.28 51.85
N VAL E 379 -7.09 34.03 52.22
CA VAL E 379 -6.54 32.86 51.53
C VAL E 379 -7.00 32.73 50.07
N HIS E 380 -7.95 33.58 49.61
CA HIS E 380 -8.34 33.62 48.21
C HIS E 380 -7.12 34.06 47.33
N LEU E 381 -6.11 34.70 47.93
CA LEU E 381 -4.90 35.09 47.23
C LEU E 381 -4.08 33.87 46.77
N CYS E 382 -4.23 32.70 47.44
CA CYS E 382 -3.49 31.48 47.15
C CYS E 382 -4.26 30.55 46.29
N ARG E 383 -3.71 30.20 45.11
CA ARG E 383 -4.41 29.31 44.19
C ARG E 383 -4.77 27.96 44.80
N GLY E 384 -5.99 27.54 44.55
CA GLY E 384 -6.45 26.24 45.00
C GLY E 384 -6.87 26.16 46.44
N VAL E 385 -6.90 27.28 47.16
CA VAL E 385 -7.36 27.28 48.56
C VAL E 385 -8.83 27.71 48.58
N PHE E 386 -9.69 26.83 49.08
CA PHE E 386 -11.13 27.03 49.20
C PHE E 386 -11.46 27.22 50.66
N PRO E 387 -11.64 28.49 51.10
CA PRO E 387 -11.87 28.75 52.52
C PRO E 387 -13.26 28.43 53.04
N LEU E 388 -13.31 27.81 54.20
CA LEU E 388 -14.56 27.49 54.88
C LEU E 388 -14.50 28.16 56.24
N LEU E 389 -15.44 29.06 56.51
CA LEU E 389 -15.49 29.74 57.79
C LEU E 389 -16.30 28.92 58.79
N TYR E 390 -15.62 28.44 59.85
CA TYR E 390 -16.20 27.63 60.92
C TYR E 390 -16.70 28.57 62.01
N ARG E 391 -18.02 28.57 62.27
CA ARG E 391 -18.60 29.52 63.23
C ARG E 391 -18.88 28.94 64.61
N GLU E 392 -18.86 27.60 64.75
CA GLU E 392 -19.16 26.95 66.01
C GLU E 392 -18.15 27.24 67.13
N PRO E 393 -18.65 27.39 68.37
CA PRO E 393 -17.72 27.61 69.49
C PRO E 393 -16.95 26.31 69.81
N PRO E 394 -15.78 26.44 70.45
CA PRO E 394 -14.96 25.25 70.73
C PRO E 394 -15.63 24.17 71.58
N GLU E 395 -15.36 22.89 71.25
CA GLU E 395 -15.77 21.74 72.04
C GLU E 395 -14.88 21.69 73.31
N ALA E 396 -15.32 20.97 74.35
CA ALA E 396 -14.56 20.86 75.59
C ALA E 396 -13.23 20.13 75.34
N ILE E 397 -13.28 19.03 74.59
CA ILE E 397 -12.10 18.25 74.28
C ILE E 397 -11.55 18.72 72.92
N TRP E 398 -10.30 19.21 72.90
CA TRP E 398 -9.67 19.72 71.69
C TRP E 398 -9.66 18.73 70.52
N ALA E 399 -9.35 17.44 70.77
CA ALA E 399 -9.38 16.41 69.73
C ALA E 399 -10.76 16.30 69.06
N ASP E 400 -11.85 16.50 69.81
CA ASP E 400 -13.21 16.47 69.27
C ASP E 400 -13.50 17.71 68.44
N ASP E 401 -12.97 18.86 68.86
CA ASP E 401 -13.12 20.11 68.12
C ASP E 401 -12.41 20.01 66.77
N VAL E 402 -11.22 19.39 66.75
CA VAL E 402 -10.46 19.16 65.54
C VAL E 402 -11.26 18.28 64.58
N ASP E 403 -11.81 17.16 65.09
CA ASP E 403 -12.63 16.24 64.30
C ASP E 403 -13.89 16.90 63.76
N ARG E 404 -14.52 17.77 64.54
CA ARG E 404 -15.72 18.46 64.07
C ARG E 404 -15.40 19.39 62.91
N ARG E 405 -14.22 20.05 62.95
CA ARG E 405 -13.80 20.93 61.88
C ARG E 405 -13.46 20.13 60.59
N VAL E 406 -12.86 18.95 60.74
CA VAL E 406 -12.56 18.06 59.62
C VAL E 406 -13.88 17.59 58.99
N GLN E 407 -14.86 17.19 59.82
CA GLN E 407 -16.19 16.76 59.36
C GLN E 407 -16.96 17.88 58.68
N PHE E 408 -16.77 19.12 59.15
CA PHE E 408 -17.37 20.30 58.56
C PHE E 408 -16.81 20.51 57.14
N GLY E 409 -15.50 20.26 56.98
CA GLY E 409 -14.82 20.33 55.69
C GLY E 409 -15.35 19.29 54.72
N ILE E 410 -15.55 18.06 55.21
CA ILE E 410 -16.10 16.95 54.42
C ILE E 410 -17.56 17.23 54.01
N GLU E 411 -18.39 17.69 54.96
CA GLU E 411 -19.79 17.99 54.66
C GLU E 411 -19.94 19.16 53.70
N SER E 412 -19.17 20.24 53.88
CA SER E 412 -19.21 21.37 52.94
C SER E 412 -18.72 20.91 51.55
N GLY E 413 -17.69 20.06 51.53
CA GLY E 413 -17.14 19.53 50.29
C GLY E 413 -18.17 18.73 49.52
N LYS E 414 -18.92 17.88 50.25
CA LYS E 414 -19.96 17.05 49.66
C LYS E 414 -21.06 17.93 49.08
N LEU E 415 -21.50 18.94 49.84
CA LEU E 415 -22.57 19.82 49.41
C LEU E 415 -22.19 20.60 48.17
N ARG E 416 -20.93 21.07 48.11
CA ARG E 416 -20.47 21.86 46.98
C ARG E 416 -20.00 21.07 45.77
N GLY E 417 -19.99 19.75 45.86
CA GLY E 417 -19.57 18.92 44.74
C GLY E 417 -18.10 18.56 44.68
N PHE E 418 -17.30 19.02 45.66
CA PHE E 418 -15.87 18.69 45.72
C PHE E 418 -15.66 17.20 46.02
N LEU E 419 -16.53 16.62 46.85
CA LEU E 419 -16.36 15.24 47.31
C LEU E 419 -17.61 14.40 47.14
N ARG E 420 -17.40 13.10 47.04
CA ARG E 420 -18.46 12.13 46.97
C ARG E 420 -18.01 10.91 47.79
N VAL E 421 -18.93 10.03 48.13
CA VAL E 421 -18.63 8.81 48.87
C VAL E 421 -17.69 7.92 48.05
N GLY E 422 -16.66 7.39 48.69
CA GLY E 422 -15.67 6.57 48.02
C GLY E 422 -14.40 7.31 47.67
N ASP E 423 -14.44 8.65 47.65
CA ASP E 423 -13.26 9.47 47.37
C ASP E 423 -12.23 9.35 48.49
N LEU E 424 -10.96 9.54 48.15
CA LEU E 424 -9.90 9.58 49.16
C LEU E 424 -9.56 11.05 49.39
N VAL E 425 -9.36 11.44 50.63
CA VAL E 425 -8.95 12.79 50.97
C VAL E 425 -7.72 12.72 51.86
N ILE E 426 -6.91 13.78 51.82
CA ILE E 426 -5.75 13.90 52.69
C ILE E 426 -6.17 14.93 53.74
N VAL E 427 -5.99 14.63 55.02
CA VAL E 427 -6.34 15.57 56.08
C VAL E 427 -5.08 16.03 56.80
N VAL E 428 -4.87 17.36 56.85
CA VAL E 428 -3.70 17.97 57.46
C VAL E 428 -4.09 18.75 58.74
N THR E 429 -3.55 18.31 59.89
CA THR E 429 -3.84 18.89 61.21
C THR E 429 -2.51 19.06 62.00
N GLY E 430 -2.59 19.58 63.24
CA GLY E 430 -1.44 19.76 64.11
C GLY E 430 -1.57 18.98 65.41
N TRP E 431 -0.51 18.95 66.21
CA TRP E 431 -0.50 18.20 67.46
C TRP E 431 -1.02 18.95 68.69
N ARG E 432 -1.16 20.28 68.59
CA ARG E 432 -1.65 21.11 69.70
C ARG E 432 -2.35 22.38 69.17
N PRO E 433 -3.19 23.05 69.99
CA PRO E 433 -3.86 24.28 69.51
C PRO E 433 -2.90 25.41 69.18
N GLY E 434 -3.38 26.40 68.45
CA GLY E 434 -2.57 27.55 68.07
C GLY E 434 -1.87 27.34 66.74
N SER E 435 -1.46 28.44 66.13
CA SER E 435 -0.78 28.52 64.86
C SER E 435 0.65 27.97 64.95
N GLY E 436 1.11 27.32 63.88
CA GLY E 436 2.50 26.86 63.78
C GLY E 436 2.82 25.45 64.18
N TYR E 437 1.80 24.64 64.48
CA TYR E 437 2.05 23.26 64.95
C TYR E 437 1.53 22.16 64.01
N THR E 438 1.25 22.47 62.72
CA THR E 438 0.81 21.45 61.77
C THR E 438 1.93 20.41 61.60
N ASN E 439 1.61 19.13 61.76
CA ASN E 439 2.60 18.07 61.64
C ASN E 439 1.99 16.71 61.30
N ILE E 440 0.67 16.65 61.00
CA ILE E 440 0.01 15.38 60.77
C ILE E 440 -0.70 15.33 59.43
N MET E 441 -0.55 14.20 58.73
CA MET E 441 -1.23 13.96 57.46
CA MET E 441 -1.18 13.93 57.44
C MET E 441 -1.90 12.58 57.54
N ARG E 442 -3.20 12.53 57.22
CA ARG E 442 -3.96 11.28 57.27
C ARG E 442 -4.64 10.99 55.96
N VAL E 443 -4.72 9.72 55.56
CA VAL E 443 -5.43 9.38 54.32
C VAL E 443 -6.78 8.79 54.73
N LEU E 444 -7.85 9.45 54.32
CA LEU E 444 -9.22 9.13 54.74
C LEU E 444 -10.13 8.81 53.59
N SER E 445 -10.98 7.80 53.74
CA SER E 445 -11.95 7.46 52.69
CA SER E 445 -11.94 7.45 52.70
C SER E 445 -13.27 8.12 53.06
N ILE E 446 -13.89 8.79 52.11
CA ILE E 446 -15.16 9.48 52.33
C ILE E 446 -16.33 8.51 52.44
N SER E 447 -17.03 8.54 53.59
CA SER E 447 -18.18 7.66 53.82
C SER E 447 -19.52 8.42 53.74
N ALA F 13 21.09 27.36 47.12
CA ALA F 13 19.94 28.10 47.66
C ALA F 13 18.89 27.16 48.31
N ASP F 14 18.73 25.94 47.76
CA ASP F 14 17.81 24.93 48.26
C ASP F 14 18.35 24.19 49.51
N VAL F 15 19.59 24.42 49.92
CA VAL F 15 20.16 23.78 51.10
C VAL F 15 20.76 24.80 52.09
N ALA F 16 20.69 26.12 51.79
CA ALA F 16 21.32 27.18 52.59
C ALA F 16 20.88 27.26 54.07
N GLN F 17 19.56 27.31 54.35
CA GLN F 17 19.07 27.40 55.72
C GLN F 17 19.36 26.12 56.49
N LEU F 18 19.17 24.96 55.86
CA LEU F 18 19.49 23.70 56.49
C LEU F 18 21.00 23.53 56.72
N THR F 19 21.84 24.19 55.91
CA THR F 19 23.31 24.18 56.07
C THR F 19 23.71 25.05 57.25
N GLN F 20 23.02 26.17 57.47
CA GLN F 20 23.31 27.02 58.62
C GLN F 20 22.92 26.25 59.92
N GLU F 21 21.75 25.60 59.90
CA GLU F 21 21.24 24.87 61.04
C GLU F 21 22.04 23.63 61.37
N LEU F 22 22.23 22.73 60.41
CA LEU F 22 22.94 21.47 60.62
C LEU F 22 24.46 21.58 60.53
N GLY F 23 24.94 22.63 59.89
CA GLY F 23 26.35 22.85 59.71
C GLY F 23 26.91 22.26 58.44
N THR F 24 28.06 22.80 58.00
CA THR F 24 28.73 22.35 56.79
C THR F 24 29.29 20.95 56.96
N ALA F 25 29.68 20.55 58.18
CA ALA F 25 30.22 19.21 58.41
C ALA F 25 29.19 18.15 58.08
N PHE F 26 27.91 18.38 58.41
CA PHE F 26 26.82 17.45 58.12
C PHE F 26 26.72 17.23 56.61
N PHE F 27 26.82 18.31 55.83
CA PHE F 27 26.67 18.23 54.39
C PHE F 27 27.92 17.75 53.66
N GLN F 28 29.02 17.44 54.36
CA GLN F 28 30.19 16.86 53.72
C GLN F 28 30.16 15.32 53.84
N GLN F 29 29.51 14.78 54.88
CA GLN F 29 29.38 13.33 55.13
C GLN F 29 28.32 12.67 54.26
N GLN F 30 28.27 11.30 54.30
CA GLN F 30 27.33 10.40 53.64
C GLN F 30 27.06 10.76 52.16
N GLN F 31 28.10 11.20 51.44
CA GLN F 31 28.03 11.60 50.03
C GLN F 31 26.94 12.60 49.73
N LEU F 32 26.68 13.52 50.68
CA LEU F 32 25.65 14.55 50.48
C LEU F 32 26.01 15.53 49.35
N PRO F 33 27.28 15.92 49.08
CA PRO F 33 27.52 16.79 47.90
C PRO F 33 27.13 16.07 46.61
N ALA F 34 27.42 14.77 46.51
CA ALA F 34 27.05 13.97 45.33
C ALA F 34 25.53 13.76 45.26
N ALA F 35 24.85 13.70 46.42
CA ALA F 35 23.40 13.54 46.51
C ALA F 35 22.69 14.75 45.92
N MET F 36 23.22 15.96 46.10
CA MET F 36 22.59 17.17 45.60
C MET F 36 22.87 17.47 44.12
N ALA F 37 23.66 16.63 43.43
CA ALA F 37 24.00 16.89 42.03
C ALA F 37 22.79 16.86 41.10
N ASP F 38 22.85 17.65 40.04
CA ASP F 38 21.73 17.77 39.11
C ASP F 38 21.73 16.71 38.01
N THR F 39 22.86 16.04 37.78
CA THR F 39 22.95 14.96 36.79
C THR F 39 23.64 13.75 37.41
N PHE F 40 23.45 12.55 36.84
CA PHE F 40 24.13 11.36 37.34
C PHE F 40 25.65 11.48 37.09
N LEU F 41 26.05 12.09 35.95
CA LEU F 41 27.46 12.34 35.64
C LEU F 41 28.10 13.21 36.73
N GLU F 42 27.43 14.33 37.10
CA GLU F 42 27.90 15.20 38.17
C GLU F 42 27.94 14.49 39.51
N HIS F 43 26.95 13.61 39.76
CA HIS F 43 26.86 12.78 40.96
C HIS F 43 28.11 11.93 41.09
N LEU F 44 28.54 11.27 40.00
CA LEU F 44 29.74 10.44 39.99
C LEU F 44 30.97 11.28 40.28
N CYS F 45 31.08 12.46 39.62
CA CYS F 45 32.19 13.38 39.80
C CYS F 45 32.35 13.87 41.23
N LEU F 46 31.25 13.94 41.99
CA LEU F 46 31.28 14.43 43.35
C LEU F 46 31.46 13.34 44.41
N LEU F 47 31.58 12.06 44.03
CA LEU F 47 31.79 10.99 45.02
C LEU F 47 33.14 11.21 45.72
N ASP F 48 33.17 11.08 47.05
CA ASP F 48 34.34 11.42 47.81
C ASP F 48 34.76 10.31 48.79
N ILE F 49 36.00 9.83 48.69
CA ILE F 49 36.53 8.84 49.61
C ILE F 49 36.66 9.38 51.07
N ASP F 50 36.69 10.70 51.24
CA ASP F 50 36.76 11.33 52.57
C ASP F 50 35.37 11.62 53.15
N SER F 51 34.29 11.37 52.39
CA SER F 51 32.94 11.57 52.88
C SER F 51 32.52 10.30 53.58
N GLU F 52 32.55 10.29 54.93
CA GLU F 52 32.26 9.10 55.71
C GLU F 52 30.79 8.73 55.81
N PRO F 53 30.49 7.42 55.73
CA PRO F 53 29.08 7.01 55.88
C PRO F 53 28.60 7.25 57.31
N VAL F 54 27.34 7.67 57.45
CA VAL F 54 26.79 7.98 58.78
C VAL F 54 25.64 7.03 59.08
N ALA F 55 24.78 6.77 58.09
CA ALA F 55 23.62 5.90 58.27
C ALA F 55 23.99 4.45 58.61
N ALA F 56 23.09 3.72 59.26
CA ALA F 56 23.28 2.31 59.58
C ALA F 56 23.18 1.53 58.26
N ARG F 57 23.90 0.41 58.17
CA ARG F 57 23.93 -0.39 56.97
C ARG F 57 22.57 -1.00 56.69
N SER F 58 22.02 -0.69 55.53
CA SER F 58 20.68 -1.07 55.16
C SER F 58 20.53 -2.34 54.28
N THR F 59 21.58 -2.80 53.59
CA THR F 59 21.51 -4.03 52.79
C THR F 59 21.82 -5.20 53.71
N SER F 60 20.89 -6.14 53.87
CA SER F 60 21.11 -7.28 54.75
C SER F 60 22.15 -8.26 54.23
N ILE F 61 22.85 -8.90 55.17
CA ILE F 61 23.86 -9.87 54.86
C ILE F 61 23.31 -11.26 55.20
N ILE F 62 23.34 -12.16 54.21
CA ILE F 62 22.96 -13.54 54.39
C ILE F 62 24.26 -14.32 54.48
N ALA F 63 24.46 -15.10 55.56
CA ALA F 63 25.69 -15.87 55.70
C ALA F 63 25.33 -17.35 55.71
N THR F 64 26.03 -18.16 54.91
CA THR F 64 25.76 -19.59 54.87
C THR F 64 26.43 -20.26 56.04
N ILE F 65 25.66 -21.09 56.77
CA ILE F 65 26.18 -21.80 57.94
C ILE F 65 26.82 -23.13 57.52
N GLY F 66 27.99 -23.39 58.05
CA GLY F 66 28.72 -24.62 57.77
C GLY F 66 29.78 -24.89 58.83
N PRO F 67 30.72 -25.82 58.56
CA PRO F 67 31.76 -26.11 59.54
C PRO F 67 32.52 -24.91 60.12
N ALA F 68 32.74 -23.87 59.32
CA ALA F 68 33.49 -22.69 59.76
C ALA F 68 32.67 -21.69 60.57
N SER F 69 31.35 -21.83 60.59
CA SER F 69 30.47 -20.87 61.24
C SER F 69 29.34 -21.52 62.04
N ARG F 70 29.53 -22.74 62.50
CA ARG F 70 28.49 -23.49 63.19
C ARG F 70 28.45 -23.36 64.72
N SER F 71 29.60 -23.17 65.36
CA SER F 71 29.64 -23.04 66.82
C SER F 71 28.91 -21.80 67.31
N VAL F 72 28.32 -21.88 68.51
CA VAL F 72 27.59 -20.81 69.14
C VAL F 72 28.48 -19.57 69.32
N GLU F 73 29.74 -19.78 69.70
CA GLU F 73 30.67 -18.68 69.90
C GLU F 73 31.01 -17.96 68.60
N ARG F 74 31.18 -18.73 67.49
CA ARG F 74 31.47 -18.18 66.17
C ARG F 74 30.24 -17.44 65.63
N LEU F 75 29.04 -17.97 65.86
CA LEU F 75 27.80 -17.35 65.46
C LEU F 75 27.54 -16.02 66.19
N LYS F 76 27.96 -15.91 67.47
CA LYS F 76 27.82 -14.66 68.23
C LYS F 76 28.71 -13.59 67.58
N GLU F 77 29.93 -13.98 67.16
CA GLU F 77 30.86 -13.08 66.48
CA GLU F 77 30.82 -13.05 66.49
C GLU F 77 30.27 -12.60 65.12
N MET F 78 29.61 -13.51 64.41
CA MET F 78 29.01 -13.19 63.11
CA MET F 78 29.01 -13.19 63.11
C MET F 78 27.78 -12.30 63.25
N ILE F 79 27.02 -12.45 64.35
CA ILE F 79 25.87 -11.59 64.61
C ILE F 79 26.39 -10.17 64.88
N LYS F 80 27.46 -10.05 65.69
CA LYS F 80 28.09 -8.76 66.01
C LYS F 80 28.70 -8.10 64.76
N ALA F 81 29.25 -8.90 63.83
CA ALA F 81 29.81 -8.40 62.57
C ALA F 81 28.75 -7.89 61.57
N GLY F 82 27.49 -8.33 61.73
CA GLY F 82 26.42 -7.87 60.86
C GLY F 82 25.55 -8.90 60.17
N MET F 83 25.72 -10.21 60.45
CA MET F 83 24.87 -11.24 59.82
C MET F 83 23.40 -11.03 60.22
N ASN F 84 22.49 -10.93 59.24
CA ASN F 84 21.08 -10.73 59.49
C ASN F 84 20.25 -11.97 59.18
N ILE F 85 20.71 -12.80 58.24
CA ILE F 85 20.01 -14.01 57.82
C ILE F 85 21.00 -15.16 57.77
N ALA F 86 20.67 -16.27 58.44
CA ALA F 86 21.52 -17.47 58.42
C ALA F 86 20.94 -18.42 57.37
N ARG F 87 21.78 -18.83 56.42
CA ARG F 87 21.34 -19.73 55.36
C ARG F 87 21.78 -21.16 55.62
N LEU F 88 20.84 -22.09 55.55
CA LEU F 88 21.12 -23.53 55.71
C LEU F 88 21.03 -24.12 54.33
N ASN F 89 22.14 -24.63 53.82
CA ASN F 89 22.18 -25.21 52.48
C ASN F 89 21.82 -26.70 52.56
N PHE F 90 20.59 -27.05 52.17
CA PHE F 90 20.13 -28.43 52.23
C PHE F 90 20.68 -29.31 51.07
N SER F 91 21.63 -28.80 50.28
CA SER F 91 22.30 -29.61 49.28
C SER F 91 23.29 -30.59 49.97
N HIS F 92 23.77 -30.27 51.18
CA HIS F 92 24.68 -31.08 51.96
C HIS F 92 24.17 -31.17 53.41
N GLY F 93 24.52 -32.24 54.12
CA GLY F 93 24.15 -32.40 55.51
C GLY F 93 22.81 -33.04 55.75
N SER F 94 22.71 -33.76 56.87
CA SER F 94 21.48 -34.44 57.26
C SER F 94 20.52 -33.51 58.02
N HIS F 95 19.28 -33.98 58.27
CA HIS F 95 18.31 -33.22 59.04
C HIS F 95 18.83 -32.99 60.47
N GLU F 96 19.54 -33.96 61.04
CA GLU F 96 20.11 -33.86 62.38
C GLU F 96 21.17 -32.75 62.41
N TYR F 97 22.00 -32.66 61.36
CA TYR F 97 23.03 -31.64 61.23
C TYR F 97 22.40 -30.25 61.15
N HIS F 98 21.38 -30.07 60.30
CA HIS F 98 20.72 -28.79 60.13
C HIS F 98 19.92 -28.36 61.35
N ALA F 99 19.33 -29.32 62.10
CA ALA F 99 18.61 -28.99 63.32
C ALA F 99 19.57 -28.46 64.38
N GLU F 100 20.79 -29.00 64.44
CA GLU F 100 21.79 -28.54 65.38
C GLU F 100 22.28 -27.12 64.99
N SER F 101 22.41 -26.84 63.68
CA SER F 101 22.79 -25.52 63.19
C SER F 101 21.72 -24.50 63.61
N ILE F 102 20.42 -24.83 63.42
CA ILE F 102 19.30 -23.98 63.81
C ILE F 102 19.34 -23.68 65.32
N ALA F 103 19.55 -24.73 66.14
CA ALA F 103 19.63 -24.58 67.58
C ALA F 103 20.80 -23.67 67.98
N ASN F 104 21.95 -23.83 67.32
CA ASN F 104 23.13 -23.00 67.61
C ASN F 104 22.91 -21.54 67.21
N VAL F 105 22.22 -21.30 66.09
CA VAL F 105 21.89 -19.95 65.63
C VAL F 105 20.96 -19.31 66.66
N ARG F 106 19.87 -20.01 67.02
CA ARG F 106 18.90 -19.52 68.01
C ARG F 106 19.51 -19.26 69.38
N GLU F 107 20.46 -20.10 69.81
CA GLU F 107 21.13 -19.90 71.09
C GLU F 107 22.00 -18.64 71.04
N ALA F 108 22.75 -18.45 69.93
CA ALA F 108 23.58 -17.26 69.76
C ALA F 108 22.72 -15.99 69.69
N VAL F 109 21.59 -16.04 68.97
CA VAL F 109 20.67 -14.90 68.82
C VAL F 109 20.06 -14.51 70.16
N GLU F 110 19.59 -15.52 70.92
CA GLU F 110 18.93 -15.26 72.19
C GLU F 110 19.88 -14.87 73.32
N SER F 111 21.19 -15.06 73.15
CA SER F 111 22.15 -14.60 74.15
C SER F 111 22.18 -13.06 74.28
N PHE F 112 21.60 -12.33 73.31
CA PHE F 112 21.53 -10.87 73.33
C PHE F 112 20.11 -10.33 73.72
N ALA F 113 19.13 -11.23 74.00
CA ALA F 113 17.75 -10.86 74.33
C ALA F 113 17.55 -10.14 75.67
N GLY F 114 18.59 -10.14 76.51
CA GLY F 114 18.56 -9.51 77.82
C GLY F 114 18.30 -8.02 77.76
N SER F 115 18.72 -7.39 76.66
CA SER F 115 18.51 -5.97 76.46
C SER F 115 17.64 -5.78 75.23
N PRO F 116 16.32 -5.69 75.45
CA PRO F 116 15.40 -5.51 74.32
C PRO F 116 15.63 -4.28 73.45
N LEU F 117 16.18 -3.20 74.00
CA LEU F 117 16.45 -1.98 73.24
C LEU F 117 17.63 -2.14 72.24
N SER F 118 18.41 -3.24 72.34
CA SER F 118 19.56 -3.46 71.44
C SER F 118 19.58 -4.84 70.73
N TYR F 119 18.67 -5.77 71.12
CA TYR F 119 18.56 -7.14 70.57
C TYR F 119 18.48 -7.18 69.05
N ARG F 120 19.20 -8.16 68.41
CA ARG F 120 19.25 -8.36 66.94
C ARG F 120 18.50 -9.61 66.40
N PRO F 121 17.30 -9.44 65.85
CA PRO F 121 16.61 -10.58 65.22
C PRO F 121 17.40 -11.12 64.02
N VAL F 122 17.51 -12.45 63.89
CA VAL F 122 18.25 -13.05 62.80
C VAL F 122 17.32 -14.06 62.14
N ALA F 123 17.04 -13.91 60.83
CA ALA F 123 16.17 -14.85 60.13
C ALA F 123 16.88 -16.16 59.82
N ILE F 124 16.12 -17.24 59.70
CA ILE F 124 16.67 -18.55 59.33
C ILE F 124 16.08 -18.93 57.99
N ALA F 125 16.95 -19.10 56.99
CA ALA F 125 16.51 -19.44 55.64
C ALA F 125 16.94 -20.85 55.24
N LEU F 126 16.01 -21.63 54.67
CA LEU F 126 16.30 -22.97 54.21
C LEU F 126 16.50 -22.92 52.69
N ASP F 127 17.66 -23.31 52.20
CA ASP F 127 17.95 -23.31 50.77
C ASP F 127 17.80 -24.75 50.31
N THR F 128 16.80 -25.03 49.45
CA THR F 128 16.53 -26.39 48.98
C THR F 128 17.59 -26.97 48.03
N LYS F 129 17.68 -28.31 47.99
CA LYS F 129 18.61 -29.05 47.13
C LYS F 129 18.26 -28.84 45.64
N GLY F 130 16.98 -28.82 45.34
CA GLY F 130 16.52 -28.59 43.98
C GLY F 130 15.93 -29.82 43.31
N PRO F 131 15.45 -29.63 42.07
CA PRO F 131 14.83 -30.75 41.36
C PRO F 131 15.82 -31.75 40.76
N PRO F 135 12.21 -32.33 36.81
CA PRO F 135 10.99 -31.75 36.23
C PRO F 135 10.13 -31.00 37.26
N GLY F 136 9.66 -31.67 38.31
CA GLY F 136 8.87 -31.05 39.36
C GLY F 136 9.56 -31.01 40.71
N LEU F 137 8.79 -30.91 41.81
CA LEU F 137 9.37 -30.86 43.16
C LEU F 137 9.88 -32.26 43.56
N SER F 138 11.17 -32.36 43.89
CA SER F 138 11.77 -33.64 44.26
C SER F 138 11.25 -34.16 45.61
N GLU F 139 11.39 -35.48 45.86
CA GLU F 139 10.94 -36.07 47.12
C GLU F 139 11.78 -35.61 48.29
N GLN F 140 13.08 -35.35 48.08
CA GLN F 140 13.94 -34.83 49.14
C GLN F 140 13.49 -33.42 49.50
N ASP F 141 13.14 -32.59 48.51
CA ASP F 141 12.64 -31.24 48.76
C ASP F 141 11.36 -31.26 49.57
N VAL F 142 10.45 -32.21 49.30
CA VAL F 142 9.21 -32.31 50.07
C VAL F 142 9.50 -32.60 51.55
N ARG F 143 10.49 -33.47 51.81
CA ARG F 143 10.89 -33.80 53.17
C ARG F 143 11.62 -32.65 53.87
N ASP F 144 12.50 -31.95 53.15
CA ASP F 144 13.25 -30.82 53.68
C ASP F 144 12.34 -29.63 53.97
N LEU F 145 11.36 -29.37 53.10
CA LEU F 145 10.40 -28.30 53.31
C LEU F 145 9.52 -28.58 54.52
N ARG F 146 9.16 -29.86 54.74
CA ARG F 146 8.39 -30.28 55.92
C ARG F 146 9.22 -30.05 57.19
N PHE F 147 10.54 -30.38 57.12
CA PHE F 147 11.49 -30.15 58.20
C PHE F 147 11.54 -28.65 58.54
N GLY F 148 11.56 -27.80 57.51
CA GLY F 148 11.60 -26.35 57.68
C GLY F 148 10.42 -25.81 58.44
N VAL F 149 9.21 -26.31 58.11
CA VAL F 149 7.98 -25.91 58.80
C VAL F 149 8.01 -26.37 60.25
N GLU F 150 8.44 -27.61 60.49
CA GLU F 150 8.54 -28.17 61.83
C GLU F 150 9.56 -27.44 62.68
N HIS F 151 10.65 -26.95 62.08
CA HIS F 151 11.68 -26.22 62.81
C HIS F 151 11.54 -24.69 62.77
N GLY F 152 10.41 -24.19 62.28
CA GLY F 152 10.08 -22.78 62.25
C GLY F 152 10.97 -21.87 61.43
N VAL F 153 11.41 -22.30 60.23
CA VAL F 153 12.23 -21.44 59.39
C VAL F 153 11.39 -20.25 58.91
N ASP F 154 12.06 -19.12 58.65
CA ASP F 154 11.35 -17.90 58.23
C ASP F 154 11.23 -17.79 56.72
N ILE F 155 12.24 -18.28 56.00
CA ILE F 155 12.35 -18.13 54.56
C ILE F 155 12.78 -19.42 53.90
N VAL F 156 12.36 -19.60 52.65
CA VAL F 156 12.80 -20.70 51.82
C VAL F 156 13.44 -20.07 50.57
N PHE F 157 14.66 -20.48 50.24
CA PHE F 157 15.33 -20.08 49.00
C PHE F 157 15.09 -21.31 48.12
N ALA F 158 14.09 -21.24 47.23
CA ALA F 158 13.72 -22.38 46.38
C ALA F 158 14.63 -22.52 45.16
N SER F 159 15.43 -23.59 45.10
CA SER F 159 16.36 -23.81 44.01
C SER F 159 15.72 -24.14 42.67
N PHE F 160 16.36 -23.66 41.58
CA PHE F 160 15.99 -23.88 40.18
C PHE F 160 14.50 -23.64 39.87
N VAL F 161 13.98 -22.47 40.23
CA VAL F 161 12.59 -22.14 39.91
C VAL F 161 12.56 -21.77 38.43
N ARG F 162 11.74 -22.50 37.63
CA ARG F 162 11.64 -22.29 36.19
C ARG F 162 10.30 -21.75 35.71
N LYS F 163 9.28 -21.78 36.55
CA LYS F 163 7.94 -21.32 36.21
C LYS F 163 7.10 -21.11 37.48
N ALA F 164 5.94 -20.46 37.35
CA ALA F 164 5.04 -20.20 38.47
C ALA F 164 4.59 -21.48 39.21
N SER F 165 4.36 -22.59 38.48
CA SER F 165 3.95 -23.85 39.10
C SER F 165 5.01 -24.44 40.04
N ASP F 166 6.29 -24.09 39.84
CA ASP F 166 7.35 -24.54 40.75
C ASP F 166 7.17 -23.86 42.11
N VAL F 167 6.78 -22.57 42.13
CA VAL F 167 6.54 -21.82 43.35
C VAL F 167 5.29 -22.38 44.05
N ALA F 168 4.23 -22.68 43.27
CA ALA F 168 3.00 -23.25 43.82
C ALA F 168 3.28 -24.60 44.49
N ALA F 169 4.16 -25.41 43.90
CA ALA F 169 4.52 -26.71 44.47
C ALA F 169 5.29 -26.55 45.78
N VAL F 170 6.16 -25.54 45.88
CA VAL F 170 6.89 -25.27 47.12
C VAL F 170 5.90 -24.81 48.20
N ARG F 171 4.97 -23.92 47.82
CA ARG F 171 3.96 -23.41 48.73
CA ARG F 171 3.96 -23.41 48.73
C ARG F 171 3.07 -24.54 49.26
N ALA F 172 2.71 -25.52 48.39
CA ALA F 172 1.89 -26.67 48.79
C ALA F 172 2.66 -27.58 49.76
N ALA F 173 3.95 -27.83 49.49
CA ALA F 173 4.77 -28.68 50.35
C ALA F 173 4.97 -28.08 51.76
N LEU F 174 4.87 -26.75 51.90
CA LEU F 174 4.96 -26.09 53.20
C LEU F 174 3.69 -26.33 54.05
N GLY F 175 2.58 -26.66 53.41
CA GLY F 175 1.33 -26.98 54.08
C GLY F 175 0.62 -25.79 54.70
N PRO F 176 -0.44 -26.09 55.48
CA PRO F 176 -1.20 -25.01 56.12
C PRO F 176 -0.44 -24.28 57.23
N GLU F 177 0.49 -24.99 57.90
CA GLU F 177 1.27 -24.38 58.98
C GLU F 177 2.41 -23.46 58.51
N GLY F 178 2.82 -23.57 57.25
CA GLY F 178 3.90 -22.76 56.71
C GLY F 178 3.45 -21.66 55.78
N HIS F 179 2.21 -21.16 55.99
CA HIS F 179 1.66 -20.09 55.15
C HIS F 179 2.38 -18.75 55.33
N GLY F 180 2.98 -18.54 56.50
CA GLY F 180 3.72 -17.31 56.82
C GLY F 180 5.17 -17.30 56.38
N ILE F 181 5.71 -18.44 55.91
CA ILE F 181 7.09 -18.53 55.45
C ILE F 181 7.24 -17.80 54.09
N LYS F 182 8.30 -16.99 53.93
CA LYS F 182 8.52 -16.27 52.68
C LYS F 182 9.22 -17.18 51.68
N ILE F 183 8.78 -17.13 50.43
CA ILE F 183 9.42 -17.93 49.38
C ILE F 183 10.20 -17.02 48.45
N ILE F 184 11.52 -17.19 48.44
CA ILE F 184 12.43 -16.47 47.57
C ILE F 184 12.84 -17.44 46.45
N SER F 185 12.37 -17.19 45.23
CA SER F 185 12.69 -18.08 44.11
C SER F 185 14.09 -17.83 43.58
N LYS F 186 14.90 -18.89 43.46
CA LYS F 186 16.24 -18.76 42.92
C LYS F 186 16.18 -18.90 41.41
N ILE F 187 16.67 -17.88 40.67
CA ILE F 187 16.70 -17.93 39.21
C ILE F 187 18.08 -18.40 38.85
N GLU F 188 18.19 -19.64 38.33
CA GLU F 188 19.48 -20.26 38.06
C GLU F 188 19.68 -20.72 36.62
N ASN F 189 18.73 -20.48 35.71
CA ASN F 189 18.88 -20.95 34.32
C ASN F 189 18.15 -20.06 33.31
N HIS F 190 18.31 -20.36 32.01
CA HIS F 190 17.68 -19.59 30.95
C HIS F 190 16.16 -19.52 31.07
N GLU F 191 15.49 -20.64 31.37
CA GLU F 191 14.03 -20.64 31.49
C GLU F 191 13.54 -19.77 32.64
N GLY F 192 14.23 -19.79 33.78
CA GLY F 192 13.88 -18.95 34.91
C GLY F 192 13.97 -17.47 34.57
N VAL F 193 14.97 -17.08 33.74
CA VAL F 193 15.14 -15.70 33.31
C VAL F 193 14.00 -15.31 32.36
N LYS F 194 13.70 -16.18 31.37
CA LYS F 194 12.63 -15.91 30.42
C LYS F 194 11.25 -15.89 31.03
N ARG F 195 11.02 -16.75 32.02
CA ARG F 195 9.72 -16.81 32.71
C ARG F 195 9.72 -15.98 34.02
N PHE F 196 10.68 -15.01 34.16
CA PHE F 196 10.85 -14.18 35.36
C PHE F 196 9.57 -13.50 35.85
N ASP F 197 8.83 -12.82 34.97
CA ASP F 197 7.64 -12.09 35.38
C ASP F 197 6.58 -12.96 36.05
N GLU F 198 6.34 -14.17 35.50
CA GLU F 198 5.35 -15.07 36.09
C GLU F 198 5.84 -15.65 37.42
N ILE F 199 7.16 -15.83 37.57
CA ILE F 199 7.77 -16.34 38.81
C ILE F 199 7.70 -15.28 39.91
N LEU F 200 8.08 -14.03 39.59
CA LEU F 200 8.06 -12.93 40.56
C LEU F 200 6.65 -12.66 41.06
N GLU F 201 5.66 -12.71 40.16
CA GLU F 201 4.26 -12.47 40.50
C GLU F 201 3.75 -13.35 41.65
N VAL F 202 4.17 -14.62 41.70
CA VAL F 202 3.74 -15.54 42.75
C VAL F 202 4.76 -15.74 43.88
N SER F 203 5.96 -15.16 43.77
CA SER F 203 6.99 -15.30 44.81
C SER F 203 6.99 -14.09 45.76
N ASP F 204 7.59 -14.26 46.94
CA ASP F 204 7.78 -13.14 47.85
C ASP F 204 9.00 -12.28 47.45
N GLY F 205 9.95 -12.88 46.74
CA GLY F 205 11.14 -12.23 46.27
C GLY F 205 11.97 -13.15 45.40
N ILE F 206 13.16 -12.71 45.01
CA ILE F 206 14.03 -13.43 44.08
C ILE F 206 15.48 -13.50 44.56
N MET F 207 16.17 -14.57 44.20
CA MET F 207 17.59 -14.68 44.42
C MET F 207 18.24 -14.83 43.04
N VAL F 208 19.25 -13.98 42.73
CA VAL F 208 20.03 -14.11 41.51
C VAL F 208 21.13 -15.09 41.89
N ALA F 209 20.89 -16.38 41.60
CA ALA F 209 21.80 -17.45 41.96
C ALA F 209 22.83 -17.58 40.86
N ARG F 210 23.88 -16.75 40.93
CA ARG F 210 24.89 -16.59 39.89
C ARG F 210 25.77 -17.80 39.60
N GLY F 211 25.96 -18.68 40.58
CA GLY F 211 26.78 -19.87 40.37
C GLY F 211 26.26 -20.76 39.26
N ASP F 212 25.02 -21.27 39.42
CA ASP F 212 24.41 -22.10 38.38
C ASP F 212 24.05 -21.26 37.17
N LEU F 213 23.57 -20.03 37.37
CA LEU F 213 23.22 -19.15 36.24
C LEU F 213 24.41 -18.94 35.28
N GLY F 214 25.61 -18.78 35.85
CA GLY F 214 26.86 -18.60 35.09
C GLY F 214 27.37 -19.83 34.35
N ILE F 215 26.77 -20.99 34.62
CA ILE F 215 27.05 -22.26 33.95
C ILE F 215 25.94 -22.55 32.91
N GLU F 216 24.68 -22.18 33.23
CA GLU F 216 23.51 -22.38 32.38
C GLU F 216 23.46 -21.40 31.20
N ILE F 217 23.91 -20.16 31.42
CA ILE F 217 23.99 -19.14 30.37
C ILE F 217 25.47 -18.69 30.24
N PRO F 218 25.88 -18.06 29.12
CA PRO F 218 27.27 -17.60 29.01
C PRO F 218 27.66 -16.69 30.19
N ALA F 219 28.86 -16.89 30.75
CA ALA F 219 29.32 -16.13 31.92
C ALA F 219 29.26 -14.62 31.69
N GLU F 220 29.53 -14.18 30.46
CA GLU F 220 29.52 -12.76 30.12
C GLU F 220 28.11 -12.14 30.05
N LYS F 221 27.05 -12.94 30.24
CA LYS F 221 25.69 -12.43 30.21
C LYS F 221 25.05 -12.35 31.60
N VAL F 222 25.65 -12.97 32.62
CA VAL F 222 25.07 -12.98 33.97
C VAL F 222 24.76 -11.57 34.51
N PHE F 223 25.64 -10.58 34.25
CA PHE F 223 25.41 -9.22 34.75
C PHE F 223 24.12 -8.62 34.18
N LEU F 224 23.75 -8.99 32.94
CA LEU F 224 22.53 -8.48 32.31
C LEU F 224 21.31 -9.06 33.05
N ALA F 225 21.36 -10.36 33.37
CA ALA F 225 20.30 -11.02 34.09
C ALA F 225 20.20 -10.47 35.50
N GLN F 226 21.34 -10.24 36.18
CA GLN F 226 21.33 -9.68 37.53
C GLN F 226 20.73 -8.29 37.54
N LYS F 227 21.16 -7.42 36.64
CA LYS F 227 20.67 -6.04 36.61
C LYS F 227 19.20 -5.96 36.22
N MET F 228 18.75 -6.81 35.30
CA MET F 228 17.35 -6.85 34.87
C MET F 228 16.44 -7.30 36.04
N MET F 229 16.82 -8.39 36.72
CA MET F 229 16.03 -8.94 37.80
C MET F 229 15.98 -8.00 38.99
N ILE F 230 17.12 -7.33 39.31
CA ILE F 230 17.12 -6.37 40.39
C ILE F 230 16.20 -5.20 40.06
N GLY F 231 16.26 -4.71 38.83
CA GLY F 231 15.41 -3.61 38.40
C GLY F 231 13.93 -3.95 38.48
N ARG F 232 13.55 -5.14 37.99
CA ARG F 232 12.16 -5.59 38.00
C ARG F 232 11.65 -5.82 39.42
N CYS F 233 12.50 -6.34 40.34
CA CYS F 233 12.11 -6.52 41.74
C CYS F 233 11.96 -5.17 42.41
N ASN F 234 12.85 -4.20 42.11
CA ASN F 234 12.76 -2.85 42.67
C ASN F 234 11.45 -2.20 42.22
N LEU F 235 11.10 -2.36 40.94
CA LEU F 235 9.87 -1.83 40.40
C LEU F 235 8.65 -2.48 41.09
N ALA F 236 8.68 -3.82 41.28
CA ALA F 236 7.59 -4.54 41.96
C ALA F 236 7.54 -4.31 43.48
N GLY F 237 8.61 -3.79 44.07
CA GLY F 237 8.69 -3.60 45.50
C GLY F 237 8.88 -4.90 46.25
N LYS F 238 9.55 -5.90 45.64
CA LYS F 238 9.79 -7.21 46.27
C LYS F 238 11.28 -7.44 46.49
N PRO F 239 11.64 -8.09 47.62
CA PRO F 239 13.08 -8.29 47.90
C PRO F 239 13.87 -9.03 46.83
N VAL F 240 15.13 -8.63 46.64
CA VAL F 240 16.00 -9.30 45.68
C VAL F 240 17.38 -9.51 46.34
N VAL F 241 17.90 -10.73 46.23
CA VAL F 241 19.18 -11.12 46.79
C VAL F 241 20.21 -11.31 45.70
N CYS F 242 21.41 -10.78 45.88
CA CYS F 242 22.51 -11.05 44.97
C CYS F 242 23.38 -12.10 45.66
N ALA F 243 23.74 -13.17 44.95
CA ALA F 243 24.49 -14.26 45.57
C ALA F 243 25.61 -14.82 44.70
N THR F 244 26.59 -15.48 45.36
CA THR F 244 27.67 -16.37 44.88
C THR F 244 28.93 -15.69 44.39
N GLN F 245 30.05 -16.10 45.02
CA GLN F 245 31.42 -15.68 44.75
C GLN F 245 31.65 -14.18 44.92
N MET F 246 30.82 -13.50 45.74
CA MET F 246 30.99 -12.07 45.96
C MET F 246 32.34 -11.72 46.58
N LEU F 247 32.83 -12.54 47.52
CA LEU F 247 34.12 -12.32 48.18
C LEU F 247 34.89 -13.66 48.21
N GLU F 248 34.77 -14.47 47.13
CA GLU F 248 35.34 -15.79 47.01
C GLU F 248 36.77 -15.96 47.52
N SER F 249 37.71 -15.08 47.15
CA SER F 249 39.10 -15.21 47.61
C SER F 249 39.26 -15.17 49.11
N MET F 250 38.27 -14.61 49.84
CA MET F 250 38.30 -14.56 51.30
C MET F 250 38.09 -15.95 51.96
N ILE F 251 37.87 -17.02 51.16
CA ILE F 251 37.82 -18.39 51.65
C ILE F 251 39.22 -18.75 52.23
N THR F 252 40.30 -18.27 51.58
CA THR F 252 41.67 -18.55 52.07
C THR F 252 42.48 -17.28 52.38
N LYS F 253 42.08 -16.12 51.88
CA LYS F 253 42.84 -14.88 52.11
C LYS F 253 42.12 -13.90 53.04
N PRO F 254 42.87 -13.16 53.88
CA PRO F 254 42.20 -12.25 54.83
C PRO F 254 41.58 -10.99 54.20
N ARG F 255 42.00 -10.65 52.97
CA ARG F 255 41.51 -9.48 52.23
C ARG F 255 41.00 -9.93 50.87
N PRO F 256 39.94 -9.29 50.36
CA PRO F 256 39.40 -9.70 49.05
C PRO F 256 40.12 -9.03 47.88
N THR F 257 39.80 -9.45 46.63
CA THR F 257 40.39 -8.81 45.45
C THR F 257 39.65 -7.49 45.13
N ARG F 258 40.21 -6.67 44.24
CA ARG F 258 39.59 -5.42 43.81
C ARG F 258 38.28 -5.67 43.06
N ALA F 259 38.17 -6.79 42.32
CA ALA F 259 36.96 -7.17 41.61
C ALA F 259 35.85 -7.56 42.60
N GLU F 260 36.21 -8.22 43.71
CA GLU F 260 35.25 -8.65 44.72
C GLU F 260 34.62 -7.49 45.48
N THR F 261 35.40 -6.51 45.93
CA THR F 261 34.84 -5.34 46.61
C THR F 261 33.94 -4.55 45.65
N SER F 262 34.35 -4.47 44.37
CA SER F 262 33.60 -3.82 43.32
C SER F 262 32.25 -4.53 43.09
N ASP F 263 32.26 -5.85 43.05
CA ASP F 263 31.06 -6.65 42.87
C ASP F 263 30.04 -6.41 44.00
N VAL F 264 30.50 -6.37 45.27
CA VAL F 264 29.62 -6.10 46.41
C VAL F 264 29.03 -4.71 46.28
N ALA F 265 29.87 -3.70 46.00
CA ALA F 265 29.41 -2.33 45.87
C ALA F 265 28.41 -2.19 44.73
N ASN F 266 28.68 -2.86 43.61
CA ASN F 266 27.82 -2.76 42.44
C ASN F 266 26.51 -3.50 42.62
N ALA F 267 26.47 -4.59 43.42
CA ALA F 267 25.18 -5.27 43.70
C ALA F 267 24.27 -4.32 44.50
N VAL F 268 24.84 -3.60 45.46
CA VAL F 268 24.10 -2.62 46.27
C VAL F 268 23.64 -1.47 45.38
N LEU F 269 24.56 -0.92 44.57
CA LEU F 269 24.20 0.17 43.66
C LEU F 269 23.13 -0.25 42.61
N ASP F 270 23.15 -1.53 42.20
CA ASP F 270 22.14 -2.06 41.26
C ASP F 270 20.74 -1.96 41.88
N GLY F 271 20.66 -2.14 43.22
CA GLY F 271 19.42 -2.10 43.97
C GLY F 271 19.11 -3.37 44.77
N ALA F 272 20.10 -4.25 44.98
CA ALA F 272 19.87 -5.49 45.74
C ALA F 272 19.50 -5.19 47.19
N ASP F 273 18.49 -5.88 47.71
CA ASP F 273 18.06 -5.72 49.10
C ASP F 273 19.00 -6.48 50.03
N CYS F 274 19.50 -7.65 49.58
CA CYS F 274 20.37 -8.52 50.34
C CYS F 274 21.56 -8.92 49.51
N ILE F 275 22.69 -9.16 50.19
CA ILE F 275 23.91 -9.71 49.61
C ILE F 275 24.24 -10.99 50.39
N MET F 276 24.89 -11.95 49.73
CA MET F 276 25.11 -13.25 50.34
C MET F 276 26.56 -13.70 50.34
N LEU F 277 26.89 -14.55 51.32
CA LEU F 277 28.18 -15.21 51.46
C LEU F 277 27.87 -16.72 51.50
N SER F 278 28.61 -17.51 50.73
CA SER F 278 28.43 -18.96 50.68
C SER F 278 29.63 -19.67 51.28
N GLY F 279 30.60 -20.12 50.48
CA GLY F 279 31.81 -20.76 51.00
C GLY F 279 32.63 -19.87 51.91
N GLU F 280 32.54 -18.54 51.69
CA GLU F 280 33.25 -17.55 52.49
C GLU F 280 32.94 -17.71 53.98
N THR F 281 31.69 -18.06 54.31
CA THR F 281 31.27 -18.23 55.71
C THR F 281 31.04 -19.70 56.11
N ALA F 282 30.62 -20.53 55.14
CA ALA F 282 30.36 -21.94 55.40
C ALA F 282 31.63 -22.76 55.64
N LYS F 283 32.71 -22.54 54.87
CA LYS F 283 33.92 -23.33 55.02
C LYS F 283 35.24 -22.57 55.08
N GLY F 284 35.23 -21.28 54.79
CA GLY F 284 36.46 -20.51 54.72
C GLY F 284 37.19 -20.28 56.02
N ASN F 285 38.39 -19.73 55.94
CA ASN F 285 39.19 -19.40 57.12
C ASN F 285 38.88 -18.04 57.74
N PHE F 286 38.08 -17.21 57.07
CA PHE F 286 37.78 -15.87 57.57
C PHE F 286 36.26 -15.57 57.52
N PRO F 287 35.39 -16.39 58.12
CA PRO F 287 33.94 -16.12 58.02
C PRO F 287 33.52 -14.78 58.61
N VAL F 288 34.06 -14.42 59.78
CA VAL F 288 33.71 -13.16 60.45
C VAL F 288 34.22 -11.97 59.64
N GLU F 289 35.45 -12.05 59.13
CA GLU F 289 36.05 -10.97 58.33
C GLU F 289 35.27 -10.77 57.01
N ALA F 290 34.73 -11.85 56.42
CA ALA F 290 33.93 -11.76 55.20
C ALA F 290 32.63 -10.98 55.47
N VAL F 291 31.97 -11.24 56.62
CA VAL F 291 30.78 -10.51 57.03
C VAL F 291 31.12 -9.02 57.25
N LYS F 292 32.26 -8.75 57.93
CA LYS F 292 32.68 -7.37 58.20
C LYS F 292 33.00 -6.60 56.90
N MET F 293 33.58 -7.29 55.93
CA MET F 293 33.91 -6.68 54.66
C MET F 293 32.64 -6.34 53.88
N GLN F 294 31.65 -7.25 53.85
CA GLN F 294 30.38 -6.93 53.19
C GLN F 294 29.68 -5.77 53.87
N HIS F 295 29.76 -5.71 55.22
CA HIS F 295 29.15 -4.62 55.98
C HIS F 295 29.80 -3.27 55.61
N ALA F 296 31.13 -3.23 55.62
CA ALA F 296 31.89 -2.03 55.31
C ALA F 296 31.62 -1.51 53.90
N ILE F 297 31.61 -2.40 52.89
CA ILE F 297 31.34 -2.00 51.51
C ILE F 297 29.89 -1.55 51.32
N ALA F 298 28.92 -2.31 51.86
CA ALA F 298 27.51 -1.94 51.72
C ALA F 298 27.20 -0.52 52.24
N ARG F 299 27.76 -0.13 53.40
CA ARG F 299 27.52 1.20 53.94
C ARG F 299 28.06 2.27 53.00
N GLU F 300 29.24 2.04 52.41
CA GLU F 300 29.83 2.98 51.46
C GLU F 300 28.98 3.10 50.21
N ALA F 301 28.51 1.95 49.70
CA ALA F 301 27.72 1.93 48.46
C ALA F 301 26.33 2.53 48.63
N GLU F 302 25.71 2.36 49.82
CA GLU F 302 24.39 2.90 50.09
C GLU F 302 24.40 4.44 50.10
N ALA F 303 25.46 5.03 50.61
CA ALA F 303 25.58 6.49 50.62
C ALA F 303 25.81 7.01 49.19
N ALA F 304 26.45 6.20 48.29
CA ALA F 304 26.72 6.56 46.90
C ALA F 304 25.50 6.41 45.96
N VAL F 305 24.36 5.94 46.47
CA VAL F 305 23.16 5.80 45.67
C VAL F 305 22.66 7.21 45.26
N TYR F 306 22.20 7.40 44.01
CA TYR F 306 21.73 8.70 43.56
C TYR F 306 20.21 8.77 43.82
N HIS F 307 19.82 8.97 45.08
CA HIS F 307 18.42 8.98 45.52
C HIS F 307 17.53 9.89 44.73
N ARG F 308 18.01 11.08 44.34
CA ARG F 308 17.20 12.02 43.56
C ARG F 308 16.57 11.40 42.32
N GLN F 309 17.36 10.68 41.49
CA GLN F 309 16.81 10.05 40.29
C GLN F 309 16.11 8.74 40.64
N LEU F 310 16.68 7.94 41.55
CA LEU F 310 16.09 6.68 41.96
C LEU F 310 14.64 6.87 42.50
N PHE F 311 14.43 7.85 43.39
CA PHE F 311 13.11 8.16 43.95
C PHE F 311 12.17 8.65 42.87
N GLU F 312 12.61 9.60 42.02
CA GLU F 312 11.78 10.11 40.94
C GLU F 312 11.34 8.99 39.99
N GLU F 313 12.24 8.07 39.66
CA GLU F 313 11.91 6.96 38.78
C GLU F 313 11.02 5.92 39.44
N LEU F 314 11.24 5.60 40.72
CA LEU F 314 10.36 4.66 41.45
C LEU F 314 8.95 5.24 41.53
N ARG F 315 8.85 6.55 41.80
CA ARG F 315 7.59 7.27 41.84
C ARG F 315 6.89 7.25 40.44
N ARG F 316 7.54 7.75 39.39
CA ARG F 316 6.97 7.77 38.04
C ARG F 316 6.51 6.40 37.55
N ALA F 317 7.28 5.35 37.83
CA ALA F 317 6.95 4.00 37.38
C ALA F 317 5.89 3.31 38.25
N ALA F 318 5.74 3.74 39.51
CA ALA F 318 4.75 3.13 40.40
C ALA F 318 3.37 3.61 39.98
N PRO F 319 2.41 2.69 39.89
CA PRO F 319 1.06 3.11 39.50
C PRO F 319 0.35 3.88 40.61
N LEU F 320 -0.70 4.62 40.25
CA LEU F 320 -1.52 5.32 41.25
C LEU F 320 -2.16 4.28 42.17
N SER F 321 -2.27 4.59 43.46
CA SER F 321 -2.83 3.63 44.40
C SER F 321 -3.90 4.23 45.25
N ARG F 322 -4.92 3.43 45.55
CA ARG F 322 -5.95 3.85 46.49
C ARG F 322 -5.84 3.09 47.83
N ASP F 323 -4.70 2.40 48.07
CA ASP F 323 -4.44 1.71 49.32
C ASP F 323 -3.80 2.73 50.24
N PRO F 324 -4.42 3.03 51.39
CA PRO F 324 -3.87 4.03 52.30
C PRO F 324 -2.46 3.76 52.82
N THR F 325 -2.04 2.49 52.93
CA THR F 325 -0.69 2.16 53.39
C THR F 325 0.32 2.63 52.33
N GLU F 326 0.01 2.37 51.05
CA GLU F 326 0.84 2.75 49.93
C GLU F 326 0.93 4.29 49.84
N VAL F 327 -0.21 4.98 49.94
CA VAL F 327 -0.31 6.44 49.90
C VAL F 327 0.46 7.08 51.06
N THR F 328 0.34 6.51 52.28
CA THR F 328 1.06 7.03 53.44
C THR F 328 2.56 6.83 53.28
N ALA F 329 2.97 5.68 52.75
CA ALA F 329 4.38 5.35 52.54
C ALA F 329 5.10 6.37 51.64
N ILE F 330 4.51 6.73 50.48
CA ILE F 330 5.14 7.71 49.60
C ILE F 330 5.15 9.10 50.23
N GLY F 331 4.10 9.45 50.97
CA GLY F 331 4.05 10.74 51.67
C GLY F 331 5.14 10.84 52.72
N ALA F 332 5.35 9.75 53.47
CA ALA F 332 6.36 9.68 54.53
C ALA F 332 7.79 9.74 53.97
N VAL F 333 8.06 9.03 52.87
CA VAL F 333 9.37 9.04 52.23
C VAL F 333 9.66 10.44 51.68
N GLU F 334 8.66 11.10 51.08
CA GLU F 334 8.82 12.46 50.56
CA GLU F 334 8.82 12.46 50.56
C GLU F 334 9.14 13.43 51.72
N ALA F 335 8.40 13.31 52.83
CA ALA F 335 8.61 14.15 54.02
C ALA F 335 10.02 13.93 54.59
N ALA F 336 10.49 12.67 54.62
CA ALA F 336 11.82 12.34 55.11
C ALA F 336 12.92 13.02 54.27
N PHE F 337 12.79 13.03 52.93
CA PHE F 337 13.79 13.68 52.07
C PHE F 337 13.81 15.19 52.27
N LYS F 338 12.65 15.78 52.47
CA LYS F 338 12.50 17.24 52.67
C LYS F 338 13.27 17.77 53.89
N CYS F 339 13.28 16.99 54.99
CA CYS F 339 13.94 17.44 56.22
C CYS F 339 15.21 16.70 56.57
N CYS F 340 15.69 15.77 55.71
CA CYS F 340 16.85 14.92 56.00
C CYS F 340 16.59 14.12 57.27
N ALA F 341 15.38 13.56 57.42
CA ALA F 341 14.97 12.80 58.61
C ALA F 341 15.93 11.68 58.90
N ALA F 342 16.30 11.51 60.15
CA ALA F 342 17.22 10.45 60.56
C ALA F 342 16.54 9.08 60.45
N ALA F 343 15.20 9.01 60.63
CA ALA F 343 14.51 7.73 60.58
C ALA F 343 13.01 7.90 60.29
N ILE F 344 12.38 6.81 59.84
CA ILE F 344 10.95 6.69 59.67
C ILE F 344 10.60 5.54 60.64
N ILE F 345 9.82 5.82 61.69
CA ILE F 345 9.42 4.79 62.65
C ILE F 345 8.06 4.31 62.22
N VAL F 346 7.91 3.00 61.98
CA VAL F 346 6.64 2.46 61.53
C VAL F 346 6.19 1.30 62.43
N LEU F 347 4.89 1.25 62.72
CA LEU F 347 4.31 0.16 63.49
C LEU F 347 3.81 -0.84 62.45
N THR F 348 4.19 -2.13 62.60
CA THR F 348 3.78 -3.14 61.63
C THR F 348 3.53 -4.49 62.28
N THR F 349 2.50 -5.22 61.80
CA THR F 349 2.19 -6.54 62.34
C THR F 349 2.85 -7.62 61.45
N THR F 350 2.69 -7.50 60.13
CA THR F 350 3.22 -8.46 59.16
C THR F 350 4.54 -8.02 58.50
N GLY F 351 4.90 -6.73 58.64
CA GLY F 351 6.06 -6.16 57.98
C GLY F 351 5.70 -5.37 56.73
N ARG F 352 4.45 -5.48 56.25
CA ARG F 352 4.00 -4.85 55.02
C ARG F 352 4.15 -3.32 54.99
N SER F 353 3.79 -2.61 56.07
CA SER F 353 3.93 -1.14 56.09
C SER F 353 5.41 -0.73 55.95
N ALA F 354 6.33 -1.50 56.55
CA ALA F 354 7.75 -1.22 56.46
C ALA F 354 8.25 -1.54 55.02
N GLN F 355 7.73 -2.61 54.41
CA GLN F 355 8.09 -2.99 53.05
C GLN F 355 7.66 -1.93 52.04
N LEU F 356 6.48 -1.33 52.23
CA LEU F 356 6.02 -0.28 51.33
C LEU F 356 6.83 1.02 51.48
N LEU F 357 7.44 1.27 52.65
CA LEU F 357 8.32 2.43 52.84
C LEU F 357 9.66 2.13 52.13
N SER F 358 10.19 0.92 52.35
CA SER F 358 11.42 0.39 51.78
C SER F 358 11.48 0.44 50.24
N ARG F 359 10.35 0.21 49.56
CA ARG F 359 10.31 0.21 48.10
C ARG F 359 10.64 1.56 47.46
N TYR F 360 10.50 2.66 48.21
CA TYR F 360 10.86 3.99 47.69
C TYR F 360 12.29 4.38 47.97
N ARG F 361 13.08 3.46 48.57
CA ARG F 361 14.48 3.61 48.89
C ARG F 361 14.80 4.90 49.63
N PRO F 362 14.20 5.14 50.81
CA PRO F 362 14.54 6.35 51.56
C PRO F 362 15.97 6.27 52.06
N ARG F 363 16.60 7.42 52.24
CA ARG F 363 17.92 7.48 52.85
C ARG F 363 17.74 7.24 54.40
N ALA F 364 16.62 7.73 54.98
CA ALA F 364 16.26 7.55 56.38
C ALA F 364 16.05 6.06 56.67
N ALA F 365 16.57 5.58 57.80
CA ALA F 365 16.39 4.21 58.26
C ALA F 365 14.90 3.97 58.55
N VAL F 366 14.39 2.79 58.21
CA VAL F 366 13.00 2.46 58.50
C VAL F 366 13.02 1.58 59.77
N ILE F 367 12.70 2.17 60.92
CA ILE F 367 12.68 1.46 62.20
C ILE F 367 11.30 0.83 62.35
N ALA F 368 11.22 -0.50 62.21
CA ALA F 368 9.94 -1.20 62.26
C ALA F 368 9.68 -1.80 63.64
N VAL F 369 8.66 -1.29 64.35
CA VAL F 369 8.31 -1.81 65.67
C VAL F 369 7.20 -2.83 65.52
N THR F 370 7.49 -4.07 65.91
CA THR F 370 6.54 -5.15 65.78
C THR F 370 6.55 -6.06 67.00
N ARG F 371 5.40 -6.72 67.25
CA ARG F 371 5.29 -7.73 68.31
C ARG F 371 5.57 -9.14 67.75
N SER F 372 5.46 -9.33 66.42
CA SER F 372 5.69 -10.60 65.75
C SER F 372 7.17 -10.86 65.61
N ALA F 373 7.68 -11.90 66.28
CA ALA F 373 9.09 -12.28 66.20
C ALA F 373 9.44 -12.73 64.78
N GLN F 374 8.50 -13.42 64.10
CA GLN F 374 8.74 -13.87 62.74
C GLN F 374 8.82 -12.71 61.77
N ALA F 375 7.89 -11.73 61.86
CA ALA F 375 7.94 -10.55 60.99
C ALA F 375 9.23 -9.76 61.24
N ALA F 376 9.69 -9.68 62.50
CA ALA F 376 10.95 -9.02 62.84
C ALA F 376 12.13 -9.68 62.10
N ARG F 377 12.14 -11.02 61.99
CA ARG F 377 13.20 -11.73 61.28
C ARG F 377 13.06 -11.57 59.76
N GLN F 378 11.84 -11.68 59.24
CA GLN F 378 11.57 -11.60 57.81
C GLN F 378 11.79 -10.23 57.18
N VAL F 379 11.61 -9.12 57.93
CA VAL F 379 11.79 -7.79 57.34
C VAL F 379 13.26 -7.48 57.01
N HIS F 380 14.20 -8.36 57.38
CA HIS F 380 15.60 -8.21 56.97
C HIS F 380 15.72 -8.38 55.43
N LEU F 381 14.72 -8.98 54.76
CA LEU F 381 14.73 -9.13 53.32
C LEU F 381 14.58 -7.77 52.62
N CYS F 382 13.98 -6.77 53.29
CA CYS F 382 13.73 -5.44 52.73
C CYS F 382 14.79 -4.45 53.12
N ARG F 383 15.44 -3.85 52.11
CA ARG F 383 16.51 -2.90 52.36
C ARG F 383 16.08 -1.73 53.25
N GLY F 384 16.90 -1.44 54.24
CA GLY F 384 16.68 -0.30 55.11
C GLY F 384 15.71 -0.51 56.24
N VAL F 385 15.21 -1.72 56.43
CA VAL F 385 14.28 -2.01 57.52
C VAL F 385 15.05 -2.57 58.71
N PHE F 386 14.98 -1.87 59.86
CA PHE F 386 15.65 -2.22 61.11
C PHE F 386 14.58 -2.68 62.10
N PRO F 387 14.44 -4.00 62.27
CA PRO F 387 13.37 -4.51 63.15
C PRO F 387 13.59 -4.37 64.65
N LEU F 388 12.56 -3.94 65.37
CA LEU F 388 12.59 -3.85 66.83
C LEU F 388 11.49 -4.74 67.36
N LEU F 389 11.85 -5.77 68.11
CA LEU F 389 10.86 -6.66 68.68
C LEU F 389 10.33 -6.10 70.02
N TYR F 390 9.04 -5.72 70.05
CA TYR F 390 8.35 -5.17 71.22
C TYR F 390 7.78 -6.34 72.03
N ARG F 391 8.25 -6.51 73.26
CA ARG F 391 7.83 -7.66 74.08
C ARG F 391 6.75 -7.33 75.11
N GLU F 392 6.46 -6.04 75.37
CA GLU F 392 5.47 -5.64 76.36
C GLU F 392 4.03 -6.01 76.02
N PRO F 393 3.26 -6.42 77.04
CA PRO F 393 1.84 -6.75 76.80
C PRO F 393 1.01 -5.51 76.49
N PRO F 394 -0.12 -5.66 75.78
CA PRO F 394 -0.92 -4.50 75.42
C PRO F 394 -1.47 -3.66 76.57
N GLU F 395 -1.49 -2.34 76.38
CA GLU F 395 -2.07 -1.37 77.31
C GLU F 395 -3.60 -1.47 77.21
N ALA F 396 -4.32 -0.99 78.23
CA ALA F 396 -5.78 -1.05 78.22
C ALA F 396 -6.34 -0.18 77.09
N ILE F 397 -5.80 1.04 76.95
CA ILE F 397 -6.23 1.96 75.90
C ILE F 397 -5.31 1.80 74.69
N TRP F 398 -5.88 1.42 73.53
CA TRP F 398 -5.11 1.19 72.30
C TRP F 398 -4.23 2.36 71.90
N ALA F 399 -4.73 3.60 71.95
CA ALA F 399 -3.95 4.80 71.64
C ALA F 399 -2.70 4.91 72.49
N ASP F 400 -2.76 4.48 73.77
CA ASP F 400 -1.61 4.52 74.67
C ASP F 400 -0.60 3.44 74.29
N ASP F 401 -1.08 2.27 73.87
CA ASP F 401 -0.24 1.16 73.46
C ASP F 401 0.57 1.55 72.20
N VAL F 402 -0.10 2.26 71.26
CA VAL F 402 0.50 2.79 70.03
C VAL F 402 1.60 3.78 70.39
N ASP F 403 1.33 4.73 71.29
CA ASP F 403 2.30 5.73 71.74
C ASP F 403 3.49 5.11 72.43
N ARG F 404 3.26 4.05 73.22
CA ARG F 404 4.35 3.36 73.89
C ARG F 404 5.29 2.69 72.90
N ARG F 405 4.72 2.11 71.82
CA ARG F 405 5.52 1.48 70.78
C ARG F 405 6.34 2.50 70.00
N VAL F 406 5.76 3.68 69.73
CA VAL F 406 6.45 4.76 69.04
C VAL F 406 7.63 5.24 69.89
N GLN F 407 7.40 5.44 71.21
CA GLN F 407 8.42 5.86 72.15
C GLN F 407 9.51 4.80 72.32
N PHE F 408 9.15 3.52 72.24
CA PHE F 408 10.11 2.41 72.30
C PHE F 408 11.04 2.50 71.07
N GLY F 409 10.48 2.84 69.91
CA GLY F 409 11.23 3.02 68.67
C GLY F 409 12.21 4.17 68.77
N ILE F 410 11.76 5.29 69.37
CA ILE F 410 12.59 6.48 69.58
C ILE F 410 13.71 6.20 70.58
N GLU F 411 13.39 5.53 71.70
CA GLU F 411 14.39 5.19 72.71
C GLU F 411 15.40 4.18 72.21
N SER F 412 14.98 3.12 71.47
CA SER F 412 15.93 2.18 70.87
C SER F 412 16.81 2.90 69.85
N GLY F 413 16.20 3.81 69.06
CA GLY F 413 16.92 4.59 68.05
C GLY F 413 17.99 5.47 68.66
N LYS F 414 17.68 6.09 69.81
CA LYS F 414 18.64 6.94 70.50
C LYS F 414 19.78 6.10 71.08
N LEU F 415 19.45 4.96 71.70
CA LEU F 415 20.43 4.06 72.29
C LEU F 415 21.37 3.49 71.26
N ARG F 416 20.86 3.14 70.06
CA ARG F 416 21.68 2.56 69.00
C ARG F 416 22.41 3.58 68.12
N GLY F 417 22.20 4.87 68.35
CA GLY F 417 22.87 5.90 67.55
C GLY F 417 22.13 6.33 66.28
N PHE F 418 20.94 5.76 66.01
CA PHE F 418 20.12 6.16 64.85
C PHE F 418 19.60 7.58 65.01
N LEU F 419 19.26 7.97 66.26
CA LEU F 419 18.65 9.27 66.51
C LEU F 419 19.41 10.07 67.57
N ARG F 420 19.42 11.36 67.39
CA ARG F 420 20.06 12.34 68.24
C ARG F 420 18.98 13.40 68.59
N VAL F 421 19.12 14.10 69.73
CA VAL F 421 18.17 15.17 70.09
C VAL F 421 18.26 16.27 69.03
N GLY F 422 17.12 16.78 68.59
CA GLY F 422 17.09 17.77 67.53
C GLY F 422 16.77 17.19 66.16
N ASP F 423 16.91 15.86 66.01
CA ASP F 423 16.61 15.20 64.75
C ASP F 423 15.12 15.23 64.47
N LEU F 424 14.74 15.21 63.20
CA LEU F 424 13.33 15.08 62.83
C LEU F 424 13.13 13.60 62.45
N VAL F 425 12.01 13.03 62.87
CA VAL F 425 11.65 11.65 62.53
C VAL F 425 10.23 11.67 61.99
N ILE F 426 9.96 10.76 61.07
CA ILE F 426 8.65 10.61 60.48
C ILE F 426 8.05 9.38 61.16
N VAL F 427 6.82 9.47 61.68
CA VAL F 427 6.20 8.34 62.35
C VAL F 427 4.99 7.88 61.56
N VAL F 428 4.94 6.59 61.23
CA VAL F 428 3.87 5.99 60.44
C VAL F 428 3.06 4.98 61.29
N THR F 429 1.74 5.29 61.47
CA THR F 429 0.81 4.46 62.27
C THR F 429 -0.54 4.29 61.52
N GLY F 430 -1.49 3.57 62.11
CA GLY F 430 -2.82 3.36 61.54
C GLY F 430 -3.94 3.87 62.43
N TRP F 431 -5.17 3.86 61.93
CA TRP F 431 -6.32 4.40 62.67
C TRP F 431 -7.04 3.37 63.58
N ARG F 432 -6.75 2.08 63.42
CA ARG F 432 -7.36 1.03 64.23
C ARG F 432 -6.43 -0.20 64.36
N PRO F 433 -6.64 -1.08 65.36
CA PRO F 433 -5.76 -2.26 65.50
C PRO F 433 -5.85 -3.23 64.33
N GLY F 434 -4.88 -4.11 64.23
CA GLY F 434 -4.85 -5.09 63.16
C GLY F 434 -4.13 -4.59 61.92
N SER F 435 -3.68 -5.52 61.12
CA SER F 435 -2.95 -5.31 59.89
C SER F 435 -3.83 -4.65 58.81
N GLY F 436 -3.22 -3.81 57.98
CA GLY F 436 -3.90 -3.22 56.83
C GLY F 436 -4.53 -1.85 56.99
N TYR F 437 -4.34 -1.19 58.14
CA TYR F 437 -4.98 0.11 58.38
C TYR F 437 -4.04 1.29 58.54
N THR F 438 -2.76 1.18 58.09
CA THR F 438 -1.80 2.29 58.18
C THR F 438 -2.32 3.45 57.32
N ASN F 439 -2.43 4.64 57.88
CA ASN F 439 -2.93 5.80 57.14
C ASN F 439 -2.46 7.13 57.73
N ILE F 440 -1.54 7.11 58.71
CA ILE F 440 -1.11 8.34 59.35
C ILE F 440 0.40 8.54 59.28
N MET F 441 0.81 9.78 58.98
CA MET F 441 2.21 10.17 58.97
CA MET F 441 2.21 10.21 58.94
C MET F 441 2.35 11.45 59.83
N ARG F 442 3.30 11.43 60.79
CA ARG F 442 3.52 12.57 61.67
C ARG F 442 4.98 13.01 61.64
N VAL F 443 5.23 14.32 61.72
CA VAL F 443 6.60 14.84 61.75
C VAL F 443 6.87 15.17 63.21
N LEU F 444 7.86 14.50 63.80
CA LEU F 444 8.18 14.71 65.21
CA LEU F 444 8.18 14.68 65.20
C LEU F 444 9.63 15.14 65.40
N SER F 445 9.85 16.06 66.35
CA SER F 445 11.20 16.52 66.68
C SER F 445 11.66 15.71 67.88
N ILE F 446 12.85 15.14 67.81
CA ILE F 446 13.35 14.32 68.90
CA ILE F 446 13.37 14.31 68.89
C ILE F 446 13.86 15.17 70.07
N SER F 447 13.25 15.00 71.26
CA SER F 447 13.65 15.78 72.43
C SER F 447 14.44 14.97 73.45
N ALA G 25 29.02 40.29 27.49
CA ALA G 25 28.01 41.08 26.79
C ALA G 25 27.13 40.19 25.89
N PHE G 26 27.76 39.25 25.16
CA PHE G 26 27.07 38.31 24.29
C PHE G 26 26.09 37.46 25.11
N PHE G 27 26.55 36.99 26.27
CA PHE G 27 25.74 36.12 27.12
C PHE G 27 24.68 36.84 27.95
N GLN G 28 24.57 38.16 27.86
CA GLN G 28 23.50 38.88 28.53
C GLN G 28 22.29 39.11 27.58
N GLN G 29 22.54 39.19 26.26
CA GLN G 29 21.54 39.41 25.21
C GLN G 29 20.76 38.12 24.87
N GLN G 30 19.69 38.27 24.03
CA GLN G 30 18.80 37.23 23.50
C GLN G 30 18.36 36.17 24.54
N GLN G 31 18.11 36.62 25.78
CA GLN G 31 17.69 35.77 26.90
C GLN G 31 18.60 34.58 27.12
N LEU G 32 19.92 34.75 26.89
CA LEU G 32 20.87 33.66 27.08
C LEU G 32 20.99 33.20 28.54
N PRO G 33 20.89 34.06 29.59
CA PRO G 33 20.88 33.52 30.97
C PRO G 33 19.69 32.58 31.18
N ALA G 34 18.49 32.94 30.66
CA ALA G 34 17.29 32.09 30.77
C ALA G 34 17.43 30.81 29.93
N ALA G 35 18.15 30.90 28.80
CA ALA G 35 18.43 29.76 27.93
C ALA G 35 19.26 28.68 28.63
N MET G 36 20.22 29.09 29.47
CA MET G 36 21.08 28.13 30.19
C MET G 36 20.46 27.53 31.45
N ALA G 37 19.24 27.92 31.83
CA ALA G 37 18.59 27.38 33.03
C ALA G 37 18.37 25.87 32.99
N ASP G 38 18.41 25.22 34.13
CA ASP G 38 18.24 23.77 34.20
C ASP G 38 16.78 23.31 34.31
N THR G 39 15.86 24.22 34.63
CA THR G 39 14.43 23.89 34.68
C THR G 39 13.62 24.96 33.93
N PHE G 40 12.38 24.64 33.55
CA PHE G 40 11.50 25.62 32.91
C PHE G 40 11.13 26.73 33.90
N LEU G 41 10.91 26.37 35.19
CA LEU G 41 10.64 27.34 36.26
C LEU G 41 11.79 28.33 36.37
N GLU G 42 13.05 27.85 36.42
CA GLU G 42 14.24 28.71 36.48
CA GLU G 42 14.21 28.75 36.50
C GLU G 42 14.36 29.56 35.22
N HIS G 43 13.98 28.98 34.05
CA HIS G 43 14.01 29.68 32.78
C HIS G 43 13.08 30.91 32.85
N LEU G 44 11.86 30.72 33.39
CA LEU G 44 10.91 31.84 33.55
C LEU G 44 11.49 32.90 34.48
N CYS G 45 12.06 32.47 35.61
CA CYS G 45 12.65 33.36 36.62
C CYS G 45 13.78 34.21 36.06
N LEU G 46 14.49 33.72 35.04
CA LEU G 46 15.63 34.43 34.47
C LEU G 46 15.29 35.32 33.28
N LEU G 47 14.00 35.38 32.85
CA LEU G 47 13.62 36.25 31.73
C LEU G 47 13.90 37.70 32.09
N ASP G 48 14.51 38.46 31.18
CA ASP G 48 14.95 39.81 31.47
C ASP G 48 14.49 40.81 30.44
N ILE G 49 13.74 41.84 30.86
CA ILE G 49 13.28 42.88 29.93
C ILE G 49 14.42 43.71 29.34
N ASP G 50 15.60 43.71 29.98
CA ASP G 50 16.77 44.42 29.48
C ASP G 50 17.63 43.54 28.54
N SER G 51 17.31 42.26 28.39
CA SER G 51 18.04 41.38 27.51
C SER G 51 17.48 41.56 26.11
N GLU G 52 18.19 42.31 25.26
CA GLU G 52 17.72 42.64 23.92
C GLU G 52 17.83 41.52 22.91
N PRO G 53 16.77 41.35 22.09
CA PRO G 53 16.83 40.32 21.04
C PRO G 53 17.90 40.69 20.01
N VAL G 54 18.63 39.69 19.53
CA VAL G 54 19.66 39.94 18.53
C VAL G 54 19.31 39.24 17.22
N ALA G 55 18.79 38.02 17.31
CA ALA G 55 18.37 37.23 16.16
C ALA G 55 17.25 37.90 15.36
N ALA G 56 17.20 37.61 14.05
CA ALA G 56 16.14 38.14 13.21
C ALA G 56 14.81 37.47 13.58
N ARG G 57 13.70 38.17 13.34
CA ARG G 57 12.37 37.67 13.68
C ARG G 57 12.03 36.47 12.82
N SER G 58 11.81 35.32 13.44
CA SER G 58 11.60 34.06 12.76
C SER G 58 10.13 33.61 12.54
N THR G 59 9.15 34.17 13.26
CA THR G 59 7.74 33.81 13.05
C THR G 59 7.21 34.71 11.92
N SER G 60 6.75 34.14 10.80
CA SER G 60 6.27 34.96 9.70
C SER G 60 4.97 35.67 10.00
N ILE G 61 4.78 36.82 9.38
CA ILE G 61 3.59 37.61 9.54
C ILE G 61 2.78 37.54 8.27
N ILE G 62 1.51 37.13 8.41
CA ILE G 62 0.57 37.09 7.30
C ILE G 62 -0.31 38.32 7.47
N ALA G 63 -0.40 39.18 6.45
CA ALA G 63 -1.26 40.36 6.52
C ALA G 63 -2.37 40.24 5.49
N THR G 64 -3.61 40.47 5.90
CA THR G 64 -4.75 40.39 4.96
C THR G 64 -4.84 41.68 4.15
N ILE G 65 -4.93 41.55 2.85
CA ILE G 65 -5.02 42.71 1.96
C ILE G 65 -6.47 43.16 1.81
N GLY G 66 -6.69 44.47 1.91
CA GLY G 66 -8.02 45.04 1.75
C GLY G 66 -7.95 46.52 1.47
N PRO G 67 -9.08 47.24 1.60
CA PRO G 67 -9.07 48.71 1.34
C PRO G 67 -7.96 49.50 2.05
N ALA G 68 -7.61 49.14 3.30
CA ALA G 68 -6.58 49.83 4.08
C ALA G 68 -5.14 49.48 3.70
N SER G 69 -4.92 48.44 2.90
CA SER G 69 -3.57 47.97 2.60
C SER G 69 -3.38 47.56 1.15
N ARG G 70 -4.16 48.10 0.25
CA ARG G 70 -4.13 47.73 -1.17
C ARG G 70 -3.21 48.55 -2.08
N SER G 71 -2.95 49.81 -1.76
CA SER G 71 -2.10 50.66 -2.61
C SER G 71 -0.64 50.18 -2.60
N VAL G 72 0.06 50.40 -3.71
CA VAL G 72 1.46 50.03 -3.88
C VAL G 72 2.33 50.70 -2.83
N GLU G 73 2.05 51.96 -2.53
CA GLU G 73 2.85 52.70 -1.54
C GLU G 73 2.65 52.16 -0.13
N ARG G 74 1.42 51.80 0.23
CA ARG G 74 1.07 51.23 1.53
C ARG G 74 1.71 49.84 1.67
N LEU G 75 1.67 49.04 0.59
CA LEU G 75 2.25 47.70 0.55
C LEU G 75 3.78 47.73 0.69
N LYS G 76 4.46 48.78 0.18
CA LYS G 76 5.92 48.93 0.36
C LYS G 76 6.24 49.17 1.83
N GLU G 77 5.41 49.95 2.52
CA GLU G 77 5.60 50.21 3.94
C GLU G 77 5.35 48.94 4.76
N MET G 78 4.37 48.11 4.34
CA MET G 78 4.08 46.87 5.04
CA MET G 78 4.08 46.87 5.04
C MET G 78 5.18 45.82 4.84
N ILE G 79 5.83 45.83 3.65
CA ILE G 79 6.93 44.92 3.39
C ILE G 79 8.10 45.30 4.30
N LYS G 80 8.40 46.62 4.41
CA LYS G 80 9.45 47.13 5.29
C LYS G 80 9.16 46.85 6.76
N ALA G 81 7.88 46.89 7.16
CA ALA G 81 7.50 46.62 8.55
C ALA G 81 7.61 45.13 8.93
N GLY G 82 7.63 44.24 7.93
CA GLY G 82 7.78 42.82 8.18
C GLY G 82 6.77 41.85 7.59
N MET G 83 5.84 42.32 6.74
CA MET G 83 4.86 41.40 6.13
C MET G 83 5.59 40.39 5.23
N ASN G 84 5.38 39.11 5.47
CA ASN G 84 6.02 38.04 4.67
C ASN G 84 5.04 37.36 3.73
N ILE G 85 3.75 37.31 4.11
CA ILE G 85 2.72 36.65 3.32
C ILE G 85 1.53 37.58 3.19
N ALA G 86 1.05 37.78 1.98
CA ALA G 86 -0.13 38.62 1.72
C ALA G 86 -1.33 37.68 1.57
N ARG G 87 -2.36 37.89 2.39
CA ARG G 87 -3.55 37.05 2.33
C ARG G 87 -4.69 37.71 1.55
N LEU G 88 -5.24 37.02 0.57
CA LEU G 88 -6.39 37.52 -0.20
C LEU G 88 -7.60 36.75 0.29
N ASN G 89 -8.56 37.44 0.88
CA ASN G 89 -9.74 36.79 1.42
C ASN G 89 -10.81 36.71 0.34
N PHE G 90 -11.01 35.51 -0.25
CA PHE G 90 -11.98 35.34 -1.31
C PHE G 90 -13.44 35.25 -0.82
N SER G 91 -13.69 35.52 0.46
CA SER G 91 -15.05 35.62 0.96
C SER G 91 -15.70 36.91 0.44
N HIS G 92 -14.90 37.95 0.10
CA HIS G 92 -15.37 39.24 -0.42
C HIS G 92 -14.55 39.63 -1.64
N GLY G 93 -15.14 40.40 -2.54
CA GLY G 93 -14.43 40.91 -3.70
C GLY G 93 -14.46 40.03 -4.91
N SER G 94 -14.41 40.64 -6.08
CA SER G 94 -14.45 39.90 -7.33
C SER G 94 -13.04 39.41 -7.76
N HIS G 95 -12.97 38.59 -8.80
CA HIS G 95 -11.71 38.14 -9.36
C HIS G 95 -10.90 39.33 -9.89
N GLU G 96 -11.55 40.33 -10.49
CA GLU G 96 -10.90 41.53 -10.98
C GLU G 96 -10.28 42.33 -9.82
N TYR G 97 -10.99 42.42 -8.68
CA TYR G 97 -10.48 43.11 -7.49
C TYR G 97 -9.23 42.40 -6.95
N HIS G 98 -9.29 41.05 -6.82
CA HIS G 98 -8.18 40.27 -6.29
C HIS G 98 -6.98 40.25 -7.23
N ALA G 99 -7.21 40.27 -8.55
CA ALA G 99 -6.11 40.31 -9.51
C ALA G 99 -5.35 41.66 -9.37
N GLU G 100 -6.06 42.76 -9.08
CA GLU G 100 -5.44 44.07 -8.90
CA GLU G 100 -5.42 44.05 -8.91
C GLU G 100 -4.63 44.08 -7.62
N SER G 101 -5.13 43.42 -6.55
CA SER G 101 -4.42 43.32 -5.28
C SER G 101 -3.08 42.55 -5.49
N ILE G 102 -3.13 41.42 -6.24
CA ILE G 102 -1.95 40.62 -6.55
C ILE G 102 -0.92 41.45 -7.33
N ALA G 103 -1.38 42.20 -8.35
CA ALA G 103 -0.52 43.06 -9.16
C ALA G 103 0.13 44.15 -8.31
N ASN G 104 -0.63 44.75 -7.36
CA ASN G 104 -0.08 45.78 -6.47
C ASN G 104 0.94 45.20 -5.49
N VAL G 105 0.69 43.98 -4.99
CA VAL G 105 1.64 43.29 -4.08
C VAL G 105 2.93 43.03 -4.85
N ARG G 106 2.83 42.39 -6.04
CA ARG G 106 3.97 42.10 -6.89
C ARG G 106 4.76 43.35 -7.29
N GLU G 107 4.08 44.45 -7.59
CA GLU G 107 4.78 45.70 -7.94
C GLU G 107 5.56 46.23 -6.73
N ALA G 108 4.93 46.23 -5.53
CA ALA G 108 5.61 46.67 -4.33
C ALA G 108 6.80 45.76 -3.99
N VAL G 109 6.64 44.41 -4.11
CA VAL G 109 7.71 43.44 -3.82
C VAL G 109 8.89 43.63 -4.80
N GLU G 110 8.59 43.78 -6.09
CA GLU G 110 9.63 43.91 -7.09
C GLU G 110 10.33 45.27 -7.10
N SER G 111 9.76 46.28 -6.43
CA SER G 111 10.44 47.58 -6.33
C SER G 111 11.75 47.49 -5.52
N PHE G 112 11.96 46.39 -4.76
CA PHE G 112 13.17 46.18 -3.98
C PHE G 112 14.15 45.17 -4.66
N ALA G 113 13.82 44.62 -5.85
CA ALA G 113 14.64 43.63 -6.55
C ALA G 113 15.99 44.16 -7.09
N GLY G 114 16.14 45.49 -7.14
CA GLY G 114 17.36 46.14 -7.58
C GLY G 114 18.57 45.89 -6.68
N SER G 115 18.32 45.47 -5.43
CA SER G 115 19.38 45.13 -4.49
C SER G 115 19.17 43.66 -4.09
N PRO G 116 19.75 42.72 -4.84
CA PRO G 116 19.54 41.29 -4.54
C PRO G 116 19.99 40.82 -3.17
N LEU G 117 20.97 41.49 -2.55
CA LEU G 117 21.42 41.10 -1.20
C LEU G 117 20.43 41.47 -0.09
N SER G 118 19.41 42.32 -0.38
CA SER G 118 18.46 42.70 0.65
C SER G 118 16.97 42.41 0.24
N TYR G 119 16.72 41.99 -1.03
CA TYR G 119 15.39 41.70 -1.56
C TYR G 119 14.66 40.69 -0.70
N ARG G 120 13.43 41.05 -0.35
CA ARG G 120 12.62 40.16 0.45
C ARG G 120 11.45 39.55 -0.33
N PRO G 121 11.45 38.22 -0.50
CA PRO G 121 10.31 37.56 -1.16
C PRO G 121 9.05 37.66 -0.30
N VAL G 122 7.86 37.76 -0.93
CA VAL G 122 6.60 37.83 -0.20
C VAL G 122 5.64 36.84 -0.83
N ALA G 123 5.12 35.89 -0.04
CA ALA G 123 4.20 34.91 -0.59
C ALA G 123 2.79 35.48 -0.81
N ILE G 124 2.03 34.89 -1.71
CA ILE G 124 0.64 35.28 -1.93
C ILE G 124 -0.23 34.08 -1.58
N ALA G 125 -1.13 34.25 -0.60
CA ALA G 125 -2.00 33.19 -0.14
C ALA G 125 -3.47 33.50 -0.48
N LEU G 126 -4.17 32.52 -1.02
CA LEU G 126 -5.59 32.65 -1.34
C LEU G 126 -6.39 31.95 -0.23
N ASP G 127 -7.25 32.69 0.47
CA ASP G 127 -8.09 32.15 1.51
C ASP G 127 -9.48 31.91 0.88
N THR G 128 -9.92 30.65 0.77
CA THR G 128 -11.19 30.32 0.14
C THR G 128 -12.44 30.73 0.95
N LYS G 129 -13.56 30.94 0.23
CA LYS G 129 -14.84 31.30 0.83
C LYS G 129 -15.38 30.16 1.70
N GLY G 130 -15.22 28.93 1.25
CA GLY G 130 -15.64 27.76 2.02
C GLY G 130 -16.83 27.04 1.44
N PRO G 131 -17.24 25.94 2.10
CA PRO G 131 -18.35 25.15 1.56
C PRO G 131 -19.75 25.73 1.76
N GLY G 134 -23.14 23.64 2.49
CA GLY G 134 -23.04 22.78 1.31
C GLY G 134 -22.20 21.54 1.54
N PRO G 135 -22.39 20.53 0.65
CA PRO G 135 -21.65 19.27 0.79
C PRO G 135 -20.44 19.19 -0.14
N GLY G 136 -19.26 19.23 0.46
CA GLY G 136 -18.03 19.16 -0.32
C GLY G 136 -17.60 20.49 -0.87
N LEU G 137 -16.74 20.45 -1.91
CA LEU G 137 -16.18 21.66 -2.50
C LEU G 137 -17.22 22.48 -3.28
N SER G 138 -17.41 23.73 -2.88
CA SER G 138 -18.39 24.60 -3.53
C SER G 138 -17.96 25.01 -4.94
N GLU G 139 -18.92 25.43 -5.78
CA GLU G 139 -18.63 25.85 -7.16
C GLU G 139 -17.81 27.11 -7.19
N GLN G 140 -18.02 28.03 -6.23
CA GLN G 140 -17.22 29.26 -6.15
C GLN G 140 -15.79 28.90 -5.81
N ASP G 141 -15.57 27.95 -4.88
CA ASP G 141 -14.22 27.51 -4.51
C ASP G 141 -13.50 26.90 -5.71
N VAL G 142 -14.20 26.14 -6.55
CA VAL G 142 -13.57 25.55 -7.74
C VAL G 142 -13.05 26.67 -8.67
N ARG G 143 -13.84 27.73 -8.82
CA ARG G 143 -13.48 28.86 -9.67
C ARG G 143 -12.36 29.70 -9.07
N ASP G 144 -12.40 29.94 -7.76
CA ASP G 144 -11.40 30.72 -7.06
C ASP G 144 -10.04 29.99 -7.02
N LEU G 145 -10.06 28.67 -6.81
CA LEU G 145 -8.84 27.88 -6.81
C LEU G 145 -8.22 27.86 -8.20
N ARG G 146 -9.04 27.85 -9.27
CA ARG G 146 -8.58 27.92 -10.66
C ARG G 146 -7.92 29.29 -10.89
N PHE G 147 -8.53 30.37 -10.37
CA PHE G 147 -8.02 31.73 -10.44
C PHE G 147 -6.62 31.77 -9.77
N GLY G 148 -6.48 31.12 -8.62
CA GLY G 148 -5.24 31.04 -7.89
C GLY G 148 -4.12 30.43 -8.70
N VAL G 149 -4.40 29.32 -9.39
CA VAL G 149 -3.44 28.65 -10.25
C VAL G 149 -3.05 29.54 -11.43
N GLU G 150 -4.03 30.18 -12.05
CA GLU G 150 -3.80 31.08 -13.18
C GLU G 150 -3.00 32.30 -12.79
N HIS G 151 -3.17 32.79 -11.56
CA HIS G 151 -2.45 33.97 -11.10
C HIS G 151 -1.19 33.65 -10.28
N GLY G 152 -0.77 32.38 -10.26
CA GLY G 152 0.42 31.93 -9.57
C GLY G 152 0.50 32.14 -8.06
N VAL G 153 -0.60 31.86 -7.33
CA VAL G 153 -0.57 31.99 -5.87
C VAL G 153 0.34 30.87 -5.31
N ASP G 154 0.93 31.13 -4.15
CA ASP G 154 1.85 30.17 -3.55
C ASP G 154 1.17 29.23 -2.55
N ILE G 155 0.15 29.74 -1.85
CA ILE G 155 -0.52 29.02 -0.78
C ILE G 155 -2.03 29.16 -0.87
N VAL G 156 -2.75 28.14 -0.39
CA VAL G 156 -4.19 28.17 -0.25
C VAL G 156 -4.50 27.93 1.22
N PHE G 157 -5.30 28.81 1.83
CA PHE G 157 -5.81 28.60 3.18
C PHE G 157 -7.23 28.07 2.90
N ALA G 158 -7.43 26.75 3.01
CA ALA G 158 -8.71 26.11 2.71
C ALA G 158 -9.68 26.20 3.88
N SER G 159 -10.78 26.95 3.70
CA SER G 159 -11.77 27.16 4.76
C SER G 159 -12.59 25.94 5.10
N PHE G 160 -12.95 25.82 6.39
CA PHE G 160 -13.79 24.78 6.96
C PHE G 160 -13.43 23.36 6.54
N VAL G 161 -12.15 22.96 6.73
CA VAL G 161 -11.75 21.60 6.45
C VAL G 161 -12.24 20.72 7.63
N ARG G 162 -13.04 19.67 7.33
CA ARG G 162 -13.56 18.79 8.38
C ARG G 162 -13.03 17.39 8.34
N LYS G 163 -12.43 16.96 7.21
CA LYS G 163 -11.94 15.59 7.00
C LYS G 163 -10.92 15.56 5.86
N ALA G 164 -10.18 14.45 5.72
CA ALA G 164 -9.16 14.28 4.68
C ALA G 164 -9.68 14.47 3.28
N SER G 165 -10.93 13.99 2.99
CA SER G 165 -11.52 14.14 1.66
C SER G 165 -11.74 15.59 1.25
N ASP G 166 -11.90 16.50 2.23
CA ASP G 166 -12.02 17.93 1.92
C ASP G 166 -10.69 18.45 1.34
N VAL G 167 -9.55 18.01 1.90
CA VAL G 167 -8.24 18.40 1.41
C VAL G 167 -7.98 17.81 0.04
N ALA G 168 -8.38 16.52 -0.17
CA ALA G 168 -8.20 15.85 -1.45
C ALA G 168 -8.98 16.59 -2.53
N ALA G 169 -10.18 17.13 -2.21
CA ALA G 169 -11.01 17.86 -3.17
C ALA G 169 -10.33 19.20 -3.53
N VAL G 170 -9.71 19.87 -2.54
CA VAL G 170 -8.97 21.12 -2.83
C VAL G 170 -7.75 20.81 -3.71
N ARG G 171 -6.99 19.72 -3.41
CA ARG G 171 -5.83 19.26 -4.18
C ARG G 171 -6.22 19.00 -5.62
N ALA G 172 -7.31 18.25 -5.81
CA ALA G 172 -7.84 17.92 -7.12
C ALA G 172 -8.22 19.19 -7.88
N ALA G 173 -8.81 20.16 -7.19
CA ALA G 173 -9.21 21.44 -7.79
C ALA G 173 -8.01 22.34 -8.19
N LEU G 174 -6.83 22.11 -7.58
CA LEU G 174 -5.64 22.83 -7.99
C LEU G 174 -5.12 22.34 -9.38
N GLY G 175 -6.00 21.66 -10.12
CA GLY G 175 -5.91 21.31 -11.52
C GLY G 175 -4.61 20.70 -11.92
N PRO G 176 -4.34 20.75 -13.24
CA PRO G 176 -3.07 20.18 -13.73
C PRO G 176 -1.83 21.03 -13.36
N GLU G 177 -1.95 22.36 -13.30
CA GLU G 177 -0.77 23.18 -13.07
C GLU G 177 -0.62 23.79 -11.66
N GLY G 178 -1.40 23.36 -10.67
CA GLY G 178 -1.29 23.89 -9.32
C GLY G 178 -0.83 22.94 -8.23
N HIS G 179 -0.18 21.81 -8.60
CA HIS G 179 0.28 20.83 -7.61
C HIS G 179 1.41 21.34 -6.66
N GLY G 180 2.17 22.35 -7.06
CA GLY G 180 3.20 22.94 -6.22
C GLY G 180 2.68 23.91 -5.16
N ILE G 181 1.40 24.25 -5.20
CA ILE G 181 0.78 25.17 -4.26
C ILE G 181 0.59 24.50 -2.92
N LYS G 182 0.95 25.16 -1.82
CA LYS G 182 0.81 24.58 -0.50
C LYS G 182 -0.61 24.70 0.00
N ILE G 183 -1.16 23.64 0.60
CA ILE G 183 -2.50 23.68 1.15
C ILE G 183 -2.44 23.70 2.65
N ILE G 184 -2.91 24.79 3.25
CA ILE G 184 -2.99 24.98 4.69
C ILE G 184 -4.46 24.83 5.06
N SER G 185 -4.83 23.72 5.73
CA SER G 185 -6.23 23.48 6.11
C SER G 185 -6.63 24.30 7.31
N LYS G 186 -7.73 25.03 7.19
CA LYS G 186 -8.24 25.84 8.30
C LYS G 186 -9.15 24.98 9.16
N ILE G 187 -8.84 24.86 10.46
CA ILE G 187 -9.66 24.08 11.38
C ILE G 187 -10.56 25.10 12.06
N GLU G 188 -11.86 25.04 11.76
CA GLU G 188 -12.81 26.04 12.22
C GLU G 188 -13.99 25.48 12.99
N ASN G 189 -14.05 24.18 13.25
CA ASN G 189 -15.20 23.59 13.94
C ASN G 189 -14.86 22.31 14.70
N HIS G 190 -15.84 21.75 15.43
CA HIS G 190 -15.65 20.57 16.24
C HIS G 190 -15.15 19.37 15.44
N GLU G 191 -15.76 19.10 14.27
CA GLU G 191 -15.35 17.98 13.45
C GLU G 191 -13.90 18.08 12.97
N GLY G 192 -13.47 19.28 12.58
CA GLY G 192 -12.10 19.50 12.17
C GLY G 192 -11.11 19.20 13.27
N VAL G 193 -11.46 19.55 14.54
CA VAL G 193 -10.62 19.28 15.68
C VAL G 193 -10.57 17.77 15.95
N LYS G 194 -11.73 17.09 15.92
CA LYS G 194 -11.77 15.65 16.15
C LYS G 194 -11.07 14.83 15.07
N ARG G 195 -11.17 15.28 13.81
CA ARG G 195 -10.53 14.60 12.69
C ARG G 195 -9.18 15.22 12.32
N PHE G 196 -8.55 15.95 13.25
CA PHE G 196 -7.29 16.64 13.05
C PHE G 196 -6.17 15.77 12.46
N ASP G 197 -5.93 14.60 13.04
CA ASP G 197 -4.84 13.74 12.57
C ASP G 197 -4.93 13.35 11.11
N GLU G 198 -6.13 12.98 10.65
CA GLU G 198 -6.32 12.61 9.25
C GLU G 198 -6.20 13.83 8.32
N ILE G 199 -6.57 15.03 8.81
CA ILE G 199 -6.49 16.26 8.02
C ILE G 199 -5.02 16.67 7.86
N LEU G 200 -4.26 16.68 8.96
CA LEU G 200 -2.84 17.05 8.96
C LEU G 200 -2.03 16.14 8.05
N GLU G 201 -2.32 14.82 8.10
CA GLU G 201 -1.61 13.83 7.29
C GLU G 201 -1.61 14.15 5.80
N VAL G 202 -2.73 14.69 5.27
CA VAL G 202 -2.83 15.01 3.85
C VAL G 202 -2.64 16.51 3.53
N SER G 203 -2.49 17.37 4.54
CA SER G 203 -2.28 18.81 4.31
C SER G 203 -0.80 19.18 4.38
N ASP G 204 -0.42 20.34 3.82
CA ASP G 204 0.94 20.86 4.00
C ASP G 204 1.11 21.55 5.36
N GLY G 205 0.02 21.97 5.97
CA GLY G 205 0.03 22.64 7.26
C GLY G 205 -1.38 22.97 7.71
N ILE G 206 -1.49 23.68 8.83
CA ILE G 206 -2.77 23.97 9.45
C ILE G 206 -2.90 25.43 9.85
N MET G 207 -4.14 25.94 9.84
CA MET G 207 -4.43 27.25 10.37
C MET G 207 -5.45 27.06 11.50
N VAL G 208 -5.16 27.59 12.70
CA VAL G 208 -6.08 27.58 13.81
C VAL G 208 -6.94 28.82 13.55
N ALA G 209 -8.08 28.64 12.87
CA ALA G 209 -8.98 29.73 12.49
C ALA G 209 -9.91 30.00 13.65
N ARG G 210 -9.42 30.78 14.63
CA ARG G 210 -10.08 31.04 15.91
C ARG G 210 -11.41 31.79 15.87
N GLY G 211 -11.66 32.60 14.86
CA GLY G 211 -12.93 33.30 14.73
C GLY G 211 -14.12 32.35 14.66
N ASP G 212 -14.16 31.50 13.61
CA ASP G 212 -15.24 30.52 13.51
C ASP G 212 -15.14 29.45 14.57
N LEU G 213 -13.92 29.03 14.93
CA LEU G 213 -13.73 28.01 15.97
C LEU G 213 -14.34 28.45 17.31
N GLY G 214 -14.18 29.71 17.66
CA GLY G 214 -14.72 30.29 18.88
C GLY G 214 -16.24 30.46 18.93
N ILE G 215 -16.91 30.26 17.78
CA ILE G 215 -18.36 30.30 17.64
C ILE G 215 -18.89 28.83 17.56
N GLU G 216 -18.13 27.93 16.91
CA GLU G 216 -18.47 26.52 16.75
C GLU G 216 -18.28 25.70 18.02
N ILE G 217 -17.29 26.05 18.85
CA ILE G 217 -17.02 25.39 20.12
C ILE G 217 -17.06 26.46 21.23
N PRO G 218 -17.22 26.09 22.51
CA PRO G 218 -17.22 27.11 23.59
C PRO G 218 -15.96 27.98 23.54
N ALA G 219 -16.09 29.30 23.65
CA ALA G 219 -14.98 30.25 23.59
C ALA G 219 -13.84 29.91 24.56
N GLU G 220 -14.19 29.40 25.75
CA GLU G 220 -13.22 29.04 26.77
C GLU G 220 -12.41 27.78 26.44
N LYS G 221 -12.72 27.08 25.34
CA LYS G 221 -11.99 25.88 24.94
C LYS G 221 -11.05 26.10 23.75
N VAL G 222 -11.15 27.25 23.06
CA VAL G 222 -10.31 27.53 21.89
C VAL G 222 -8.80 27.39 22.17
N PHE G 223 -8.34 27.86 23.33
CA PHE G 223 -6.93 27.77 23.69
C PHE G 223 -6.42 26.31 23.74
N LEU G 224 -7.30 25.35 24.14
CA LEU G 224 -6.92 23.94 24.20
C LEU G 224 -6.73 23.42 22.77
N ALA G 225 -7.63 23.78 21.85
CA ALA G 225 -7.55 23.37 20.46
C ALA G 225 -6.31 24.02 19.80
N GLN G 226 -6.04 25.30 20.09
CA GLN G 226 -4.87 25.98 19.53
C GLN G 226 -3.58 25.30 19.98
N LYS G 227 -3.43 25.08 21.29
CA LYS G 227 -2.23 24.48 21.83
C LYS G 227 -2.03 23.03 21.38
N MET G 228 -3.12 22.26 21.28
CA MET G 228 -3.06 20.87 20.81
C MET G 228 -2.60 20.82 19.35
N MET G 229 -3.20 21.64 18.48
CA MET G 229 -2.90 21.65 17.06
C MET G 229 -1.50 22.14 16.78
N ILE G 230 -1.05 23.16 17.53
CA ILE G 230 0.33 23.63 17.39
C ILE G 230 1.32 22.53 17.80
N GLY G 231 1.05 21.84 18.92
CA GLY G 231 1.88 20.74 19.38
C GLY G 231 1.99 19.62 18.37
N ARG G 232 0.83 19.22 17.79
CA ARG G 232 0.80 18.13 16.81
C ARG G 232 1.49 18.50 15.52
N CYS G 233 1.37 19.77 15.09
CA CYS G 233 2.05 20.24 13.88
C CYS G 233 3.53 20.30 14.11
N ASN G 234 3.97 20.75 15.31
CA ASN G 234 5.39 20.80 15.66
C ASN G 234 5.96 19.38 15.64
N LEU G 235 5.22 18.40 16.18
CA LEU G 235 5.64 17.00 16.18
C LEU G 235 5.76 16.49 14.73
N ALA G 236 4.79 16.84 13.86
CA ALA G 236 4.80 16.41 12.47
C ALA G 236 5.80 17.17 11.60
N GLY G 237 6.30 18.31 12.07
CA GLY G 237 7.22 19.14 11.30
C GLY G 237 6.51 19.88 10.17
N LYS G 238 5.23 20.22 10.38
CA LYS G 238 4.44 20.93 9.36
C LYS G 238 4.02 22.30 9.86
N PRO G 239 4.01 23.31 8.97
CA PRO G 239 3.66 24.66 9.43
C PRO G 239 2.30 24.80 10.11
N VAL G 240 2.24 25.67 11.12
CA VAL G 240 0.99 25.96 11.80
C VAL G 240 0.85 27.49 11.93
N VAL G 241 -0.33 28.01 11.58
CA VAL G 241 -0.64 29.43 11.64
C VAL G 241 -1.60 29.70 12.78
N CYS G 242 -1.34 30.73 13.60
CA CYS G 242 -2.30 31.18 14.58
C CYS G 242 -3.00 32.41 13.97
N ALA G 243 -4.34 32.43 13.99
CA ALA G 243 -5.07 33.50 13.34
C ALA G 243 -6.24 34.01 14.13
N THR G 244 -6.66 35.26 13.82
CA THR G 244 -7.88 35.99 14.18
C THR G 244 -7.87 36.68 15.55
N GLN G 245 -8.13 38.01 15.50
CA GLN G 245 -8.27 38.91 16.64
C GLN G 245 -7.02 39.03 17.49
N MET G 246 -5.84 38.77 16.91
CA MET G 246 -4.59 38.85 17.66
C MET G 246 -4.31 40.27 18.16
N LEU G 247 -4.57 41.27 17.33
CA LEU G 247 -4.39 42.69 17.68
C LEU G 247 -5.69 43.47 17.30
N GLU G 248 -6.87 42.85 17.47
CA GLU G 248 -8.19 43.39 17.09
C GLU G 248 -8.43 44.87 17.38
N SER G 249 -8.07 45.36 18.57
CA SER G 249 -8.28 46.76 18.93
C SER G 249 -7.51 47.73 18.03
N MET G 250 -6.46 47.27 17.35
CA MET G 250 -5.68 48.10 16.43
C MET G 250 -6.41 48.40 15.11
N ILE G 251 -7.64 47.88 14.93
CA ILE G 251 -8.47 48.24 13.79
C ILE G 251 -8.80 49.76 13.92
N THR G 252 -9.03 50.25 15.15
CA THR G 252 -9.32 51.68 15.35
C THR G 252 -8.31 52.39 16.25
N LYS G 253 -7.57 51.65 17.10
CA LYS G 253 -6.64 52.30 18.04
C LYS G 253 -5.18 52.12 17.65
N PRO G 254 -4.33 53.15 17.89
CA PRO G 254 -2.91 53.05 17.51
C PRO G 254 -2.07 52.09 18.34
N ARG G 255 -2.57 51.68 19.51
CA ARG G 255 -1.85 50.75 20.38
C ARG G 255 -2.78 49.59 20.74
N PRO G 256 -2.24 48.37 20.86
CA PRO G 256 -3.08 47.23 21.26
C PRO G 256 -3.28 47.11 22.77
N THR G 257 -4.18 46.20 23.20
CA THR G 257 -4.41 45.96 24.62
C THR G 257 -3.30 45.04 25.19
N ARG G 258 -3.26 44.90 26.53
CA ARG G 258 -2.30 44.02 27.18
C ARG G 258 -2.59 42.54 26.86
N ALA G 259 -3.86 42.20 26.65
CA ALA G 259 -4.25 40.83 26.29
C ALA G 259 -3.80 40.48 24.86
N GLU G 260 -3.82 41.47 23.95
CA GLU G 260 -3.44 41.29 22.57
C GLU G 260 -1.94 41.05 22.41
N THR G 261 -1.09 41.85 23.07
CA THR G 261 0.36 41.62 23.00
C THR G 261 0.71 40.26 23.62
N SER G 262 0.03 39.90 24.71
CA SER G 262 0.18 38.62 25.39
C SER G 262 -0.20 37.45 24.44
N ASP G 263 -1.32 37.58 23.71
CA ASP G 263 -1.78 36.58 22.76
C ASP G 263 -0.74 36.34 21.65
N VAL G 264 -0.17 37.41 21.09
CA VAL G 264 0.86 37.28 20.05
C VAL G 264 2.08 36.55 20.61
N ALA G 265 2.53 36.96 21.79
CA ALA G 265 3.69 36.33 22.43
C ALA G 265 3.45 34.87 22.75
N ASN G 266 2.24 34.56 23.23
CA ASN G 266 1.90 33.19 23.58
C ASN G 266 1.69 32.30 22.35
N ALA G 267 1.25 32.85 21.21
CA ALA G 267 1.12 32.02 19.99
C ALA G 267 2.54 31.57 19.55
N VAL G 268 3.52 32.49 19.62
CA VAL G 268 4.91 32.20 19.31
C VAL G 268 5.48 31.19 20.31
N LEU G 269 5.27 31.40 21.61
CA LEU G 269 5.74 30.48 22.64
C LEU G 269 5.08 29.10 22.55
N ASP G 270 3.82 29.01 22.08
CA ASP G 270 3.13 27.75 21.86
C ASP G 270 3.87 26.92 20.80
N GLY G 271 4.41 27.60 19.79
CA GLY G 271 5.15 26.98 18.70
C GLY G 271 4.63 27.32 17.31
N ALA G 272 3.77 28.37 17.18
CA ALA G 272 3.24 28.73 15.88
C ALA G 272 4.34 29.20 14.92
N ASP G 273 4.27 28.73 13.68
CA ASP G 273 5.22 29.12 12.67
C ASP G 273 4.91 30.50 12.15
N CYS G 274 3.59 30.81 11.99
CA CYS G 274 3.10 32.07 11.47
C CYS G 274 2.05 32.65 12.39
N ILE G 275 1.95 33.98 12.37
CA ILE G 275 0.93 34.76 13.06
C ILE G 275 0.23 35.60 11.99
N MET G 276 -1.06 35.89 12.19
CA MET G 276 -1.84 36.56 11.18
C MET G 276 -2.54 37.83 11.65
N LEU G 277 -2.78 38.74 10.69
CA LEU G 277 -3.56 39.96 10.87
C LEU G 277 -4.69 39.89 9.83
N SER G 278 -5.93 40.14 10.27
CA SER G 278 -7.08 40.10 9.39
CA SER G 278 -7.08 40.10 9.38
C SER G 278 -7.67 41.52 9.19
N GLY G 279 -8.69 41.91 9.96
CA GLY G 279 -9.27 43.24 9.88
C GLY G 279 -8.25 44.31 10.23
N GLU G 280 -7.26 43.96 11.13
CA GLU G 280 -6.20 44.87 11.53
C GLU G 280 -5.48 45.50 10.33
N THR G 281 -5.22 44.74 9.25
CA THR G 281 -4.56 45.30 8.06
C THR G 281 -5.50 45.44 6.86
N ALA G 282 -6.58 44.63 6.79
CA ALA G 282 -7.51 44.73 5.64
C ALA G 282 -8.35 46.01 5.67
N LYS G 283 -8.86 46.38 6.84
CA LYS G 283 -9.74 47.55 6.97
C LYS G 283 -9.38 48.45 8.17
N GLY G 284 -8.21 48.29 8.78
CA GLY G 284 -7.84 49.03 9.96
C GLY G 284 -7.33 50.44 9.70
N ASN G 285 -7.28 51.27 10.74
CA ASN G 285 -6.74 52.61 10.64
C ASN G 285 -5.19 52.60 10.73
N PHE G 286 -4.59 51.55 11.33
CA PHE G 286 -3.15 51.46 11.52
C PHE G 286 -2.56 50.13 10.98
N PRO G 287 -2.71 49.81 9.66
CA PRO G 287 -2.20 48.52 9.16
C PRO G 287 -0.70 48.31 9.32
N VAL G 288 0.10 49.35 9.04
CA VAL G 288 1.55 49.28 9.15
C VAL G 288 1.99 49.11 10.60
N GLU G 289 1.34 49.83 11.51
CA GLU G 289 1.65 49.76 12.94
C GLU G 289 1.31 48.38 13.51
N ALA G 290 0.25 47.73 13.00
CA ALA G 290 -0.15 46.39 13.43
C ALA G 290 0.93 45.36 13.03
N VAL G 291 1.50 45.52 11.82
CA VAL G 291 2.57 44.64 11.36
C VAL G 291 3.83 44.87 12.23
N LYS G 292 4.15 46.15 12.53
CA LYS G 292 5.31 46.49 13.37
C LYS G 292 5.18 45.92 14.77
N MET G 293 3.97 45.94 15.32
CA MET G 293 3.71 45.42 16.64
C MET G 293 3.90 43.90 16.67
N GLN G 294 3.36 43.17 15.68
CA GLN G 294 3.56 41.72 15.61
C GLN G 294 5.03 41.37 15.48
N HIS G 295 5.78 42.16 14.67
CA HIS G 295 7.22 41.98 14.49
C HIS G 295 7.96 42.15 15.82
N ALA G 296 7.70 43.25 16.52
CA ALA G 296 8.35 43.57 17.79
C ALA G 296 8.10 42.48 18.86
N ILE G 297 6.83 42.02 18.99
CA ILE G 297 6.51 41.01 19.99
C ILE G 297 7.14 39.64 19.63
N ALA G 298 7.03 39.23 18.35
CA ALA G 298 7.58 37.94 17.94
C ALA G 298 9.08 37.80 18.23
N ARG G 299 9.89 38.86 17.97
CA ARG G 299 11.33 38.80 18.26
C ARG G 299 11.59 38.58 19.73
N GLU G 300 10.82 39.25 20.59
CA GLU G 300 10.95 39.11 22.02
C GLU G 300 10.58 37.72 22.48
N ALA G 301 9.47 37.18 21.94
CA ALA G 301 8.96 35.86 22.32
C ALA G 301 9.84 34.75 21.86
N GLU G 302 10.46 34.89 20.69
CA GLU G 302 11.35 33.85 20.14
C GLU G 302 12.61 33.68 20.98
N ALA G 303 13.15 34.78 21.52
CA ALA G 303 14.31 34.71 22.41
C ALA G 303 13.93 34.07 23.75
N ALA G 304 12.66 34.21 24.19
CA ALA G 304 12.14 33.63 25.44
C ALA G 304 11.78 32.14 25.34
N VAL G 305 11.93 31.52 24.16
CA VAL G 305 11.65 30.09 23.99
C VAL G 305 12.69 29.28 24.81
N TYR G 306 12.31 28.13 25.42
CA TYR G 306 13.21 27.32 26.22
C TYR G 306 13.73 26.19 25.32
N HIS G 307 14.63 26.54 24.42
CA HIS G 307 15.19 25.61 23.45
C HIS G 307 15.75 24.32 24.02
N ARG G 308 16.31 24.35 25.25
CA ARG G 308 16.89 23.15 25.87
C ARG G 308 15.92 22.00 25.92
N GLN G 309 14.71 22.28 26.41
CA GLN G 309 13.70 21.25 26.53
C GLN G 309 12.96 21.02 25.21
N LEU G 310 12.62 22.09 24.48
CA LEU G 310 11.96 22.00 23.18
C LEU G 310 12.75 21.10 22.21
N PHE G 311 14.07 21.29 22.11
CA PHE G 311 14.91 20.48 21.25
C PHE G 311 14.94 19.02 21.69
N GLU G 312 15.15 18.78 22.99
CA GLU G 312 15.19 17.45 23.59
C GLU G 312 13.90 16.69 23.32
N GLU G 313 12.76 17.39 23.42
CA GLU G 313 11.46 16.78 23.20
C GLU G 313 11.16 16.55 21.74
N LEU G 314 11.53 17.45 20.86
CA LEU G 314 11.34 17.26 19.41
C LEU G 314 12.19 16.07 18.94
N ARG G 315 13.42 15.97 19.48
CA ARG G 315 14.39 14.92 19.24
C ARG G 315 13.83 13.55 19.70
N ARG G 316 13.35 13.45 20.97
CA ARG G 316 12.84 12.19 21.52
C ARG G 316 11.58 11.71 20.81
N ALA G 317 10.70 12.63 20.41
CA ALA G 317 9.45 12.28 19.75
C ALA G 317 9.62 11.95 18.29
N ALA G 318 10.65 12.50 17.63
CA ALA G 318 10.90 12.21 16.22
C ALA G 318 11.47 10.80 16.08
N PRO G 319 10.93 10.01 15.15
CA PRO G 319 11.44 8.64 14.98
C PRO G 319 12.81 8.62 14.29
N LEU G 320 13.49 7.47 14.35
CA LEU G 320 14.74 7.28 13.64
C LEU G 320 14.50 7.44 12.13
N SER G 321 15.46 8.02 11.42
CA SER G 321 15.29 8.22 9.99
C SER G 321 16.48 7.73 9.22
N ARG G 322 16.23 7.20 8.04
CA ARG G 322 17.30 6.82 7.13
C ARG G 322 17.40 7.80 5.93
N ASP G 323 16.68 8.93 5.99
CA ASP G 323 16.72 9.96 4.96
C ASP G 323 17.90 10.87 5.28
N PRO G 324 18.90 10.96 4.39
CA PRO G 324 20.07 11.80 4.68
C PRO G 324 19.77 13.29 4.92
N THR G 325 18.68 13.84 4.33
CA THR G 325 18.31 15.24 4.57
C THR G 325 17.87 15.41 6.04
N GLU G 326 17.07 14.48 6.55
CA GLU G 326 16.59 14.50 7.93
CA GLU G 326 16.60 14.51 7.93
C GLU G 326 17.77 14.32 8.90
N VAL G 327 18.67 13.35 8.62
CA VAL G 327 19.85 13.07 9.44
C VAL G 327 20.79 14.28 9.44
N THR G 328 21.02 14.92 8.28
CA THR G 328 21.88 16.11 8.19
C THR G 328 21.26 17.27 8.96
N ALA G 329 19.94 17.43 8.87
CA ALA G 329 19.22 18.50 9.56
C ALA G 329 19.42 18.46 11.07
N ILE G 330 19.23 17.28 11.72
CA ILE G 330 19.40 17.18 13.18
C ILE G 330 20.85 17.36 13.58
N GLY G 331 21.79 16.88 12.76
CA GLY G 331 23.20 17.07 13.01
C GLY G 331 23.58 18.54 12.99
N ALA G 332 23.05 19.27 12.00
CA ALA G 332 23.31 20.71 11.82
C ALA G 332 22.72 21.56 12.95
N VAL G 333 21.50 21.22 13.38
CA VAL G 333 20.84 21.93 14.49
C VAL G 333 21.62 21.70 15.79
N GLU G 334 22.07 20.46 16.02
CA GLU G 334 22.89 20.13 17.20
CA GLU G 334 22.89 20.13 17.19
C GLU G 334 24.19 20.94 17.18
N ALA G 335 24.88 20.98 16.03
CA ALA G 335 26.11 21.73 15.85
C ALA G 335 25.89 23.21 16.10
N ALA G 336 24.75 23.77 15.63
CA ALA G 336 24.43 25.19 15.82
C ALA G 336 24.29 25.55 17.30
N PHE G 337 23.63 24.69 18.09
CA PHE G 337 23.48 24.91 19.53
C PHE G 337 24.85 24.87 20.26
N LYS G 338 25.73 23.95 19.85
CA LYS G 338 27.04 23.77 20.45
C LYS G 338 27.92 25.00 20.35
N CYS G 339 27.87 25.71 19.23
CA CYS G 339 28.71 26.88 19.03
C CYS G 339 27.97 28.21 19.08
N CYS G 340 26.64 28.19 19.34
CA CYS G 340 25.84 29.41 19.33
C CYS G 340 25.92 30.09 17.96
N ALA G 341 25.81 29.27 16.89
CA ALA G 341 25.93 29.70 15.51
C ALA G 341 24.94 30.81 15.21
N ALA G 342 25.41 31.83 14.49
CA ALA G 342 24.56 32.94 14.12
C ALA G 342 23.51 32.50 13.06
N ALA G 343 23.85 31.52 12.23
CA ALA G 343 22.95 31.05 11.18
C ALA G 343 23.29 29.65 10.68
N ILE G 344 22.33 29.00 10.00
CA ILE G 344 22.51 27.76 9.29
C ILE G 344 22.17 28.16 7.86
N ILE G 345 23.15 28.12 6.95
CA ILE G 345 22.90 28.47 5.55
C ILE G 345 22.63 27.19 4.79
N VAL G 346 21.45 27.08 4.14
CA VAL G 346 21.08 25.86 3.44
C VAL G 346 20.73 26.15 1.98
N LEU G 347 21.19 25.28 1.08
CA LEU G 347 20.83 25.38 -0.32
C LEU G 347 19.60 24.49 -0.51
N THR G 348 18.55 25.02 -1.17
CA THR G 348 17.32 24.26 -1.33
C THR G 348 16.64 24.61 -2.64
N THR G 349 16.10 23.61 -3.34
CA THR G 349 15.36 23.86 -4.57
C THR G 349 13.86 23.90 -4.28
N THR G 350 13.35 22.99 -3.47
CA THR G 350 11.93 22.93 -3.14
C THR G 350 11.57 23.57 -1.79
N GLY G 351 12.56 23.81 -0.94
CA GLY G 351 12.37 24.30 0.43
C GLY G 351 12.42 23.20 1.49
N ARG G 352 12.43 21.93 1.06
CA ARG G 352 12.40 20.81 1.97
C ARG G 352 13.57 20.74 2.95
N SER G 353 14.81 21.00 2.49
CA SER G 353 15.97 20.96 3.40
C SER G 353 15.85 22.01 4.49
N ALA G 354 15.32 23.20 4.14
CA ALA G 354 15.14 24.26 5.11
C ALA G 354 14.01 23.89 6.10
N GLN G 355 12.92 23.27 5.60
CA GLN G 355 11.82 22.84 6.44
C GLN G 355 12.27 21.79 7.46
N LEU G 356 13.13 20.84 7.06
CA LEU G 356 13.63 19.82 7.98
C LEU G 356 14.57 20.41 9.04
N LEU G 357 15.24 21.55 8.75
CA LEU G 357 16.06 22.21 9.76
C LEU G 357 15.13 22.90 10.77
N SER G 358 14.12 23.62 10.23
CA SER G 358 13.10 24.38 10.94
C SER G 358 12.32 23.55 11.96
N ARG G 359 12.02 22.27 11.67
CA ARG G 359 11.26 21.42 12.57
C ARG G 359 11.94 21.16 13.93
N TYR G 360 13.28 21.32 14.01
CA TYR G 360 14.00 21.16 15.27
C TYR G 360 14.14 22.44 16.06
N ARG G 361 13.54 23.53 15.57
CA ARG G 361 13.52 24.82 16.23
C ARG G 361 14.90 25.31 16.68
N PRO G 362 15.85 25.44 15.73
CA PRO G 362 17.14 26.02 16.11
C PRO G 362 16.98 27.47 16.50
N ARG G 363 17.86 27.96 17.37
CA ARG G 363 17.91 29.38 17.70
C ARG G 363 18.52 30.11 16.49
N ALA G 364 19.51 29.49 15.81
CA ALA G 364 20.19 30.05 14.64
C ALA G 364 19.18 30.22 13.53
N ALA G 365 19.23 31.37 12.83
CA ALA G 365 18.40 31.65 11.67
C ALA G 365 18.73 30.65 10.56
N VAL G 366 17.71 30.15 9.85
CA VAL G 366 17.95 29.24 8.72
C VAL G 366 17.91 30.08 7.44
N ILE G 367 19.06 30.43 6.89
CA ILE G 367 19.15 31.22 5.68
C ILE G 367 19.05 30.28 4.49
N ALA G 368 17.91 30.29 3.77
CA ALA G 368 17.70 29.38 2.66
C ALA G 368 18.01 30.04 1.32
N VAL G 369 19.03 29.57 0.61
CA VAL G 369 19.38 30.12 -0.70
C VAL G 369 18.76 29.22 -1.79
N THR G 370 17.93 29.84 -2.61
CA THR G 370 17.24 29.11 -3.65
C THR G 370 17.16 29.90 -4.94
N ARG G 371 17.06 29.17 -6.04
CA ARG G 371 16.85 29.76 -7.37
C ARG G 371 15.33 29.79 -7.73
N SER G 372 14.50 29.05 -6.98
CA SER G 372 13.05 28.94 -7.19
C SER G 372 12.37 30.10 -6.47
N ALA G 373 11.76 31.00 -7.23
CA ALA G 373 11.07 32.13 -6.67
C ALA G 373 9.86 31.67 -5.84
N GLN G 374 9.17 30.60 -6.29
CA GLN G 374 8.05 30.06 -5.53
C GLN G 374 8.48 29.45 -4.20
N ALA G 375 9.55 28.63 -4.19
CA ALA G 375 10.05 28.05 -2.95
C ALA G 375 10.49 29.13 -1.98
N ALA G 376 11.11 30.22 -2.50
CA ALA G 376 11.53 31.36 -1.69
C ALA G 376 10.31 31.96 -0.97
N ARG G 377 9.18 32.10 -1.67
CA ARG G 377 7.98 32.64 -1.07
C ARG G 377 7.32 31.66 -0.09
N GLN G 378 7.23 30.38 -0.48
CA GLN G 378 6.59 29.36 0.34
C GLN G 378 7.29 29.01 1.65
N VAL G 379 8.65 29.12 1.72
CA VAL G 379 9.35 28.77 2.96
C VAL G 379 9.08 29.76 4.10
N HIS G 380 8.36 30.86 3.84
CA HIS G 380 7.94 31.77 4.91
C HIS G 380 6.95 31.03 5.87
N LEU G 381 6.33 29.93 5.43
CA LEU G 381 5.46 29.13 6.28
C LEU G 381 6.22 28.46 7.43
N CYS G 382 7.53 28.23 7.28
CA CYS G 382 8.35 27.53 8.26
C CYS G 382 9.11 28.48 9.13
N ARG G 383 8.91 28.38 10.44
CA ARG G 383 9.57 29.29 11.37
C ARG G 383 11.09 29.26 11.26
N GLY G 384 11.68 30.44 11.26
CA GLY G 384 13.11 30.61 11.23
C GLY G 384 13.74 30.48 9.87
N VAL G 385 12.95 30.34 8.80
CA VAL G 385 13.52 30.24 7.46
C VAL G 385 13.48 31.60 6.81
N PHE G 386 14.67 32.11 6.42
CA PHE G 386 14.86 33.41 5.79
C PHE G 386 15.27 33.17 4.38
N PRO G 387 14.33 33.32 3.44
CA PRO G 387 14.64 32.99 2.05
C PRO G 387 15.41 34.03 1.28
N LEU G 388 16.38 33.58 0.50
CA LEU G 388 17.17 34.47 -0.36
C LEU G 388 17.04 33.94 -1.75
N LEU G 389 16.56 34.77 -2.65
CA LEU G 389 16.40 34.39 -4.05
C LEU G 389 17.67 34.72 -4.83
N TYR G 390 18.30 33.71 -5.42
CA TYR G 390 19.55 33.87 -6.14
C TYR G 390 19.28 33.98 -7.62
N ARG G 391 19.67 35.10 -8.19
CA ARG G 391 19.46 35.43 -9.60
C ARG G 391 20.73 35.53 -10.45
N GLU G 392 21.89 35.26 -9.87
CA GLU G 392 23.13 35.30 -10.63
C GLU G 392 23.18 34.21 -11.71
N PRO G 393 23.85 34.50 -12.85
CA PRO G 393 24.00 33.46 -13.88
C PRO G 393 24.88 32.29 -13.39
N PRO G 394 24.69 31.11 -14.00
CA PRO G 394 25.37 29.93 -13.46
C PRO G 394 26.87 29.89 -13.69
N GLU G 395 27.60 29.24 -12.76
CA GLU G 395 29.01 28.99 -12.94
C GLU G 395 29.12 27.69 -13.73
N ALA G 396 30.20 27.54 -14.52
CA ALA G 396 30.37 26.34 -15.35
C ALA G 396 30.53 25.11 -14.48
N ILE G 397 31.32 25.22 -13.41
CA ILE G 397 31.55 24.11 -12.51
C ILE G 397 30.57 24.14 -11.33
N TRP G 398 29.89 23.00 -11.08
CA TRP G 398 28.92 22.87 -10.02
C TRP G 398 29.43 23.22 -8.62
N ALA G 399 30.58 22.68 -8.13
CA ALA G 399 31.08 23.06 -6.81
C ALA G 399 31.32 24.58 -6.68
N ASP G 400 31.70 25.24 -7.77
CA ASP G 400 31.92 26.70 -7.76
C ASP G 400 30.59 27.45 -7.64
N ASP G 401 29.56 26.95 -8.31
CA ASP G 401 28.22 27.51 -8.27
C ASP G 401 27.60 27.36 -6.86
N VAL G 402 27.85 26.21 -6.23
CA VAL G 402 27.42 25.97 -4.86
C VAL G 402 28.11 26.97 -3.92
N ASP G 403 29.45 27.16 -4.05
CA ASP G 403 30.19 28.11 -3.22
C ASP G 403 29.70 29.51 -3.41
N ARG G 404 29.33 29.89 -4.65
CA ARG G 404 28.81 31.24 -4.88
C ARG G 404 27.48 31.44 -4.16
N ARG G 405 26.64 30.41 -4.10
CA ARG G 405 25.35 30.51 -3.43
C ARG G 405 25.55 30.57 -1.93
N VAL G 406 26.49 29.80 -1.38
CA VAL G 406 26.81 29.86 0.06
C VAL G 406 27.35 31.28 0.39
N GLN G 407 28.20 31.82 -0.46
CA GLN G 407 28.76 33.16 -0.25
C GLN G 407 27.72 34.24 -0.37
N PHE G 408 26.76 34.07 -1.28
CA PHE G 408 25.61 34.95 -1.40
C PHE G 408 24.79 34.96 -0.12
N GLY G 409 24.68 33.80 0.55
CA GLY G 409 24.00 33.69 1.82
C GLY G 409 24.71 34.46 2.91
N ILE G 410 26.04 34.35 2.98
CA ILE G 410 26.91 35.04 3.97
C ILE G 410 26.87 36.56 3.73
N GLU G 411 27.02 36.99 2.48
CA GLU G 411 26.98 38.41 2.15
C GLU G 411 25.64 39.02 2.49
N SER G 412 24.52 38.34 2.16
CA SER G 412 23.19 38.86 2.52
C SER G 412 23.04 38.91 4.04
N GLY G 413 23.50 37.86 4.72
CA GLY G 413 23.46 37.80 6.17
C GLY G 413 24.24 38.93 6.82
N LYS G 414 25.41 39.30 6.27
CA LYS G 414 26.22 40.39 6.80
C LYS G 414 25.49 41.71 6.60
N LEU G 415 24.96 41.93 5.40
CA LEU G 415 24.25 43.17 5.07
C LEU G 415 23.04 43.38 5.97
N ARG G 416 22.28 42.31 6.22
CA ARG G 416 21.05 42.37 7.01
C ARG G 416 21.26 42.31 8.53
N GLY G 417 22.50 42.14 9.00
CA GLY G 417 22.76 42.08 10.43
C GLY G 417 22.67 40.71 11.05
N PHE G 418 22.41 39.65 10.26
CA PHE G 418 22.38 38.28 10.78
C PHE G 418 23.80 37.82 11.18
N LEU G 419 24.84 38.24 10.43
CA LEU G 419 26.19 37.73 10.61
C LEU G 419 27.22 38.80 10.72
N ARG G 420 28.36 38.45 11.33
CA ARG G 420 29.52 39.32 11.46
C ARG G 420 30.77 38.46 11.25
N VAL G 421 31.89 39.09 10.91
CA VAL G 421 33.20 38.41 10.81
C VAL G 421 33.55 37.81 12.18
N GLY G 422 34.00 36.57 12.20
CA GLY G 422 34.28 35.88 13.46
C GLY G 422 33.15 34.97 13.91
N ASP G 423 31.94 35.15 13.38
CA ASP G 423 30.83 34.26 13.72
C ASP G 423 31.05 32.85 13.17
N LEU G 424 30.44 31.85 13.82
CA LEU G 424 30.43 30.51 13.29
C LEU G 424 29.06 30.30 12.61
N VAL G 425 29.06 29.66 11.44
CA VAL G 425 27.84 29.32 10.71
C VAL G 425 27.91 27.85 10.34
N ILE G 426 26.76 27.22 10.24
CA ILE G 426 26.66 25.85 9.81
C ILE G 426 26.16 25.92 8.36
N VAL G 427 26.80 25.22 7.42
CA VAL G 427 26.37 25.26 6.03
C VAL G 427 25.89 23.88 5.64
N VAL G 428 24.65 23.80 5.12
CA VAL G 428 24.01 22.57 4.70
C VAL G 428 23.84 22.47 3.18
N THR G 429 24.47 21.43 2.56
CA THR G 429 24.44 21.21 1.10
C THR G 429 24.27 19.67 0.77
N GLY G 430 24.24 19.34 -0.51
CA GLY G 430 24.12 17.98 -1.00
C GLY G 430 25.29 17.58 -1.87
N TRP G 431 25.41 16.29 -2.15
CA TRP G 431 26.58 15.77 -2.86
C TRP G 431 26.50 15.83 -4.40
N ARG G 432 25.34 16.20 -4.92
CA ARG G 432 25.14 16.32 -6.35
C ARG G 432 23.97 17.28 -6.62
N PRO G 433 23.92 17.85 -7.86
CA PRO G 433 22.83 18.76 -8.19
C PRO G 433 21.46 18.06 -8.16
N GLY G 434 20.44 18.87 -8.06
CA GLY G 434 19.09 18.39 -7.99
C GLY G 434 18.63 18.27 -6.55
N SER G 435 17.36 18.48 -6.37
CA SER G 435 16.68 18.35 -5.12
C SER G 435 16.69 16.87 -4.61
N GLY G 436 16.68 16.67 -3.29
CA GLY G 436 16.66 15.35 -2.68
C GLY G 436 17.97 14.73 -2.18
N TYR G 437 19.12 15.43 -2.40
CA TYR G 437 20.43 14.88 -2.06
C TYR G 437 21.19 15.57 -0.96
N THR G 438 20.52 16.37 -0.10
CA THR G 438 21.18 17.05 1.01
C THR G 438 21.80 16.02 1.93
N ASN G 439 23.10 16.12 2.21
CA ASN G 439 23.77 15.15 3.07
C ASN G 439 25.05 15.71 3.70
N ILE G 440 25.34 17.01 3.55
CA ILE G 440 26.58 17.59 4.06
C ILE G 440 26.31 18.75 5.02
N MET G 441 27.06 18.78 6.13
CA MET G 441 27.00 19.84 7.12
C MET G 441 28.46 20.28 7.33
N ARG G 442 28.75 21.59 7.17
CA ARG G 442 30.08 22.12 7.42
C ARG G 442 30.04 23.21 8.46
N VAL G 443 31.09 23.30 9.28
CA VAL G 443 31.22 24.35 10.28
C VAL G 443 32.17 25.38 9.67
N LEU G 444 31.71 26.59 9.49
CA LEU G 444 32.48 27.64 8.86
C LEU G 444 32.65 28.83 9.76
N SER G 445 33.84 29.42 9.77
CA SER G 445 34.10 30.66 10.47
C SER G 445 33.94 31.79 9.45
N ILE G 446 33.14 32.80 9.76
CA ILE G 446 32.90 33.91 8.84
C ILE G 446 34.12 34.82 8.71
N SER G 447 34.62 34.97 7.49
CA SER G 447 35.75 35.84 7.18
C SER G 447 35.30 37.05 6.33
N GLY H 23 13.89 -3.83 9.60
CA GLY H 23 13.32 -5.07 10.11
C GLY H 23 13.18 -5.14 11.62
N THR H 24 12.25 -5.98 12.11
CA THR H 24 12.03 -6.19 13.54
C THR H 24 13.22 -6.88 14.21
N ALA H 25 13.93 -7.75 13.47
CA ALA H 25 15.09 -8.46 13.99
C ALA H 25 16.18 -7.48 14.41
N PHE H 26 16.38 -6.40 13.64
CA PHE H 26 17.36 -5.36 13.93
C PHE H 26 17.08 -4.72 15.30
N PHE H 27 15.81 -4.42 15.56
CA PHE H 27 15.42 -3.74 16.79
C PHE H 27 15.32 -4.66 18.03
N GLN H 28 15.60 -5.95 17.87
CA GLN H 28 15.66 -6.85 19.02
C GLN H 28 17.11 -7.03 19.53
N GLN H 29 18.10 -6.87 18.64
CA GLN H 29 19.53 -6.97 18.93
C GLN H 29 20.10 -5.72 19.62
N GLN H 30 21.39 -5.81 20.08
CA GLN H 30 22.20 -4.78 20.73
C GLN H 30 21.44 -3.96 21.79
N GLN H 31 20.58 -4.63 22.57
CA GLN H 31 19.77 -4.02 23.65
C GLN H 31 18.98 -2.80 23.19
N LEU H 32 18.49 -2.81 21.92
CA LEU H 32 17.70 -1.69 21.39
C LEU H 32 16.37 -1.49 22.15
N PRO H 33 15.63 -2.54 22.62
CA PRO H 33 14.44 -2.27 23.44
C PRO H 33 14.79 -1.50 24.73
N ALA H 34 15.89 -1.89 25.41
CA ALA H 34 16.34 -1.19 26.63
C ALA H 34 16.84 0.23 26.30
N ALA H 35 17.40 0.42 25.09
CA ALA H 35 17.89 1.72 24.62
C ALA H 35 16.77 2.75 24.50
N MET H 36 15.59 2.31 24.07
CA MET H 36 14.47 3.22 23.89
C MET H 36 13.69 3.54 25.17
N ALA H 37 14.05 2.95 26.32
CA ALA H 37 13.33 3.21 27.58
C ALA H 37 13.35 4.66 28.02
N ASP H 38 12.29 5.08 28.70
CA ASP H 38 12.15 6.46 29.15
C ASP H 38 12.77 6.73 30.50
N THR H 39 13.08 5.67 31.29
CA THR H 39 13.77 5.86 32.57
C THR H 39 14.93 4.86 32.67
N PHE H 40 15.91 5.12 33.55
CA PHE H 40 17.00 4.19 33.77
C PHE H 40 16.46 2.89 34.40
N LEU H 41 15.48 3.00 35.31
CA LEU H 41 14.85 1.82 35.92
C LEU H 41 14.19 0.94 34.84
N GLU H 42 13.44 1.55 33.91
CA GLU H 42 12.82 0.81 32.81
C GLU H 42 13.88 0.22 31.86
N HIS H 43 14.99 0.95 31.67
CA HIS H 43 16.13 0.48 30.87
C HIS H 43 16.69 -0.81 31.46
N LEU H 44 16.87 -0.86 32.78
CA LEU H 44 17.36 -2.07 33.46
C LEU H 44 16.38 -3.22 33.28
N CYS H 45 15.07 -2.95 33.45
CA CYS H 45 14.01 -3.94 33.32
C CYS H 45 13.93 -4.56 31.94
N LEU H 46 14.37 -3.82 30.90
CA LEU H 46 14.32 -4.30 29.52
C LEU H 46 15.60 -4.98 29.05
N LEU H 47 16.66 -5.06 29.88
CA LEU H 47 17.90 -5.74 29.47
C LEU H 47 17.61 -7.21 29.19
N ASP H 48 18.12 -7.71 28.06
CA ASP H 48 17.79 -9.05 27.60
C ASP H 48 19.01 -9.88 27.30
N ILE H 49 19.15 -11.03 27.95
CA ILE H 49 20.28 -11.93 27.71
C ILE H 49 20.25 -12.54 26.30
N ASP H 50 19.09 -12.53 25.63
CA ASP H 50 18.95 -13.04 24.26
C ASP H 50 19.20 -11.97 23.22
N SER H 51 19.39 -10.69 23.63
CA SER H 51 19.65 -9.60 22.70
C SER H 51 21.15 -9.61 22.44
N GLU H 52 21.56 -10.12 21.27
CA GLU H 52 22.96 -10.27 20.92
C GLU H 52 23.66 -8.98 20.51
N PRO H 53 24.92 -8.80 20.97
CA PRO H 53 25.64 -7.58 20.58
C PRO H 53 25.98 -7.61 19.10
N VAL H 54 25.92 -6.46 18.44
CA VAL H 54 26.18 -6.37 17.00
C VAL H 54 27.40 -5.50 16.76
N ALA H 55 27.51 -4.38 17.47
CA ALA H 55 28.61 -3.44 17.35
C ALA H 55 29.95 -4.09 17.70
N ALA H 56 31.04 -3.53 17.13
CA ALA H 56 32.38 -4.01 17.44
C ALA H 56 32.71 -3.58 18.89
N ARG H 57 33.52 -4.36 19.60
CA ARG H 57 33.92 -4.07 20.98
C ARG H 57 34.73 -2.81 21.04
N SER H 58 34.26 -1.82 21.77
CA SER H 58 34.83 -0.49 21.80
C SER H 58 35.77 -0.17 23.00
N THR H 59 35.73 -0.94 24.10
CA THR H 59 36.63 -0.71 25.23
C THR H 59 37.93 -1.43 24.92
N SER H 60 39.08 -0.72 24.86
CA SER H 60 40.36 -1.37 24.57
C SER H 60 40.85 -2.26 25.71
N ILE H 61 41.56 -3.32 25.34
CA ILE H 61 42.14 -4.24 26.28
C ILE H 61 43.65 -3.99 26.32
N ILE H 62 44.17 -3.75 27.53
CA ILE H 62 45.60 -3.61 27.77
C ILE H 62 46.06 -4.94 28.37
N ALA H 63 47.04 -5.61 27.73
CA ALA H 63 47.54 -6.87 28.27
C ALA H 63 48.99 -6.66 28.71
N THR H 64 49.33 -7.05 29.93
CA THR H 64 50.69 -6.96 30.45
C THR H 64 51.52 -8.08 29.87
N ILE H 65 52.70 -7.74 29.33
CA ILE H 65 53.59 -8.71 28.71
C ILE H 65 54.51 -9.31 29.75
N GLY H 66 54.66 -10.62 29.70
CA GLY H 66 55.55 -11.35 30.59
C GLY H 66 55.88 -12.74 30.06
N PRO H 67 56.43 -13.63 30.92
CA PRO H 67 56.77 -14.99 30.45
C PRO H 67 55.67 -15.77 29.75
N ALA H 68 54.41 -15.52 30.09
CA ALA H 68 53.28 -16.22 29.46
C ALA H 68 52.81 -15.61 28.16
N SER H 69 53.27 -14.41 27.80
CA SER H 69 52.80 -13.71 26.62
C SER H 69 53.93 -13.11 25.78
N ARG H 70 55.18 -13.56 25.91
CA ARG H 70 56.30 -12.99 25.16
C ARG H 70 56.59 -13.70 23.83
N SER H 71 56.13 -14.93 23.67
CA SER H 71 56.29 -15.66 22.42
C SER H 71 55.62 -14.90 21.24
N VAL H 72 56.31 -14.78 20.09
CA VAL H 72 55.76 -14.12 18.89
C VAL H 72 54.48 -14.84 18.44
N GLU H 73 54.46 -16.19 18.51
CA GLU H 73 53.29 -16.96 18.10
C GLU H 73 52.10 -16.78 19.05
N ARG H 74 52.37 -16.68 20.36
CA ARG H 74 51.28 -16.44 21.29
C ARG H 74 50.78 -14.97 21.13
N LEU H 75 51.68 -14.03 20.91
CA LEU H 75 51.31 -12.62 20.70
C LEU H 75 50.40 -12.45 19.49
N LYS H 76 50.60 -13.27 18.46
CA LYS H 76 49.72 -13.25 17.29
C LYS H 76 48.33 -13.71 17.71
N GLU H 77 48.23 -14.73 18.58
CA GLU H 77 46.93 -15.18 19.07
C GLU H 77 46.26 -14.13 19.97
N MET H 78 47.04 -13.38 20.75
CA MET H 78 46.52 -12.35 21.63
CA MET H 78 46.52 -12.35 21.63
C MET H 78 46.01 -11.15 20.83
N ILE H 79 46.66 -10.83 19.70
CA ILE H 79 46.25 -9.75 18.84
C ILE H 79 44.89 -10.13 18.22
N LYS H 80 44.76 -11.41 17.76
CA LYS H 80 43.51 -11.91 17.20
C LYS H 80 42.38 -11.96 18.23
N ALA H 81 42.70 -12.27 19.51
CA ALA H 81 41.71 -12.32 20.60
C ALA H 81 41.21 -10.92 21.02
N GLY H 82 41.95 -9.87 20.69
CA GLY H 82 41.54 -8.51 21.01
C GLY H 82 42.49 -7.59 21.75
N MET H 83 43.75 -8.00 22.02
CA MET H 83 44.71 -7.12 22.71
C MET H 83 44.98 -5.88 21.84
N ASN H 84 44.81 -4.70 22.42
CA ASN H 84 45.04 -3.45 21.71
C ASN H 84 46.27 -2.72 22.17
N ILE H 85 46.62 -2.88 23.47
CA ILE H 85 47.78 -2.21 24.05
C ILE H 85 48.61 -3.23 24.82
N ALA H 86 49.90 -3.30 24.55
CA ALA H 86 50.81 -4.18 25.26
C ALA H 86 51.50 -3.36 26.36
N ARG H 87 51.39 -3.80 27.60
CA ARG H 87 51.96 -3.08 28.72
C ARG H 87 53.27 -3.73 29.19
N LEU H 88 54.32 -2.93 29.30
CA LEU H 88 55.62 -3.42 29.81
C LEU H 88 55.75 -2.89 31.23
N ASN H 89 55.77 -3.79 32.21
CA ASN H 89 55.86 -3.37 33.61
C ASN H 89 57.31 -3.24 34.02
N PHE H 90 57.83 -2.00 34.10
CA PHE H 90 59.23 -1.77 34.46
C PHE H 90 59.54 -1.94 35.96
N SER H 91 58.57 -2.46 36.74
CA SER H 91 58.84 -2.82 38.13
C SER H 91 59.69 -4.11 38.20
N HIS H 92 59.62 -4.96 37.16
CA HIS H 92 60.37 -6.21 37.06
C HIS H 92 61.08 -6.29 35.69
N GLY H 93 62.20 -6.98 35.62
CA GLY H 93 62.92 -7.17 34.38
C GLY H 93 63.90 -6.07 34.05
N SER H 94 64.93 -6.43 33.29
CA SER H 94 65.96 -5.49 32.88
C SER H 94 65.58 -4.77 31.57
N HIS H 95 66.38 -3.77 31.15
CA HIS H 95 66.17 -3.09 29.87
C HIS H 95 66.32 -4.07 28.71
N GLU H 96 67.21 -5.05 28.84
CA GLU H 96 67.41 -6.07 27.83
C GLU H 96 66.15 -6.91 27.68
N TYR H 97 65.55 -7.27 28.79
CA TYR H 97 64.34 -8.07 28.80
C TYR H 97 63.17 -7.27 28.11
N HIS H 98 62.98 -6.02 28.49
CA HIS H 98 61.93 -5.18 27.92
C HIS H 98 62.14 -4.85 26.45
N ALA H 99 63.40 -4.71 26.00
CA ALA H 99 63.68 -4.48 24.58
C ALA H 99 63.29 -5.70 23.75
N GLU H 100 63.49 -6.92 24.30
CA GLU H 100 63.10 -8.16 23.64
C GLU H 100 61.59 -8.25 23.55
N SER H 101 60.88 -7.84 24.60
CA SER H 101 59.41 -7.84 24.63
C SER H 101 58.87 -6.91 23.52
N ILE H 102 59.45 -5.70 23.39
CA ILE H 102 59.07 -4.73 22.37
C ILE H 102 59.26 -5.30 20.98
N ALA H 103 60.43 -5.92 20.74
CA ALA H 103 60.76 -6.52 19.45
C ALA H 103 59.80 -7.62 19.08
N ASN H 104 59.44 -8.46 20.07
CA ASN H 104 58.53 -9.58 19.90
C ASN H 104 57.12 -9.09 19.61
N VAL H 105 56.66 -8.03 20.31
CA VAL H 105 55.34 -7.44 20.08
C VAL H 105 55.30 -6.89 18.65
N ARG H 106 56.29 -6.07 18.27
CA ARG H 106 56.39 -5.49 16.94
C ARG H 106 56.43 -6.54 15.84
N GLU H 107 57.15 -7.65 16.07
CA GLU H 107 57.20 -8.72 15.07
C GLU H 107 55.83 -9.36 14.90
N ALA H 108 55.12 -9.63 16.00
CA ALA H 108 53.77 -10.21 15.92
C ALA H 108 52.78 -9.25 15.21
N VAL H 109 52.84 -7.96 15.56
CA VAL H 109 51.97 -6.94 14.97
C VAL H 109 52.24 -6.80 13.47
N GLU H 110 53.52 -6.72 13.08
CA GLU H 110 53.90 -6.54 11.68
C GLU H 110 53.71 -7.75 10.82
N SER H 111 53.51 -8.94 11.41
CA SER H 111 53.25 -10.14 10.62
C SER H 111 51.90 -10.07 9.89
N PHE H 112 51.02 -9.16 10.27
CA PHE H 112 49.73 -8.97 9.63
C PHE H 112 49.72 -7.75 8.69
N ALA H 113 50.85 -7.02 8.51
CA ALA H 113 50.92 -5.84 7.66
C ALA H 113 50.75 -6.11 6.14
N GLY H 114 50.90 -7.36 5.71
CA GLY H 114 50.74 -7.73 4.31
C GLY H 114 49.32 -7.60 3.80
N SER H 115 48.32 -7.50 4.70
CA SER H 115 46.93 -7.29 4.34
C SER H 115 46.47 -5.99 5.03
N PRO H 116 46.68 -4.84 4.37
CA PRO H 116 46.35 -3.56 4.99
C PRO H 116 44.91 -3.38 5.44
N LEU H 117 43.95 -4.07 4.78
CA LEU H 117 42.53 -3.97 5.15
C LEU H 117 42.17 -4.65 6.48
N SER H 118 43.05 -5.48 7.01
CA SER H 118 42.78 -6.20 8.27
C SER H 118 43.86 -5.97 9.35
N TYR H 119 44.96 -5.27 9.01
CA TYR H 119 46.04 -4.97 9.93
C TYR H 119 45.54 -4.24 11.18
N ARG H 120 45.91 -4.71 12.37
CA ARG H 120 45.51 -4.06 13.61
C ARG H 120 46.71 -3.46 14.33
N PRO H 121 46.72 -2.13 14.46
CA PRO H 121 47.79 -1.48 15.22
C PRO H 121 47.68 -1.86 16.70
N VAL H 122 48.83 -1.98 17.40
CA VAL H 122 48.86 -2.33 18.81
C VAL H 122 49.80 -1.36 19.48
N ALA H 123 49.32 -0.63 20.52
CA ALA H 123 50.19 0.32 21.17
C ALA H 123 51.17 -0.35 22.13
N ILE H 124 52.30 0.31 22.43
CA ILE H 124 53.24 -0.18 23.41
C ILE H 124 53.29 0.84 24.53
N ALA H 125 52.94 0.41 25.75
CA ALA H 125 52.91 1.29 26.91
C ALA H 125 53.98 0.89 27.95
N LEU H 126 54.72 1.87 28.46
CA LEU H 126 55.76 1.62 29.46
C LEU H 126 55.18 2.01 30.81
N ASP H 127 55.08 1.08 31.74
CA ASP H 127 54.58 1.35 33.09
C ASP H 127 55.80 1.50 34.02
N THR H 128 56.02 2.69 34.57
CA THR H 128 57.18 2.97 35.40
C THR H 128 57.17 2.28 36.78
N LYS H 129 58.37 2.07 37.36
CA LYS H 129 58.56 1.47 38.67
C LYS H 129 58.00 2.36 39.78
N GLY H 130 58.18 3.66 39.64
CA GLY H 130 57.65 4.61 40.59
C GLY H 130 58.69 5.27 41.47
N PRO H 131 58.24 6.22 42.31
CA PRO H 131 59.19 6.95 43.16
C PRO H 131 59.68 6.20 44.39
N GLY H 132 58.90 5.21 44.84
CA GLY H 132 59.21 4.43 46.04
C GLY H 132 59.13 5.33 47.26
N SER H 133 60.19 5.34 48.07
CA SER H 133 60.26 6.18 49.26
C SER H 133 60.66 7.65 48.98
N GLY H 134 61.05 7.96 47.75
CA GLY H 134 61.46 9.31 47.39
C GLY H 134 60.33 10.28 47.15
N PRO H 135 60.66 11.58 47.06
CA PRO H 135 59.60 12.59 46.87
C PRO H 135 59.25 12.89 45.39
N GLY H 136 60.26 12.94 44.54
CA GLY H 136 60.12 13.23 43.11
C GLY H 136 60.39 12.05 42.20
N LEU H 137 60.82 12.34 40.96
CA LEU H 137 61.11 11.31 39.96
C LEU H 137 62.39 10.56 40.31
N SER H 138 62.29 9.24 40.46
CA SER H 138 63.45 8.41 40.82
C SER H 138 64.49 8.33 39.70
N GLU H 139 65.75 8.00 40.02
CA GLU H 139 66.79 7.88 39.02
C GLU H 139 66.56 6.71 38.09
N GLN H 140 65.95 5.60 38.60
CA GLN H 140 65.62 4.47 37.74
C GLN H 140 64.54 4.89 36.72
N ASP H 141 63.55 5.67 37.17
CA ASP H 141 62.50 6.17 36.27
C ASP H 141 63.08 7.05 35.19
N VAL H 142 64.08 7.90 35.51
CA VAL H 142 64.71 8.73 34.49
C VAL H 142 65.37 7.88 33.40
N ARG H 143 66.01 6.78 33.80
CA ARG H 143 66.64 5.86 32.88
C ARG H 143 65.64 5.07 32.05
N ASP H 144 64.57 4.59 32.69
CA ASP H 144 63.51 3.82 32.02
C ASP H 144 62.72 4.67 31.03
N LEU H 145 62.42 5.92 31.38
CA LEU H 145 61.73 6.85 30.50
C LEU H 145 62.59 7.19 29.28
N ARG H 146 63.91 7.33 29.45
CA ARG H 146 64.85 7.55 28.37
C ARG H 146 64.86 6.33 27.43
N PHE H 147 64.84 5.10 28.02
CA PHE H 147 64.76 3.85 27.28
C PHE H 147 63.47 3.84 26.43
N GLY H 148 62.36 4.27 27.01
CA GLY H 148 61.08 4.33 26.31
C GLY H 148 61.11 5.20 25.07
N VAL H 149 61.72 6.38 25.19
CA VAL H 149 61.86 7.30 24.06
C VAL H 149 62.74 6.69 22.98
N GLU H 150 63.88 6.08 23.38
CA GLU H 150 64.80 5.44 22.46
C GLU H 150 64.17 4.26 21.74
N HIS H 151 63.28 3.53 22.39
CA HIS H 151 62.62 2.38 21.78
C HIS H 151 61.23 2.70 21.17
N GLY H 152 60.86 3.96 21.12
CA GLY H 152 59.60 4.41 20.51
C GLY H 152 58.30 3.97 21.15
N VAL H 153 58.24 3.97 22.49
CA VAL H 153 56.97 3.62 23.16
C VAL H 153 55.92 4.70 22.86
N ASP H 154 54.64 4.31 22.85
CA ASP H 154 53.55 5.24 22.53
C ASP H 154 52.99 5.93 23.76
N ILE H 155 52.99 5.22 24.89
CA ILE H 155 52.35 5.68 26.11
C ILE H 155 53.24 5.38 27.32
N VAL H 156 53.10 6.21 28.33
CA VAL H 156 53.75 5.99 29.61
C VAL H 156 52.62 5.93 30.66
N PHE H 157 52.58 4.86 31.46
CA PHE H 157 51.69 4.77 32.60
C PHE H 157 52.61 5.17 33.77
N ALA H 158 52.52 6.44 34.22
CA ALA H 158 53.40 6.97 35.27
C ALA H 158 52.90 6.57 36.66
N SER H 159 53.66 5.73 37.36
CA SER H 159 53.30 5.25 38.68
C SER H 159 53.35 6.31 39.78
N PHE H 160 52.41 6.17 40.73
CA PHE H 160 52.26 7.01 41.91
C PHE H 160 52.29 8.51 41.64
N VAL H 161 51.43 8.99 40.73
CA VAL H 161 51.37 10.43 40.46
C VAL H 161 50.59 11.05 41.60
N ARG H 162 51.17 12.06 42.26
CA ARG H 162 50.57 12.67 43.45
C ARG H 162 50.21 14.14 43.28
N LYS H 163 50.74 14.78 42.22
CA LYS H 163 50.53 16.21 41.93
C LYS H 163 50.95 16.54 40.48
N ALA H 164 50.59 17.73 39.98
CA ALA H 164 50.92 18.16 38.64
C ALA H 164 52.41 18.16 38.34
N SER H 165 53.25 18.52 39.34
CA SER H 165 54.71 18.56 39.15
C SER H 165 55.30 17.18 38.89
N ASP H 166 54.63 16.11 39.33
CA ASP H 166 55.09 14.75 39.03
C ASP H 166 54.94 14.49 37.53
N VAL H 167 53.85 14.98 36.90
CA VAL H 167 53.60 14.82 35.48
C VAL H 167 54.62 15.67 34.69
N ALA H 168 54.91 16.89 35.16
CA ALA H 168 55.89 17.74 34.50
C ALA H 168 57.27 17.11 34.53
N ALA H 169 57.64 16.43 35.62
CA ALA H 169 58.93 15.76 35.73
C ALA H 169 59.02 14.56 34.77
N VAL H 170 57.92 13.83 34.57
CA VAL H 170 57.89 12.71 33.62
C VAL H 170 58.03 13.27 32.19
N ARG H 171 57.32 14.37 31.89
N ARG H 171 57.31 14.36 31.89
CA ARG H 171 57.36 15.02 30.59
CA ARG H 171 57.37 15.00 30.59
C ARG H 171 58.76 15.56 30.28
C ARG H 171 58.79 15.50 30.29
N ALA H 172 59.47 16.06 31.28
CA ALA H 172 60.85 16.56 31.12
C ALA H 172 61.83 15.39 30.87
N ALA H 173 61.66 14.27 31.61
CA ALA H 173 62.51 13.09 31.43
C ALA H 173 62.36 12.45 30.06
N LEU H 174 61.22 12.62 29.40
CA LEU H 174 61.00 12.09 28.05
C LEU H 174 61.79 12.91 27.00
N GLY H 175 62.11 14.16 27.31
CA GLY H 175 62.92 15.02 26.47
C GLY H 175 62.24 15.61 25.27
N PRO H 176 63.01 16.31 24.43
CA PRO H 176 62.42 16.93 23.24
C PRO H 176 61.93 15.93 22.19
N GLU H 177 62.56 14.75 22.10
CA GLU H 177 62.14 13.75 21.12
C GLU H 177 60.94 12.87 21.60
N GLY H 178 60.51 13.02 22.86
CA GLY H 178 59.37 12.28 23.38
C GLY H 178 58.12 13.11 23.62
N HIS H 179 58.00 14.27 22.95
CA HIS H 179 56.84 15.16 23.10
CA HIS H 179 56.84 15.15 23.11
C HIS H 179 55.52 14.52 22.66
N GLY H 180 55.58 13.57 21.72
CA GLY H 180 54.39 12.91 21.20
C GLY H 180 53.86 11.73 22.02
N ILE H 181 54.63 11.28 23.02
CA ILE H 181 54.22 10.15 23.88
C ILE H 181 53.11 10.60 24.82
N LYS H 182 52.07 9.78 24.98
CA LYS H 182 50.96 10.10 25.88
C LYS H 182 51.30 9.74 27.30
N ILE H 183 50.97 10.61 28.25
CA ILE H 183 51.24 10.33 29.65
C ILE H 183 49.92 10.04 30.36
N ILE H 184 49.77 8.82 30.85
CA ILE H 184 48.61 8.37 31.59
C ILE H 184 49.06 8.28 33.06
N SER H 185 48.56 9.19 33.90
CA SER H 185 48.94 9.22 35.31
C SER H 185 48.23 8.13 36.10
N LYS H 186 48.98 7.32 36.83
CA LYS H 186 48.38 6.29 37.67
C LYS H 186 48.04 6.90 39.03
N ILE H 187 46.77 6.82 39.44
CA ILE H 187 46.36 7.34 40.74
C ILE H 187 46.35 6.14 41.65
N GLU H 188 47.29 6.10 42.61
CA GLU H 188 47.47 4.95 43.48
C GLU H 188 47.42 5.26 44.97
N ASN H 189 47.12 6.50 45.37
CA ASN H 189 47.09 6.83 46.80
C ASN H 189 46.15 7.98 47.13
N HIS H 190 45.98 8.29 48.42
CA HIS H 190 45.10 9.33 48.87
C HIS H 190 45.40 10.69 48.26
N GLU H 191 46.65 11.12 48.24
CA GLU H 191 47.03 12.42 47.70
C GLU H 191 46.70 12.53 46.20
N GLY H 192 46.93 11.48 45.43
CA GLY H 192 46.58 11.46 44.01
C GLY H 192 45.09 11.66 43.78
N VAL H 193 44.26 11.08 44.66
CA VAL H 193 42.81 11.23 44.58
C VAL H 193 42.43 12.66 44.92
N LYS H 194 42.99 13.21 46.02
CA LYS H 194 42.68 14.58 46.43
C LYS H 194 43.17 15.63 45.45
N ARG H 195 44.31 15.41 44.83
CA ARG H 195 44.85 16.34 43.83
C ARG H 195 44.51 15.93 42.38
N PHE H 196 43.46 15.10 42.20
CA PHE H 196 43.04 14.58 40.90
C PHE H 196 42.86 15.64 39.83
N ASP H 197 42.14 16.73 40.12
CA ASP H 197 41.87 17.75 39.12
C ASP H 197 43.12 18.38 38.53
N GLU H 198 44.11 18.72 39.37
CA GLU H 198 45.35 19.30 38.88
C GLU H 198 46.20 18.29 38.11
N ILE H 199 46.11 17.00 38.45
CA ILE H 199 46.83 15.93 37.75
C ILE H 199 46.20 15.69 36.37
N LEU H 200 44.86 15.57 36.30
CA LEU H 200 44.17 15.34 35.04
C LEU H 200 44.41 16.48 34.05
N GLU H 201 44.39 17.73 34.54
CA GLU H 201 44.60 18.91 33.71
C GLU H 201 45.89 18.86 32.90
N VAL H 202 46.97 18.35 33.47
CA VAL H 202 48.26 18.26 32.78
C VAL H 202 48.57 16.87 32.19
N SER H 203 47.72 15.86 32.42
CA SER H 203 47.95 14.52 31.89
C SER H 203 47.13 14.28 30.62
N ASP H 204 47.50 13.27 29.83
CA ASP H 204 46.70 12.87 28.67
C ASP H 204 45.51 12.00 29.09
N GLY H 205 45.63 11.33 30.24
CA GLY H 205 44.60 10.47 30.77
C GLY H 205 44.98 9.93 32.13
N ILE H 206 44.17 9.00 32.65
CA ILE H 206 44.33 8.46 33.99
C ILE H 206 44.21 6.96 34.05
N MET H 207 44.92 6.34 34.99
CA MET H 207 44.74 4.93 35.27
C MET H 207 44.32 4.80 36.73
N VAL H 208 43.21 4.10 37.01
CA VAL H 208 42.76 3.81 38.35
C VAL H 208 43.54 2.55 38.74
N ALA H 209 44.68 2.74 39.39
CA ALA H 209 45.58 1.65 39.75
C ALA H 209 45.13 1.08 41.08
N ARG H 210 44.13 0.18 41.04
CA ARG H 210 43.43 -0.35 42.20
C ARG H 210 44.25 -1.19 43.16
N GLY H 211 45.33 -1.82 42.70
CA GLY H 211 46.20 -2.61 43.57
C GLY H 211 46.78 -1.79 44.72
N ASP H 212 47.61 -0.79 44.39
CA ASP H 212 48.17 0.09 45.41
C ASP H 212 47.10 0.98 46.05
N LEU H 213 46.11 1.45 45.26
CA LEU H 213 45.04 2.28 45.81
C LEU H 213 44.29 1.56 46.93
N GLY H 214 44.04 0.26 46.75
CA GLY H 214 43.37 -0.59 47.73
C GLY H 214 44.16 -0.90 49.00
N ILE H 215 45.44 -0.55 49.01
CA ILE H 215 46.28 -0.68 50.17
C ILE H 215 46.54 0.69 50.82
N GLU H 216 46.57 1.77 50.01
CA GLU H 216 46.77 3.13 50.46
C GLU H 216 45.52 3.72 51.11
N ILE H 217 44.34 3.35 50.61
CA ILE H 217 43.07 3.78 51.18
C ILE H 217 42.26 2.51 51.58
N PRO H 218 41.23 2.61 52.45
CA PRO H 218 40.45 1.40 52.79
C PRO H 218 39.90 0.72 51.53
N ALA H 219 40.00 -0.62 51.46
CA ALA H 219 39.56 -1.40 50.31
C ALA H 219 38.11 -1.12 49.92
N GLU H 220 37.23 -0.88 50.89
CA GLU H 220 35.83 -0.60 50.65
C GLU H 220 35.57 0.80 50.06
N LYS H 221 36.60 1.62 49.88
CA LYS H 221 36.44 2.96 49.29
C LYS H 221 36.92 3.03 47.85
N VAL H 222 37.67 2.03 47.36
CA VAL H 222 38.22 2.05 46.02
C VAL H 222 37.17 2.27 44.92
N PHE H 223 35.98 1.65 45.05
CA PHE H 223 34.91 1.83 44.06
C PHE H 223 34.48 3.29 43.93
N LEU H 224 34.52 4.07 45.04
CA LEU H 224 34.14 5.49 45.00
C LEU H 224 35.18 6.26 44.19
N ALA H 225 36.47 5.97 44.41
CA ALA H 225 37.55 6.63 43.70
C ALA H 225 37.52 6.23 42.23
N GLN H 226 37.25 4.97 41.92
CA GLN H 226 37.15 4.51 40.53
C GLN H 226 36.01 5.23 39.80
N LYS H 227 34.81 5.25 40.40
CA LYS H 227 33.66 5.86 39.76
C LYS H 227 33.80 7.36 39.62
N MET H 228 34.40 8.03 40.62
CA MET H 228 34.63 9.46 40.57
C MET H 228 35.62 9.81 39.44
N MET H 229 36.75 9.11 39.38
CA MET H 229 37.78 9.39 38.39
C MET H 229 37.29 9.09 36.99
N ILE H 230 36.54 7.99 36.81
CA ILE H 230 35.97 7.69 35.48
C ILE H 230 35.00 8.79 35.06
N GLY H 231 34.13 9.25 35.97
CA GLY H 231 33.19 10.33 35.71
C GLY H 231 33.88 11.62 35.30
N ARG H 232 34.93 12.01 36.05
CA ARG H 232 35.67 13.24 35.77
C ARG H 232 36.45 13.17 34.47
N CYS H 233 37.00 11.99 34.13
CA CYS H 233 37.69 11.81 32.85
C CYS H 233 36.69 11.84 31.70
N ASN H 234 35.50 11.25 31.88
CA ASN H 234 34.46 11.28 30.86
C ASN H 234 34.03 12.73 30.60
N LEU H 235 33.86 13.50 31.68
CA LEU H 235 33.51 14.91 31.58
C LEU H 235 34.62 15.70 30.85
N ALA H 236 35.89 15.45 31.18
CA ALA H 236 37.02 16.12 30.53
C ALA H 236 37.31 15.63 29.11
N GLY H 237 36.76 14.49 28.70
CA GLY H 237 37.02 13.90 27.40
C GLY H 237 38.42 13.31 27.29
N LYS H 238 38.96 12.82 28.42
CA LYS H 238 40.30 12.22 28.45
C LYS H 238 40.23 10.75 28.79
N PRO H 239 41.09 9.91 28.16
CA PRO H 239 41.02 8.47 28.45
C PRO H 239 41.18 8.08 29.92
N VAL H 240 40.45 7.03 30.33
CA VAL H 240 40.58 6.49 31.66
C VAL H 240 40.68 4.97 31.57
N VAL H 241 41.65 4.39 32.30
CA VAL H 241 41.88 2.95 32.35
C VAL H 241 41.47 2.38 33.71
N CYS H 242 40.76 1.26 33.71
CA CYS H 242 40.48 0.55 34.95
C CYS H 242 41.45 -0.63 35.00
N ALA H 243 42.13 -0.81 36.12
CA ALA H 243 43.16 -1.83 36.23
C ALA H 243 43.14 -2.61 37.53
N THR H 244 43.74 -3.82 37.50
CA THR H 244 44.15 -4.74 38.58
C THR H 244 43.07 -5.65 39.11
N GLN H 245 43.37 -6.96 39.06
CA GLN H 245 42.59 -8.08 39.56
C GLN H 245 41.23 -8.22 38.91
N MET H 246 41.04 -7.69 37.69
CA MET H 246 39.77 -7.78 36.99
C MET H 246 39.35 -9.20 36.73
N LEU H 247 40.29 -10.08 36.36
CA LEU H 247 40.01 -11.50 36.10
C LEU H 247 41.08 -12.37 36.82
N GLU H 248 41.53 -11.94 37.99
CA GLU H 248 42.59 -12.56 38.80
C GLU H 248 42.59 -14.09 38.85
N SER H 249 41.45 -14.73 39.11
CA SER H 249 41.38 -16.19 39.20
C SER H 249 41.77 -16.89 37.90
N MET H 250 41.71 -16.17 36.74
CA MET H 250 42.12 -16.73 35.45
C MET H 250 43.65 -16.92 35.32
N ILE H 251 44.43 -16.51 36.34
CA ILE H 251 45.86 -16.79 36.36
C ILE H 251 46.08 -18.33 36.41
N THR H 252 45.20 -19.05 37.16
CA THR H 252 45.31 -20.51 37.30
C THR H 252 44.06 -21.26 36.81
N LYS H 253 42.91 -20.59 36.72
CA LYS H 253 41.68 -21.27 36.28
C LYS H 253 41.20 -20.84 34.89
N PRO H 254 40.61 -21.77 34.13
CA PRO H 254 40.17 -21.42 32.75
C PRO H 254 38.94 -20.50 32.68
N ARG H 255 38.17 -20.37 33.78
CA ARG H 255 36.98 -19.53 33.85
C ARG H 255 37.09 -18.58 35.01
N PRO H 256 36.59 -17.35 34.89
CA PRO H 256 36.66 -16.40 36.01
C PRO H 256 35.49 -16.55 36.99
N THR H 257 35.55 -15.86 38.13
CA THR H 257 34.46 -15.91 39.11
C THR H 257 33.31 -14.97 38.68
N ARG H 258 32.15 -15.05 39.35
CA ARG H 258 31.01 -14.17 39.08
C ARG H 258 31.31 -12.72 39.42
N ALA H 259 32.17 -12.50 40.44
CA ALA H 259 32.56 -11.15 40.83
C ALA H 259 33.47 -10.52 39.78
N GLU H 260 34.34 -11.33 39.14
CA GLU H 260 35.27 -10.87 38.13
C GLU H 260 34.59 -10.43 36.85
N THR H 261 33.63 -11.23 36.32
CA THR H 261 32.89 -10.83 35.14
C THR H 261 32.07 -9.57 35.41
N SER H 262 31.52 -9.47 36.61
CA SER H 262 30.75 -8.33 37.06
C SER H 262 31.63 -7.07 37.11
N ASP H 263 32.85 -7.18 37.62
CA ASP H 263 33.80 -6.09 37.71
C ASP H 263 34.16 -5.56 36.33
N VAL H 264 34.42 -6.45 35.36
CA VAL H 264 34.72 -6.04 33.98
C VAL H 264 33.53 -5.30 33.38
N ALA H 265 32.31 -5.87 33.51
CA ALA H 265 31.10 -5.25 32.99
C ALA H 265 30.81 -3.91 33.63
N ASN H 266 31.02 -3.81 34.94
CA ASN H 266 30.80 -2.58 35.65
C ASN H 266 31.85 -1.52 35.38
N ALA H 267 33.10 -1.88 35.06
CA ALA H 267 34.11 -0.87 34.68
C ALA H 267 33.69 -0.23 33.36
N VAL H 268 33.21 -1.04 32.40
CA VAL H 268 32.71 -0.57 31.11
C VAL H 268 31.47 0.30 31.31
N LEU H 269 30.52 -0.16 32.11
CA LEU H 269 29.31 0.63 32.40
C LEU H 269 29.63 1.92 33.13
N ASP H 270 30.67 1.94 33.99
CA ASP H 270 31.10 3.17 34.68
C ASP H 270 31.54 4.23 33.65
N GLY H 271 32.17 3.78 32.56
CA GLY H 271 32.64 4.66 31.50
C GLY H 271 34.12 4.53 31.18
N ALA H 272 34.77 3.45 31.63
CA ALA H 272 36.20 3.27 31.38
C ALA H 272 36.47 3.11 29.89
N ASP H 273 37.49 3.80 29.39
CA ASP H 273 37.87 3.69 27.99
C ASP H 273 38.63 2.39 27.76
N CYS H 274 39.46 1.98 28.74
CA CYS H 274 40.30 0.79 28.67
C CYS H 274 40.14 -0.05 29.90
N ILE H 275 40.32 -1.36 29.73
CA ILE H 275 40.34 -2.34 30.80
C ILE H 275 41.68 -3.06 30.69
N MET H 276 42.23 -3.53 31.83
CA MET H 276 43.56 -4.10 31.85
C MET H 276 43.66 -5.49 32.44
N LEU H 277 44.64 -6.23 31.97
CA LEU H 277 45.02 -7.55 32.48
C LEU H 277 46.49 -7.42 32.93
N SER H 278 46.82 -7.94 34.12
CA SER H 278 48.20 -7.89 34.65
C SER H 278 48.78 -9.30 34.72
N GLY H 279 48.66 -9.99 35.85
CA GLY H 279 49.16 -11.34 35.98
C GLY H 279 48.46 -12.31 35.06
N GLU H 280 47.16 -12.04 34.75
CA GLU H 280 46.32 -12.86 33.85
C GLU H 280 46.99 -13.05 32.50
N THR H 281 47.74 -12.04 31.97
CA THR H 281 48.45 -12.20 30.70
C THR H 281 49.97 -12.29 30.86
N ALA H 282 50.52 -11.69 31.91
CA ALA H 282 51.97 -11.71 32.14
C ALA H 282 52.50 -13.06 32.59
N LYS H 283 51.82 -13.75 33.52
CA LYS H 283 52.36 -15.00 34.02
C LYS H 283 51.42 -16.17 34.08
N GLY H 284 50.13 -15.94 33.94
CA GLY H 284 49.15 -17.01 34.10
C GLY H 284 49.20 -18.12 33.07
N ASN H 285 48.29 -19.09 33.24
CA ASN H 285 48.18 -20.20 32.33
C ASN H 285 47.17 -19.96 31.19
N PHE H 286 46.36 -18.90 31.26
CA PHE H 286 45.33 -18.66 30.24
C PHE H 286 45.39 -17.24 29.68
N PRO H 287 46.55 -16.74 29.17
CA PRO H 287 46.60 -15.35 28.66
C PRO H 287 45.63 -15.01 27.53
N VAL H 288 45.47 -15.91 26.55
CA VAL H 288 44.61 -15.68 25.40
C VAL H 288 43.14 -15.75 25.83
N GLU H 289 42.80 -16.70 26.72
CA GLU H 289 41.43 -16.85 27.21
C GLU H 289 41.02 -15.63 28.04
N ALA H 290 41.97 -15.04 28.80
CA ALA H 290 41.67 -13.85 29.60
C ALA H 290 41.34 -12.66 28.68
N VAL H 291 42.07 -12.51 27.56
CA VAL H 291 41.80 -11.46 26.59
C VAL H 291 40.41 -11.70 25.95
N LYS H 292 40.10 -12.95 25.60
CA LYS H 292 38.81 -13.30 25.00
C LYS H 292 37.65 -13.05 25.97
N MET H 293 37.84 -13.32 27.25
CA MET H 293 36.84 -13.07 28.27
C MET H 293 36.56 -11.60 28.43
N GLN H 294 37.62 -10.75 28.51
CA GLN H 294 37.41 -9.31 28.60
C GLN H 294 36.68 -8.78 27.36
N HIS H 295 37.02 -9.32 26.18
CA HIS H 295 36.41 -8.94 24.91
C HIS H 295 34.91 -9.26 24.93
N ALA H 296 34.55 -10.50 25.31
CA ALA H 296 33.18 -10.96 25.36
C ALA H 296 32.33 -10.13 26.32
N ILE H 297 32.84 -9.86 27.53
CA ILE H 297 32.09 -9.07 28.52
C ILE H 297 31.93 -7.61 28.07
N ALA H 298 33.03 -6.99 27.59
CA ALA H 298 32.96 -5.61 27.14
C ALA H 298 31.90 -5.36 26.07
N ARG H 299 31.77 -6.25 25.07
CA ARG H 299 30.74 -6.09 24.02
C ARG H 299 29.35 -6.12 24.61
N GLU H 300 29.11 -7.02 25.56
CA GLU H 300 27.82 -7.13 26.21
C GLU H 300 27.49 -5.89 27.03
N ALA H 301 28.49 -5.37 27.78
CA ALA H 301 28.31 -4.21 28.63
C ALA H 301 28.13 -2.95 27.85
N GLU H 302 28.80 -2.83 26.68
CA GLU H 302 28.69 -1.63 25.85
C GLU H 302 27.28 -1.47 25.26
N ALA H 303 26.65 -2.60 24.89
CA ALA H 303 25.28 -2.57 24.38
C ALA H 303 24.29 -2.20 25.51
N ALA H 304 24.61 -2.54 26.77
CA ALA H 304 23.78 -2.24 27.95
C ALA H 304 23.89 -0.80 28.46
N VAL H 305 24.76 0.01 27.87
CA VAL H 305 24.90 1.43 28.23
C VAL H 305 23.57 2.17 27.92
N TYR H 306 23.15 3.10 28.78
CA TYR H 306 21.92 3.84 28.54
C TYR H 306 22.28 5.15 27.82
N HIS H 307 22.56 5.04 26.50
CA HIS H 307 23.02 6.16 25.67
C HIS H 307 22.13 7.40 25.75
N ARG H 308 20.81 7.22 25.86
CA ARG H 308 19.90 8.37 25.95
C ARG H 308 20.27 9.35 27.05
N GLN H 309 20.50 8.85 28.29
CA GLN H 309 20.88 9.74 29.37
C GLN H 309 22.36 10.12 29.31
N LEU H 310 23.22 9.15 29.01
CA LEU H 310 24.65 9.41 28.89
C LEU H 310 24.98 10.56 27.90
N PHE H 311 24.41 10.52 26.69
CA PHE H 311 24.62 11.55 25.67
C PHE H 311 24.07 12.89 26.14
N GLU H 312 22.84 12.94 26.69
CA GLU H 312 22.24 14.18 27.20
C GLU H 312 23.12 14.80 28.28
N GLU H 313 23.63 13.97 29.21
CA GLU H 313 24.48 14.47 30.28
C GLU H 313 25.85 14.92 29.81
N LEU H 314 26.46 14.21 28.85
CA LEU H 314 27.76 14.60 28.30
C LEU H 314 27.62 15.94 27.55
N ARG H 315 26.49 16.17 26.83
CA ARG H 315 26.35 17.46 26.14
C ARG H 315 26.00 18.57 27.11
N ARG H 316 25.09 18.34 28.08
CA ARG H 316 24.77 19.37 29.07
C ARG H 316 26.00 19.83 29.86
N ALA H 317 26.90 18.89 30.18
CA ALA H 317 28.09 19.21 30.95
C ALA H 317 29.22 19.81 30.14
N ALA H 318 29.30 19.50 28.84
CA ALA H 318 30.33 20.04 27.98
C ALA H 318 30.00 21.49 27.69
N PRO H 319 30.99 22.38 27.78
CA PRO H 319 30.71 23.81 27.53
C PRO H 319 30.52 24.12 26.04
N LEU H 320 29.97 25.31 25.72
CA LEU H 320 29.86 25.75 24.34
C LEU H 320 31.27 25.84 23.73
N SER H 321 31.40 25.52 22.44
CA SER H 321 32.71 25.56 21.81
C SER H 321 32.67 26.28 20.51
N ARG H 322 33.73 27.01 20.21
CA ARG H 322 33.88 27.65 18.92
C ARG H 322 34.95 26.92 18.05
N ASP H 323 35.39 25.72 18.47
CA ASP H 323 36.35 24.95 17.72
C ASP H 323 35.55 24.10 16.72
N PRO H 324 35.80 24.27 15.42
CA PRO H 324 35.03 23.50 14.43
C PRO H 324 35.13 21.99 14.55
N THR H 325 36.24 21.44 15.07
CA THR H 325 36.38 20.00 15.23
C THR H 325 35.40 19.53 16.30
N GLU H 326 35.31 20.25 17.40
CA GLU H 326 34.41 19.95 18.52
C GLU H 326 32.94 20.05 18.06
N VAL H 327 32.58 21.11 17.32
CA VAL H 327 31.24 21.34 16.80
C VAL H 327 30.87 20.26 15.77
N THR H 328 31.79 19.86 14.89
CA THR H 328 31.53 18.79 13.92
C THR H 328 31.33 17.45 14.63
N ALA H 329 32.12 17.19 15.68
CA ALA H 329 32.02 15.94 16.44
C ALA H 329 30.65 15.71 17.06
N ILE H 330 30.08 16.73 17.73
CA ILE H 330 28.77 16.58 18.34
C ILE H 330 27.66 16.47 17.27
N GLY H 331 27.82 17.20 16.16
CA GLY H 331 26.86 17.09 15.06
C GLY H 331 26.86 15.70 14.44
N ALA H 332 28.06 15.09 14.29
CA ALA H 332 28.20 13.75 13.71
C ALA H 332 27.67 12.67 14.64
N VAL H 333 27.88 12.82 15.96
CA VAL H 333 27.37 11.86 16.93
C VAL H 333 25.83 11.92 16.96
N GLU H 334 25.26 13.13 16.89
CA GLU H 334 23.81 13.30 16.85
C GLU H 334 23.24 12.65 15.58
N ALA H 335 23.89 12.89 14.41
CA ALA H 335 23.47 12.31 13.15
C ALA H 335 23.55 10.78 13.18
N ALA H 336 24.60 10.22 13.81
CA ALA H 336 24.75 8.77 13.93
C ALA H 336 23.63 8.13 14.74
N PHE H 337 23.18 8.77 15.85
CA PHE H 337 22.10 8.26 16.67
C PHE H 337 20.77 8.28 15.89
N LYS H 338 20.55 9.34 15.11
CA LYS H 338 19.33 9.51 14.34
C LYS H 338 19.08 8.40 13.32
N CYS H 339 20.14 7.93 12.67
CA CYS H 339 19.99 6.93 11.63
C CYS H 339 20.47 5.56 12.01
N CYS H 340 20.91 5.32 13.26
CA CYS H 340 21.52 4.04 13.67
C CYS H 340 22.70 3.71 12.79
N ALA H 341 23.57 4.71 12.55
CA ALA H 341 24.73 4.53 11.68
C ALA H 341 25.61 3.36 12.16
N ALA H 342 26.09 2.53 11.23
CA ALA H 342 26.97 1.43 11.58
C ALA H 342 28.35 1.98 12.03
N ALA H 343 28.77 3.17 11.52
CA ALA H 343 30.05 3.73 11.87
C ALA H 343 30.15 5.24 11.58
N ILE H 344 31.13 5.90 12.20
CA ILE H 344 31.53 7.26 11.90
C ILE H 344 32.96 7.10 11.37
N ILE H 345 33.23 7.39 10.10
CA ILE H 345 34.57 7.27 9.54
C ILE H 345 35.19 8.64 9.62
N VAL H 346 36.32 8.78 10.33
CA VAL H 346 36.99 10.06 10.50
C VAL H 346 38.43 10.00 10.02
N LEU H 347 38.88 11.07 9.36
CA LEU H 347 40.25 11.17 8.92
C LEU H 347 40.95 11.96 10.02
N THR H 348 42.11 11.46 10.49
CA THR H 348 42.82 12.14 11.57
C THR H 348 44.32 12.00 11.43
N THR H 349 45.07 13.07 11.77
CA THR H 349 46.52 13.03 11.70
C THR H 349 47.09 12.72 13.10
N THR H 350 46.56 13.39 14.13
CA THR H 350 47.03 13.25 15.51
C THR H 350 46.13 12.35 16.38
N GLY H 351 44.92 12.05 15.90
CA GLY H 351 43.92 11.29 16.64
C GLY H 351 42.88 12.17 17.30
N ARG H 352 43.10 13.49 17.36
CA ARG H 352 42.24 14.43 18.02
C ARG H 352 40.79 14.44 17.51
N SER H 353 40.57 14.41 16.18
CA SER H 353 39.18 14.39 15.66
C SER H 353 38.44 13.15 16.12
N ALA H 354 39.12 12.01 16.17
CA ALA H 354 38.50 10.76 16.64
C ALA H 354 38.22 10.83 18.16
N GLN H 355 39.15 11.42 18.93
CA GLN H 355 38.99 11.57 20.37
C GLN H 355 37.79 12.47 20.71
N LEU H 356 37.56 13.55 19.92
CA LEU H 356 36.41 14.41 20.16
C LEU H 356 35.08 13.72 19.78
N LEU H 357 35.08 12.75 18.87
CA LEU H 357 33.89 11.96 18.57
C LEU H 357 33.59 11.01 19.73
N SER H 358 34.65 10.32 20.19
CA SER H 358 34.67 9.35 21.27
C SER H 358 34.12 9.90 22.62
N ARG H 359 34.41 11.16 22.94
CA ARG H 359 33.97 11.77 24.20
C ARG H 359 32.42 11.85 24.35
N TYR H 360 31.68 11.80 23.23
CA TYR H 360 30.20 11.81 23.29
C TYR H 360 29.60 10.44 23.34
N ARG H 361 30.43 9.38 23.42
CA ARG H 361 30.02 8.00 23.52
C ARG H 361 28.98 7.56 22.51
N PRO H 362 29.29 7.69 21.21
CA PRO H 362 28.36 7.18 20.20
C PRO H 362 28.25 5.66 20.28
N ARG H 363 27.11 5.13 19.88
CA ARG H 363 26.93 3.69 19.75
C ARG H 363 27.68 3.23 18.47
N ALA H 364 27.69 4.06 17.39
CA ALA H 364 28.39 3.80 16.13
C ALA H 364 29.90 3.76 16.39
N ALA H 365 30.60 2.78 15.80
CA ALA H 365 32.04 2.63 15.87
C ALA H 365 32.70 3.87 15.23
N VAL H 366 33.78 4.38 15.81
CA VAL H 366 34.52 5.49 15.19
C VAL H 366 35.72 4.90 14.45
N ILE H 367 35.63 4.76 13.15
CA ILE H 367 36.69 4.21 12.33
C ILE H 367 37.66 5.34 11.98
N ALA H 368 38.85 5.34 12.56
CA ALA H 368 39.80 6.43 12.33
C ALA H 368 40.85 6.06 11.30
N VAL H 369 40.88 6.76 10.18
CA VAL H 369 41.85 6.51 9.13
C VAL H 369 42.98 7.49 9.28
N THR H 370 44.19 6.98 9.49
CA THR H 370 45.35 7.84 9.67
C THR H 370 46.57 7.30 8.95
N ARG H 371 47.50 8.18 8.60
CA ARG H 371 48.80 7.82 8.04
C ARG H 371 49.87 7.71 9.14
N SER H 372 49.63 8.30 10.33
CA SER H 372 50.54 8.26 11.45
C SER H 372 50.40 6.91 12.17
N ALA H 373 51.45 6.09 12.14
CA ALA H 373 51.47 4.80 12.81
C ALA H 373 51.35 5.00 14.33
N GLN H 374 51.99 6.05 14.88
CA GLN H 374 51.90 6.31 16.30
C GLN H 374 50.49 6.72 16.72
N ALA H 375 49.85 7.65 15.98
CA ALA H 375 48.46 8.03 16.28
C ALA H 375 47.52 6.83 16.20
N ALA H 376 47.75 5.93 15.24
CA ALA H 376 46.94 4.74 15.08
C ALA H 376 47.03 3.86 16.34
N ARG H 377 48.23 3.75 16.93
CA ARG H 377 48.42 3.00 18.16
C ARG H 377 47.80 3.73 19.37
N GLN H 378 48.05 5.01 19.48
CA GLN H 378 47.58 5.82 20.62
C GLN H 378 46.07 6.00 20.72
N VAL H 379 45.32 6.03 19.59
CA VAL H 379 43.86 6.20 19.68
C VAL H 379 43.13 5.02 20.29
N HIS H 380 43.80 3.90 20.57
CA HIS H 380 43.20 2.79 21.31
C HIS H 380 42.85 3.24 22.76
N LEU H 381 43.44 4.33 23.27
CA LEU H 381 43.14 4.86 24.58
C LEU H 381 41.70 5.40 24.64
N CYS H 382 41.11 5.79 23.49
CA CYS H 382 39.76 6.35 23.41
C CYS H 382 38.75 5.34 23.04
N ARG H 383 37.73 5.16 23.89
CA ARG H 383 36.69 4.17 23.64
C ARG H 383 35.99 4.36 22.30
N GLY H 384 35.82 3.27 21.60
CA GLY H 384 35.11 3.25 20.35
C GLY H 384 35.89 3.69 19.15
N VAL H 385 37.20 3.95 19.29
CA VAL H 385 38.02 4.34 18.16
C VAL H 385 38.71 3.09 17.61
N PHE H 386 38.47 2.75 16.34
CA PHE H 386 39.04 1.62 15.63
C PHE H 386 40.01 2.17 14.60
N PRO H 387 41.31 2.10 14.88
CA PRO H 387 42.29 2.71 13.98
C PRO H 387 42.65 1.90 12.75
N LEU H 388 42.81 2.59 11.63
CA LEU H 388 43.21 1.99 10.37
C LEU H 388 44.42 2.73 9.89
N LEU H 389 45.52 2.02 9.67
CA LEU H 389 46.74 2.66 9.18
C LEU H 389 46.78 2.68 7.63
N TYR H 390 46.74 3.87 7.04
CA TYR H 390 46.76 4.08 5.59
C TYR H 390 48.22 4.22 5.14
N ARG H 391 48.67 3.36 4.21
CA ARG H 391 50.08 3.33 3.82
C ARG H 391 50.44 4.03 2.50
N GLU H 392 49.43 4.28 1.66
CA GLU H 392 49.64 4.89 0.35
C GLU H 392 50.13 6.31 0.41
N PRO H 393 51.07 6.68 -0.49
CA PRO H 393 51.53 8.08 -0.52
C PRO H 393 50.40 9.02 -1.05
N PRO H 394 50.46 10.32 -0.73
CA PRO H 394 49.37 11.23 -1.14
C PRO H 394 49.12 11.30 -2.64
N GLU H 395 47.84 11.34 -3.03
CA GLU H 395 47.40 11.52 -4.41
C GLU H 395 47.74 12.95 -4.82
N ALA H 396 47.82 13.22 -6.14
CA ALA H 396 48.10 14.56 -6.64
C ALA H 396 46.97 15.51 -6.26
N ILE H 397 45.71 15.06 -6.42
CA ILE H 397 44.56 15.89 -6.07
C ILE H 397 44.14 15.57 -4.64
N TRP H 398 44.20 16.55 -3.74
CA TRP H 398 43.89 16.34 -2.32
C TRP H 398 42.50 15.75 -2.08
N ALA H 399 41.46 16.23 -2.79
CA ALA H 399 40.11 15.68 -2.69
C ALA H 399 40.06 14.19 -3.00
N ASP H 400 40.88 13.70 -3.95
CA ASP H 400 40.95 12.29 -4.30
C ASP H 400 41.68 11.50 -3.21
N ASP H 401 42.73 12.11 -2.61
CA ASP H 401 43.49 11.49 -1.51
C ASP H 401 42.54 11.26 -0.30
N VAL H 402 41.67 12.24 -0.03
CA VAL H 402 40.69 12.18 1.04
C VAL H 402 39.70 11.04 0.75
N ASP H 403 39.15 10.98 -0.49
CA ASP H 403 38.18 9.96 -0.91
C ASP H 403 38.76 8.56 -0.87
N ARG H 404 40.04 8.40 -1.24
CA ARG H 404 40.67 7.09 -1.19
C ARG H 404 40.79 6.59 0.25
N ARG H 405 41.04 7.49 1.21
CA ARG H 405 41.12 7.11 2.63
C ARG H 405 39.75 6.76 3.18
N VAL H 406 38.70 7.48 2.75
CA VAL H 406 37.33 7.16 3.16
C VAL H 406 36.95 5.77 2.63
N GLN H 407 37.26 5.50 1.34
CA GLN H 407 37.00 4.19 0.72
C GLN H 407 37.81 3.08 1.39
N PHE H 408 39.01 3.37 1.83
CA PHE H 408 39.84 2.43 2.57
C PHE H 408 39.14 2.09 3.92
N GLY H 409 38.55 3.09 4.57
CA GLY H 409 37.78 2.90 5.80
C GLY H 409 36.56 2.03 5.58
N ILE H 410 35.84 2.24 4.47
CA ILE H 410 34.67 1.45 4.08
C ILE H 410 35.07 0.02 3.73
N GLU H 411 36.12 -0.17 2.93
CA GLU H 411 36.55 -1.50 2.54
C GLU H 411 37.06 -2.30 3.73
N SER H 412 37.82 -1.66 4.66
CA SER H 412 38.27 -2.33 5.87
C SER H 412 37.07 -2.70 6.75
N GLY H 413 36.11 -1.78 6.86
CA GLY H 413 34.90 -1.99 7.63
C GLY H 413 34.08 -3.14 7.09
N LYS H 414 34.01 -3.29 5.77
CA LYS H 414 33.26 -4.38 5.15
C LYS H 414 33.96 -5.72 5.42
N LEU H 415 35.30 -5.76 5.24
CA LEU H 415 36.08 -6.97 5.45
C LEU H 415 35.98 -7.45 6.90
N ARG H 416 36.02 -6.52 7.85
CA ARG H 416 35.98 -6.86 9.27
C ARG H 416 34.60 -7.08 9.85
N GLY H 417 33.55 -6.87 9.08
CA GLY H 417 32.19 -7.06 9.56
C GLY H 417 31.52 -5.85 10.19
N PHE H 418 32.20 -4.68 10.22
CA PHE H 418 31.60 -3.46 10.76
C PHE H 418 30.47 -2.93 9.84
N LEU H 419 30.62 -3.13 8.51
CA LEU H 419 29.71 -2.55 7.53
C LEU H 419 29.21 -3.54 6.50
N ARG H 420 28.03 -3.29 5.97
CA ARG H 420 27.38 -4.07 4.92
C ARG H 420 26.71 -3.09 3.93
N VAL H 421 26.44 -3.52 2.70
CA VAL H 421 25.75 -2.70 1.69
C VAL H 421 24.36 -2.30 2.21
N GLY H 422 24.03 -1.02 2.07
CA GLY H 422 22.76 -0.50 2.59
C GLY H 422 22.90 0.21 3.92
N ASP H 423 24.02 0.02 4.63
CA ASP H 423 24.25 0.71 5.90
C ASP H 423 24.44 2.21 5.68
N LEU H 424 24.10 3.02 6.69
CA LEU H 424 24.41 4.45 6.62
C LEU H 424 25.65 4.69 7.48
N VAL H 425 26.56 5.53 7.02
CA VAL H 425 27.75 5.92 7.75
C VAL H 425 27.85 7.45 7.76
N ILE H 426 28.46 7.98 8.82
CA ILE H 426 28.72 9.40 8.94
C ILE H 426 30.21 9.54 8.61
N VAL H 427 30.58 10.46 7.69
CA VAL H 427 31.99 10.64 7.33
C VAL H 427 32.44 12.01 7.79
N VAL H 428 33.52 12.07 8.60
CA VAL H 428 34.06 13.30 9.16
C VAL H 428 35.43 13.64 8.55
N THR H 429 35.50 14.80 7.84
CA THR H 429 36.70 15.27 7.18
C THR H 429 36.94 16.78 7.48
N GLY H 430 37.95 17.37 6.88
CA GLY H 430 38.27 18.77 7.02
C GLY H 430 38.31 19.49 5.69
N TRP H 431 38.48 20.82 5.71
CA TRP H 431 38.47 21.63 4.49
C TRP H 431 39.83 21.80 3.83
N ARG H 432 40.93 21.47 4.53
CA ARG H 432 42.27 21.61 3.95
C ARG H 432 43.24 20.60 4.60
N PRO H 433 44.41 20.32 3.97
CA PRO H 433 45.35 19.36 4.58
C PRO H 433 45.94 19.84 5.90
N GLY H 434 46.46 18.90 6.66
CA GLY H 434 47.07 19.21 7.94
C GLY H 434 46.07 19.07 9.08
N SER H 435 46.60 18.91 10.26
CA SER H 435 45.88 18.75 11.51
C SER H 435 45.13 20.02 11.92
N GLY H 436 43.98 19.87 12.56
CA GLY H 436 43.26 21.01 13.13
C GLY H 436 42.16 21.64 12.29
N TYR H 437 41.87 21.08 11.10
CA TYR H 437 40.88 21.70 10.21
C TYR H 437 39.61 20.88 9.94
N THR H 438 39.29 19.87 10.81
CA THR H 438 38.05 19.10 10.65
C THR H 438 36.86 20.06 10.78
N ASN H 439 35.92 19.99 9.85
CA ASN H 439 34.73 20.85 9.88
C ASN H 439 33.59 20.28 9.03
N ILE H 440 33.70 19.06 8.48
CA ILE H 440 32.67 18.53 7.61
C ILE H 440 32.15 17.18 8.08
N MET H 441 30.82 17.00 8.05
CA MET H 441 30.22 15.70 8.29
C MET H 441 29.25 15.39 7.12
N ARG H 442 29.35 14.16 6.57
CA ARG H 442 28.52 13.73 5.44
CA ARG H 442 28.44 13.77 5.49
C ARG H 442 27.75 12.46 5.78
N VAL H 443 26.51 12.35 5.30
CA VAL H 443 25.73 11.13 5.48
C VAL H 443 25.93 10.32 4.18
N LEU H 444 26.45 9.11 4.29
CA LEU H 444 26.78 8.28 3.16
C LEU H 444 26.11 6.92 3.25
N SER H 445 25.60 6.42 2.13
CA SER H 445 25.00 5.09 2.06
C SER H 445 26.07 4.14 1.55
N ILE H 446 26.24 3.00 2.20
CA ILE H 446 27.25 2.02 1.78
C ILE H 446 26.81 1.24 0.52
N SER H 447 27.60 1.32 -0.55
CA SER H 447 27.26 0.61 -1.79
C SER H 447 28.20 -0.59 -2.04
#